data_9HMZ
#
_entry.id   9HMZ
#
_cell.length_a   126.506
_cell.length_b   128.72
_cell.length_c   211.85
_cell.angle_alpha   90
_cell.angle_beta   90
_cell.angle_gamma   90
#
_symmetry.space_group_name_H-M   'P 21 21 21'
#
loop_
_entity.id
_entity.type
_entity.pdbx_description
1 polymer 'SteA-like C-terminal domain-containing protein'
2 water water
#
_entity_poly.entity_id   1
_entity_poly.type   'polypeptide(L)'
_entity_poly.pdbx_seq_one_letter_code
;DLPGLQGATRICTPQGKGLKRLSEGDLAIIDAPDLSRTFAQRLLAAKPAAVLNVSRFTTGSVPNFGPQMLIDGGIQLVEG
FGQELLDGTKDGKKGRLTEDGQLFYGERLISNGSVLSGPAAENAFADAQQSLLDRMEAYFGNTIQFIHSEAPLLIDGLGI
PDTGNAIEGRKVLIASPGDNHRSRLKELRSFIREYDPVLIGVDGAADTLVELGYKPALIVGNPTGIGADALRSGANVILP
ADPDGHAVGLERIQDLGIGAMTFPSSVNSSTDLALLLADFHNPQMIVNVGGPVTLDGVFENREDSDPAALLTRAKLGTKL
VDGSVIASLYTVR
;
_entity_poly.pdbx_strand_id   A,B,C,D,E,F,G,H
#
# COMPACT_ATOMS: atom_id res chain seq x y z
N ASP A 1 15.49 -16.19 -26.83
CA ASP A 1 15.42 -16.92 -25.56
C ASP A 1 14.08 -16.69 -24.83
N LEU A 2 13.77 -17.54 -23.82
CA LEU A 2 12.55 -17.48 -23.02
C LEU A 2 12.57 -16.25 -22.10
N PRO A 3 11.41 -15.61 -21.91
CA PRO A 3 11.36 -14.40 -21.06
C PRO A 3 11.72 -14.56 -19.59
N GLY A 4 12.19 -13.48 -18.97
CA GLY A 4 12.51 -13.49 -17.55
C GLY A 4 13.92 -13.11 -17.17
N LEU A 5 14.17 -13.00 -15.86
CA LEU A 5 15.48 -12.69 -15.29
C LEU A 5 16.27 -13.99 -15.19
N GLN A 6 17.49 -14.02 -15.73
CA GLN A 6 18.32 -15.22 -15.64
C GLN A 6 19.54 -15.00 -14.75
N GLY A 7 19.75 -15.91 -13.82
CA GLY A 7 20.88 -15.84 -12.91
C GLY A 7 21.05 -17.09 -12.08
N ALA A 8 22.23 -17.25 -11.43
CA ALA A 8 22.51 -18.43 -10.61
C ALA A 8 21.66 -18.45 -9.35
N THR A 9 21.01 -19.58 -9.07
CA THR A 9 20.18 -19.70 -7.87
C THR A 9 21.03 -20.10 -6.64
N ARG A 10 21.17 -19.19 -5.66
CA ARG A 10 21.98 -19.44 -4.46
C ARG A 10 21.16 -19.37 -3.18
N ILE A 11 21.22 -20.43 -2.37
CA ILE A 11 20.54 -20.49 -1.08
C ILE A 11 21.27 -19.64 -0.04
N CYS A 12 20.57 -18.68 0.55
CA CYS A 12 21.14 -17.76 1.54
C CYS A 12 20.43 -17.82 2.87
N THR A 13 21.23 -17.80 3.92
CA THR A 13 20.78 -17.81 5.31
C THR A 13 21.34 -16.56 6.02
N PRO A 14 20.62 -16.01 7.03
CA PRO A 14 21.13 -14.81 7.72
C PRO A 14 22.51 -14.97 8.37
N GLN A 15 23.10 -16.18 8.39
CA GLN A 15 24.41 -16.42 8.99
C GLN A 15 25.23 -17.48 8.24
N GLY A 16 24.96 -17.68 6.95
CA GLY A 16 25.65 -18.71 6.19
C GLY A 16 26.62 -18.28 5.11
N LYS A 17 27.27 -19.29 4.47
CA LYS A 17 28.23 -19.15 3.38
C LYS A 17 27.61 -18.72 2.03
N GLY A 18 26.27 -18.72 1.93
CA GLY A 18 25.54 -18.34 0.73
C GLY A 18 25.75 -16.88 0.41
N LEU A 19 25.65 -16.03 1.43
CA LEU A 19 25.87 -14.58 1.29
C LEU A 19 27.30 -14.22 0.94
N LYS A 20 28.28 -14.85 1.60
CA LYS A 20 29.70 -14.57 1.38
C LYS A 20 30.15 -14.78 -0.06
N ARG A 21 29.34 -15.48 -0.89
CA ARG A 21 29.65 -15.72 -2.29
C ARG A 21 28.46 -15.46 -3.23
N LEU A 22 27.45 -14.70 -2.77
CA LEU A 22 26.29 -14.30 -3.55
C LEU A 22 26.78 -13.20 -4.48
N SER A 23 26.68 -13.41 -5.79
CA SER A 23 27.24 -12.47 -6.77
C SER A 23 26.20 -11.54 -7.42
N GLU A 24 26.68 -10.49 -8.11
CA GLU A 24 25.83 -9.50 -8.78
C GLU A 24 25.03 -10.14 -9.92
N GLY A 25 23.71 -10.07 -9.82
CA GLY A 25 22.83 -10.63 -10.84
C GLY A 25 22.27 -12.00 -10.55
N ASP A 26 22.65 -12.60 -9.41
CA ASP A 26 22.16 -13.92 -8.99
C ASP A 26 20.70 -13.86 -8.51
N LEU A 27 20.06 -15.04 -8.42
CA LEU A 27 18.70 -15.13 -7.89
C LEU A 27 18.86 -15.74 -6.51
N ALA A 28 18.82 -14.90 -5.47
CA ALA A 28 19.00 -15.34 -4.09
C ALA A 28 17.76 -16.06 -3.57
N ILE A 29 17.91 -17.29 -3.03
CA ILE A 29 16.81 -18.07 -2.47
C ILE A 29 16.88 -18.00 -0.93
N ILE A 30 15.86 -17.42 -0.29
CA ILE A 30 15.85 -17.29 1.17
C ILE A 30 14.57 -17.84 1.81
N ASP A 31 14.59 -18.08 3.12
CA ASP A 31 13.43 -18.46 3.89
C ASP A 31 13.45 -17.51 5.08
N ALA A 32 12.97 -16.29 4.85
CA ALA A 32 13.02 -15.25 5.87
C ALA A 32 11.70 -14.51 6.04
N PRO A 33 10.78 -15.07 6.84
CA PRO A 33 9.54 -14.33 7.13
C PRO A 33 9.87 -13.09 7.95
N ASP A 34 9.26 -11.94 7.67
CA ASP A 34 9.54 -10.71 8.39
C ASP A 34 11.04 -10.35 8.32
N LEU A 35 11.59 -10.34 7.08
CA LEU A 35 12.96 -10.05 6.73
C LEU A 35 13.59 -8.93 7.58
N SER A 36 14.68 -9.24 8.30
CA SER A 36 15.35 -8.26 9.15
C SER A 36 16.14 -7.24 8.33
N ARG A 37 16.37 -6.05 8.91
CA ARG A 37 17.10 -4.98 8.26
C ARG A 37 18.54 -5.41 8.00
N THR A 38 19.16 -6.14 8.96
CA THR A 38 20.52 -6.64 8.82
C THR A 38 20.67 -7.59 7.64
N PHE A 39 19.75 -8.57 7.50
CA PHE A 39 19.79 -9.52 6.40
C PHE A 39 19.51 -8.80 5.08
N ALA A 40 18.54 -7.85 5.07
CA ALA A 40 18.23 -7.08 3.87
C ALA A 40 19.42 -6.23 3.41
N GLN A 41 20.21 -5.70 4.37
CA GLN A 41 21.39 -4.89 4.07
C GLN A 41 22.49 -5.75 3.46
N ARG A 42 22.66 -6.98 3.94
CA ARG A 42 23.68 -7.89 3.41
C ARG A 42 23.28 -8.38 2.01
N LEU A 43 21.97 -8.61 1.79
CA LEU A 43 21.46 -9.03 0.49
C LEU A 43 21.65 -7.89 -0.50
N LEU A 44 21.29 -6.66 -0.10
CA LEU A 44 21.42 -5.44 -0.92
C LEU A 44 22.88 -5.19 -1.36
N ALA A 45 23.84 -5.39 -0.45
CA ALA A 45 25.25 -5.18 -0.79
C ALA A 45 25.76 -6.14 -1.85
N ALA A 46 25.22 -7.36 -1.89
CA ALA A 46 25.61 -8.36 -2.88
C ALA A 46 25.11 -8.08 -4.31
N LYS A 47 24.10 -7.20 -4.44
CA LYS A 47 23.46 -6.81 -5.69
C LYS A 47 22.84 -7.97 -6.48
N PRO A 48 22.00 -8.82 -5.85
CA PRO A 48 21.32 -9.86 -6.63
C PRO A 48 20.24 -9.26 -7.56
N ALA A 49 19.89 -9.96 -8.64
CA ALA A 49 18.82 -9.50 -9.54
C ALA A 49 17.45 -9.67 -8.87
N ALA A 50 17.30 -10.71 -8.06
CA ALA A 50 16.05 -11.00 -7.38
C ALA A 50 16.28 -11.73 -6.05
N VAL A 51 15.33 -11.59 -5.12
CA VAL A 51 15.35 -12.32 -3.86
C VAL A 51 14.03 -13.08 -3.81
N LEU A 52 14.12 -14.42 -3.73
CA LEU A 52 12.97 -15.33 -3.73
C LEU A 52 12.79 -15.89 -2.35
N ASN A 53 11.67 -15.55 -1.71
CA ASN A 53 11.39 -15.97 -0.35
C ASN A 53 10.40 -17.17 -0.30
N VAL A 54 10.73 -18.20 0.49
CA VAL A 54 9.86 -19.35 0.77
C VAL A 54 8.59 -18.81 1.48
N SER A 55 8.76 -17.82 2.39
CA SER A 55 7.74 -17.20 3.23
C SER A 55 7.36 -15.79 2.73
N ARG A 56 6.62 -15.01 3.54
CA ARG A 56 6.26 -13.65 3.16
C ARG A 56 7.27 -12.69 3.73
N PHE A 57 7.63 -11.67 2.94
CA PHE A 57 8.58 -10.64 3.36
C PHE A 57 8.07 -9.90 4.59
N THR A 58 6.76 -9.55 4.62
CA THR A 58 6.10 -8.90 5.74
C THR A 58 4.88 -9.75 6.06
N THR A 59 4.89 -10.47 7.19
CA THR A 59 3.77 -11.33 7.56
C THR A 59 2.56 -10.54 8.11
N GLY A 60 2.78 -9.33 8.59
CA GLY A 60 1.70 -8.51 9.10
C GLY A 60 1.73 -8.20 10.58
N SER A 61 2.62 -8.86 11.36
CA SER A 61 2.72 -8.55 12.79
C SER A 61 3.60 -7.31 13.06
N VAL A 62 4.74 -7.15 12.36
CA VAL A 62 5.63 -5.99 12.61
C VAL A 62 5.99 -5.18 11.35
N PRO A 63 6.07 -3.84 11.48
CA PRO A 63 6.49 -3.04 10.32
C PRO A 63 7.99 -3.17 10.02
N ASN A 64 8.37 -4.01 9.08
CA ASN A 64 9.78 -4.21 8.73
C ASN A 64 10.15 -3.54 7.39
N PHE A 65 11.14 -2.62 7.41
CA PHE A 65 11.55 -1.87 6.24
C PHE A 65 12.45 -2.63 5.25
N GLY A 66 13.12 -3.69 5.69
CA GLY A 66 13.96 -4.56 4.86
C GLY A 66 13.49 -4.81 3.43
N PRO A 67 12.25 -5.33 3.21
CA PRO A 67 11.78 -5.53 1.82
C PRO A 67 11.81 -4.27 0.96
N GLN A 68 11.43 -3.11 1.51
CA GLN A 68 11.47 -1.84 0.78
C GLN A 68 12.88 -1.40 0.44
N MET A 69 13.86 -1.72 1.27
CA MET A 69 15.26 -1.39 0.97
C MET A 69 15.73 -2.15 -0.29
N LEU A 70 15.34 -3.42 -0.39
CA LEU A 70 15.67 -4.27 -1.52
C LEU A 70 15.05 -3.73 -2.79
N ILE A 71 13.76 -3.38 -2.76
CA ILE A 71 13.03 -2.82 -3.88
C ILE A 71 13.62 -1.47 -4.30
N ASP A 72 14.00 -0.61 -3.34
CA ASP A 72 14.67 0.66 -3.64
C ASP A 72 16.04 0.45 -4.34
N GLY A 73 16.66 -0.67 -4.08
CA GLY A 73 17.93 -1.04 -4.70
C GLY A 73 17.81 -1.66 -6.08
N GLY A 74 16.58 -1.78 -6.59
CA GLY A 74 16.28 -2.34 -7.91
C GLY A 74 16.25 -3.85 -7.96
N ILE A 75 15.99 -4.49 -6.83
CA ILE A 75 15.93 -5.95 -6.75
C ILE A 75 14.47 -6.45 -6.89
N GLN A 76 14.23 -7.48 -7.70
CA GLN A 76 12.87 -8.04 -7.85
C GLN A 76 12.55 -8.92 -6.62
N LEU A 77 11.40 -8.71 -5.94
CA LEU A 77 11.04 -9.55 -4.80
C LEU A 77 9.89 -10.49 -5.16
N VAL A 78 10.05 -11.78 -4.92
CA VAL A 78 8.99 -12.77 -5.19
C VAL A 78 8.89 -13.61 -3.91
N GLU A 79 7.67 -13.81 -3.38
CA GLU A 79 7.51 -14.46 -2.07
C GLU A 79 6.45 -15.57 -2.04
N GLY A 80 6.41 -16.31 -0.93
CA GLY A 80 5.40 -17.34 -0.73
C GLY A 80 5.55 -18.57 -1.61
N PHE A 81 6.79 -18.90 -1.99
CA PHE A 81 7.02 -20.08 -2.82
C PHE A 81 6.77 -21.39 -2.07
N GLY A 82 7.03 -21.40 -0.78
CA GLY A 82 6.86 -22.60 0.03
C GLY A 82 8.10 -23.47 0.02
N GLN A 83 8.07 -24.57 0.76
CA GLN A 83 9.19 -25.49 0.88
C GLN A 83 9.70 -26.05 -0.45
N GLU A 84 8.82 -26.18 -1.47
CA GLU A 84 9.25 -26.70 -2.78
C GLU A 84 10.36 -25.87 -3.44
N LEU A 85 10.52 -24.60 -3.04
CA LEU A 85 11.58 -23.74 -3.57
C LEU A 85 12.93 -24.24 -3.04
N LEU A 86 13.01 -24.58 -1.75
CA LEU A 86 14.25 -25.07 -1.16
C LEU A 86 14.52 -26.51 -1.61
N ASP A 87 13.47 -27.33 -1.75
CA ASP A 87 13.62 -28.71 -2.16
C ASP A 87 14.02 -28.86 -3.63
N GLY A 88 13.66 -27.90 -4.48
CA GLY A 88 13.95 -27.95 -5.90
C GLY A 88 15.10 -27.10 -6.40
N THR A 89 15.78 -26.40 -5.49
CA THR A 89 16.90 -25.54 -5.85
C THR A 89 18.23 -26.32 -5.98
N LYS A 90 19.04 -25.94 -6.96
CA LYS A 90 20.38 -26.48 -7.17
C LYS A 90 21.32 -25.26 -7.09
N ASP A 91 22.20 -25.21 -6.08
CA ASP A 91 23.11 -24.07 -5.88
C ASP A 91 24.02 -23.80 -7.06
N GLY A 92 23.93 -22.58 -7.59
CA GLY A 92 24.74 -22.13 -8.72
C GLY A 92 24.17 -22.43 -10.09
N LYS A 93 23.02 -23.14 -10.15
CA LYS A 93 22.40 -23.46 -11.43
C LYS A 93 21.64 -22.24 -11.96
N LYS A 94 21.79 -21.96 -13.26
CA LYS A 94 21.15 -20.82 -13.91
C LYS A 94 19.63 -20.97 -13.99
N GLY A 95 18.91 -20.19 -13.19
CA GLY A 95 17.46 -20.21 -13.19
C GLY A 95 16.83 -19.08 -13.99
N ARG A 96 15.53 -19.18 -14.23
CA ARG A 96 14.79 -18.18 -15.00
C ARG A 96 13.55 -17.78 -14.23
N LEU A 97 13.46 -16.51 -13.83
CA LEU A 97 12.32 -16.01 -13.09
C LEU A 97 11.46 -15.08 -13.97
N THR A 98 10.23 -15.50 -14.27
CA THR A 98 9.33 -14.70 -15.09
C THR A 98 8.72 -13.49 -14.33
N GLU A 99 8.12 -12.54 -15.07
CA GLU A 99 7.45 -11.38 -14.48
C GLU A 99 6.26 -11.77 -13.59
N ASP A 100 5.69 -12.98 -13.79
CA ASP A 100 4.59 -13.53 -13.01
C ASP A 100 5.06 -14.28 -11.74
N GLY A 101 6.37 -14.36 -11.51
CA GLY A 101 6.91 -15.01 -10.33
C GLY A 101 7.16 -16.50 -10.43
N GLN A 102 7.29 -17.06 -11.64
CA GLN A 102 7.55 -18.47 -11.81
C GLN A 102 9.04 -18.74 -11.96
N LEU A 103 9.55 -19.76 -11.26
CA LEU A 103 10.97 -20.10 -11.36
C LEU A 103 11.14 -21.36 -12.19
N PHE A 104 11.99 -21.29 -13.22
CA PHE A 104 12.22 -22.40 -14.13
C PHE A 104 13.70 -22.74 -14.25
N TYR A 105 14.01 -23.99 -14.58
CA TYR A 105 15.36 -24.39 -14.90
C TYR A 105 15.23 -24.80 -16.36
N GLY A 106 15.20 -23.79 -17.23
CA GLY A 106 14.98 -24.00 -18.65
C GLY A 106 13.49 -23.93 -18.89
N GLU A 107 12.89 -25.04 -19.36
CA GLU A 107 11.44 -25.09 -19.55
C GLU A 107 10.73 -25.89 -18.44
N ARG A 108 11.43 -26.23 -17.34
CA ARG A 108 10.88 -27.03 -16.25
C ARG A 108 10.50 -26.17 -15.06
N LEU A 109 9.22 -26.15 -14.69
CA LEU A 109 8.73 -25.35 -13.57
C LEU A 109 9.13 -25.92 -12.22
N ILE A 110 9.72 -25.07 -11.36
CA ILE A 110 10.17 -25.46 -10.02
C ILE A 110 9.17 -24.99 -8.97
N SER A 111 8.84 -23.70 -8.98
CA SER A 111 7.90 -23.15 -8.01
C SER A 111 7.25 -21.86 -8.48
N ASN A 112 6.04 -21.59 -7.98
CA ASN A 112 5.26 -20.40 -8.28
C ASN A 112 5.28 -19.50 -7.05
N GLY A 113 5.69 -18.25 -7.25
CA GLY A 113 5.73 -17.26 -6.20
C GLY A 113 4.85 -16.05 -6.50
N SER A 114 4.67 -15.18 -5.53
CA SER A 114 3.88 -13.96 -5.68
C SER A 114 4.80 -12.74 -5.73
N VAL A 115 4.77 -11.99 -6.82
CA VAL A 115 5.62 -10.80 -6.98
C VAL A 115 5.23 -9.70 -6.01
N LEU A 116 6.21 -9.23 -5.20
CA LEU A 116 5.99 -8.14 -4.27
C LEU A 116 6.51 -6.83 -4.87
N SER A 117 5.59 -5.96 -5.33
CA SER A 117 6.00 -4.67 -5.88
C SER A 117 6.32 -3.65 -4.75
N GLY A 118 6.95 -2.53 -5.10
CA GLY A 118 7.25 -1.46 -4.15
C GLY A 118 6.02 -0.90 -3.45
N PRO A 119 4.97 -0.46 -4.21
CA PRO A 119 3.74 0.01 -3.56
C PRO A 119 3.06 -1.07 -2.70
N ALA A 120 3.10 -2.34 -3.10
CA ALA A 120 2.48 -3.41 -2.30
C ALA A 120 3.25 -3.66 -1.03
N ALA A 121 4.58 -3.53 -1.07
CA ALA A 121 5.43 -3.68 0.10
C ALA A 121 5.21 -2.49 1.07
N GLU A 122 4.97 -1.27 0.55
CA GLU A 122 4.68 -0.09 1.38
C GLU A 122 3.31 -0.26 2.07
N ASN A 123 2.31 -0.80 1.34
CA ASN A 123 1.00 -1.07 1.91
C ASN A 123 1.06 -2.14 2.99
N ALA A 124 1.87 -3.20 2.78
CA ALA A 124 2.01 -4.26 3.77
C ALA A 124 2.67 -3.70 5.04
N PHE A 125 3.65 -2.80 4.89
CA PHE A 125 4.35 -2.15 6.00
C PHE A 125 3.37 -1.27 6.81
N ALA A 126 2.61 -0.41 6.12
CA ALA A 126 1.63 0.48 6.75
C ALA A 126 0.55 -0.32 7.50
N ASP A 127 0.10 -1.48 6.94
CA ASP A 127 -0.90 -2.34 7.56
C ASP A 127 -0.34 -3.00 8.82
N ALA A 128 0.92 -3.45 8.76
CA ALA A 128 1.59 -4.07 9.91
C ALA A 128 1.83 -3.04 11.01
N GLN A 129 2.07 -1.78 10.63
CA GLN A 129 2.28 -0.67 11.54
C GLN A 129 0.96 -0.34 12.30
N GLN A 130 -0.19 -0.50 11.65
CA GLN A 130 -1.49 -0.24 12.28
C GLN A 130 -1.91 -1.43 13.16
N SER A 131 -1.64 -2.65 12.70
CA SER A 131 -1.97 -3.84 13.47
C SER A 131 -1.12 -3.88 14.76
N LEU A 132 0.15 -3.45 14.69
CA LEU A 132 0.99 -3.38 15.86
C LEU A 132 0.42 -2.35 16.86
N LEU A 133 0.03 -1.16 16.39
CA LEU A 133 -0.53 -0.11 17.27
C LEU A 133 -1.81 -0.61 17.96
N ASP A 134 -2.71 -1.26 17.21
CA ASP A 134 -3.94 -1.81 17.76
C ASP A 134 -3.65 -2.86 18.84
N ARG A 135 -2.67 -3.74 18.60
CA ARG A 135 -2.32 -4.77 19.56
C ARG A 135 -1.69 -4.17 20.80
N MET A 136 -0.84 -3.15 20.65
CA MET A 136 -0.21 -2.50 21.80
C MET A 136 -1.20 -1.66 22.59
N GLU A 137 -2.22 -1.10 21.92
CA GLU A 137 -3.27 -0.37 22.62
C GLU A 137 -4.07 -1.37 23.48
N ALA A 138 -4.37 -2.55 22.93
CA ALA A 138 -5.06 -3.60 23.66
C ALA A 138 -4.21 -4.12 24.84
N TYR A 139 -2.92 -4.41 24.58
CA TYR A 139 -1.97 -4.95 25.54
C TYR A 139 -1.70 -4.02 26.73
N PHE A 140 -1.31 -2.76 26.46
CA PHE A 140 -1.04 -1.81 27.53
C PHE A 140 -2.31 -1.27 28.18
N GLY A 141 -3.48 -1.42 27.54
CA GLY A 141 -4.76 -1.09 28.16
C GLY A 141 -5.05 -2.11 29.25
N ASN A 142 -4.74 -3.40 28.97
CA ASN A 142 -4.85 -4.50 29.91
C ASN A 142 -3.79 -4.43 31.03
N THR A 143 -2.62 -3.85 30.75
CA THR A 143 -1.55 -3.65 31.74
C THR A 143 -2.01 -2.63 32.77
N ILE A 144 -2.63 -1.52 32.33
CA ILE A 144 -3.17 -0.49 33.24
C ILE A 144 -4.27 -1.09 34.11
N GLN A 145 -5.18 -1.89 33.50
CA GLN A 145 -6.26 -2.54 34.22
C GLN A 145 -5.69 -3.50 35.26
N PHE A 146 -4.66 -4.27 34.88
CA PHE A 146 -4.03 -5.24 35.76
C PHE A 146 -3.40 -4.55 36.97
N ILE A 147 -2.64 -3.47 36.76
CA ILE A 147 -2.01 -2.74 37.86
C ILE A 147 -3.05 -2.20 38.82
N HIS A 148 -4.15 -1.67 38.28
CA HIS A 148 -5.19 -1.12 39.10
C HIS A 148 -5.90 -2.17 39.97
N SER A 149 -6.34 -3.29 39.36
CA SER A 149 -7.06 -4.31 40.11
C SER A 149 -6.15 -5.21 40.95
N GLU A 150 -4.88 -5.37 40.54
CA GLU A 150 -3.94 -6.21 41.28
C GLU A 150 -2.88 -5.44 42.04
N ALA A 151 -3.10 -4.14 42.34
CA ALA A 151 -2.14 -3.36 43.13
C ALA A 151 -1.91 -3.99 44.53
N PRO A 152 -2.91 -4.58 45.24
CA PRO A 152 -2.57 -5.21 46.53
C PRO A 152 -1.51 -6.30 46.40
N LEU A 153 -1.47 -7.02 45.27
CA LEU A 153 -0.47 -8.05 45.04
C LEU A 153 0.88 -7.40 44.65
N LEU A 154 0.88 -6.51 43.64
CA LEU A 154 2.10 -5.88 43.15
C LEU A 154 2.78 -4.96 44.16
N ILE A 155 2.01 -4.26 45.00
CA ILE A 155 2.54 -3.32 45.97
C ILE A 155 2.72 -3.97 47.32
N ASP A 156 1.68 -4.64 47.87
CA ASP A 156 1.76 -5.20 49.20
C ASP A 156 2.03 -6.66 49.31
N GLY A 157 2.00 -7.38 48.20
CA GLY A 157 2.19 -8.83 48.24
C GLY A 157 1.02 -9.55 48.87
N LEU A 158 -0.20 -8.99 48.78
CA LEU A 158 -1.40 -9.61 49.30
C LEU A 158 -1.66 -10.94 48.61
N GLY A 159 -1.92 -11.99 49.40
CA GLY A 159 -2.16 -13.31 48.87
C GLY A 159 -0.92 -14.18 48.83
N ILE A 160 0.30 -13.57 48.85
CA ILE A 160 1.55 -14.34 48.79
C ILE A 160 1.76 -15.05 50.10
N PRO A 161 1.85 -16.38 50.09
CA PRO A 161 2.03 -17.10 51.36
C PRO A 161 3.41 -16.91 51.98
N ASP A 162 3.49 -16.99 53.32
CA ASP A 162 4.76 -16.92 54.03
C ASP A 162 5.38 -18.33 54.10
N THR A 163 6.45 -18.56 53.34
CA THR A 163 7.11 -19.86 53.28
C THR A 163 8.29 -20.00 54.28
N GLY A 164 8.47 -19.03 55.18
CA GLY A 164 9.55 -19.10 56.16
C GLY A 164 10.74 -18.27 55.78
N ASN A 165 11.83 -18.45 56.53
CA ASN A 165 13.03 -17.62 56.33
C ASN A 165 14.13 -18.23 55.43
N ALA A 166 13.81 -19.28 54.68
CA ALA A 166 14.80 -19.91 53.82
C ALA A 166 15.26 -19.07 52.61
N ILE A 167 14.35 -18.28 51.98
CA ILE A 167 14.69 -17.49 50.80
C ILE A 167 15.49 -16.21 51.10
N GLU A 168 15.12 -15.47 52.16
CA GLU A 168 15.74 -14.18 52.47
C GLU A 168 17.26 -14.19 52.49
N GLY A 169 17.85 -13.36 51.63
CA GLY A 169 19.29 -13.20 51.50
C GLY A 169 20.00 -14.26 50.68
N ARG A 170 19.26 -15.30 50.23
CA ARG A 170 19.86 -16.40 49.48
C ARG A 170 19.64 -16.29 47.97
N LYS A 171 20.47 -17.00 47.19
CA LYS A 171 20.27 -17.10 45.76
C LYS A 171 19.11 -18.11 45.56
N VAL A 172 18.22 -17.84 44.61
CA VAL A 172 17.08 -18.69 44.33
C VAL A 172 17.14 -19.13 42.85
N LEU A 173 16.82 -20.39 42.56
CA LEU A 173 16.74 -20.86 41.18
C LEU A 173 15.32 -21.42 40.97
N ILE A 174 14.57 -20.85 40.02
CA ILE A 174 13.23 -21.32 39.72
C ILE A 174 13.25 -22.06 38.40
N ALA A 175 12.76 -23.30 38.38
CA ALA A 175 12.73 -24.09 37.16
C ALA A 175 11.29 -24.27 36.68
N SER A 176 11.03 -23.94 35.42
CA SER A 176 9.72 -24.09 34.76
C SER A 176 9.88 -25.04 33.58
N PRO A 177 8.80 -25.76 33.18
CA PRO A 177 8.95 -26.75 32.12
C PRO A 177 8.99 -26.23 30.68
N GLY A 178 9.78 -25.20 30.43
CA GLY A 178 9.96 -24.68 29.08
C GLY A 178 10.79 -25.62 28.24
N ASP A 179 10.91 -25.32 26.93
CA ASP A 179 11.70 -26.16 26.02
C ASP A 179 13.16 -26.24 26.47
N ASN A 180 13.69 -27.48 26.54
CA ASN A 180 15.07 -27.77 26.95
C ASN A 180 15.42 -27.32 28.37
N HIS A 181 14.44 -27.27 29.30
CA HIS A 181 14.70 -26.89 30.68
C HIS A 181 15.58 -27.93 31.38
N ARG A 182 15.46 -29.21 31.02
CA ARG A 182 16.25 -30.27 31.64
C ARG A 182 17.72 -30.12 31.26
N SER A 183 18.00 -29.84 29.97
CA SER A 183 19.38 -29.66 29.55
C SER A 183 19.97 -28.34 30.08
N ARG A 184 19.13 -27.34 30.39
CA ARG A 184 19.62 -26.11 31.01
C ARG A 184 19.95 -26.39 32.47
N LEU A 185 19.13 -27.18 33.17
CA LEU A 185 19.39 -27.55 34.55
C LEU A 185 20.68 -28.34 34.66
N LYS A 186 20.97 -29.23 33.69
CA LYS A 186 22.21 -30.01 33.67
C LYS A 186 23.44 -29.13 33.42
N GLU A 187 23.32 -28.08 32.59
CA GLU A 187 24.39 -27.12 32.39
C GLU A 187 24.66 -26.28 33.65
N LEU A 188 23.68 -26.16 34.53
CA LEU A 188 23.81 -25.40 35.79
C LEU A 188 24.18 -26.29 36.98
N ARG A 189 24.64 -27.53 36.73
CA ARG A 189 25.04 -28.43 37.81
C ARG A 189 26.13 -27.85 38.69
N SER A 190 27.20 -27.27 38.09
CA SER A 190 28.30 -26.68 38.88
C SER A 190 27.81 -25.47 39.65
N PHE A 191 26.92 -24.65 39.05
CA PHE A 191 26.37 -23.49 39.73
C PHE A 191 25.60 -23.91 40.99
N ILE A 192 24.72 -24.91 40.86
CA ILE A 192 23.90 -25.38 41.97
C ILE A 192 24.78 -25.98 43.09
N ARG A 193 25.81 -26.73 42.71
CA ARG A 193 26.71 -27.33 43.68
C ARG A 193 27.53 -26.27 44.42
N GLU A 194 28.05 -25.30 43.67
CA GLU A 194 28.92 -24.26 44.20
C GLU A 194 28.18 -23.21 45.03
N TYR A 195 26.97 -22.83 44.62
CA TYR A 195 26.24 -21.74 45.31
C TYR A 195 25.10 -22.18 46.20
N ASP A 196 24.70 -23.46 46.13
CA ASP A 196 23.60 -24.01 46.91
C ASP A 196 22.34 -23.11 46.91
N PRO A 197 21.79 -22.76 45.75
CA PRO A 197 20.60 -21.90 45.76
C PRO A 197 19.34 -22.62 46.28
N VAL A 198 18.33 -21.86 46.71
CA VAL A 198 17.04 -22.43 47.10
C VAL A 198 16.37 -22.82 45.79
N LEU A 199 15.95 -24.08 45.64
CA LEU A 199 15.32 -24.53 44.41
C LEU A 199 13.81 -24.49 44.51
N ILE A 200 13.16 -23.96 43.45
CA ILE A 200 11.71 -23.92 43.36
C ILE A 200 11.35 -24.61 42.05
N GLY A 201 10.56 -25.68 42.12
CA GLY A 201 10.14 -26.38 40.91
C GLY A 201 8.74 -25.97 40.55
N VAL A 202 8.49 -25.58 39.30
CA VAL A 202 7.17 -25.16 38.85
C VAL A 202 6.56 -26.22 37.94
N ASP A 203 5.34 -26.67 38.24
CA ASP A 203 4.64 -27.67 37.43
C ASP A 203 5.51 -28.93 37.17
N GLY A 204 5.58 -29.42 35.93
CA GLY A 204 6.38 -30.58 35.57
C GLY A 204 7.88 -30.45 35.77
N ALA A 205 8.42 -29.22 35.93
CA ALA A 205 9.86 -29.05 36.20
C ALA A 205 10.21 -29.44 37.64
N ALA A 206 9.21 -29.57 38.55
CA ALA A 206 9.43 -30.10 39.88
C ALA A 206 9.84 -31.60 39.74
N ASP A 207 9.23 -32.34 38.78
CA ASP A 207 9.56 -33.73 38.47
C ASP A 207 10.99 -33.81 37.98
N THR A 208 11.38 -32.91 37.06
CA THR A 208 12.72 -32.85 36.49
C THR A 208 13.78 -32.68 37.58
N LEU A 209 13.54 -31.74 38.53
CA LEU A 209 14.45 -31.48 39.64
C LEU A 209 14.65 -32.73 40.48
N VAL A 210 13.56 -33.44 40.79
CA VAL A 210 13.62 -34.65 41.59
C VAL A 210 14.28 -35.81 40.82
N GLU A 211 14.05 -35.91 39.51
CA GLU A 211 14.68 -36.93 38.67
C GLU A 211 16.18 -36.72 38.58
N LEU A 212 16.65 -35.45 38.61
CA LEU A 212 18.07 -35.11 38.57
C LEU A 212 18.79 -35.27 39.94
N GLY A 213 18.05 -35.69 40.97
CA GLY A 213 18.60 -35.91 42.31
C GLY A 213 18.48 -34.72 43.24
N TYR A 214 17.68 -33.71 42.89
CA TYR A 214 17.51 -32.54 43.75
C TYR A 214 16.33 -32.63 44.70
N LYS A 215 16.38 -31.84 45.77
CA LYS A 215 15.33 -31.76 46.76
C LYS A 215 14.86 -30.33 46.73
N PRO A 216 13.90 -29.95 45.85
CA PRO A 216 13.44 -28.56 45.85
C PRO A 216 12.81 -28.16 47.17
N ALA A 217 13.05 -26.93 47.62
CA ALA A 217 12.47 -26.44 48.87
C ALA A 217 10.95 -26.18 48.68
N LEU A 218 10.58 -25.68 47.50
CA LEU A 218 9.20 -25.34 47.17
C LEU A 218 8.83 -25.90 45.83
N ILE A 219 7.54 -26.25 45.70
CA ILE A 219 6.96 -26.69 44.46
C ILE A 219 5.75 -25.80 44.22
N VAL A 220 5.64 -25.17 43.04
CA VAL A 220 4.52 -24.29 42.74
C VAL A 220 3.73 -24.82 41.54
N GLY A 221 2.44 -24.95 41.71
CA GLY A 221 1.57 -25.40 40.64
C GLY A 221 0.45 -26.28 41.07
N ASN A 222 -0.46 -26.56 40.13
CA ASN A 222 -1.59 -27.45 40.33
C ASN A 222 -1.02 -28.88 40.55
N PRO A 223 -1.24 -29.47 41.75
CA PRO A 223 -0.71 -30.83 42.01
C PRO A 223 -1.21 -31.91 41.06
N THR A 224 -2.31 -31.65 40.35
CA THR A 224 -2.84 -32.59 39.36
C THR A 224 -1.80 -32.87 38.25
N GLY A 225 -0.96 -31.88 37.93
CA GLY A 225 0.05 -31.99 36.88
C GLY A 225 1.47 -32.20 37.36
N ILE A 226 1.62 -32.56 38.64
CA ILE A 226 2.94 -32.80 39.22
C ILE A 226 3.00 -34.26 39.65
N GLY A 227 4.16 -34.89 39.45
CA GLY A 227 4.38 -36.29 39.77
C GLY A 227 4.39 -36.54 41.25
N ALA A 228 4.07 -37.77 41.61
CA ALA A 228 4.00 -38.25 42.97
C ALA A 228 5.33 -38.16 43.67
N ASP A 229 6.43 -38.50 43.00
CA ASP A 229 7.77 -38.42 43.59
C ASP A 229 8.14 -37.02 43.99
N ALA A 230 7.79 -36.02 43.16
CA ALA A 230 8.07 -34.62 43.48
C ALA A 230 7.18 -34.17 44.64
N LEU A 231 5.87 -34.50 44.61
CA LEU A 231 4.95 -34.12 45.68
C LEU A 231 5.30 -34.75 47.04
N ARG A 232 5.90 -35.95 47.05
CA ARG A 232 6.29 -36.59 48.30
C ARG A 232 7.75 -36.32 48.71
N SER A 233 8.48 -35.47 47.97
CA SER A 233 9.90 -35.24 48.21
C SER A 233 10.28 -34.47 49.48
N GLY A 234 9.30 -33.82 50.10
CA GLY A 234 9.54 -33.04 51.29
C GLY A 234 9.42 -31.54 51.08
N ALA A 235 9.25 -31.09 49.83
CA ALA A 235 9.05 -29.70 49.46
C ALA A 235 7.72 -29.19 49.99
N ASN A 236 7.66 -27.88 50.26
CA ASN A 236 6.43 -27.24 50.65
C ASN A 236 5.71 -26.98 49.29
N VAL A 237 4.48 -27.41 49.15
CA VAL A 237 3.71 -27.26 47.93
C VAL A 237 2.85 -26.01 47.96
N ILE A 238 3.03 -25.11 46.99
CA ILE A 238 2.27 -23.89 46.87
C ILE A 238 1.26 -24.04 45.75
N LEU A 239 -0.02 -23.98 46.12
CA LEU A 239 -1.08 -24.17 45.15
C LEU A 239 -1.66 -22.87 44.68
N PRO A 240 -1.75 -22.67 43.36
CA PRO A 240 -2.46 -21.50 42.84
C PRO A 240 -3.95 -21.60 43.19
N ALA A 241 -4.55 -20.49 43.59
CA ALA A 241 -5.96 -20.47 43.96
C ALA A 241 -6.68 -19.29 43.32
N ASP A 242 -7.99 -19.36 43.19
CA ASP A 242 -8.82 -18.26 42.70
C ASP A 242 -8.74 -17.12 43.74
N PRO A 243 -9.09 -15.86 43.40
CA PRO A 243 -9.08 -14.80 44.44
C PRO A 243 -9.92 -15.15 45.68
N ASP A 244 -10.93 -16.01 45.53
CA ASP A 244 -11.78 -16.42 46.65
C ASP A 244 -11.12 -17.50 47.58
N GLY A 245 -9.99 -18.05 47.17
CA GLY A 245 -9.28 -19.04 47.96
C GLY A 245 -9.39 -20.47 47.47
N HIS A 246 -10.25 -20.75 46.45
CA HIS A 246 -10.41 -22.10 45.93
C HIS A 246 -9.19 -22.58 45.17
N ALA A 247 -8.55 -23.63 45.65
CA ALA A 247 -7.36 -24.20 45.02
C ALA A 247 -7.67 -25.56 44.37
N VAL A 248 -7.44 -25.67 43.06
CA VAL A 248 -7.62 -26.93 42.35
C VAL A 248 -6.43 -27.83 42.72
N GLY A 249 -6.70 -29.12 43.00
CA GLY A 249 -5.69 -30.08 43.38
C GLY A 249 -5.46 -30.25 44.88
N LEU A 250 -6.24 -29.52 45.69
CA LEU A 250 -6.14 -29.59 47.15
C LEU A 250 -6.53 -30.96 47.64
N GLU A 251 -7.51 -31.64 47.01
CA GLU A 251 -7.91 -33.00 47.39
C GLU A 251 -6.71 -33.96 47.29
N ARG A 252 -5.88 -33.85 46.24
CA ARG A 252 -4.68 -34.68 46.08
C ARG A 252 -3.70 -34.46 47.26
N ILE A 253 -3.46 -33.19 47.64
CA ILE A 253 -2.59 -32.83 48.74
C ILE A 253 -3.10 -33.43 50.05
N GLN A 254 -4.42 -33.35 50.28
CA GLN A 254 -5.06 -33.88 51.46
C GLN A 254 -5.04 -35.42 51.49
N ASP A 255 -5.10 -36.09 50.33
CA ASP A 255 -5.01 -37.55 50.23
C ASP A 255 -3.59 -37.98 50.65
N LEU A 256 -2.57 -37.22 50.22
CA LEU A 256 -1.17 -37.50 50.53
C LEU A 256 -0.80 -37.19 52.01
N GLY A 257 -1.58 -36.33 52.67
CA GLY A 257 -1.34 -35.91 54.04
C GLY A 257 -0.11 -35.01 54.16
N ILE A 258 0.18 -34.20 53.14
CA ILE A 258 1.39 -33.38 53.16
C ILE A 258 1.11 -31.88 53.39
N GLY A 259 2.14 -31.14 53.79
CA GLY A 259 1.99 -29.72 54.03
C GLY A 259 1.91 -28.89 52.77
N ALA A 260 0.95 -27.95 52.73
CA ALA A 260 0.76 -27.10 51.58
C ALA A 260 0.23 -25.71 51.96
N MET A 261 0.46 -24.73 51.08
CA MET A 261 -0.09 -23.39 51.26
C MET A 261 -0.73 -22.96 49.93
N THR A 262 -1.73 -22.08 49.98
CA THR A 262 -2.38 -21.60 48.76
C THR A 262 -1.96 -20.17 48.44
N PHE A 263 -2.01 -19.83 47.15
CA PHE A 263 -1.64 -18.50 46.69
C PHE A 263 -2.83 -17.99 45.89
N PRO A 264 -3.82 -17.37 46.56
CA PRO A 264 -4.98 -16.83 45.83
C PRO A 264 -4.61 -15.62 45.00
N SER A 265 -5.00 -15.60 43.71
CA SER A 265 -4.69 -14.47 42.82
C SER A 265 -5.47 -14.55 41.49
N SER A 266 -5.30 -13.53 40.65
CA SER A 266 -5.85 -13.50 39.30
C SER A 266 -4.74 -13.74 38.24
N VAL A 267 -3.53 -14.18 38.66
CA VAL A 267 -2.43 -14.47 37.76
C VAL A 267 -2.57 -15.96 37.34
N ASN A 268 -2.56 -16.24 36.03
CA ASN A 268 -2.77 -17.60 35.54
C ASN A 268 -1.51 -18.45 35.51
N SER A 269 -0.37 -17.84 35.27
CA SER A 269 0.88 -18.58 35.18
C SER A 269 1.48 -18.95 36.54
N SER A 270 1.82 -20.23 36.73
CA SER A 270 2.50 -20.68 37.96
C SER A 270 3.96 -20.21 37.99
N THR A 271 4.56 -19.93 36.82
CA THR A 271 5.91 -19.39 36.74
C THR A 271 5.92 -17.96 37.30
N ASP A 272 4.91 -17.15 36.95
CA ASP A 272 4.77 -15.79 37.45
C ASP A 272 4.51 -15.82 38.94
N LEU A 273 3.69 -16.77 39.43
CA LEU A 273 3.41 -16.91 40.86
C LEU A 273 4.69 -17.23 41.61
N ALA A 274 5.49 -18.18 41.11
CA ALA A 274 6.75 -18.56 41.75
C ALA A 274 7.74 -17.38 41.78
N LEU A 275 7.81 -16.58 40.69
CA LEU A 275 8.69 -15.42 40.61
C LEU A 275 8.25 -14.33 41.59
N LEU A 276 6.92 -14.09 41.72
CA LEU A 276 6.39 -13.10 42.65
C LEU A 276 6.59 -13.54 44.09
N LEU A 277 6.42 -14.86 44.36
CA LEU A 277 6.62 -15.42 45.69
C LEU A 277 8.09 -15.28 46.09
N ALA A 278 9.03 -15.69 45.22
CA ALA A 278 10.46 -15.60 45.55
C ALA A 278 10.87 -14.14 45.80
N ASP A 279 10.41 -13.21 44.97
CA ASP A 279 10.75 -11.80 45.11
C ASP A 279 10.26 -11.24 46.42
N PHE A 280 9.05 -11.63 46.84
CA PHE A 280 8.47 -11.12 48.06
C PHE A 280 9.28 -11.52 49.31
N HIS A 281 9.99 -12.66 49.25
CA HIS A 281 10.80 -13.12 50.35
C HIS A 281 12.21 -12.53 50.37
N ASN A 282 12.47 -11.48 49.59
CA ASN A 282 13.72 -10.73 49.56
C ASN A 282 14.98 -11.59 49.33
N PRO A 283 15.10 -12.26 48.17
CA PRO A 283 16.32 -13.04 47.91
C PRO A 283 17.50 -12.15 47.45
N GLN A 284 18.69 -12.71 47.37
CA GLN A 284 19.85 -12.01 46.83
C GLN A 284 19.71 -11.92 45.30
N MET A 285 19.26 -13.02 44.66
CA MET A 285 19.06 -13.08 43.23
C MET A 285 18.05 -14.17 42.87
N ILE A 286 17.45 -14.09 41.68
CA ILE A 286 16.52 -15.08 41.18
C ILE A 286 16.98 -15.54 39.80
N VAL A 287 17.47 -16.78 39.71
CA VAL A 287 17.91 -17.39 38.45
C VAL A 287 16.67 -18.06 37.86
N ASN A 288 16.22 -17.62 36.70
CA ASN A 288 14.99 -18.10 36.07
C ASN A 288 15.32 -19.04 34.93
N VAL A 289 15.01 -20.33 35.09
CA VAL A 289 15.28 -21.37 34.09
C VAL A 289 13.98 -21.89 33.50
N GLY A 290 13.88 -21.92 32.17
CA GLY A 290 12.74 -22.49 31.46
C GLY A 290 11.49 -21.63 31.37
N GLY A 291 11.59 -20.35 31.68
CA GLY A 291 10.46 -19.43 31.59
C GLY A 291 10.79 -18.05 31.04
N PRO A 292 11.35 -17.95 29.82
CA PRO A 292 11.71 -16.63 29.28
C PRO A 292 10.53 -15.84 28.67
N VAL A 293 10.43 -14.55 28.97
CA VAL A 293 9.37 -13.69 28.47
C VAL A 293 10.04 -12.39 28.02
N THR A 294 9.88 -12.04 26.73
CA THR A 294 10.55 -10.88 26.20
C THR A 294 9.59 -9.90 25.48
N LEU A 295 10.05 -8.65 25.24
CA LEU A 295 9.27 -7.66 24.52
C LEU A 295 9.08 -8.08 23.07
N ASP A 296 10.10 -8.68 22.45
CA ASP A 296 9.98 -9.16 21.07
C ASP A 296 8.91 -10.25 20.97
N GLY A 297 8.72 -11.05 22.01
CA GLY A 297 7.67 -12.05 22.07
C GLY A 297 6.30 -11.40 22.04
N VAL A 298 6.15 -10.25 22.71
CA VAL A 298 4.90 -9.50 22.75
C VAL A 298 4.58 -8.90 21.36
N PHE A 299 5.58 -8.29 20.71
CA PHE A 299 5.45 -7.70 19.38
C PHE A 299 5.11 -8.77 18.33
N GLU A 300 5.75 -9.94 18.42
CA GLU A 300 5.57 -10.99 17.42
C GLU A 300 4.32 -11.84 17.64
N ASN A 301 3.78 -11.89 18.88
CA ASN A 301 2.66 -12.76 19.22
C ASN A 301 1.44 -12.73 18.27
N ARG A 302 0.79 -11.56 18.04
CA ARG A 302 -0.43 -11.47 17.19
C ARG A 302 -1.70 -11.98 17.93
N GLU A 303 -1.53 -13.01 18.75
CA GLU A 303 -2.53 -13.50 19.69
C GLU A 303 -2.39 -12.59 20.96
N ASP A 304 -3.32 -12.67 21.93
CA ASP A 304 -3.24 -11.82 23.11
C ASP A 304 -2.19 -12.30 24.13
N SER A 305 -1.21 -11.44 24.43
CA SER A 305 -0.17 -11.75 25.40
C SER A 305 -0.62 -11.34 26.81
N ASP A 306 -0.15 -12.06 27.84
CA ASP A 306 -0.51 -11.74 29.21
C ASP A 306 0.40 -10.65 29.75
N PRO A 307 -0.17 -9.49 30.12
CA PRO A 307 0.64 -8.42 30.72
C PRO A 307 1.25 -8.79 32.07
N ALA A 308 0.65 -9.77 32.79
CA ALA A 308 1.14 -10.21 34.08
C ALA A 308 2.55 -10.80 33.98
N ALA A 309 2.87 -11.47 32.86
CA ALA A 309 4.19 -12.05 32.63
C ALA A 309 5.30 -10.98 32.51
N LEU A 310 5.13 -9.97 31.65
CA LEU A 310 6.12 -8.91 31.50
C LEU A 310 6.14 -8.01 32.72
N LEU A 311 4.99 -7.76 33.38
CA LEU A 311 4.98 -6.96 34.62
C LEU A 311 5.73 -7.69 35.73
N THR A 312 5.64 -9.04 35.79
CA THR A 312 6.35 -9.84 36.78
C THR A 312 7.87 -9.70 36.60
N ARG A 313 8.36 -9.76 35.35
CA ARG A 313 9.78 -9.62 35.07
C ARG A 313 10.26 -8.24 35.49
N ALA A 314 9.45 -7.19 35.23
CA ALA A 314 9.80 -5.81 35.57
C ALA A 314 9.76 -5.58 37.11
N LYS A 315 8.82 -6.24 37.79
CA LYS A 315 8.64 -6.19 39.24
C LYS A 315 9.90 -6.74 39.93
N LEU A 316 10.43 -7.89 39.46
CA LEU A 316 11.65 -8.48 40.02
C LEU A 316 12.88 -7.61 39.80
N GLY A 317 12.85 -6.77 38.77
CA GLY A 317 13.87 -5.78 38.45
C GLY A 317 15.26 -6.34 38.30
N THR A 318 16.20 -5.74 39.05
CA THR A 318 17.61 -6.07 38.99
C THR A 318 17.97 -7.43 39.58
N LYS A 319 17.08 -8.06 40.35
CA LYS A 319 17.37 -9.39 40.95
C LYS A 319 17.22 -10.55 39.98
N LEU A 320 16.49 -10.35 38.87
CA LEU A 320 16.24 -11.37 37.86
C LEU A 320 17.42 -11.63 36.89
N VAL A 321 17.78 -12.91 36.71
CA VAL A 321 18.80 -13.30 35.75
C VAL A 321 18.32 -14.60 35.08
N ASP A 322 18.41 -14.69 33.75
CA ASP A 322 18.01 -15.88 33.05
C ASP A 322 19.05 -16.96 33.25
N GLY A 323 18.63 -18.22 33.27
CA GLY A 323 19.54 -19.34 33.45
C GLY A 323 20.60 -19.41 32.37
N SER A 324 20.29 -18.91 31.16
CA SER A 324 21.25 -18.92 30.06
C SER A 324 22.41 -17.95 30.32
N VAL A 325 22.17 -16.85 31.05
CA VAL A 325 23.24 -15.93 31.40
C VAL A 325 24.21 -16.62 32.37
N ILE A 326 23.67 -17.27 33.40
CA ILE A 326 24.48 -18.00 34.37
C ILE A 326 25.23 -19.16 33.72
N ALA A 327 24.59 -19.91 32.82
CA ALA A 327 25.24 -21.04 32.13
C ALA A 327 26.40 -20.58 31.25
N SER A 328 26.31 -19.38 30.65
CA SER A 328 27.40 -18.77 29.84
C SER A 328 28.67 -18.49 30.66
N LEU A 329 28.55 -18.39 31.99
CA LEU A 329 29.71 -18.20 32.84
C LEU A 329 30.54 -19.50 32.99
N TYR A 330 29.97 -20.66 32.63
CA TYR A 330 30.58 -21.98 32.73
C TYR A 330 31.05 -22.54 31.38
N THR A 331 30.59 -21.97 30.26
CA THR A 331 30.96 -22.41 28.91
C THR A 331 32.49 -22.36 28.67
N ASP B 1 -40.59 25.37 -72.51
CA ASP B 1 -40.03 25.67 -71.19
C ASP B 1 -38.66 24.97 -70.95
N LEU B 2 -37.99 25.31 -69.84
CA LEU B 2 -36.66 24.81 -69.47
C LEU B 2 -36.57 23.29 -69.55
N PRO B 3 -35.47 22.76 -70.10
CA PRO B 3 -35.35 21.29 -70.22
C PRO B 3 -35.25 20.49 -68.92
N GLY B 4 -35.69 19.24 -68.96
CA GLY B 4 -35.61 18.36 -67.80
C GLY B 4 -36.92 17.75 -67.35
N LEU B 5 -36.85 16.87 -66.35
CA LEU B 5 -38.01 16.20 -65.76
C LEU B 5 -38.58 17.12 -64.69
N GLN B 6 -39.88 17.43 -64.75
CA GLN B 6 -40.50 18.28 -63.74
C GLN B 6 -41.50 17.53 -62.88
N GLY B 7 -41.36 17.66 -61.57
CA GLY B 7 -42.24 17.00 -60.63
C GLY B 7 -42.01 17.44 -59.20
N ALA B 8 -42.96 17.11 -58.31
CA ALA B 8 -42.85 17.50 -56.90
C ALA B 8 -41.70 16.77 -56.18
N THR B 9 -40.87 17.51 -55.44
CA THR B 9 -39.76 16.91 -54.70
C THR B 9 -40.24 16.38 -53.33
N ARG B 10 -40.21 15.05 -53.14
CA ARG B 10 -40.67 14.45 -51.89
C ARG B 10 -39.59 13.66 -51.18
N ILE B 11 -39.32 13.99 -49.92
CA ILE B 11 -38.33 13.29 -49.10
C ILE B 11 -38.88 11.94 -48.63
N CYS B 12 -38.17 10.85 -48.95
CA CYS B 12 -38.60 9.51 -48.59
C CYS B 12 -37.61 8.76 -47.74
N THR B 13 -38.11 8.04 -46.72
CA THR B 13 -37.31 7.19 -45.83
C THR B 13 -37.83 5.74 -45.92
N PRO B 14 -36.96 4.73 -45.73
CA PRO B 14 -37.44 3.34 -45.80
C PRO B 14 -38.49 2.98 -44.76
N GLN B 15 -38.59 3.76 -43.67
CA GLN B 15 -39.52 3.57 -42.57
C GLN B 15 -40.96 4.00 -42.88
N GLY B 16 -41.18 4.71 -43.98
CA GLY B 16 -42.52 5.13 -44.35
C GLY B 16 -42.76 6.62 -44.33
N LYS B 17 -41.69 7.42 -44.43
CA LYS B 17 -41.85 8.87 -44.51
C LYS B 17 -41.87 9.22 -45.99
N GLY B 18 -42.86 9.98 -46.41
CA GLY B 18 -42.95 10.42 -47.80
C GLY B 18 -43.56 9.41 -48.75
N LEU B 19 -43.28 8.10 -48.56
CA LEU B 19 -43.79 7.04 -49.44
C LEU B 19 -45.32 7.06 -49.59
N LYS B 20 -46.03 7.69 -48.63
CA LYS B 20 -47.49 7.83 -48.61
C LYS B 20 -47.98 9.01 -49.50
N ARG B 21 -47.16 10.05 -49.63
CA ARG B 21 -47.44 11.20 -50.49
C ARG B 21 -46.79 11.06 -51.88
N LEU B 22 -45.92 10.05 -52.09
CA LEU B 22 -45.23 9.86 -53.36
C LEU B 22 -46.19 9.46 -54.46
N SER B 23 -46.43 10.39 -55.39
CA SER B 23 -47.32 10.17 -56.52
C SER B 23 -46.54 9.92 -57.84
N GLU B 24 -47.27 9.48 -58.88
CA GLU B 24 -46.72 9.17 -60.19
C GLU B 24 -46.14 10.41 -60.88
N GLY B 25 -44.86 10.37 -61.18
CA GLY B 25 -44.18 11.48 -61.85
C GLY B 25 -43.41 12.41 -60.94
N ASP B 26 -43.41 12.13 -59.64
CA ASP B 26 -42.70 12.97 -58.68
C ASP B 26 -41.20 12.70 -58.62
N LEU B 27 -40.44 13.63 -58.03
CA LEU B 27 -39.00 13.45 -57.84
C LEU B 27 -38.78 12.98 -56.40
N ALA B 28 -38.43 11.71 -56.21
CA ALA B 28 -38.22 11.18 -54.88
C ALA B 28 -36.80 11.50 -54.39
N ILE B 29 -36.68 12.11 -53.19
CA ILE B 29 -35.38 12.46 -52.60
C ILE B 29 -35.09 11.45 -51.46
N ILE B 30 -34.05 10.61 -51.63
CA ILE B 30 -33.71 9.62 -50.62
C ILE B 30 -32.25 9.72 -50.15
N ASP B 31 -31.93 9.10 -49.01
CA ASP B 31 -30.58 8.98 -48.49
C ASP B 31 -30.45 7.51 -48.17
N ALA B 32 -30.22 6.69 -49.20
CA ALA B 32 -30.15 5.26 -49.06
C ALA B 32 -28.92 4.65 -49.74
N PRO B 33 -27.78 4.64 -49.05
CA PRO B 33 -26.61 3.93 -49.61
C PRO B 33 -26.89 2.43 -49.63
N ASP B 34 -26.52 1.73 -50.71
CA ASP B 34 -26.79 0.29 -50.83
C ASP B 34 -28.28 0.00 -50.72
N LEU B 35 -29.09 0.72 -51.52
CA LEU B 35 -30.54 0.65 -51.61
C LEU B 35 -31.09 -0.77 -51.51
N SER B 36 -31.96 -1.02 -50.52
CA SER B 36 -32.53 -2.33 -50.30
C SER B 36 -33.55 -2.70 -51.36
N ARG B 37 -33.82 -4.00 -51.50
CA ARG B 37 -34.81 -4.47 -52.46
C ARG B 37 -36.21 -4.03 -52.01
N THR B 38 -36.48 -4.09 -50.71
CA THR B 38 -37.75 -3.67 -50.13
C THR B 38 -38.05 -2.19 -50.40
N PHE B 39 -37.07 -1.30 -50.16
CA PHE B 39 -37.27 0.13 -50.39
C PHE B 39 -37.38 0.40 -51.89
N ALA B 40 -36.60 -0.30 -52.72
CA ALA B 40 -36.68 -0.16 -54.18
C ALA B 40 -38.05 -0.59 -54.72
N GLN B 41 -38.64 -1.62 -54.12
CA GLN B 41 -39.96 -2.13 -54.49
C GLN B 41 -41.06 -1.12 -54.14
N ARG B 42 -40.94 -0.46 -52.98
CA ARG B 42 -41.90 0.54 -52.54
C ARG B 42 -41.79 1.81 -53.40
N LEU B 43 -40.56 2.19 -53.78
CA LEU B 43 -40.34 3.34 -54.64
C LEU B 43 -40.90 3.04 -56.03
N LEU B 44 -40.63 1.84 -56.56
CA LEU B 44 -41.12 1.38 -57.86
C LEU B 44 -42.66 1.40 -57.95
N ALA B 45 -43.35 0.97 -56.90
CA ALA B 45 -44.80 0.95 -56.87
C ALA B 45 -45.40 2.35 -56.96
N ALA B 46 -44.72 3.36 -56.42
CA ALA B 46 -45.19 4.75 -56.44
C ALA B 46 -45.08 5.40 -57.83
N LYS B 47 -44.27 4.81 -58.74
CA LYS B 47 -44.04 5.29 -60.09
C LYS B 47 -43.47 6.73 -60.15
N PRO B 48 -42.40 7.05 -59.39
CA PRO B 48 -41.82 8.40 -59.52
C PRO B 48 -41.07 8.53 -60.87
N ALA B 49 -40.90 9.77 -61.33
CA ALA B 49 -40.15 10.01 -62.56
C ALA B 49 -38.64 9.80 -62.32
N ALA B 50 -38.17 10.11 -61.10
CA ALA B 50 -36.77 9.98 -60.75
C ALA B 50 -36.57 9.70 -59.27
N VAL B 51 -35.45 9.06 -58.92
CA VAL B 51 -35.06 8.86 -57.54
C VAL B 51 -33.68 9.51 -57.39
N LEU B 52 -33.56 10.47 -56.47
CA LEU B 52 -32.34 11.25 -56.25
C LEU B 52 -31.76 10.85 -54.92
N ASN B 53 -30.54 10.30 -54.94
CA ASN B 53 -29.89 9.82 -53.73
C ASN B 53 -28.75 10.74 -53.23
N VAL B 54 -28.78 11.08 -51.94
CA VAL B 54 -27.73 11.83 -51.24
C VAL B 54 -26.41 11.02 -51.34
N SER B 55 -26.54 9.65 -51.26
CA SER B 55 -25.44 8.68 -51.27
C SER B 55 -25.38 7.91 -52.61
N ARG B 56 -24.58 6.83 -52.68
CA ARG B 56 -24.51 6.03 -53.88
C ARG B 56 -25.47 4.85 -53.75
N PHE B 57 -26.15 4.49 -54.84
CA PHE B 57 -27.11 3.39 -54.85
C PHE B 57 -26.43 2.05 -54.56
N THR B 58 -25.20 1.87 -55.07
CA THR B 58 -24.38 0.69 -54.84
C THR B 58 -23.01 1.22 -54.41
N THR B 59 -22.65 1.10 -53.13
CA THR B 59 -21.37 1.61 -52.65
C THR B 59 -20.17 0.72 -53.05
N GLY B 60 -20.41 -0.51 -53.46
CA GLY B 60 -19.34 -1.40 -53.90
C GLY B 60 -19.01 -2.56 -52.99
N SER B 61 -19.62 -2.62 -51.79
CA SER B 61 -19.35 -3.74 -50.88
C SER B 61 -20.28 -4.94 -51.15
N VAL B 62 -21.59 -4.71 -51.41
CA VAL B 62 -22.50 -5.83 -51.64
C VAL B 62 -23.28 -5.72 -52.94
N PRO B 63 -23.55 -6.84 -53.62
CA PRO B 63 -24.35 -6.77 -54.87
C PRO B 63 -25.85 -6.58 -54.59
N ASN B 64 -26.34 -5.33 -54.63
CA ASN B 64 -27.76 -5.03 -54.39
C ASN B 64 -28.50 -4.76 -55.72
N PHE B 65 -29.58 -5.51 -55.99
CA PHE B 65 -30.34 -5.41 -57.24
C PHE B 65 -31.34 -4.26 -57.32
N GLY B 66 -31.72 -3.71 -56.16
CA GLY B 66 -32.62 -2.57 -56.06
C GLY B 66 -32.48 -1.46 -57.11
N PRO B 67 -31.29 -0.86 -57.29
CA PRO B 67 -31.16 0.19 -58.32
C PRO B 67 -31.54 -0.26 -59.73
N GLN B 68 -31.18 -1.49 -60.11
CA GLN B 68 -31.54 -2.05 -61.41
C GLN B 68 -33.05 -2.24 -61.57
N MET B 69 -33.77 -2.56 -60.49
CA MET B 69 -35.23 -2.70 -60.56
C MET B 69 -35.87 -1.34 -60.92
N LEU B 70 -35.34 -0.25 -60.35
CA LEU B 70 -35.84 1.10 -60.57
C LEU B 70 -35.60 1.51 -62.02
N ILE B 71 -34.39 1.26 -62.54
CA ILE B 71 -34.03 1.56 -63.93
C ILE B 71 -34.88 0.72 -64.90
N ASP B 72 -35.13 -0.58 -64.59
CA ASP B 72 -36.01 -1.42 -65.41
C ASP B 72 -37.45 -0.88 -65.44
N GLY B 73 -37.86 -0.18 -64.40
CA GLY B 73 -39.18 0.42 -64.32
C GLY B 73 -39.31 1.78 -64.99
N GLY B 74 -38.24 2.24 -65.63
CA GLY B 74 -38.21 3.50 -66.35
C GLY B 74 -38.00 4.72 -65.49
N ILE B 75 -37.38 4.55 -64.33
CA ILE B 75 -37.13 5.64 -63.40
C ILE B 75 -35.71 6.18 -63.57
N GLN B 76 -35.53 7.53 -63.63
CA GLN B 76 -34.20 8.12 -63.76
C GLN B 76 -33.50 8.08 -62.40
N LEU B 77 -32.24 7.63 -62.35
CA LEU B 77 -31.50 7.53 -61.10
C LEU B 77 -30.33 8.54 -61.10
N VAL B 78 -30.26 9.38 -60.08
CA VAL B 78 -29.19 10.35 -59.94
C VAL B 78 -28.67 10.23 -58.49
N GLU B 79 -27.35 10.13 -58.30
CA GLU B 79 -26.79 9.84 -56.98
C GLU B 79 -25.62 10.74 -56.56
N GLY B 80 -25.23 10.64 -55.30
CA GLY B 80 -24.10 11.36 -54.74
C GLY B 80 -24.25 12.86 -54.67
N PHE B 81 -25.48 13.34 -54.43
CA PHE B 81 -25.75 14.77 -54.30
C PHE B 81 -25.16 15.35 -53.01
N GLY B 82 -25.11 14.54 -51.96
CA GLY B 82 -24.62 14.99 -50.67
C GLY B 82 -25.70 15.62 -49.82
N GLN B 83 -25.33 16.06 -48.61
CA GLN B 83 -26.24 16.68 -47.65
C GLN B 83 -26.99 17.91 -48.19
N GLU B 84 -26.40 18.66 -49.14
CA GLU B 84 -27.07 19.84 -49.69
C GLU B 84 -28.40 19.53 -50.39
N LEU B 85 -28.62 18.27 -50.80
CA LEU B 85 -29.88 17.87 -51.41
C LEU B 85 -30.98 17.87 -50.34
N LEU B 86 -30.69 17.34 -49.15
CA LEU B 86 -31.65 17.32 -48.06
C LEU B 86 -31.86 18.70 -47.46
N ASP B 87 -30.78 19.49 -47.38
CA ASP B 87 -30.84 20.85 -46.83
C ASP B 87 -31.58 21.85 -47.73
N GLY B 88 -31.58 21.60 -49.04
CA GLY B 88 -32.22 22.51 -49.99
C GLY B 88 -33.57 22.09 -50.53
N THR B 89 -34.07 20.93 -50.08
CA THR B 89 -35.35 20.39 -50.55
C THR B 89 -36.54 20.96 -49.79
N LYS B 90 -37.64 21.22 -50.52
CA LYS B 90 -38.91 21.67 -49.97
C LYS B 90 -39.93 20.63 -50.42
N ASP B 91 -40.55 19.92 -49.46
CA ASP B 91 -41.53 18.87 -49.75
C ASP B 91 -42.74 19.35 -50.56
N GLY B 92 -42.93 18.74 -51.73
CA GLY B 92 -44.04 19.05 -52.62
C GLY B 92 -43.79 20.18 -53.60
N LYS B 93 -42.60 20.82 -53.53
CA LYS B 93 -42.27 21.92 -54.44
C LYS B 93 -41.86 21.35 -55.79
N LYS B 94 -42.36 21.95 -56.88
CA LYS B 94 -42.06 21.48 -58.24
C LYS B 94 -40.61 21.73 -58.63
N GLY B 95 -39.83 20.67 -58.70
CA GLY B 95 -38.43 20.73 -59.09
C GLY B 95 -38.21 20.38 -60.55
N ARG B 96 -36.99 20.57 -61.04
CA ARG B 96 -36.58 20.27 -62.40
C ARG B 96 -35.24 19.57 -62.39
N LEU B 97 -35.20 18.36 -62.93
CA LEU B 97 -33.98 17.58 -62.99
C LEU B 97 -33.50 17.46 -64.43
N THR B 98 -32.33 18.01 -64.74
CA THR B 98 -31.79 17.94 -66.10
C THR B 98 -31.17 16.57 -66.41
N GLU B 99 -30.91 16.28 -67.71
CA GLU B 99 -30.26 15.04 -68.13
C GLU B 99 -28.82 14.91 -67.58
N ASP B 100 -28.19 16.03 -67.19
CA ASP B 100 -26.86 16.05 -66.57
C ASP B 100 -26.88 15.84 -65.03
N GLY B 101 -28.06 15.66 -64.43
CA GLY B 101 -28.20 15.41 -63.01
C GLY B 101 -28.29 16.63 -62.10
N GLN B 102 -28.65 17.80 -62.66
CA GLN B 102 -28.79 19.01 -61.84
C GLN B 102 -30.21 19.20 -61.38
N LEU B 103 -30.38 19.49 -60.08
CA LEU B 103 -31.71 19.76 -59.53
C LEU B 103 -31.91 21.26 -59.35
N PHE B 104 -32.86 21.81 -60.08
CA PHE B 104 -33.27 23.20 -59.99
C PHE B 104 -34.72 23.25 -59.47
N TYR B 105 -35.18 24.41 -59.02
CA TYR B 105 -36.60 24.59 -58.69
C TYR B 105 -37.15 25.37 -59.88
N GLY B 106 -36.65 26.57 -60.06
CA GLY B 106 -36.96 27.36 -61.25
C GLY B 106 -35.67 27.40 -62.04
N GLU B 107 -35.03 28.57 -62.05
CA GLU B 107 -33.71 28.75 -62.65
C GLU B 107 -32.59 28.73 -61.55
N ARG B 108 -32.92 28.31 -60.31
CA ARG B 108 -32.01 28.32 -59.17
C ARG B 108 -31.48 26.93 -58.88
N LEU B 109 -30.16 26.77 -58.95
CA LEU B 109 -29.49 25.48 -58.73
C LEU B 109 -29.47 25.07 -57.25
N ILE B 110 -29.93 23.84 -56.97
CA ILE B 110 -29.98 23.28 -55.63
C ILE B 110 -28.83 22.32 -55.39
N SER B 111 -28.69 21.30 -56.25
CA SER B 111 -27.60 20.35 -56.10
C SER B 111 -27.25 19.65 -57.41
N ASN B 112 -25.99 19.21 -57.52
CA ASN B 112 -25.44 18.49 -58.67
C ASN B 112 -25.26 17.03 -58.29
N GLY B 113 -25.85 16.14 -59.06
CA GLY B 113 -25.72 14.71 -58.84
C GLY B 113 -25.13 13.99 -60.03
N SER B 114 -24.83 12.72 -59.88
CA SER B 114 -24.25 11.90 -60.94
C SER B 114 -25.30 10.91 -61.45
N VAL B 115 -25.63 11.00 -62.75
CA VAL B 115 -26.63 10.11 -63.33
C VAL B 115 -26.15 8.67 -63.38
N LEU B 116 -26.94 7.76 -62.81
CA LEU B 116 -26.65 6.33 -62.82
C LEU B 116 -27.44 5.65 -63.93
N SER B 117 -26.77 5.32 -65.03
CA SER B 117 -27.44 4.63 -66.14
C SER B 117 -27.62 3.11 -65.83
N GLY B 118 -28.43 2.43 -66.62
CA GLY B 118 -28.64 0.99 -66.51
C GLY B 118 -27.34 0.19 -66.64
N PRO B 119 -26.55 0.39 -67.71
CA PRO B 119 -25.28 -0.33 -67.82
C PRO B 119 -24.31 -0.02 -66.70
N ALA B 120 -24.27 1.24 -66.20
CA ALA B 120 -23.36 1.60 -65.09
C ALA B 120 -23.81 0.96 -63.78
N ALA B 121 -25.13 0.81 -63.58
CA ALA B 121 -25.67 0.15 -62.40
C ALA B 121 -25.37 -1.36 -62.46
N GLU B 122 -25.40 -1.97 -63.67
CA GLU B 122 -25.08 -3.40 -63.85
C GLU B 122 -23.59 -3.62 -63.55
N ASN B 123 -22.74 -2.70 -64.02
CA ASN B 123 -21.29 -2.78 -63.76
C ASN B 123 -20.97 -2.62 -62.29
N ALA B 124 -21.68 -1.71 -61.60
CA ALA B 124 -21.45 -1.52 -60.17
C ALA B 124 -21.86 -2.79 -59.40
N PHE B 125 -22.96 -3.44 -59.81
CA PHE B 125 -23.43 -4.69 -59.22
C PHE B 125 -22.42 -5.81 -59.42
N ALA B 126 -21.90 -5.98 -60.65
CA ALA B 126 -20.92 -7.01 -60.99
C ALA B 126 -19.59 -6.80 -60.24
N ASP B 127 -19.19 -5.54 -60.03
CA ASP B 127 -17.97 -5.21 -59.28
C ASP B 127 -18.17 -5.48 -57.78
N ALA B 128 -19.36 -5.18 -57.23
CA ALA B 128 -19.67 -5.46 -55.82
C ALA B 128 -19.80 -6.99 -55.58
N GLN B 129 -20.25 -7.73 -56.59
CA GLN B 129 -20.37 -9.18 -56.57
C GLN B 129 -18.94 -9.79 -56.47
N GLN B 130 -17.99 -9.25 -57.24
CA GLN B 130 -16.60 -9.70 -57.23
C GLN B 130 -15.90 -9.27 -55.94
N SER B 131 -16.23 -8.08 -55.42
CA SER B 131 -15.64 -7.56 -54.19
C SER B 131 -16.02 -8.44 -53.00
N LEU B 132 -17.30 -8.84 -52.92
CA LEU B 132 -17.78 -9.68 -51.85
C LEU B 132 -17.10 -11.05 -51.91
N LEU B 133 -16.95 -11.63 -53.12
CA LEU B 133 -16.29 -12.92 -53.31
C LEU B 133 -14.83 -12.86 -52.86
N ASP B 134 -14.10 -11.81 -53.25
CA ASP B 134 -12.71 -11.64 -52.86
C ASP B 134 -12.57 -11.48 -51.34
N ARG B 135 -13.45 -10.68 -50.72
CA ARG B 135 -13.41 -10.47 -49.29
C ARG B 135 -13.77 -11.73 -48.51
N MET B 136 -14.73 -12.54 -49.01
CA MET B 136 -15.12 -13.78 -48.36
C MET B 136 -14.08 -14.86 -48.56
N GLU B 137 -13.37 -14.86 -49.70
CA GLU B 137 -12.28 -15.81 -49.91
C GLU B 137 -11.17 -15.52 -48.90
N ALA B 138 -10.86 -14.24 -48.65
CA ALA B 138 -9.83 -13.87 -47.69
C ALA B 138 -10.30 -14.17 -46.27
N TYR B 139 -11.55 -13.83 -45.94
CA TYR B 139 -12.14 -14.03 -44.61
C TYR B 139 -12.21 -15.50 -44.21
N PHE B 140 -12.82 -16.35 -45.05
CA PHE B 140 -12.92 -17.77 -44.72
C PHE B 140 -11.59 -18.52 -44.91
N GLY B 141 -10.63 -17.94 -45.63
CA GLY B 141 -9.28 -18.48 -45.70
C GLY B 141 -8.61 -18.30 -44.35
N ASN B 142 -8.82 -17.13 -43.72
CA ASN B 142 -8.32 -16.80 -42.40
C ASN B 142 -9.03 -17.60 -41.30
N THR B 143 -10.30 -17.98 -41.51
CA THR B 143 -11.09 -18.79 -40.60
C THR B 143 -10.47 -20.19 -40.52
N ILE B 144 -10.11 -20.78 -41.68
CA ILE B 144 -9.49 -22.10 -41.77
C ILE B 144 -8.13 -22.06 -41.09
N GLN B 145 -7.34 -21.00 -41.33
CA GLN B 145 -6.02 -20.86 -40.71
C GLN B 145 -6.17 -20.73 -39.19
N PHE B 146 -7.16 -19.95 -38.73
CA PHE B 146 -7.41 -19.76 -37.32
C PHE B 146 -7.77 -21.07 -36.64
N ILE B 147 -8.69 -21.85 -37.20
CA ILE B 147 -9.08 -23.13 -36.61
C ILE B 147 -7.90 -24.08 -36.53
N HIS B 148 -7.06 -24.10 -37.57
CA HIS B 148 -5.90 -24.98 -37.59
C HIS B 148 -4.85 -24.60 -36.52
N SER B 149 -4.47 -23.32 -36.45
CA SER B 149 -3.46 -22.92 -35.49
C SER B 149 -3.98 -22.76 -34.05
N GLU B 150 -5.27 -22.48 -33.88
CA GLU B 150 -5.86 -22.32 -32.56
C GLU B 150 -6.78 -23.48 -32.15
N ALA B 151 -6.64 -24.67 -32.76
CA ALA B 151 -7.43 -25.85 -32.36
C ALA B 151 -7.21 -26.20 -30.88
N PRO B 152 -5.99 -26.11 -30.27
CA PRO B 152 -5.88 -26.36 -28.82
C PRO B 152 -6.81 -25.47 -27.97
N LEU B 153 -7.07 -24.23 -28.40
CA LEU B 153 -7.98 -23.35 -27.69
C LEU B 153 -9.44 -23.73 -27.97
N LEU B 154 -9.82 -23.87 -29.26
CA LEU B 154 -11.18 -24.18 -29.66
C LEU B 154 -11.67 -25.56 -29.24
N ILE B 155 -10.78 -26.55 -29.22
CA ILE B 155 -11.11 -27.93 -28.88
C ILE B 155 -10.84 -28.22 -27.41
N ASP B 156 -9.62 -27.91 -26.91
CA ASP B 156 -9.27 -28.25 -25.55
C ASP B 156 -9.34 -27.15 -24.52
N GLY B 157 -9.53 -25.91 -24.96
CA GLY B 157 -9.54 -24.78 -24.03
C GLY B 157 -8.18 -24.47 -23.48
N LEU B 158 -7.10 -24.80 -24.23
CA LEU B 158 -5.74 -24.53 -23.80
C LEU B 158 -5.49 -23.03 -23.64
N GLY B 159 -4.91 -22.63 -22.52
CA GLY B 159 -4.66 -21.23 -22.23
C GLY B 159 -5.73 -20.60 -21.38
N ILE B 160 -6.96 -21.19 -21.36
CA ILE B 160 -8.07 -20.64 -20.59
C ILE B 160 -7.82 -20.84 -19.11
N PRO B 161 -7.77 -19.76 -18.32
CA PRO B 161 -7.54 -19.94 -16.88
C PRO B 161 -8.72 -20.56 -16.13
N ASP B 162 -8.42 -21.30 -15.04
CA ASP B 162 -9.46 -21.89 -14.21
C ASP B 162 -9.84 -20.87 -13.14
N THR B 163 -11.03 -20.30 -13.24
CA THR B 163 -11.51 -19.30 -12.29
C THR B 163 -12.33 -19.89 -11.11
N GLY B 164 -12.39 -21.21 -10.98
CA GLY B 164 -13.15 -21.84 -9.91
C GLY B 164 -14.50 -22.34 -10.33
N ASN B 165 -15.32 -22.73 -9.36
CA ASN B 165 -16.61 -23.37 -9.66
C ASN B 165 -17.83 -22.45 -9.71
N ALA B 166 -17.64 -21.12 -9.68
CA ALA B 166 -18.76 -20.20 -9.67
C ALA B 166 -19.63 -20.18 -10.94
N ILE B 167 -19.04 -20.38 -12.14
CA ILE B 167 -19.78 -20.31 -13.40
C ILE B 167 -20.61 -21.57 -13.70
N GLU B 168 -20.07 -22.77 -13.44
CA GLU B 168 -20.73 -24.02 -13.80
C GLU B 168 -22.16 -24.15 -13.34
N GLY B 169 -23.06 -24.35 -14.30
CA GLY B 169 -24.49 -24.50 -14.08
C GLY B 169 -25.25 -23.20 -13.88
N ARG B 170 -24.55 -22.05 -13.81
CA ARG B 170 -25.20 -20.77 -13.56
C ARG B 170 -25.40 -19.93 -14.84
N LYS B 171 -26.29 -18.95 -14.77
CA LYS B 171 -26.48 -18.00 -15.86
C LYS B 171 -25.30 -16.99 -15.77
N VAL B 172 -24.74 -16.60 -16.89
CA VAL B 172 -23.63 -15.66 -16.93
C VAL B 172 -24.04 -14.43 -17.75
N LEU B 173 -23.63 -13.22 -17.33
CA LEU B 173 -23.90 -12.01 -18.10
C LEU B 173 -22.56 -11.33 -18.33
N ILE B 174 -22.17 -11.13 -19.59
CA ILE B 174 -20.91 -10.47 -19.93
C ILE B 174 -21.22 -9.09 -20.48
N ALA B 175 -20.62 -8.06 -19.90
CA ALA B 175 -20.85 -6.68 -20.35
C ALA B 175 -19.57 -6.16 -21.02
N SER B 176 -19.70 -5.66 -22.25
CA SER B 176 -18.61 -5.05 -23.04
C SER B 176 -18.97 -3.60 -23.31
N PRO B 177 -17.97 -2.71 -23.48
CA PRO B 177 -18.28 -1.29 -23.66
C PRO B 177 -18.79 -0.85 -25.04
N GLY B 178 -19.75 -1.58 -25.60
CA GLY B 178 -20.33 -1.21 -26.88
C GLY B 178 -21.26 -0.02 -26.73
N ASP B 179 -21.74 0.52 -27.86
CA ASP B 179 -22.63 1.69 -27.82
C ASP B 179 -23.91 1.36 -27.05
N ASN B 180 -24.26 2.24 -26.11
CA ASN B 180 -25.45 2.12 -25.25
C ASN B 180 -25.46 0.90 -24.33
N HIS B 181 -24.27 0.40 -23.91
CA HIS B 181 -24.23 -0.75 -23.00
C HIS B 181 -24.77 -0.41 -21.61
N ARG B 182 -24.61 0.86 -21.17
CA ARG B 182 -25.07 1.30 -19.86
C ARG B 182 -26.58 1.30 -19.79
N SER B 183 -27.25 1.81 -20.83
CA SER B 183 -28.70 1.79 -20.86
C SER B 183 -29.25 0.37 -21.04
N ARG B 184 -28.49 -0.53 -21.71
CA ARG B 184 -28.90 -1.92 -21.81
C ARG B 184 -28.79 -2.58 -20.46
N LEU B 185 -27.74 -2.29 -19.70
CA LEU B 185 -27.56 -2.87 -18.38
C LEU B 185 -28.68 -2.40 -17.45
N LYS B 186 -29.10 -1.14 -17.55
CA LYS B 186 -30.20 -0.61 -16.75
C LYS B 186 -31.53 -1.28 -17.11
N GLU B 187 -31.74 -1.63 -18.38
CA GLU B 187 -32.95 -2.34 -18.80
C GLU B 187 -32.98 -3.78 -18.24
N LEU B 188 -31.80 -4.37 -18.00
CA LEU B 188 -31.62 -5.71 -17.46
C LEU B 188 -31.55 -5.73 -15.92
N ARG B 189 -31.92 -4.62 -15.24
CA ARG B 189 -31.89 -4.57 -13.77
C ARG B 189 -32.78 -5.65 -13.13
N SER B 190 -34.03 -5.81 -13.60
CA SER B 190 -34.92 -6.84 -13.06
C SER B 190 -34.41 -8.26 -13.36
N PHE B 191 -33.79 -8.49 -14.54
CA PHE B 191 -33.21 -9.77 -14.88
C PHE B 191 -32.07 -10.13 -13.91
N ILE B 192 -31.15 -9.19 -13.68
CA ILE B 192 -30.02 -9.40 -12.78
C ILE B 192 -30.48 -9.65 -11.34
N ARG B 193 -31.50 -8.93 -10.88
CA ARG B 193 -32.03 -9.08 -9.53
C ARG B 193 -32.72 -10.43 -9.37
N GLU B 194 -33.52 -10.81 -10.35
CA GLU B 194 -34.32 -12.04 -10.31
C GLU B 194 -33.50 -13.30 -10.52
N TYR B 195 -32.51 -13.28 -11.39
CA TYR B 195 -31.75 -14.49 -11.71
C TYR B 195 -30.34 -14.55 -11.14
N ASP B 196 -29.84 -13.45 -10.54
CA ASP B 196 -28.50 -13.37 -9.94
C ASP B 196 -27.40 -13.99 -10.82
N PRO B 197 -27.24 -13.57 -12.09
CA PRO B 197 -26.21 -14.19 -12.93
C PRO B 197 -24.78 -13.83 -12.49
N VAL B 198 -23.80 -14.63 -12.91
CA VAL B 198 -22.40 -14.33 -12.64
C VAL B 198 -22.04 -13.19 -13.60
N LEU B 199 -21.60 -12.04 -13.08
CA LEU B 199 -21.27 -10.89 -13.91
C LEU B 199 -19.80 -10.85 -14.29
N ILE B 200 -19.53 -10.61 -15.58
CA ILE B 200 -18.18 -10.46 -16.09
C ILE B 200 -18.12 -9.11 -16.77
N GLY B 201 -17.24 -8.22 -16.31
CA GLY B 201 -17.09 -6.91 -16.90
C GLY B 201 -15.89 -6.92 -17.83
N VAL B 202 -16.04 -6.47 -19.07
CA VAL B 202 -14.94 -6.44 -20.04
C VAL B 202 -14.50 -5.00 -20.26
N ASP B 203 -13.17 -4.73 -20.13
CA ASP B 203 -12.62 -3.40 -20.36
C ASP B 203 -13.38 -2.30 -19.56
N GLY B 204 -13.75 -1.18 -20.18
CA GLY B 204 -14.48 -0.10 -19.53
C GLY B 204 -15.87 -0.43 -19.03
N ALA B 205 -16.48 -1.55 -19.49
CA ALA B 205 -17.79 -1.96 -18.98
C ALA B 205 -17.71 -2.52 -17.56
N ALA B 206 -16.49 -2.88 -17.07
CA ALA B 206 -16.28 -3.28 -15.69
C ALA B 206 -16.53 -2.03 -14.81
N ASP B 207 -16.11 -0.81 -15.27
CA ASP B 207 -16.36 0.45 -14.58
C ASP B 207 -17.85 0.69 -14.51
N THR B 208 -18.57 0.52 -15.63
CA THR B 208 -20.03 0.71 -15.70
C THR B 208 -20.75 -0.19 -14.70
N LEU B 209 -20.40 -1.50 -14.63
CA LEU B 209 -21.00 -2.44 -13.68
C LEU B 209 -20.84 -1.96 -12.25
N VAL B 210 -19.63 -1.57 -11.88
CA VAL B 210 -19.31 -1.08 -10.55
C VAL B 210 -20.01 0.27 -10.23
N GLU B 211 -20.13 1.17 -11.24
CA GLU B 211 -20.83 2.45 -11.08
C GLU B 211 -22.34 2.23 -10.89
N LEU B 212 -22.91 1.15 -11.50
CA LEU B 212 -24.31 0.80 -11.32
C LEU B 212 -24.60 0.09 -9.99
N GLY B 213 -23.57 -0.17 -9.18
CA GLY B 213 -23.72 -0.80 -7.87
C GLY B 213 -23.45 -2.29 -7.86
N TYR B 214 -22.90 -2.85 -8.93
CA TYR B 214 -22.63 -4.28 -9.01
C TYR B 214 -21.22 -4.66 -8.58
N LYS B 215 -21.05 -5.93 -8.23
CA LYS B 215 -19.78 -6.50 -7.86
C LYS B 215 -19.51 -7.62 -8.86
N PRO B 216 -18.92 -7.31 -10.03
CA PRO B 216 -18.62 -8.40 -10.98
C PRO B 216 -17.70 -9.47 -10.39
N ALA B 217 -17.95 -10.73 -10.73
CA ALA B 217 -17.11 -11.82 -10.24
C ALA B 217 -15.75 -11.79 -10.96
N LEU B 218 -15.77 -11.47 -12.27
CA LEU B 218 -14.58 -11.44 -13.11
C LEU B 218 -14.52 -10.16 -13.90
N ILE B 219 -13.31 -9.69 -14.13
CA ILE B 219 -13.05 -8.55 -14.97
C ILE B 219 -12.06 -9.02 -16.02
N VAL B 220 -12.36 -8.83 -17.31
CA VAL B 220 -11.46 -9.27 -18.39
C VAL B 220 -10.98 -8.06 -19.19
N GLY B 221 -9.68 -7.95 -19.35
CA GLY B 221 -9.09 -6.90 -20.17
C GLY B 221 -7.79 -6.36 -19.64
N ASN B 222 -7.17 -5.49 -20.42
CA ASN B 222 -5.93 -4.82 -20.08
C ASN B 222 -6.23 -3.87 -18.91
N PRO B 223 -5.65 -4.10 -17.71
CA PRO B 223 -5.91 -3.22 -16.55
C PRO B 223 -5.59 -1.74 -16.79
N THR B 224 -4.75 -1.43 -17.77
CA THR B 224 -4.42 -0.05 -18.09
C THR B 224 -5.67 0.77 -18.47
N GLY B 225 -6.66 0.12 -19.07
CA GLY B 225 -7.88 0.76 -19.52
C GLY B 225 -9.10 0.53 -18.65
N ILE B 226 -8.89 0.03 -17.43
CA ILE B 226 -9.94 -0.24 -16.46
C ILE B 226 -9.73 0.66 -15.25
N GLY B 227 -10.80 1.20 -14.71
CA GLY B 227 -10.76 2.10 -13.58
C GLY B 227 -10.34 1.43 -12.31
N ALA B 228 -9.79 2.22 -11.39
CA ALA B 228 -9.29 1.80 -10.11
C ALA B 228 -10.37 1.20 -9.25
N ASP B 229 -11.57 1.81 -9.23
CA ASP B 229 -12.68 1.28 -8.43
C ASP B 229 -13.09 -0.11 -8.88
N ALA B 230 -13.11 -0.37 -10.20
CA ALA B 230 -13.46 -1.71 -10.69
C ALA B 230 -12.33 -2.70 -10.36
N LEU B 231 -11.06 -2.30 -10.53
CA LEU B 231 -9.93 -3.19 -10.23
C LEU B 231 -9.82 -3.55 -8.74
N ARG B 232 -10.24 -2.64 -7.84
CA ARG B 232 -10.22 -2.92 -6.41
C ARG B 232 -11.56 -3.46 -5.86
N SER B 233 -12.52 -3.77 -6.71
CA SER B 233 -13.85 -4.20 -6.27
C SER B 233 -13.94 -5.62 -5.65
N GLY B 234 -12.92 -6.42 -5.85
CA GLY B 234 -12.89 -7.79 -5.37
C GLY B 234 -12.99 -8.84 -6.46
N ALA B 235 -13.20 -8.42 -7.72
CA ALA B 235 -13.28 -9.30 -8.86
C ALA B 235 -11.93 -9.94 -9.14
N ASN B 236 -11.94 -11.12 -9.74
CA ASN B 236 -10.74 -11.80 -10.18
C ASN B 236 -10.47 -11.16 -11.55
N VAL B 237 -9.27 -10.60 -11.75
CA VAL B 237 -8.90 -9.92 -12.97
C VAL B 237 -8.21 -10.90 -13.94
N ILE B 238 -8.75 -11.04 -15.14
CA ILE B 238 -8.22 -11.90 -16.18
C ILE B 238 -7.55 -11.02 -17.21
N LEU B 239 -6.23 -11.17 -17.35
CA LEU B 239 -5.44 -10.37 -18.25
C LEU B 239 -5.17 -11.08 -19.55
N PRO B 240 -5.49 -10.45 -20.69
CA PRO B 240 -5.10 -11.01 -21.98
C PRO B 240 -3.56 -11.02 -22.10
N ALA B 241 -3.02 -12.11 -22.63
CA ALA B 241 -1.58 -12.23 -22.77
C ALA B 241 -1.20 -12.74 -24.16
N ASP B 242 0.01 -12.47 -24.60
CA ASP B 242 0.53 -13.00 -25.87
C ASP B 242 0.64 -14.54 -25.73
N PRO B 243 0.74 -15.32 -26.83
CA PRO B 243 0.90 -16.79 -26.66
C PRO B 243 2.10 -17.18 -25.77
N ASP B 244 3.12 -16.31 -25.68
CA ASP B 244 4.28 -16.54 -24.83
C ASP B 244 4.05 -16.28 -23.32
N GLY B 245 2.91 -15.71 -22.97
CA GLY B 245 2.56 -15.43 -21.59
C GLY B 245 2.69 -13.98 -21.16
N HIS B 246 3.24 -13.08 -22.01
CA HIS B 246 3.40 -11.68 -21.65
C HIS B 246 2.07 -10.95 -21.58
N ALA B 247 1.72 -10.45 -20.41
CA ALA B 247 0.46 -9.74 -20.18
C ALA B 247 0.71 -8.25 -19.97
N VAL B 248 0.14 -7.41 -20.84
CA VAL B 248 0.28 -5.97 -20.69
C VAL B 248 -0.62 -5.55 -19.52
N GLY B 249 -0.09 -4.68 -18.65
CA GLY B 249 -0.83 -4.16 -17.52
C GLY B 249 -0.65 -4.93 -16.24
N LEU B 250 0.25 -5.94 -16.21
CA LEU B 250 0.54 -6.77 -15.03
C LEU B 250 1.20 -5.95 -13.93
N GLU B 251 2.04 -4.96 -14.29
CA GLU B 251 2.67 -4.07 -13.30
C GLU B 251 1.62 -3.33 -12.48
N ARG B 252 0.53 -2.86 -13.10
CA ARG B 252 -0.57 -2.20 -12.38
C ARG B 252 -1.22 -3.15 -11.35
N ILE B 253 -1.48 -4.42 -11.74
CA ILE B 253 -2.05 -5.45 -10.87
C ILE B 253 -1.14 -5.70 -9.67
N GLN B 254 0.17 -5.79 -9.92
CA GLN B 254 1.19 -6.00 -8.90
C GLN B 254 1.34 -4.81 -7.96
N ASP B 255 1.16 -3.57 -8.47
CA ASP B 255 1.19 -2.34 -7.65
C ASP B 255 0.01 -2.36 -6.68
N LEU B 256 -1.17 -2.80 -7.16
CA LEU B 256 -2.41 -2.85 -6.37
C LEU B 256 -2.44 -4.01 -5.36
N GLY B 257 -1.59 -5.02 -5.56
CA GLY B 257 -1.52 -6.19 -4.69
C GLY B 257 -2.74 -7.08 -4.79
N ILE B 258 -3.38 -7.16 -5.97
CA ILE B 258 -4.60 -7.95 -6.12
C ILE B 258 -4.38 -9.25 -6.91
N GLY B 259 -5.30 -10.19 -6.76
CA GLY B 259 -5.26 -11.47 -7.44
C GLY B 259 -5.66 -11.36 -8.91
N ALA B 260 -4.88 -12.04 -9.77
CA ALA B 260 -5.08 -12.00 -11.21
C ALA B 260 -4.62 -13.28 -11.89
N MET B 261 -5.18 -13.53 -13.07
CA MET B 261 -4.79 -14.68 -13.88
C MET B 261 -4.52 -14.16 -15.27
N THR B 262 -3.71 -14.87 -16.05
CA THR B 262 -3.49 -14.48 -17.45
C THR B 262 -4.17 -15.46 -18.40
N PHE B 263 -4.52 -14.98 -19.58
CA PHE B 263 -5.14 -15.79 -20.61
C PHE B 263 -4.28 -15.61 -21.86
N PRO B 264 -3.23 -16.44 -22.02
CA PRO B 264 -2.39 -16.34 -23.22
C PRO B 264 -3.11 -16.86 -24.46
N SER B 265 -3.11 -16.06 -25.54
CA SER B 265 -3.77 -16.46 -26.79
C SER B 265 -3.40 -15.56 -27.97
N SER B 266 -3.89 -15.91 -29.18
CA SER B 266 -3.73 -15.09 -30.36
C SER B 266 -5.06 -14.34 -30.69
N VAL B 267 -6.07 -14.35 -29.78
CA VAL B 267 -7.34 -13.64 -29.96
C VAL B 267 -7.15 -12.20 -29.44
N ASN B 268 -7.45 -11.18 -30.26
CA ASN B 268 -7.22 -9.80 -29.84
C ASN B 268 -8.33 -9.19 -29.00
N SER B 269 -9.56 -9.60 -29.22
CA SER B 269 -10.69 -9.05 -28.50
C SER B 269 -10.87 -9.62 -27.11
N SER B 270 -10.99 -8.74 -26.10
CA SER B 270 -11.25 -9.15 -24.70
C SER B 270 -12.69 -9.65 -24.55
N THR B 271 -13.62 -9.23 -25.43
CA THR B 271 -14.99 -9.72 -25.40
C THR B 271 -15.00 -11.20 -25.84
N ASP B 272 -14.23 -11.55 -26.88
CA ASP B 272 -14.12 -12.93 -27.35
C ASP B 272 -13.44 -13.79 -26.29
N LEU B 273 -12.41 -13.24 -25.59
CA LEU B 273 -11.75 -13.98 -24.52
C LEU B 273 -12.72 -14.28 -23.39
N ALA B 274 -13.54 -13.28 -22.98
CA ALA B 274 -14.52 -13.43 -21.91
C ALA B 274 -15.58 -14.47 -22.29
N LEU B 275 -16.04 -14.46 -23.55
CA LEU B 275 -17.03 -15.42 -24.05
C LEU B 275 -16.46 -16.84 -24.07
N LEU B 276 -15.21 -17.01 -24.52
CA LEU B 276 -14.56 -18.32 -24.54
C LEU B 276 -14.29 -18.85 -23.13
N LEU B 277 -13.91 -17.96 -22.20
CA LEU B 277 -13.67 -18.31 -20.82
C LEU B 277 -14.96 -18.76 -20.17
N ALA B 278 -16.05 -17.98 -20.29
CA ALA B 278 -17.33 -18.35 -19.68
C ALA B 278 -17.84 -19.70 -20.24
N ASP B 279 -17.75 -19.91 -21.55
CA ASP B 279 -18.20 -21.16 -22.19
C ASP B 279 -17.43 -22.37 -21.65
N PHE B 280 -16.11 -22.21 -21.47
CA PHE B 280 -15.27 -23.30 -20.99
C PHE B 280 -15.64 -23.77 -19.56
N HIS B 281 -16.22 -22.88 -18.75
CA HIS B 281 -16.64 -23.22 -17.41
C HIS B 281 -18.05 -23.84 -17.33
N ASN B 282 -18.63 -24.23 -18.48
CA ASN B 282 -19.92 -24.89 -18.58
C ASN B 282 -21.08 -24.14 -17.88
N PRO B 283 -21.46 -22.93 -18.35
CA PRO B 283 -22.60 -22.24 -17.73
C PRO B 283 -23.94 -22.77 -18.27
N GLN B 284 -25.04 -22.35 -17.66
CA GLN B 284 -26.37 -22.68 -18.16
C GLN B 284 -26.65 -21.84 -19.41
N MET B 285 -26.28 -20.56 -19.39
CA MET B 285 -26.49 -19.64 -20.50
C MET B 285 -25.51 -18.47 -20.40
N ILE B 286 -25.27 -17.77 -21.52
CA ILE B 286 -24.40 -16.61 -21.56
C ILE B 286 -25.15 -15.46 -22.21
N VAL B 287 -25.45 -14.41 -21.42
CA VAL B 287 -26.11 -13.18 -21.91
C VAL B 287 -25.00 -12.19 -22.31
N ASN B 288 -24.89 -11.92 -23.60
CA ASN B 288 -23.87 -11.05 -24.13
C ASN B 288 -24.42 -9.62 -24.29
N VAL B 289 -23.93 -8.66 -23.51
CA VAL B 289 -24.37 -7.27 -23.56
C VAL B 289 -23.25 -6.39 -24.09
N GLY B 290 -23.55 -5.56 -25.08
CA GLY B 290 -22.59 -4.59 -25.60
C GLY B 290 -21.51 -5.13 -26.51
N GLY B 291 -21.68 -6.35 -27.01
CA GLY B 291 -20.71 -6.95 -27.93
C GLY B 291 -21.34 -7.73 -29.08
N PRO B 292 -22.19 -7.10 -29.91
CA PRO B 292 -22.84 -7.86 -31.00
C PRO B 292 -21.93 -8.03 -32.24
N VAL B 293 -21.94 -9.23 -32.83
CA VAL B 293 -21.14 -9.54 -34.01
C VAL B 293 -22.05 -10.34 -34.94
N THR B 294 -22.28 -9.83 -36.17
CA THR B 294 -23.18 -10.48 -37.10
C THR B 294 -22.56 -10.74 -38.47
N LEU B 295 -23.20 -11.61 -39.29
CA LEU B 295 -22.76 -11.94 -40.63
C LEU B 295 -22.86 -10.71 -41.52
N ASP B 296 -23.94 -9.92 -41.37
CA ASP B 296 -24.14 -8.70 -42.14
C ASP B 296 -23.01 -7.70 -41.86
N GLY B 297 -22.50 -7.66 -40.64
CA GLY B 297 -21.37 -6.83 -40.29
C GLY B 297 -20.11 -7.22 -41.06
N VAL B 298 -19.88 -8.55 -41.22
CA VAL B 298 -18.77 -9.13 -41.99
C VAL B 298 -18.91 -8.81 -43.48
N PHE B 299 -20.12 -8.91 -44.04
CA PHE B 299 -20.40 -8.60 -45.43
C PHE B 299 -20.25 -7.11 -45.75
N GLU B 300 -20.67 -6.24 -44.82
CA GLU B 300 -20.67 -4.81 -45.07
C GLU B 300 -19.36 -4.10 -44.69
N ASN B 301 -18.46 -4.79 -43.96
CA ASN B 301 -17.23 -4.20 -43.50
C ASN B 301 -16.32 -3.54 -44.57
N ARG B 302 -15.92 -4.22 -45.68
CA ARG B 302 -14.97 -3.64 -46.68
C ARG B 302 -13.50 -3.64 -46.17
N GLU B 303 -13.35 -3.51 -44.85
CA GLU B 303 -12.12 -3.58 -44.07
C GLU B 303 -12.05 -5.02 -43.47
N ASP B 304 -10.85 -5.58 -43.27
CA ASP B 304 -10.69 -6.95 -42.76
C ASP B 304 -11.36 -7.20 -41.40
N SER B 305 -12.31 -8.14 -41.38
CA SER B 305 -13.02 -8.53 -40.14
C SER B 305 -12.28 -9.66 -39.46
N ASP B 306 -12.39 -9.72 -38.13
CA ASP B 306 -11.72 -10.78 -37.38
C ASP B 306 -12.57 -12.05 -37.35
N PRO B 307 -12.05 -13.15 -37.96
CA PRO B 307 -12.78 -14.43 -37.95
C PRO B 307 -13.02 -15.01 -36.56
N ALA B 308 -12.13 -14.66 -35.59
CA ALA B 308 -12.20 -15.10 -34.22
C ALA B 308 -13.52 -14.69 -33.55
N ALA B 309 -14.10 -13.53 -33.92
CA ALA B 309 -15.35 -13.05 -33.33
C ALA B 309 -16.56 -13.91 -33.74
N LEU B 310 -16.70 -14.22 -35.03
CA LEU B 310 -17.82 -15.04 -35.49
C LEU B 310 -17.62 -16.49 -35.06
N LEU B 311 -16.35 -16.98 -35.05
CA LEU B 311 -16.08 -18.33 -34.59
C LEU B 311 -16.42 -18.47 -33.12
N THR B 312 -16.17 -17.41 -32.29
CA THR B 312 -16.50 -17.42 -30.88
C THR B 312 -18.00 -17.53 -30.66
N ARG B 313 -18.79 -16.77 -31.42
CA ARG B 313 -20.25 -16.83 -31.31
C ARG B 313 -20.76 -18.21 -31.67
N ALA B 314 -20.17 -18.84 -32.71
CA ALA B 314 -20.58 -20.18 -33.17
C ALA B 314 -20.14 -21.26 -32.16
N LYS B 315 -18.99 -21.07 -31.52
CA LYS B 315 -18.44 -21.96 -30.50
C LYS B 315 -19.38 -22.04 -29.30
N LEU B 316 -19.90 -20.87 -28.84
CA LEU B 316 -20.86 -20.83 -27.72
C LEU B 316 -22.19 -21.50 -28.07
N GLY B 317 -22.53 -21.54 -29.35
CA GLY B 317 -23.70 -22.21 -29.86
C GLY B 317 -25.02 -21.77 -29.25
N THR B 318 -25.80 -22.74 -28.77
CA THR B 318 -27.13 -22.55 -28.23
C THR B 318 -27.15 -21.86 -26.88
N LYS B 319 -26.00 -21.75 -26.17
CA LYS B 319 -25.92 -21.07 -24.87
C LYS B 319 -25.92 -19.56 -24.96
N LEU B 320 -25.57 -19.00 -26.12
CA LEU B 320 -25.47 -17.56 -26.32
C LEU B 320 -26.82 -16.86 -26.57
N VAL B 321 -27.06 -15.75 -25.86
CA VAL B 321 -28.25 -14.93 -26.07
C VAL B 321 -27.83 -13.47 -25.92
N ASP B 322 -28.26 -12.62 -26.84
CA ASP B 322 -27.95 -11.21 -26.81
C ASP B 322 -28.76 -10.54 -25.73
N GLY B 323 -28.20 -9.51 -25.09
CA GLY B 323 -28.88 -8.78 -24.04
C GLY B 323 -30.18 -8.16 -24.49
N SER B 324 -30.28 -7.80 -25.78
CA SER B 324 -31.49 -7.22 -26.33
C SER B 324 -32.64 -8.25 -26.36
N VAL B 325 -32.34 -9.55 -26.56
CA VAL B 325 -33.38 -10.56 -26.55
C VAL B 325 -33.96 -10.68 -25.14
N ILE B 326 -33.10 -10.77 -24.12
CA ILE B 326 -33.54 -10.81 -22.73
C ILE B 326 -34.30 -9.54 -22.34
N ALA B 327 -33.82 -8.36 -22.73
CA ALA B 327 -34.50 -7.10 -22.40
C ALA B 327 -35.90 -6.99 -23.01
N SER B 328 -36.12 -7.59 -24.20
CA SER B 328 -37.45 -7.66 -24.86
C SER B 328 -38.47 -8.44 -24.04
N LEU B 329 -38.03 -9.33 -23.15
CA LEU B 329 -38.94 -10.06 -22.28
C LEU B 329 -39.52 -9.17 -21.14
N TYR B 330 -38.91 -8.00 -20.89
CA TYR B 330 -39.31 -7.05 -19.85
C TYR B 330 -40.05 -5.81 -20.39
N THR B 331 -39.99 -5.56 -21.70
CA THR B 331 -40.65 -4.43 -22.35
C THR B 331 -42.17 -4.45 -22.15
N ASP C 1 -32.89 6.66 9.06
CA ASP C 1 -32.18 5.73 9.93
C ASP C 1 -30.91 5.17 9.23
N LEU C 2 -30.03 4.52 9.99
CA LEU C 2 -28.76 3.98 9.53
C LEU C 2 -29.00 2.57 8.95
N PRO C 3 -28.28 2.21 7.85
CA PRO C 3 -28.47 0.89 7.25
C PRO C 3 -28.13 -0.33 8.09
N GLY C 4 -28.80 -1.44 7.80
CA GLY C 4 -28.55 -2.68 8.49
C GLY C 4 -29.73 -3.28 9.24
N LEU C 5 -29.51 -4.46 9.78
CA LEU C 5 -30.50 -5.20 10.55
C LEU C 5 -30.45 -4.74 12.00
N GLN C 6 -31.59 -4.36 12.58
CA GLN C 6 -31.60 -3.94 13.97
C GLN C 6 -32.35 -4.89 14.88
N GLY C 7 -31.74 -5.26 16.00
CA GLY C 7 -32.36 -6.13 16.96
C GLY C 7 -31.56 -6.26 18.25
N ALA C 8 -32.16 -6.85 19.30
CA ALA C 8 -31.46 -7.02 20.59
C ALA C 8 -30.35 -8.07 20.49
N THR C 9 -29.14 -7.74 20.98
CA THR C 9 -28.03 -8.70 20.95
C THR C 9 -28.10 -9.64 22.18
N ARG C 10 -28.23 -10.95 21.95
CA ARG C 10 -28.32 -11.94 23.04
C ARG C 10 -27.32 -13.09 22.88
N ILE C 11 -26.52 -13.34 23.92
CA ILE C 11 -25.53 -14.40 23.91
C ILE C 11 -26.20 -15.77 24.15
N CYS C 12 -25.97 -16.72 23.26
CA CYS C 12 -26.54 -18.07 23.33
C CYS C 12 -25.44 -19.14 23.32
N THR C 13 -25.50 -20.17 24.19
CA THR C 13 -24.47 -21.22 24.22
C THR C 13 -24.96 -22.52 23.51
N PRO C 14 -24.03 -23.31 22.89
CA PRO C 14 -24.47 -24.52 22.13
C PRO C 14 -25.27 -25.53 22.93
N GLN C 15 -25.18 -25.45 24.26
CA GLN C 15 -25.89 -26.32 25.19
C GLN C 15 -27.38 -25.89 25.39
N GLY C 16 -27.77 -24.73 24.88
CA GLY C 16 -29.15 -24.25 25.00
C GLY C 16 -29.38 -23.03 25.88
N LYS C 17 -28.34 -22.59 26.59
CA LYS C 17 -28.40 -21.47 27.53
C LYS C 17 -28.53 -20.10 26.85
N GLY C 18 -29.53 -19.31 27.23
CA GLY C 18 -29.77 -17.99 26.66
C GLY C 18 -30.81 -17.99 25.54
N LEU C 19 -31.01 -19.15 24.89
CA LEU C 19 -31.99 -19.38 23.82
C LEU C 19 -33.40 -19.05 24.25
N LYS C 20 -33.76 -19.30 25.53
CA LYS C 20 -35.09 -19.01 26.07
C LYS C 20 -35.38 -17.49 26.20
N ARG C 21 -34.35 -16.64 26.14
CA ARG C 21 -34.54 -15.18 26.21
C ARG C 21 -34.69 -14.51 24.82
N LEU C 22 -34.46 -15.26 23.74
CA LEU C 22 -34.51 -14.77 22.37
C LEU C 22 -35.94 -14.43 21.89
N SER C 23 -36.03 -13.37 21.08
CA SER C 23 -37.25 -12.92 20.40
C SER C 23 -37.00 -12.89 18.88
N GLU C 24 -38.07 -13.00 18.08
CA GLU C 24 -38.02 -12.93 16.62
C GLU C 24 -37.42 -11.58 16.21
N GLY C 25 -36.36 -11.63 15.42
CA GLY C 25 -35.71 -10.41 14.96
C GLY C 25 -34.46 -10.05 15.75
N ASP C 26 -34.16 -10.81 16.81
CA ASP C 26 -32.98 -10.56 17.63
C ASP C 26 -31.70 -10.87 16.85
N LEU C 27 -30.56 -10.38 17.34
CA LEU C 27 -29.28 -10.69 16.75
C LEU C 27 -28.63 -11.62 17.75
N ALA C 28 -28.68 -12.93 17.49
CA ALA C 28 -28.11 -13.92 18.37
C ALA C 28 -26.61 -13.98 18.23
N ILE C 29 -25.91 -14.07 19.37
CA ILE C 29 -24.46 -14.13 19.41
C ILE C 29 -24.02 -15.48 19.99
N ILE C 30 -23.21 -16.22 19.21
CA ILE C 30 -22.77 -17.54 19.61
C ILE C 30 -21.25 -17.68 19.45
N ASP C 31 -20.71 -18.71 20.05
CA ASP C 31 -19.33 -19.12 19.89
C ASP C 31 -19.50 -20.61 19.57
N ALA C 32 -19.82 -20.90 18.31
CA ALA C 32 -20.10 -22.27 17.90
C ALA C 32 -19.34 -22.69 16.66
N PRO C 33 -18.07 -23.11 16.82
CA PRO C 33 -17.34 -23.63 15.65
C PRO C 33 -17.98 -24.97 15.23
N ASP C 34 -18.15 -25.21 13.93
CA ASP C 34 -18.78 -26.42 13.42
C ASP C 34 -20.19 -26.61 14.00
N LEU C 35 -21.02 -25.55 13.88
CA LEU C 35 -22.40 -25.48 14.35
C LEU C 35 -23.18 -26.80 14.15
N SER C 36 -23.70 -27.37 15.24
CA SER C 36 -24.44 -28.64 15.15
C SER C 36 -25.84 -28.44 14.59
N ARG C 37 -26.45 -29.51 14.03
CA ARG C 37 -27.79 -29.44 13.46
C ARG C 37 -28.81 -29.10 14.54
N THR C 38 -28.65 -29.70 15.73
CA THR C 38 -29.52 -29.47 16.87
C THR C 38 -29.51 -27.98 17.31
N PHE C 39 -28.33 -27.37 17.48
CA PHE C 39 -28.22 -25.98 17.88
C PHE C 39 -28.74 -25.06 16.74
N ALA C 40 -28.50 -25.43 15.47
CA ALA C 40 -29.02 -24.67 14.31
C ALA C 40 -30.54 -24.73 14.26
N GLN C 41 -31.15 -25.86 14.63
CA GLN C 41 -32.60 -26.06 14.67
C GLN C 41 -33.23 -25.20 15.76
N ARG C 42 -32.58 -25.10 16.93
CA ARG C 42 -33.08 -24.31 18.04
C ARG C 42 -32.98 -22.83 17.71
N LEU C 43 -31.89 -22.41 17.04
CA LEU C 43 -31.70 -21.03 16.63
C LEU C 43 -32.76 -20.69 15.57
N LEU C 44 -32.97 -21.59 14.58
CA LEU C 44 -33.95 -21.40 13.51
C LEU C 44 -35.38 -21.23 14.05
N ALA C 45 -35.76 -22.03 15.06
CA ALA C 45 -37.10 -21.96 15.66
C ALA C 45 -37.34 -20.63 16.41
N ALA C 46 -36.27 -20.02 16.94
CA ALA C 46 -36.36 -18.74 17.64
C ALA C 46 -36.50 -17.51 16.69
N LYS C 47 -36.34 -17.73 15.37
CA LYS C 47 -36.46 -16.74 14.30
C LYS C 47 -35.62 -15.47 14.51
N PRO C 48 -34.31 -15.58 14.79
CA PRO C 48 -33.49 -14.36 14.88
C PRO C 48 -33.24 -13.78 13.47
N ALA C 49 -32.98 -12.47 13.42
CA ALA C 49 -32.68 -11.82 12.14
C ALA C 49 -31.26 -12.24 11.66
N ALA C 50 -30.34 -12.47 12.61
CA ALA C 50 -28.98 -12.82 12.29
C ALA C 50 -28.34 -13.67 13.39
N VAL C 51 -27.34 -14.47 13.02
CA VAL C 51 -26.56 -15.27 13.96
C VAL C 51 -25.11 -14.84 13.75
N LEU C 52 -24.51 -14.27 14.79
CA LEU C 52 -23.16 -13.75 14.74
C LEU C 52 -22.29 -14.70 15.50
N ASN C 53 -21.29 -15.28 14.85
CA ASN C 53 -20.43 -16.27 15.47
C ASN C 53 -19.03 -15.73 15.76
N VAL C 54 -18.53 -15.98 16.98
CA VAL C 54 -17.18 -15.67 17.44
C VAL C 54 -16.16 -16.48 16.60
N SER C 55 -16.52 -17.74 16.28
CA SER C 55 -15.73 -18.71 15.51
C SER C 55 -16.29 -18.89 14.05
N ARG C 56 -15.83 -19.89 13.29
CA ARG C 56 -16.34 -20.14 11.94
C ARG C 56 -17.46 -21.20 12.00
N PHE C 57 -18.52 -21.02 11.21
CA PHE C 57 -19.66 -21.95 11.19
C PHE C 57 -19.24 -23.35 10.72
N THR C 58 -18.31 -23.40 9.74
CA THR C 58 -17.75 -24.63 9.21
C THR C 58 -16.23 -24.44 9.24
N THR C 59 -15.54 -25.11 10.16
CA THR C 59 -14.08 -24.98 10.27
C THR C 59 -13.32 -25.73 9.19
N GLY C 60 -13.96 -26.70 8.53
CA GLY C 60 -13.35 -27.48 7.48
C GLY C 60 -13.16 -28.94 7.81
N SER C 61 -13.30 -29.32 9.07
CA SER C 61 -13.12 -30.69 9.51
C SER C 61 -14.25 -31.64 9.08
N VAL C 62 -15.52 -31.25 9.31
CA VAL C 62 -16.70 -32.06 9.01
C VAL C 62 -17.75 -31.32 8.19
N PRO C 63 -18.48 -32.03 7.29
CA PRO C 63 -19.55 -31.35 6.55
C PRO C 63 -20.81 -31.16 7.41
N ASN C 64 -20.97 -29.97 8.01
CA ASN C 64 -22.12 -29.66 8.85
C ASN C 64 -23.14 -28.78 8.10
N PHE C 65 -24.37 -29.26 7.97
CA PHE C 65 -25.45 -28.60 7.24
C PHE C 65 -26.13 -27.44 8.02
N GLY C 66 -25.96 -27.40 9.33
CA GLY C 66 -26.48 -26.36 10.22
C GLY C 66 -26.43 -24.93 9.68
N PRO C 67 -25.25 -24.40 9.27
CA PRO C 67 -25.22 -23.04 8.70
C PRO C 67 -26.13 -22.86 7.48
N GLN C 68 -26.20 -23.86 6.56
CA GLN C 68 -27.08 -23.78 5.40
C GLN C 68 -28.57 -23.82 5.80
N MET C 69 -28.91 -24.53 6.89
CA MET C 69 -30.29 -24.57 7.41
C MET C 69 -30.75 -23.14 7.79
N LEU C 70 -29.85 -22.38 8.46
CA LEU C 70 -30.08 -21.02 8.93
C LEU C 70 -30.24 -20.08 7.76
N ILE C 71 -29.35 -20.16 6.75
CA ILE C 71 -29.41 -19.34 5.54
C ILE C 71 -30.70 -19.62 4.75
N ASP C 72 -31.11 -20.90 4.64
CA ASP C 72 -32.36 -21.27 3.97
C ASP C 72 -33.60 -20.70 4.71
N GLY C 73 -33.47 -20.48 6.02
CA GLY C 73 -34.52 -19.88 6.85
C GLY C 73 -34.57 -18.37 6.83
N GLY C 74 -33.70 -17.75 6.03
CA GLY C 74 -33.64 -16.30 5.87
C GLY C 74 -32.90 -15.57 6.96
N ILE C 75 -31.97 -16.26 7.63
CA ILE C 75 -31.19 -15.67 8.71
C ILE C 75 -29.81 -15.23 8.17
N GLN C 76 -29.37 -14.00 8.51
CA GLN C 76 -28.05 -13.52 8.06
C GLN C 76 -26.95 -14.16 8.92
N LEU C 77 -25.90 -14.66 8.29
CA LEU C 77 -24.80 -15.32 9.02
C LEU C 77 -23.51 -14.51 8.91
N VAL C 78 -22.91 -14.15 10.05
CA VAL C 78 -21.66 -13.39 10.08
C VAL C 78 -20.74 -14.12 11.06
N GLU C 79 -19.48 -14.38 10.68
CA GLU C 79 -18.58 -15.21 11.50
C GLU C 79 -17.17 -14.65 11.72
N GLY C 80 -16.42 -15.28 12.61
CA GLY C 80 -15.04 -14.90 12.89
C GLY C 80 -14.87 -13.55 13.55
N PHE C 81 -15.84 -13.14 14.38
CA PHE C 81 -15.74 -11.86 15.10
C PHE C 81 -14.63 -11.90 16.17
N GLY C 82 -14.41 -13.08 16.75
CA GLY C 82 -13.45 -13.26 17.82
C GLY C 82 -14.03 -12.95 19.19
N GLN C 83 -13.20 -13.00 20.22
CA GLN C 83 -13.60 -12.77 21.60
C GLN C 83 -14.20 -11.38 21.86
N GLU C 84 -13.80 -10.33 21.10
CA GLU C 84 -14.37 -8.99 21.29
C GLU C 84 -15.89 -8.91 21.10
N LEU C 85 -16.48 -9.88 20.40
CA LEU C 85 -17.93 -9.95 20.24
C LEU C 85 -18.57 -10.31 21.59
N LEU C 86 -17.97 -11.24 22.36
CA LEU C 86 -18.47 -11.60 23.69
C LEU C 86 -18.19 -10.54 24.75
N ASP C 87 -17.15 -9.72 24.54
CA ASP C 87 -16.75 -8.69 25.49
C ASP C 87 -17.51 -7.38 25.28
N GLY C 88 -17.77 -7.04 24.02
CA GLY C 88 -18.40 -5.78 23.64
C GLY C 88 -19.91 -5.74 23.67
N THR C 89 -20.55 -6.91 23.62
CA THR C 89 -22.00 -6.94 23.61
C THR C 89 -22.56 -6.83 25.01
N LYS C 90 -23.70 -6.14 25.11
CA LYS C 90 -24.46 -5.93 26.32
C LYS C 90 -25.82 -6.59 26.04
N ASP C 91 -26.17 -7.58 26.88
CA ASP C 91 -27.41 -8.35 26.80
C ASP C 91 -28.67 -7.48 26.57
N GLY C 92 -29.38 -7.72 25.47
CA GLY C 92 -30.63 -7.02 25.19
C GLY C 92 -30.54 -5.63 24.60
N LYS C 93 -29.32 -5.13 24.41
CA LYS C 93 -29.10 -3.81 23.84
C LYS C 93 -29.35 -3.90 22.31
N LYS C 94 -30.04 -2.90 21.75
CA LYS C 94 -30.38 -2.88 20.33
C LYS C 94 -29.14 -2.61 19.46
N GLY C 95 -28.69 -3.64 18.76
CA GLY C 95 -27.55 -3.57 17.87
C GLY C 95 -27.93 -3.35 16.42
N ARG C 96 -26.94 -3.07 15.58
CA ARG C 96 -27.17 -2.81 14.16
C ARG C 96 -26.09 -3.51 13.35
N LEU C 97 -26.49 -4.47 12.51
CA LEU C 97 -25.56 -5.25 11.72
C LEU C 97 -25.64 -4.87 10.23
N THR C 98 -24.55 -4.33 9.68
CA THR C 98 -24.52 -3.92 8.28
C THR C 98 -24.32 -5.12 7.33
N GLU C 99 -24.57 -4.90 6.01
CA GLU C 99 -24.36 -5.95 5.00
C GLU C 99 -22.89 -6.36 4.88
N ASP C 100 -21.95 -5.52 5.32
CA ASP C 100 -20.51 -5.80 5.34
C ASP C 100 -20.03 -6.59 6.60
N GLY C 101 -20.96 -6.89 7.52
CA GLY C 101 -20.66 -7.66 8.73
C GLY C 101 -20.19 -6.87 9.93
N GLN C 102 -20.48 -5.56 9.99
CA GLN C 102 -20.09 -4.74 11.13
C GLN C 102 -21.22 -4.64 12.14
N LEU C 103 -20.92 -4.84 13.41
CA LEU C 103 -21.91 -4.72 14.46
C LEU C 103 -21.73 -3.35 15.15
N PHE C 104 -22.80 -2.56 15.24
CA PHE C 104 -22.80 -1.23 15.84
C PHE C 104 -23.82 -1.11 16.96
N TYR C 105 -23.60 -0.18 17.89
CA TYR C 105 -24.55 0.17 18.92
C TYR C 105 -24.78 1.64 18.65
N GLY C 106 -25.63 1.90 17.68
CA GLY C 106 -25.87 3.26 17.20
C GLY C 106 -24.83 3.56 16.16
N GLU C 107 -23.98 4.57 16.41
CA GLU C 107 -22.87 4.88 15.50
C GLU C 107 -21.52 4.35 16.02
N ARG C 108 -21.51 3.51 17.07
CA ARG C 108 -20.29 2.99 17.68
C ARG C 108 -20.01 1.55 17.26
N LEU C 109 -18.87 1.33 16.61
CA LEU C 109 -18.44 0.04 16.13
C LEU C 109 -18.07 -0.87 17.28
N ILE C 110 -18.67 -2.07 17.32
CA ILE C 110 -18.43 -3.08 18.35
C ILE C 110 -17.49 -4.16 17.83
N SER C 111 -17.79 -4.75 16.66
CA SER C 111 -16.93 -5.78 16.09
C SER C 111 -17.10 -5.98 14.58
N ASN C 112 -16.04 -6.44 13.91
CA ASN C 112 -16.08 -6.68 12.47
C ASN C 112 -16.07 -8.20 12.25
N GLY C 113 -17.06 -8.67 11.49
CA GLY C 113 -17.17 -10.08 11.15
C GLY C 113 -17.16 -10.31 9.65
N SER C 114 -17.10 -11.57 9.25
CA SER C 114 -17.09 -11.95 7.84
C SER C 114 -18.44 -12.58 7.46
N VAL C 115 -19.15 -11.99 6.51
CA VAL C 115 -20.45 -12.50 6.09
C VAL C 115 -20.34 -13.86 5.39
N LEU C 116 -21.12 -14.82 5.85
CA LEU C 116 -21.17 -16.13 5.25
C LEU C 116 -22.40 -16.23 4.37
N SER C 117 -22.22 -16.13 3.05
CA SER C 117 -23.34 -16.24 2.11
C SER C 117 -23.73 -17.71 1.89
N GLY C 118 -24.89 -17.94 1.27
CA GLY C 118 -25.35 -19.28 0.92
C GLY C 118 -24.37 -20.04 0.05
N PRO C 119 -23.92 -19.46 -1.10
CA PRO C 119 -22.93 -20.17 -1.94
C PRO C 119 -21.60 -20.42 -1.21
N ALA C 120 -21.14 -19.50 -0.35
CA ALA C 120 -19.89 -19.70 0.37
C ALA C 120 -20.02 -20.81 1.42
N ALA C 121 -21.21 -20.93 2.04
CA ALA C 121 -21.50 -21.96 3.02
C ALA C 121 -21.57 -23.33 2.31
N GLU C 122 -22.11 -23.38 1.07
CA GLU C 122 -22.18 -24.63 0.29
C GLU C 122 -20.76 -25.08 -0.08
N ASN C 123 -19.90 -24.12 -0.47
CA ASN C 123 -18.51 -24.42 -0.82
C ASN C 123 -17.72 -24.90 0.38
N ALA C 124 -17.95 -24.31 1.54
CA ALA C 124 -17.25 -24.73 2.76
C ALA C 124 -17.67 -26.14 3.15
N PHE C 125 -18.95 -26.48 2.97
CA PHE C 125 -19.52 -27.80 3.24
C PHE C 125 -18.90 -28.84 2.30
N ALA C 126 -18.83 -28.54 0.99
CA ALA C 126 -18.26 -29.45 -0.01
C ALA C 126 -16.76 -29.70 0.21
N ASP C 127 -16.05 -28.67 0.67
CA ASP C 127 -14.62 -28.80 0.97
C ASP C 127 -14.40 -29.67 2.22
N ALA C 128 -15.26 -29.50 3.23
CA ALA C 128 -15.21 -30.27 4.47
C ALA C 128 -15.58 -31.74 4.22
N GLN C 129 -16.53 -31.98 3.29
CA GLN C 129 -16.97 -33.28 2.83
C GLN C 129 -15.78 -34.03 2.20
N GLN C 130 -14.98 -33.33 1.40
CA GLN C 130 -13.78 -33.89 0.76
C GLN C 130 -12.67 -34.14 1.79
N SER C 131 -12.54 -33.25 2.78
CA SER C 131 -11.55 -33.35 3.85
C SER C 131 -11.82 -34.56 4.73
N LEU C 132 -13.10 -34.81 5.10
CA LEU C 132 -13.46 -35.97 5.90
C LEU C 132 -13.17 -37.26 5.13
N LEU C 133 -13.48 -37.30 3.82
CA LEU C 133 -13.24 -38.47 3.01
C LEU C 133 -11.74 -38.77 2.92
N ASP C 134 -10.92 -37.74 2.70
CA ASP C 134 -9.47 -37.90 2.63
C ASP C 134 -8.88 -38.40 3.95
N ARG C 135 -9.34 -37.83 5.07
CA ARG C 135 -8.87 -38.23 6.39
C ARG C 135 -9.30 -39.65 6.74
N MET C 136 -10.54 -40.05 6.37
CA MET C 136 -11.03 -41.41 6.62
C MET C 136 -10.39 -42.44 5.71
N GLU C 137 -10.00 -42.04 4.48
CA GLU C 137 -9.29 -42.95 3.58
C GLU C 137 -7.90 -43.25 4.18
N ALA C 138 -7.24 -42.24 4.75
CA ALA C 138 -5.95 -42.42 5.39
C ALA C 138 -6.10 -43.23 6.69
N TYR C 139 -7.11 -42.90 7.49
CA TYR C 139 -7.36 -43.58 8.76
C TYR C 139 -7.69 -45.06 8.61
N PHE C 140 -8.68 -45.41 7.79
CA PHE C 140 -9.05 -46.80 7.60
C PHE C 140 -8.04 -47.57 6.74
N GLY C 141 -7.18 -46.88 5.99
CA GLY C 141 -6.08 -47.50 5.28
C GLY C 141 -5.05 -47.97 6.28
N ASN C 142 -4.80 -47.15 7.32
CA ASN C 142 -3.90 -47.48 8.43
C ASN C 142 -4.48 -48.56 9.34
N THR C 143 -5.81 -48.66 9.44
CA THR C 143 -6.52 -49.68 10.23
C THR C 143 -6.29 -51.04 9.59
N ILE C 144 -6.41 -51.12 8.24
CA ILE C 144 -6.18 -52.36 7.50
C ILE C 144 -4.72 -52.78 7.65
N GLN C 145 -3.79 -51.83 7.55
CA GLN C 145 -2.37 -52.12 7.71
C GLN C 145 -2.07 -52.61 9.12
N PHE C 146 -2.69 -51.99 10.12
CA PHE C 146 -2.49 -52.39 11.50
C PHE C 146 -2.98 -53.82 11.73
N ILE C 147 -4.18 -54.18 11.26
CA ILE C 147 -4.72 -55.53 11.45
C ILE C 147 -3.82 -56.56 10.77
N HIS C 148 -3.30 -56.24 9.59
CA HIS C 148 -2.44 -57.13 8.88
C HIS C 148 -1.11 -57.38 9.58
N SER C 149 -0.41 -56.31 9.99
CA SER C 149 0.89 -56.48 10.65
C SER C 149 0.78 -56.89 12.14
N GLU C 150 -0.33 -56.59 12.79
CA GLU C 150 -0.51 -56.92 14.20
C GLU C 150 -1.53 -58.03 14.45
N ALA C 151 -1.83 -58.84 13.44
CA ALA C 151 -2.75 -59.98 13.61
C ALA C 151 -2.26 -60.94 14.71
N PRO C 152 -0.94 -61.25 14.90
CA PRO C 152 -0.54 -62.10 16.03
C PRO C 152 -1.02 -61.57 17.39
N LEU C 153 -1.07 -60.25 17.56
CA LEU C 153 -1.54 -59.65 18.80
C LEU C 153 -3.07 -59.69 18.88
N LEU C 154 -3.76 -59.23 17.84
CA LEU C 154 -5.22 -59.16 17.82
C LEU C 154 -5.92 -60.50 17.80
N ILE C 155 -5.33 -61.50 17.17
CA ILE C 155 -5.90 -62.84 17.05
C ILE C 155 -5.37 -63.76 18.15
N ASP C 156 -4.04 -63.85 18.30
CA ASP C 156 -3.44 -64.79 19.25
C ASP C 156 -3.00 -64.24 20.56
N GLY C 157 -2.96 -62.92 20.70
CA GLY C 157 -2.45 -62.33 21.92
C GLY C 157 -0.95 -62.47 22.09
N LEU C 158 -0.22 -62.57 20.97
CA LEU C 158 1.24 -62.68 21.00
C LEU C 158 1.85 -61.41 21.63
N GLY C 159 2.78 -61.61 22.56
CA GLY C 159 3.42 -60.48 23.22
C GLY C 159 2.76 -60.12 24.53
N ILE C 160 1.48 -60.50 24.73
CA ILE C 160 0.79 -60.21 25.99
C ILE C 160 1.38 -61.08 27.10
N PRO C 161 1.90 -60.44 28.18
CA PRO C 161 2.46 -61.24 29.28
C PRO C 161 1.40 -61.99 30.09
N ASP C 162 1.79 -63.14 30.66
CA ASP C 162 0.90 -63.93 31.50
C ASP C 162 1.02 -63.42 32.94
N THR C 163 -0.04 -62.76 33.42
CA THR C 163 -0.07 -62.21 34.77
C THR C 163 -0.71 -63.17 35.83
N GLY C 164 -1.03 -64.40 35.43
CA GLY C 164 -1.64 -65.36 36.35
C GLY C 164 -3.14 -65.49 36.18
N ASN C 165 -3.79 -66.19 37.11
CA ASN C 165 -5.22 -66.50 37.02
C ASN C 165 -6.17 -65.54 37.76
N ALA C 166 -5.66 -64.38 38.21
CA ALA C 166 -6.48 -63.42 38.94
C ALA C 166 -7.59 -62.72 38.14
N ILE C 167 -7.37 -62.43 36.85
CA ILE C 167 -8.37 -61.71 36.05
C ILE C 167 -9.54 -62.58 35.57
N GLU C 168 -9.27 -63.83 35.16
CA GLU C 168 -10.30 -64.70 34.58
C GLU C 168 -11.60 -64.81 35.41
N GLY C 169 -12.73 -64.45 34.78
CA GLY C 169 -14.06 -64.46 35.37
C GLY C 169 -14.36 -63.29 36.30
N ARG C 170 -13.39 -62.40 36.55
CA ARG C 170 -13.58 -61.27 37.46
C ARG C 170 -13.89 -59.96 36.76
N LYS C 171 -14.49 -59.01 37.47
CA LYS C 171 -14.68 -57.66 36.95
C LYS C 171 -13.30 -56.96 37.04
N VAL C 172 -12.96 -56.18 36.02
CA VAL C 172 -11.70 -55.46 35.99
C VAL C 172 -11.99 -53.96 35.88
N LEU C 173 -11.21 -53.13 36.57
CA LEU C 173 -11.33 -51.67 36.43
C LEU C 173 -9.95 -51.14 36.05
N ILE C 174 -9.86 -50.46 34.88
CA ILE C 174 -8.61 -49.87 34.42
C ILE C 174 -8.68 -48.36 34.57
N ALA C 175 -7.72 -47.78 35.26
CA ALA C 175 -7.68 -46.33 35.45
C ALA C 175 -6.53 -45.74 34.66
N SER C 176 -6.84 -44.72 33.84
CA SER C 176 -5.88 -43.96 33.02
C SER C 176 -5.94 -42.50 33.47
N PRO C 177 -4.83 -41.74 33.29
CA PRO C 177 -4.80 -40.36 33.77
C PRO C 177 -5.51 -39.32 32.91
N GLY C 178 -6.70 -39.61 32.41
CA GLY C 178 -7.47 -38.63 31.65
C GLY C 178 -8.05 -37.55 32.53
N ASP C 179 -8.69 -36.54 31.92
CA ASP C 179 -9.25 -35.40 32.67
C ASP C 179 -10.27 -35.85 33.70
N ASN C 180 -10.11 -35.38 34.95
CA ASN C 180 -10.98 -35.69 36.09
C ASN C 180 -11.04 -37.15 36.47
N HIS C 181 -9.98 -37.93 36.19
CA HIS C 181 -9.99 -39.36 36.51
C HIS C 181 -10.07 -39.63 38.00
N ARG C 182 -9.45 -38.77 38.82
CA ARG C 182 -9.45 -38.92 40.27
C ARG C 182 -10.86 -38.77 40.85
N SER C 183 -11.62 -37.75 40.42
CA SER C 183 -12.97 -37.57 40.90
C SER C 183 -13.91 -38.67 40.35
N ARG C 184 -13.61 -39.26 39.17
CA ARG C 184 -14.39 -40.38 38.66
C ARG C 184 -14.11 -41.62 39.52
N LEU C 185 -12.84 -41.84 39.90
CA LEU C 185 -12.49 -42.97 40.75
C LEU C 185 -13.17 -42.85 42.12
N LYS C 186 -13.32 -41.62 42.65
CA LYS C 186 -13.99 -41.37 43.90
C LYS C 186 -15.51 -41.65 43.78
N GLU C 187 -16.12 -41.35 42.62
CA GLU C 187 -17.54 -41.65 42.41
C GLU C 187 -17.77 -43.17 42.37
N LEU C 188 -16.74 -43.94 41.97
CA LEU C 188 -16.77 -45.39 41.88
C LEU C 188 -16.35 -46.10 43.17
N ARG C 189 -16.26 -45.37 44.32
CA ARG C 189 -15.86 -45.97 45.58
C ARG C 189 -16.80 -47.12 46.03
N SER C 190 -18.13 -46.91 45.96
CA SER C 190 -19.10 -47.94 46.33
C SER C 190 -19.01 -49.13 45.39
N PHE C 191 -18.81 -48.89 44.08
CA PHE C 191 -18.68 -49.95 43.10
C PHE C 191 -17.46 -50.83 43.44
N ILE C 192 -16.31 -50.21 43.72
CA ILE C 192 -15.08 -50.94 44.01
C ILE C 192 -15.23 -51.77 45.30
N ARG C 193 -15.86 -51.19 46.32
CA ARG C 193 -16.06 -51.86 47.60
C ARG C 193 -17.02 -53.04 47.46
N GLU C 194 -18.11 -52.84 46.72
CA GLU C 194 -19.15 -53.85 46.56
C GLU C 194 -18.79 -54.99 45.61
N TYR C 195 -18.05 -54.70 44.54
CA TYR C 195 -17.74 -55.72 43.54
C TYR C 195 -16.29 -56.22 43.56
N ASP C 196 -15.41 -55.59 44.34
CA ASP C 196 -14.00 -55.96 44.44
C ASP C 196 -13.32 -56.25 43.07
N PRO C 197 -13.37 -55.32 42.11
CA PRO C 197 -12.73 -55.60 40.81
C PRO C 197 -11.21 -55.67 40.88
N VAL C 198 -10.58 -56.32 39.89
CA VAL C 198 -9.12 -56.34 39.77
C VAL C 198 -8.75 -54.95 39.26
N LEU C 199 -7.89 -54.24 39.99
CA LEU C 199 -7.51 -52.86 39.60
C LEU C 199 -6.23 -52.82 38.78
N ILE C 200 -6.25 -52.07 37.68
CA ILE C 200 -5.08 -51.88 36.83
C ILE C 200 -4.85 -50.40 36.73
N GLY C 201 -3.69 -49.93 37.16
CA GLY C 201 -3.36 -48.51 37.07
C GLY C 201 -2.47 -48.26 35.88
N VAL C 202 -2.81 -47.28 35.04
CA VAL C 202 -2.01 -46.97 33.85
C VAL C 202 -1.31 -45.63 34.04
N ASP C 203 0.03 -45.59 33.80
CA ASP C 203 0.81 -44.35 33.91
C ASP C 203 0.56 -43.64 35.29
N GLY C 204 0.33 -42.33 35.29
CA GLY C 204 0.09 -41.56 36.52
C GLY C 204 -1.15 -41.96 37.28
N ALA C 205 -2.11 -42.66 36.67
CA ALA C 205 -3.31 -43.11 37.40
C ALA C 205 -3.00 -44.29 38.36
N ALA C 206 -1.81 -44.93 38.24
CA ALA C 206 -1.36 -45.92 39.20
C ALA C 206 -1.04 -45.19 40.52
N ASP C 207 -0.49 -43.95 40.44
CA ASP C 207 -0.22 -43.10 41.59
C ASP C 207 -1.54 -42.74 42.24
N THR C 208 -2.56 -42.34 41.44
CA THR C 208 -3.88 -41.97 41.92
C THR C 208 -4.51 -43.11 42.69
N LEU C 209 -4.47 -44.35 42.16
CA LEU C 209 -5.06 -45.51 42.83
C LEU C 209 -4.43 -45.74 44.19
N VAL C 210 -3.10 -45.70 44.27
CA VAL C 210 -2.34 -45.87 45.51
C VAL C 210 -2.59 -44.71 46.50
N GLU C 211 -2.71 -43.47 46.01
CA GLU C 211 -3.03 -42.30 46.84
C GLU C 211 -4.46 -42.36 47.39
N LEU C 212 -5.40 -43.00 46.66
CA LEU C 212 -6.77 -43.22 47.12
C LEU C 212 -6.89 -44.38 48.14
N GLY C 213 -5.79 -45.09 48.41
CA GLY C 213 -5.75 -46.19 49.36
C GLY C 213 -5.88 -47.56 48.74
N TYR C 214 -5.77 -47.67 47.42
CA TYR C 214 -5.91 -48.97 46.74
C TYR C 214 -4.57 -49.66 46.50
N LYS C 215 -4.63 -50.95 46.29
CA LYS C 215 -3.48 -51.78 45.98
C LYS C 215 -3.77 -52.37 44.61
N PRO C 216 -3.42 -51.67 43.51
CA PRO C 216 -3.69 -52.24 42.18
C PRO C 216 -2.95 -53.56 41.97
N ALA C 217 -3.58 -54.52 41.30
CA ALA C 217 -2.94 -55.79 41.01
C ALA C 217 -1.84 -55.59 39.95
N LEU C 218 -2.10 -54.71 38.96
CA LEU C 218 -1.19 -54.46 37.86
C LEU C 218 -1.00 -52.98 37.64
N ILE C 219 0.20 -52.62 37.20
CA ILE C 219 0.53 -51.28 36.81
C ILE C 219 1.10 -51.36 35.41
N VAL C 220 0.54 -50.59 34.45
CA VAL C 220 1.02 -50.62 33.08
C VAL C 220 1.55 -49.24 32.67
N GLY C 221 2.76 -49.22 32.16
CA GLY C 221 3.35 -47.99 31.65
C GLY C 221 4.82 -47.83 31.86
N ASN C 222 5.37 -46.79 31.24
CA ASN C 222 6.77 -46.40 31.36
C ASN C 222 6.99 -45.96 32.82
N PRO C 223 7.83 -46.72 33.56
CA PRO C 223 8.07 -46.37 34.97
C PRO C 223 8.63 -44.97 35.20
N THR C 224 9.19 -44.32 34.15
CA THR C 224 9.71 -42.96 34.24
C THR C 224 8.60 -41.98 34.67
N GLY C 225 7.35 -42.25 34.28
CA GLY C 225 6.25 -41.37 34.65
C GLY C 225 5.36 -41.89 35.77
N ILE C 226 5.84 -42.88 36.53
CA ILE C 226 5.09 -43.46 37.63
C ILE C 226 5.89 -43.26 38.94
N GLY C 227 5.21 -42.94 40.03
CA GLY C 227 5.84 -42.73 41.32
C GLY C 227 6.38 -44.00 41.94
N ALA C 228 7.40 -43.86 42.81
CA ALA C 228 8.06 -44.98 43.46
C ALA C 228 7.13 -45.71 44.41
N ASP C 229 6.25 -44.99 45.10
CA ASP C 229 5.25 -45.61 45.98
C ASP C 229 4.31 -46.54 45.24
N ALA C 230 3.85 -46.16 44.04
CA ALA C 230 2.99 -47.03 43.24
C ALA C 230 3.80 -48.22 42.71
N LEU C 231 5.02 -47.97 42.20
CA LEU C 231 5.85 -49.06 41.67
C LEU C 231 6.25 -50.09 42.74
N ARG C 232 6.42 -49.68 44.00
CA ARG C 232 6.75 -50.60 45.08
C ARG C 232 5.54 -51.09 45.89
N SER C 233 4.31 -50.78 45.48
CA SER C 233 3.11 -51.13 46.22
C SER C 233 2.78 -52.63 46.28
N GLY C 234 3.44 -53.45 45.48
CA GLY C 234 3.13 -54.88 45.43
C GLY C 234 2.53 -55.31 44.11
N ALA C 235 2.14 -54.35 43.25
CA ALA C 235 1.58 -54.62 41.93
C ALA C 235 2.63 -55.26 41.02
N ASN C 236 2.17 -56.02 40.04
CA ASN C 236 3.04 -56.54 39.01
C ASN C 236 3.16 -55.40 37.99
N VAL C 237 4.39 -54.98 37.68
CA VAL C 237 4.61 -53.85 36.76
C VAL C 237 4.83 -54.34 35.34
N ILE C 238 4.02 -53.85 34.38
CA ILE C 238 4.07 -54.21 32.98
C ILE C 238 4.68 -53.08 32.19
N LEU C 239 5.82 -53.34 31.59
CA LEU C 239 6.58 -52.37 30.85
C LEU C 239 6.34 -52.44 29.37
N PRO C 240 5.87 -51.37 28.72
CA PRO C 240 5.74 -51.39 27.26
C PRO C 240 7.12 -51.58 26.61
N ALA C 241 7.21 -52.40 25.56
CA ALA C 241 8.48 -52.64 24.91
C ALA C 241 8.34 -52.56 23.39
N ASP C 242 9.45 -52.34 22.68
CA ASP C 242 9.46 -52.33 21.22
C ASP C 242 9.17 -53.79 20.76
N PRO C 243 8.76 -54.03 19.48
CA PRO C 243 8.56 -55.43 19.05
C PRO C 243 9.79 -56.33 19.28
N ASP C 244 11.01 -55.73 19.31
CA ASP C 244 12.28 -56.44 19.56
C ASP C 244 12.49 -56.85 21.05
N GLY C 245 11.68 -56.29 21.96
CA GLY C 245 11.76 -56.60 23.39
C GLY C 245 12.39 -55.53 24.25
N HIS C 246 12.91 -54.44 23.65
CA HIS C 246 13.53 -53.36 24.42
C HIS C 246 12.51 -52.53 25.18
N ALA C 247 12.60 -52.53 26.52
CA ALA C 247 11.69 -51.79 27.39
C ALA C 247 12.32 -50.53 28.01
N VAL C 248 11.72 -49.36 27.73
CA VAL C 248 12.18 -48.09 28.32
C VAL C 248 11.74 -48.04 29.77
N GLY C 249 12.63 -47.58 30.64
CA GLY C 249 12.34 -47.50 32.07
C GLY C 249 12.92 -48.66 32.85
N LEU C 250 13.69 -49.57 32.19
CA LEU C 250 14.33 -50.73 32.83
C LEU C 250 15.31 -50.31 33.92
N GLU C 251 16.11 -49.26 33.70
CA GLU C 251 17.06 -48.77 34.68
C GLU C 251 16.33 -48.33 35.97
N ARG C 252 15.17 -47.67 35.83
CA ARG C 252 14.39 -47.26 36.98
C ARG C 252 13.88 -48.48 37.77
N ILE C 253 13.41 -49.53 37.09
CA ILE C 253 12.93 -50.77 37.71
C ILE C 253 14.06 -51.41 38.51
N GLN C 254 15.26 -51.44 37.93
CA GLN C 254 16.45 -52.00 38.56
C GLN C 254 16.92 -51.18 39.77
N ASP C 255 16.77 -49.84 39.71
CA ASP C 255 17.11 -48.95 40.83
C ASP C 255 16.15 -49.18 42.00
N LEU C 256 14.87 -49.43 41.71
CA LEU C 256 13.84 -49.67 42.72
C LEU C 256 13.89 -51.08 43.31
N GLY C 257 14.57 -52.02 42.64
CA GLY C 257 14.69 -53.40 43.10
C GLY C 257 13.38 -54.18 43.03
N ILE C 258 12.56 -53.90 42.02
CA ILE C 258 11.26 -54.55 41.88
C ILE C 258 11.19 -55.48 40.65
N GLY C 259 10.19 -56.37 40.64
CA GLY C 259 9.95 -57.27 39.53
C GLY C 259 9.05 -56.65 38.49
N ALA C 260 9.31 -56.94 37.22
CA ALA C 260 8.52 -56.42 36.12
C ALA C 260 8.45 -57.40 34.94
N MET C 261 7.36 -57.33 34.15
CA MET C 261 7.18 -58.10 32.91
C MET C 261 7.18 -57.10 31.75
N THR C 262 7.49 -57.54 30.53
CA THR C 262 7.47 -56.65 29.38
C THR C 262 6.33 -57.01 28.44
N PHE C 263 5.82 -56.02 27.71
CA PHE C 263 4.76 -56.23 26.74
C PHE C 263 5.28 -55.66 25.42
N PRO C 264 6.01 -56.48 24.64
CA PRO C 264 6.53 -56.00 23.34
C PRO C 264 5.40 -55.84 22.33
N SER C 265 5.35 -54.70 21.66
CA SER C 265 4.30 -54.43 20.67
C SER C 265 4.59 -53.16 19.84
N SER C 266 3.73 -52.90 18.85
CA SER C 266 3.80 -51.67 18.08
C SER C 266 2.69 -50.67 18.53
N VAL C 267 2.00 -50.94 19.66
CA VAL C 267 0.93 -50.08 20.18
C VAL C 267 1.58 -49.05 21.10
N ASN C 268 1.33 -47.75 20.85
CA ASN C 268 2.00 -46.71 21.63
C ASN C 268 1.32 -46.38 22.95
N SER C 269 -0.01 -46.46 22.99
CA SER C 269 -0.75 -46.15 24.20
C SER C 269 -0.71 -47.25 25.26
N SER C 270 -0.35 -46.88 26.50
CA SER C 270 -0.36 -47.82 27.63
C SER C 270 -1.80 -48.16 28.05
N THR C 271 -2.78 -47.30 27.75
CA THR C 271 -4.17 -47.57 28.05
C THR C 271 -4.64 -48.71 27.13
N ASP C 272 -4.28 -48.67 25.83
CA ASP C 272 -4.63 -49.72 24.88
C ASP C 272 -3.95 -51.03 25.27
N LEU C 273 -2.68 -50.96 25.73
CA LEU C 273 -1.97 -52.16 26.18
C LEU C 273 -2.70 -52.78 27.38
N ALA C 274 -3.09 -51.97 28.36
CA ALA C 274 -3.80 -52.45 29.55
C ALA C 274 -5.14 -53.08 29.19
N LEU C 275 -5.88 -52.48 28.24
CA LEU C 275 -7.17 -52.99 27.76
C LEU C 275 -7.00 -54.31 27.04
N LEU C 276 -5.96 -54.45 26.19
CA LEU C 276 -5.69 -55.69 25.46
C LEU C 276 -5.23 -56.80 26.41
N LEU C 277 -4.42 -56.44 27.42
CA LEU C 277 -3.94 -57.38 28.42
C LEU C 277 -5.12 -57.92 29.23
N ALA C 278 -6.00 -57.04 29.75
CA ALA C 278 -7.15 -57.46 30.53
C ALA C 278 -8.08 -58.37 29.72
N ASP C 279 -8.37 -58.01 28.46
CA ASP C 279 -9.24 -58.76 27.59
C ASP C 279 -8.68 -60.17 27.33
N PHE C 280 -7.38 -60.28 27.13
CA PHE C 280 -6.73 -61.55 26.88
C PHE C 280 -6.87 -62.53 28.04
N HIS C 281 -6.97 -62.02 29.28
CA HIS C 281 -7.12 -62.86 30.45
C HIS C 281 -8.59 -63.25 30.75
N ASN C 282 -9.51 -63.02 29.80
CA ASN C 282 -10.91 -63.41 29.87
C ASN C 282 -11.66 -62.93 31.12
N PRO C 283 -11.81 -61.61 31.30
CA PRO C 283 -12.56 -61.11 32.48
C PRO C 283 -14.08 -61.16 32.24
N GLN C 284 -14.87 -60.89 33.28
CA GLN C 284 -16.32 -60.82 33.16
C GLN C 284 -16.69 -59.50 32.48
N MET C 285 -16.03 -58.40 32.87
CA MET C 285 -16.24 -57.09 32.32
C MET C 285 -14.99 -56.22 32.53
N ILE C 286 -14.85 -55.14 31.73
CA ILE C 286 -13.77 -54.18 31.85
C ILE C 286 -14.37 -52.77 31.98
N VAL C 287 -14.20 -52.14 33.13
CA VAL C 287 -14.63 -50.77 33.39
C VAL C 287 -13.45 -49.85 33.05
N ASN C 288 -13.59 -49.07 31.99
CA ASN C 288 -12.53 -48.18 31.51
C ASN C 288 -12.74 -46.77 32.08
N VAL C 289 -11.87 -46.34 33.00
CA VAL C 289 -11.96 -45.03 33.65
C VAL C 289 -10.82 -44.11 33.18
N GLY C 290 -11.14 -42.91 32.72
CA GLY C 290 -10.13 -41.93 32.30
C GLY C 290 -9.48 -42.15 30.95
N GLY C 291 -10.03 -43.03 30.12
CA GLY C 291 -9.48 -43.26 28.79
C GLY C 291 -10.52 -43.40 27.69
N PRO C 292 -11.40 -42.39 27.47
CA PRO C 292 -12.42 -42.53 26.42
C PRO C 292 -11.89 -42.26 25.02
N VAL C 293 -12.30 -43.06 24.05
CA VAL C 293 -11.92 -42.90 22.64
C VAL C 293 -13.21 -43.16 21.86
N THR C 294 -13.64 -42.20 21.02
CA THR C 294 -14.89 -42.34 20.30
C THR C 294 -14.76 -42.09 18.79
N LEU C 295 -15.79 -42.49 18.00
CA LEU C 295 -15.79 -42.25 16.56
C LEU C 295 -15.81 -40.76 16.29
N ASP C 296 -16.64 -40.00 17.01
CA ASP C 296 -16.73 -38.55 16.85
C ASP C 296 -15.40 -37.87 17.08
N GLY C 297 -14.60 -38.39 18.01
CA GLY C 297 -13.25 -37.89 18.26
C GLY C 297 -12.36 -38.08 17.05
N VAL C 298 -12.53 -39.19 16.30
CA VAL C 298 -11.78 -39.48 15.07
C VAL C 298 -12.21 -38.50 13.96
N PHE C 299 -13.50 -38.31 13.80
CA PHE C 299 -14.05 -37.40 12.78
C PHE C 299 -13.64 -35.95 13.03
N GLU C 300 -13.58 -35.54 14.30
CA GLU C 300 -13.25 -34.16 14.62
C GLU C 300 -11.73 -33.91 14.76
N ASN C 301 -10.88 -34.95 14.66
CA ASN C 301 -9.44 -34.78 14.74
C ASN C 301 -8.80 -34.39 13.41
N ARG C 302 -8.24 -33.17 13.31
CA ARG C 302 -7.55 -32.74 12.08
C ARG C 302 -6.24 -33.53 11.85
N GLU C 303 -5.59 -33.98 12.94
CA GLU C 303 -4.38 -34.78 12.91
C GLU C 303 -4.73 -36.28 12.87
N ASP C 304 -3.81 -37.10 12.34
CA ASP C 304 -3.99 -38.55 12.24
C ASP C 304 -4.37 -39.20 13.58
N SER C 305 -5.51 -39.90 13.62
CA SER C 305 -5.94 -40.60 14.83
C SER C 305 -5.36 -42.01 14.83
N ASP C 306 -5.05 -42.55 16.02
CA ASP C 306 -4.49 -43.89 16.10
C ASP C 306 -5.59 -44.93 15.88
N PRO C 307 -5.47 -45.73 14.80
CA PRO C 307 -6.45 -46.79 14.56
C PRO C 307 -6.43 -47.86 15.65
N ALA C 308 -5.28 -48.05 16.33
CA ALA C 308 -5.13 -49.00 17.42
C ALA C 308 -6.02 -48.67 18.60
N ALA C 309 -6.29 -47.38 18.85
CA ALA C 309 -7.14 -46.99 19.97
C ALA C 309 -8.59 -47.41 19.77
N LEU C 310 -9.17 -47.15 18.60
CA LEU C 310 -10.53 -47.56 18.30
C LEU C 310 -10.64 -49.05 18.03
N LEU C 311 -9.59 -49.68 17.44
CA LEU C 311 -9.59 -51.13 17.22
C LEU C 311 -9.58 -51.84 18.58
N THR C 312 -8.89 -51.29 19.59
CA THR C 312 -8.84 -51.89 20.93
C THR C 312 -10.23 -51.88 21.55
N ARG C 313 -10.97 -50.76 21.42
CA ARG C 313 -12.32 -50.67 21.97
C ARG C 313 -13.23 -51.70 21.30
N ALA C 314 -13.09 -51.87 19.99
CA ALA C 314 -13.89 -52.82 19.21
C ALA C 314 -13.52 -54.27 19.52
N LYS C 315 -12.23 -54.53 19.78
CA LYS C 315 -11.69 -55.84 20.15
C LYS C 315 -12.31 -56.32 21.48
N LEU C 316 -12.38 -55.43 22.48
CA LEU C 316 -13.00 -55.75 23.78
C LEU C 316 -14.50 -56.03 23.66
N GLY C 317 -15.14 -55.47 22.64
CA GLY C 317 -16.54 -55.70 22.33
C GLY C 317 -17.50 -55.38 23.46
N THR C 318 -18.40 -56.35 23.75
CA THR C 318 -19.44 -56.22 24.74
C THR C 318 -18.94 -56.22 26.18
N LYS C 319 -17.67 -56.58 26.45
CA LYS C 319 -17.16 -56.55 27.84
C LYS C 319 -16.78 -55.14 28.33
N LEU C 320 -16.58 -54.18 27.39
CA LEU C 320 -16.20 -52.83 27.69
C LEU C 320 -17.36 -51.92 28.16
N VAL C 321 -17.14 -51.21 29.27
CA VAL C 321 -18.10 -50.25 29.79
C VAL C 321 -17.28 -49.05 30.32
N ASP C 322 -17.70 -47.83 29.99
CA ASP C 322 -17.04 -46.64 30.46
C ASP C 322 -17.37 -46.44 31.94
N GLY C 323 -16.43 -45.87 32.69
CA GLY C 323 -16.61 -45.58 34.10
C GLY C 323 -17.77 -44.65 34.37
N SER C 324 -18.08 -43.77 33.41
CA SER C 324 -19.21 -42.85 33.57
C SER C 324 -20.54 -43.59 33.55
N VAL C 325 -20.65 -44.70 32.78
CA VAL C 325 -21.90 -45.47 32.76
C VAL C 325 -22.13 -46.11 34.13
N ILE C 326 -21.09 -46.72 34.70
CA ILE C 326 -21.15 -47.34 36.03
C ILE C 326 -21.44 -46.30 37.09
N ALA C 327 -20.75 -45.14 37.05
CA ALA C 327 -20.98 -44.08 38.04
C ALA C 327 -22.41 -43.52 38.00
N SER C 328 -23.05 -43.48 36.82
CA SER C 328 -24.42 -43.01 36.70
C SER C 328 -25.44 -43.93 37.43
N LEU C 329 -25.06 -45.18 37.74
CA LEU C 329 -25.92 -46.08 38.50
C LEU C 329 -25.93 -45.70 40.01
N TYR C 330 -24.96 -44.88 40.47
CA TYR C 330 -24.82 -44.46 41.84
C TYR C 330 -25.27 -43.01 42.09
N THR C 331 -25.45 -42.20 41.03
CA THR C 331 -25.92 -40.82 41.12
C THR C 331 -27.31 -40.69 41.80
N LEU D 5 11.11 -1.10 -64.04
CA LEU D 5 10.34 -2.31 -64.38
C LEU D 5 10.70 -3.49 -63.49
N GLN D 6 12.01 -3.77 -63.30
CA GLN D 6 12.47 -4.89 -62.48
C GLN D 6 13.63 -4.50 -61.58
N GLY D 7 13.56 -4.89 -60.32
CA GLY D 7 14.61 -4.60 -59.36
C GLY D 7 14.40 -5.29 -58.03
N ALA D 8 15.42 -5.33 -57.18
CA ALA D 8 15.33 -5.96 -55.86
C ALA D 8 14.41 -5.16 -54.92
N THR D 9 13.50 -5.86 -54.23
CA THR D 9 12.57 -5.21 -53.32
C THR D 9 13.19 -5.04 -51.92
N ARG D 10 13.48 -3.79 -51.52
CA ARG D 10 14.12 -3.54 -50.23
C ARG D 10 13.25 -2.70 -49.30
N ILE D 11 12.99 -3.20 -48.09
CA ILE D 11 12.20 -2.48 -47.09
C ILE D 11 13.04 -1.37 -46.45
N CYS D 12 12.55 -0.13 -46.54
CA CYS D 12 13.25 1.03 -46.01
C CYS D 12 12.47 1.80 -44.96
N THR D 13 13.16 2.21 -43.89
CA THR D 13 12.58 3.02 -42.83
C THR D 13 13.37 4.35 -42.72
N PRO D 14 12.72 5.46 -42.30
CA PRO D 14 13.46 6.73 -42.18
C PRO D 14 14.62 6.70 -41.19
N GLN D 15 14.61 5.74 -40.26
CA GLN D 15 15.62 5.56 -39.23
C GLN D 15 16.94 4.93 -39.73
N GLY D 16 16.95 4.43 -40.96
CA GLY D 16 18.17 3.86 -41.54
C GLY D 16 18.13 2.37 -41.75
N LYS D 17 16.95 1.85 -42.04
CA LYS D 17 16.79 0.42 -42.32
C LYS D 17 16.66 0.29 -43.83
N GLY D 18 17.47 -0.58 -44.42
CA GLY D 18 17.45 -0.81 -45.87
C GLY D 18 18.08 0.27 -46.73
N LEU D 19 18.09 1.53 -46.26
CA LEU D 19 18.70 2.63 -47.01
C LEU D 19 20.19 2.42 -47.30
N LYS D 20 20.83 1.67 -46.41
CA LYS D 20 22.22 1.28 -46.43
C LYS D 20 22.52 0.29 -47.58
N ARG D 21 21.57 -0.58 -47.92
CA ARG D 21 21.72 -1.57 -48.99
C ARG D 21 20.89 -1.27 -50.26
N LEU D 22 20.14 -0.14 -50.28
CA LEU D 22 19.35 0.29 -51.42
C LEU D 22 20.30 0.68 -52.56
N SER D 23 20.26 -0.07 -53.66
CA SER D 23 21.10 0.15 -54.82
C SER D 23 20.35 0.82 -55.98
N GLU D 24 21.10 1.28 -57.00
CA GLU D 24 20.56 1.93 -58.18
C GLU D 24 19.69 1.00 -59.02
N GLY D 25 18.44 1.40 -59.24
CA GLY D 25 17.51 0.66 -60.08
C GLY D 25 16.68 -0.41 -59.40
N ASP D 26 16.75 -0.49 -58.06
CA ASP D 26 15.95 -1.49 -57.34
C ASP D 26 14.69 -0.87 -56.73
N LEU D 27 13.69 -1.69 -56.44
CA LEU D 27 12.43 -1.20 -55.87
C LEU D 27 12.55 -0.92 -54.37
N ALA D 28 11.94 0.18 -53.91
CA ALA D 28 12.02 0.54 -52.49
C ALA D 28 10.67 0.49 -51.80
N ILE D 29 10.49 -0.47 -50.88
CA ILE D 29 9.23 -0.60 -50.14
C ILE D 29 9.26 0.25 -48.85
N ILE D 30 8.42 1.29 -48.78
CA ILE D 30 8.35 2.15 -47.61
C ILE D 30 6.92 2.24 -47.04
N ASP D 31 6.81 2.68 -45.78
CA ASP D 31 5.55 2.95 -45.11
C ASP D 31 5.74 4.36 -44.56
N ALA D 32 5.58 5.35 -45.43
CA ALA D 32 5.80 6.73 -45.05
C ALA D 32 4.70 7.68 -45.48
N PRO D 33 3.64 7.78 -44.67
CA PRO D 33 2.60 8.79 -44.97
C PRO D 33 3.19 10.19 -44.77
N ASP D 34 2.91 11.13 -45.67
CA ASP D 34 3.45 12.48 -45.59
C ASP D 34 4.98 12.47 -45.56
N LEU D 35 5.57 11.77 -46.56
CA LEU D 35 7.02 11.58 -46.75
C LEU D 35 7.83 12.85 -46.46
N SER D 36 8.78 12.74 -45.53
CA SER D 36 9.61 13.88 -45.14
C SER D 36 10.67 14.20 -46.19
N ARG D 37 11.15 15.44 -46.23
CA ARG D 37 12.16 15.88 -47.18
C ARG D 37 13.47 15.13 -46.95
N THR D 38 13.82 14.89 -45.67
CA THR D 38 15.03 14.15 -45.31
C THR D 38 15.00 12.72 -45.83
N PHE D 39 13.89 12.00 -45.64
CA PHE D 39 13.76 10.63 -46.13
C PHE D 39 13.73 10.62 -47.67
N ALA D 40 13.06 11.60 -48.30
CA ALA D 40 13.01 11.70 -49.76
C ALA D 40 14.40 11.96 -50.34
N GLN D 41 15.24 12.73 -49.63
CA GLN D 41 16.61 13.05 -50.04
C GLN D 41 17.50 11.80 -49.98
N ARG D 42 17.32 10.97 -48.93
CA ARG D 42 18.09 9.74 -48.77
C ARG D 42 17.67 8.71 -49.81
N LEU D 43 16.37 8.63 -50.13
CA LEU D 43 15.85 7.73 -51.15
C LEU D 43 16.38 8.18 -52.52
N LEU D 44 16.35 9.49 -52.80
CA LEU D 44 16.84 10.07 -54.06
C LEU D 44 18.33 9.78 -54.29
N ALA D 45 19.15 9.86 -53.23
CA ALA D 45 20.59 9.60 -53.34
C ALA D 45 20.91 8.15 -53.70
N ALA D 46 20.04 7.21 -53.28
CA ALA D 46 20.22 5.79 -53.59
C ALA D 46 19.91 5.45 -55.06
N LYS D 47 19.19 6.34 -55.77
CA LYS D 47 18.77 6.19 -57.16
C LYS D 47 17.91 4.95 -57.43
N PRO D 48 16.84 4.70 -56.65
CA PRO D 48 15.98 3.54 -56.95
C PRO D 48 15.15 3.80 -58.21
N ALA D 49 14.71 2.74 -58.89
CA ALA D 49 13.86 2.87 -60.07
C ALA D 49 12.44 3.28 -59.64
N ALA D 50 11.99 2.83 -58.46
CA ALA D 50 10.67 3.14 -57.96
C ALA D 50 10.62 3.14 -56.43
N VAL D 51 9.67 3.90 -55.87
CA VAL D 51 9.42 3.91 -54.43
C VAL D 51 7.94 3.54 -54.26
N LEU D 52 7.68 2.47 -53.53
CA LEU D 52 6.33 1.96 -53.30
C LEU D 52 5.96 2.31 -51.87
N ASN D 53 4.76 2.89 -51.67
CA ASN D 53 4.34 3.31 -50.34
C ASN D 53 3.11 2.56 -49.85
N VAL D 54 3.17 2.08 -48.62
CA VAL D 54 2.06 1.40 -47.94
C VAL D 54 0.91 2.42 -47.76
N SER D 55 1.27 3.64 -47.33
CA SER D 55 0.38 4.78 -47.12
C SER D 55 0.42 5.74 -48.35
N ARG D 56 -0.15 6.96 -48.24
CA ARG D 56 -0.13 7.95 -49.30
C ARG D 56 1.06 8.90 -49.08
N PHE D 57 1.74 9.31 -50.16
CA PHE D 57 2.90 10.20 -50.08
C PHE D 57 2.51 11.57 -49.50
N THR D 58 1.32 12.07 -49.85
CA THR D 58 0.75 13.31 -49.35
C THR D 58 -0.67 12.98 -48.88
N THR D 59 -0.90 12.94 -47.57
CA THR D 59 -2.21 12.60 -47.04
C THR D 59 -3.23 13.75 -47.15
N GLY D 60 -2.75 14.98 -47.33
CA GLY D 60 -3.63 16.12 -47.48
C GLY D 60 -3.59 17.13 -46.36
N SER D 61 -2.96 16.80 -45.22
CA SER D 61 -2.92 17.75 -44.11
C SER D 61 -1.80 18.79 -44.27
N VAL D 62 -0.62 18.39 -44.79
CA VAL D 62 0.49 19.33 -44.92
C VAL D 62 1.11 19.32 -46.32
N PRO D 63 1.56 20.49 -46.80
CA PRO D 63 2.25 20.52 -48.10
C PRO D 63 3.70 20.00 -48.01
N ASN D 64 3.92 18.72 -48.33
CA ASN D 64 5.26 18.11 -48.29
C ASN D 64 5.83 17.94 -49.71
N PHE D 65 7.01 18.52 -49.96
CA PHE D 65 7.65 18.51 -51.27
C PHE D 65 8.39 17.22 -51.63
N GLY D 66 8.71 16.40 -50.62
CA GLY D 66 9.38 15.12 -50.80
C GLY D 66 8.97 14.27 -51.99
N PRO D 67 7.67 13.94 -52.16
CA PRO D 67 7.26 13.15 -53.34
C PRO D 67 7.61 13.79 -54.68
N GLN D 68 7.52 15.14 -54.79
CA GLN D 68 7.90 15.83 -56.02
C GLN D 68 9.42 15.71 -56.26
N MET D 69 10.22 15.73 -55.18
CA MET D 69 11.68 15.56 -55.24
C MET D 69 12.06 14.23 -55.88
N LEU D 70 11.28 13.17 -55.62
CA LEU D 70 11.53 11.85 -56.16
C LEU D 70 11.12 11.81 -57.63
N ILE D 71 9.96 12.38 -57.98
CA ILE D 71 9.45 12.41 -59.35
C ILE D 71 10.37 13.23 -60.27
N ASP D 72 10.88 14.38 -59.83
CA ASP D 72 11.82 15.15 -60.66
C ASP D 72 13.17 14.41 -60.87
N GLY D 73 13.49 13.47 -59.96
CA GLY D 73 14.66 12.62 -60.06
C GLY D 73 14.48 11.40 -60.96
N GLY D 74 13.30 11.26 -61.55
CA GLY D 74 12.98 10.17 -62.47
C GLY D 74 12.59 8.88 -61.80
N ILE D 75 12.09 8.96 -60.56
CA ILE D 75 11.70 7.78 -59.80
C ILE D 75 10.17 7.57 -59.93
N GLN D 76 9.75 6.31 -60.19
CA GLN D 76 8.32 6.02 -60.29
C GLN D 76 7.72 5.91 -58.89
N LEU D 77 6.58 6.56 -58.64
CA LEU D 77 5.95 6.51 -57.32
C LEU D 77 4.60 5.83 -57.36
N VAL D 78 4.42 4.79 -56.55
CA VAL D 78 3.15 4.07 -56.45
C VAL D 78 2.79 4.02 -54.96
N GLU D 79 1.55 4.34 -54.60
CA GLU D 79 1.14 4.45 -53.21
C GLU D 79 -0.17 3.72 -52.84
N GLY D 80 -0.49 3.68 -51.55
CA GLY D 80 -1.72 3.10 -51.04
C GLY D 80 -1.82 1.60 -51.19
N PHE D 81 -0.70 0.89 -51.00
CA PHE D 81 -0.69 -0.57 -51.12
C PHE D 81 -1.32 -1.26 -49.91
N GLY D 82 -1.13 -0.69 -48.73
CA GLY D 82 -1.62 -1.27 -47.50
C GLY D 82 -0.64 -2.22 -46.86
N GLN D 83 -1.02 -2.82 -45.72
CA GLN D 83 -0.18 -3.75 -44.98
C GLN D 83 0.27 -4.98 -45.79
N GLU D 84 -0.53 -5.42 -46.77
CA GLU D 84 -0.15 -6.58 -47.60
C GLU D 84 1.16 -6.39 -48.37
N LEU D 85 1.59 -5.14 -48.59
CA LEU D 85 2.86 -4.86 -49.27
C LEU D 85 4.02 -5.24 -48.35
N LEU D 86 3.93 -4.89 -47.05
CA LEU D 86 4.95 -5.23 -46.06
C LEU D 86 4.93 -6.73 -45.72
N ASP D 87 3.74 -7.34 -45.70
CA ASP D 87 3.57 -8.75 -45.39
C ASP D 87 3.99 -9.69 -46.53
N GLY D 88 3.94 -9.22 -47.77
CA GLY D 88 4.29 -10.03 -48.93
C GLY D 88 5.65 -9.76 -49.56
N THR D 89 6.42 -8.82 -48.97
CA THR D 89 7.74 -8.47 -49.48
C THR D 89 8.85 -9.40 -48.96
N LYS D 90 9.80 -9.73 -49.83
CA LYS D 90 10.96 -10.53 -49.49
C LYS D 90 12.17 -9.65 -49.83
N ASP D 91 12.96 -9.25 -48.82
CA ASP D 91 14.11 -8.37 -49.00
C ASP D 91 15.17 -8.90 -49.96
N GLY D 92 15.44 -8.13 -51.02
CA GLY D 92 16.41 -8.50 -52.04
C GLY D 92 15.88 -9.33 -53.19
N LYS D 93 14.60 -9.75 -53.13
CA LYS D 93 14.01 -10.56 -54.19
C LYS D 93 13.64 -9.68 -55.37
N LYS D 94 13.96 -10.13 -56.59
CA LYS D 94 13.68 -9.36 -57.81
C LYS D 94 12.19 -9.28 -58.12
N GLY D 95 11.63 -8.09 -57.92
CA GLY D 95 10.22 -7.83 -58.20
C GLY D 95 9.99 -7.15 -59.54
N ARG D 96 8.72 -7.04 -59.94
CA ARG D 96 8.34 -6.41 -61.20
C ARG D 96 7.17 -5.46 -60.98
N LEU D 97 7.34 -4.19 -61.30
CA LEU D 97 6.29 -3.18 -61.12
C LEU D 97 5.78 -2.69 -62.46
N THR D 98 4.50 -2.95 -62.77
CA THR D 98 3.91 -2.52 -64.03
C THR D 98 3.56 -1.02 -64.05
N GLU D 99 3.30 -0.44 -65.23
CA GLU D 99 2.91 0.97 -65.35
C GLU D 99 1.56 1.28 -64.67
N ASP D 100 0.73 0.25 -64.43
CA ASP D 100 -0.55 0.35 -63.73
C ASP D 100 -0.42 0.27 -62.19
N GLY D 101 0.79 0.07 -61.68
CA GLY D 101 1.02 0.02 -60.23
C GLY D 101 0.88 -1.34 -59.58
N GLN D 102 1.05 -2.43 -60.35
CA GLN D 102 0.96 -3.77 -59.79
C GLN D 102 2.35 -4.34 -59.50
N LEU D 103 2.54 -4.95 -58.32
CA LEU D 103 3.82 -5.54 -57.96
C LEU D 103 3.73 -7.06 -58.05
N PHE D 104 4.66 -7.68 -58.80
CA PHE D 104 4.69 -9.12 -59.01
C PHE D 104 6.04 -9.73 -58.66
N TYR D 105 6.03 -11.01 -58.30
CA TYR D 105 7.25 -11.78 -58.10
C TYR D 105 7.15 -12.84 -59.20
N GLY D 106 7.46 -12.43 -60.42
CA GLY D 106 7.30 -13.27 -61.59
C GLY D 106 5.90 -13.07 -62.11
N GLU D 107 5.08 -14.12 -62.12
CA GLU D 107 3.69 -14.02 -62.56
C GLU D 107 2.70 -13.98 -61.36
N ARG D 108 3.20 -13.84 -60.12
CA ARG D 108 2.37 -13.86 -58.92
C ARG D 108 2.15 -12.45 -58.38
N LEU D 109 0.88 -12.02 -58.30
CA LEU D 109 0.53 -10.69 -57.82
C LEU D 109 0.66 -10.56 -56.30
N ILE D 110 1.36 -9.51 -55.84
CA ILE D 110 1.55 -9.25 -54.42
C ILE D 110 0.61 -8.15 -53.91
N SER D 111 0.59 -6.98 -54.55
CA SER D 111 -0.30 -5.89 -54.15
C SER D 111 -0.62 -4.91 -55.29
N ASN D 112 -1.78 -4.24 -55.21
CA ASN D 112 -2.23 -3.27 -56.20
C ASN D 112 -2.21 -1.89 -55.57
N GLY D 113 -1.55 -0.93 -56.22
CA GLY D 113 -1.44 0.43 -55.72
C GLY D 113 -1.74 1.52 -56.73
N SER D 114 -2.10 2.72 -56.24
CA SER D 114 -2.43 3.88 -57.08
C SER D 114 -1.17 4.60 -57.50
N VAL D 115 -0.99 4.81 -58.80
CA VAL D 115 0.20 5.49 -59.32
C VAL D 115 0.14 6.99 -59.07
N LEU D 116 1.24 7.58 -58.60
CA LEU D 116 1.29 9.01 -58.33
C LEU D 116 2.14 9.72 -59.37
N SER D 117 1.49 10.38 -60.34
CA SER D 117 2.20 11.12 -61.37
C SER D 117 2.68 12.48 -60.85
N GLY D 118 3.57 13.13 -61.60
CA GLY D 118 4.08 14.46 -61.27
C GLY D 118 2.98 15.49 -61.12
N PRO D 119 2.10 15.65 -62.13
CA PRO D 119 0.99 16.62 -61.99
C PRO D 119 0.05 16.30 -60.82
N ALA D 120 -0.23 14.99 -60.55
CA ALA D 120 -1.10 14.62 -59.44
C ALA D 120 -0.45 14.92 -58.09
N ALA D 121 0.89 14.78 -58.00
CA ALA D 121 1.64 15.09 -56.78
C ALA D 121 1.66 16.61 -56.56
N GLU D 122 1.72 17.42 -57.63
CA GLU D 122 1.69 18.88 -57.54
C GLU D 122 0.32 19.33 -57.05
N ASN D 123 -0.76 18.70 -57.57
CA ASN D 123 -2.12 19.01 -57.17
C ASN D 123 -2.38 18.63 -55.72
N ALA D 124 -1.83 17.49 -55.27
CA ALA D 124 -1.99 17.07 -53.88
C ALA D 124 -1.29 18.04 -52.94
N PHE D 125 -0.12 18.55 -53.34
CA PHE D 125 0.65 19.54 -52.59
C PHE D 125 -0.12 20.85 -52.47
N ALA D 126 -0.66 21.36 -53.60
CA ALA D 126 -1.43 22.60 -53.62
C ALA D 126 -2.71 22.51 -52.80
N ASP D 127 -3.35 21.34 -52.78
CA ASP D 127 -4.55 21.11 -52.00
C ASP D 127 -4.23 21.07 -50.52
N ALA D 128 -3.11 20.44 -50.15
CA ALA D 128 -2.64 20.36 -48.76
C ALA D 128 -2.23 21.74 -48.25
N GLN D 129 -1.65 22.56 -49.12
CA GLN D 129 -1.25 23.95 -48.86
C GLN D 129 -2.50 24.78 -48.50
N GLN D 130 -3.59 24.60 -49.24
CA GLN D 130 -4.85 25.29 -49.00
C GLN D 130 -5.55 24.74 -47.75
N SER D 131 -5.45 23.43 -47.51
CA SER D 131 -6.05 22.78 -46.36
C SER D 131 -5.42 23.27 -45.07
N LEU D 132 -4.08 23.39 -45.04
CA LEU D 132 -3.35 23.88 -43.88
C LEU D 132 -3.75 25.33 -43.60
N LEU D 133 -3.85 26.17 -44.64
CA LEU D 133 -4.24 27.57 -44.48
C LEU D 133 -5.65 27.68 -43.91
N ASP D 134 -6.60 26.90 -44.44
CA ASP D 134 -7.98 26.91 -43.95
C ASP D 134 -8.08 26.46 -42.49
N ARG D 135 -7.32 25.40 -42.13
CA ARG D 135 -7.33 24.88 -40.77
C ARG D 135 -6.68 25.85 -39.78
N MET D 136 -5.61 26.53 -40.21
CA MET D 136 -4.93 27.51 -39.37
C MET D 136 -5.72 28.80 -39.26
N GLU D 137 -6.51 29.16 -40.28
CA GLU D 137 -7.38 30.33 -40.20
C GLU D 137 -8.46 30.06 -39.14
N ALA D 138 -9.02 28.85 -39.12
CA ALA D 138 -10.03 28.48 -38.13
C ALA D 138 -9.41 28.40 -36.73
N TYR D 139 -8.24 27.76 -36.62
CA TYR D 139 -7.53 27.58 -35.35
C TYR D 139 -7.13 28.90 -34.68
N PHE D 140 -6.41 29.78 -35.41
CA PHE D 140 -5.99 31.04 -34.85
C PHE D 140 -7.14 32.05 -34.74
N GLY D 141 -8.26 31.83 -35.45
CA GLY D 141 -9.46 32.63 -35.29
C GLY D 141 -10.08 32.32 -33.93
N ASN D 142 -10.06 31.03 -33.54
CA ASN D 142 -10.53 30.55 -32.24
C ASN D 142 -9.58 30.98 -31.09
N THR D 143 -8.29 31.14 -31.38
CA THR D 143 -7.28 31.58 -30.41
C THR D 143 -7.56 33.03 -30.05
N ILE D 144 -7.86 33.88 -31.05
CA ILE D 144 -8.19 35.28 -30.83
C ILE D 144 -9.47 35.38 -30.00
N GLN D 145 -10.48 34.56 -30.33
CA GLN D 145 -11.75 34.56 -29.60
C GLN D 145 -11.52 34.12 -28.15
N PHE D 146 -10.67 33.12 -27.95
CA PHE D 146 -10.36 32.63 -26.62
C PHE D 146 -9.67 33.71 -25.77
N ILE D 147 -8.67 34.41 -26.31
CA ILE D 147 -7.98 35.46 -25.58
C ILE D 147 -8.93 36.59 -25.20
N HIS D 148 -9.85 36.94 -26.11
CA HIS D 148 -10.81 37.98 -25.85
C HIS D 148 -11.80 37.62 -24.72
N SER D 149 -12.40 36.42 -24.79
CA SER D 149 -13.37 36.03 -23.76
C SER D 149 -12.71 35.55 -22.44
N GLU D 150 -11.48 35.07 -22.49
CA GLU D 150 -10.79 34.59 -21.30
C GLU D 150 -9.66 35.47 -20.82
N ALA D 151 -9.66 36.74 -21.19
CA ALA D 151 -8.63 37.68 -20.73
C ALA D 151 -8.54 37.75 -19.18
N PRO D 152 -9.65 37.74 -18.41
CA PRO D 152 -9.51 37.76 -16.94
C PRO D 152 -8.75 36.57 -16.35
N LEU D 153 -8.79 35.39 -17.00
CA LEU D 153 -8.06 34.20 -16.55
C LEU D 153 -6.61 34.24 -17.02
N LEU D 154 -6.39 34.68 -18.25
CA LEU D 154 -5.06 34.72 -18.84
C LEU D 154 -4.19 35.79 -18.22
N ILE D 155 -4.77 36.93 -17.93
CA ILE D 155 -4.04 38.05 -17.36
C ILE D 155 -4.08 38.01 -15.84
N ASP D 156 -5.28 37.90 -15.25
CA ASP D 156 -5.40 37.98 -13.80
C ASP D 156 -5.56 36.69 -13.04
N GLY D 157 -5.74 35.57 -13.74
CA GLY D 157 -5.97 34.30 -13.06
C GLY D 157 -7.34 34.20 -12.40
N LEU D 158 -8.27 35.07 -12.78
CA LEU D 158 -9.61 35.08 -12.21
C LEU D 158 -10.35 33.78 -12.54
N GLY D 159 -10.85 33.14 -11.50
CA GLY D 159 -11.47 31.82 -11.63
C GLY D 159 -10.65 30.72 -11.01
N ILE D 160 -9.31 30.91 -10.97
CA ILE D 160 -8.38 29.91 -10.42
C ILE D 160 -8.54 29.84 -8.90
N PRO D 161 -8.84 28.65 -8.35
CA PRO D 161 -8.98 28.56 -6.88
C PRO D 161 -7.65 28.73 -6.13
N ASP D 162 -7.75 29.26 -4.88
CA ASP D 162 -6.58 29.42 -4.03
C ASP D 162 -6.35 28.11 -3.27
N THR D 163 -5.28 27.40 -3.60
CA THR D 163 -4.96 26.14 -2.94
C THR D 163 -3.94 26.28 -1.77
N GLY D 164 -3.59 27.50 -1.39
CA GLY D 164 -2.63 27.72 -0.33
C GLY D 164 -1.24 28.07 -0.83
N ASN D 165 -0.27 28.18 0.08
CA ASN D 165 1.10 28.60 -0.28
C ASN D 165 2.08 27.44 -0.56
N ALA D 166 1.61 26.21 -0.77
CA ALA D 166 2.50 25.06 -0.99
C ALA D 166 3.27 25.06 -2.32
N ILE D 167 2.68 25.59 -3.39
CA ILE D 167 3.32 25.58 -4.71
C ILE D 167 4.42 26.65 -4.87
N GLU D 168 4.20 27.87 -4.36
CA GLU D 168 5.12 28.99 -4.55
C GLU D 168 6.57 28.68 -4.25
N GLY D 169 7.43 28.86 -5.26
CA GLY D 169 8.87 28.63 -5.20
C GLY D 169 9.28 27.17 -5.32
N ARG D 170 8.33 26.24 -5.36
CA ARG D 170 8.63 24.80 -5.44
C ARG D 170 8.57 24.21 -6.84
N LYS D 171 9.22 23.08 -7.06
CA LYS D 171 9.10 22.36 -8.30
C LYS D 171 7.73 21.65 -8.26
N VAL D 172 7.02 21.63 -9.38
CA VAL D 172 5.73 20.99 -9.47
C VAL D 172 5.79 19.89 -10.56
N LEU D 173 5.14 18.75 -10.32
CA LEU D 173 5.05 17.70 -11.31
C LEU D 173 3.56 17.38 -11.54
N ILE D 174 3.07 17.55 -12.79
CA ILE D 174 1.69 17.27 -13.10
C ILE D 174 1.62 16.00 -13.94
N ALA D 175 0.81 15.03 -13.51
CA ALA D 175 0.68 13.78 -14.23
C ALA D 175 -0.71 13.69 -14.85
N SER D 176 -0.77 13.44 -16.17
CA SER D 176 -2.00 13.26 -16.95
C SER D 176 -2.00 11.83 -17.52
N PRO D 177 -3.18 11.25 -17.80
CA PRO D 177 -3.22 9.86 -18.27
C PRO D 177 -2.92 9.60 -19.75
N GLY D 178 -1.84 10.16 -20.27
CA GLY D 178 -1.44 9.91 -21.64
C GLY D 178 -0.82 8.53 -21.79
N ASP D 179 -0.49 8.15 -23.03
CA ASP D 179 0.11 6.86 -23.30
C ASP D 179 1.43 6.68 -22.57
N ASN D 180 1.56 5.56 -21.86
CA ASN D 180 2.74 5.19 -21.09
C ASN D 180 3.09 6.15 -19.96
N HIS D 181 2.09 6.86 -19.40
CA HIS D 181 2.35 7.81 -18.32
C HIS D 181 2.89 7.12 -17.06
N ARG D 182 2.45 5.88 -16.79
CA ARG D 182 2.87 5.13 -15.62
C ARG D 182 4.35 4.76 -15.68
N SER D 183 4.83 4.28 -16.84
CA SER D 183 6.23 3.97 -17.01
C SER D 183 7.08 5.25 -17.03
N ARG D 184 6.53 6.41 -17.45
CA ARG D 184 7.27 7.65 -17.39
C ARG D 184 7.40 8.09 -15.92
N LEU D 185 6.34 7.92 -15.13
CA LEU D 185 6.38 8.26 -13.72
C LEU D 185 7.41 7.37 -12.99
N LYS D 186 7.54 6.10 -13.37
CA LYS D 186 8.53 5.19 -12.81
C LYS D 186 9.98 5.61 -13.21
N GLU D 187 10.19 6.13 -14.44
CA GLU D 187 11.51 6.63 -14.83
C GLU D 187 11.88 7.90 -14.01
N LEU D 188 10.86 8.64 -13.54
CA LEU D 188 11.03 9.85 -12.75
C LEU D 188 11.07 9.60 -11.23
N ARG D 189 11.22 8.33 -10.80
CA ARG D 189 11.25 8.00 -9.37
C ARG D 189 12.40 8.70 -8.64
N SER D 190 13.63 8.68 -9.19
CA SER D 190 14.78 9.33 -8.58
C SER D 190 14.58 10.83 -8.54
N PHE D 191 14.00 11.43 -9.60
CA PHE D 191 13.72 12.85 -9.64
C PHE D 191 12.77 13.24 -8.50
N ILE D 192 11.68 12.49 -8.34
CA ILE D 192 10.67 12.77 -7.33
C ILE D 192 11.23 12.64 -5.94
N ARG D 193 12.04 11.62 -5.71
CA ARG D 193 12.65 11.39 -4.41
C ARG D 193 13.68 12.49 -4.07
N GLU D 194 14.50 12.86 -5.04
CA GLU D 194 15.58 13.82 -4.85
C GLU D 194 15.11 15.26 -4.75
N TYR D 195 14.09 15.64 -5.50
CA TYR D 195 13.63 17.02 -5.53
C TYR D 195 12.32 17.30 -4.81
N ASP D 196 11.60 16.25 -4.35
CA ASP D 196 10.33 16.36 -3.63
C ASP D 196 9.36 17.38 -4.26
N PRO D 197 9.01 17.24 -5.55
CA PRO D 197 8.09 18.22 -6.15
C PRO D 197 6.65 18.12 -5.62
N VAL D 198 5.85 19.17 -5.76
CA VAL D 198 4.44 19.14 -5.41
C VAL D 198 3.77 18.32 -6.52
N LEU D 199 3.04 17.26 -6.15
CA LEU D 199 2.41 16.40 -7.17
C LEU D 199 0.96 16.76 -7.42
N ILE D 200 0.59 16.86 -8.69
CA ILE D 200 -0.78 17.14 -9.09
C ILE D 200 -1.22 15.99 -10.00
N GLY D 201 -2.28 15.28 -9.63
CA GLY D 201 -2.78 14.18 -10.45
C GLY D 201 -3.97 14.64 -11.26
N VAL D 202 -3.98 14.41 -12.57
CA VAL D 202 -5.10 14.82 -13.42
C VAL D 202 -5.87 13.61 -13.90
N ASP D 203 -7.21 13.60 -13.70
CA ASP D 203 -8.07 12.50 -14.15
C ASP D 203 -7.53 11.13 -13.64
N GLY D 204 -7.46 10.11 -14.48
CA GLY D 204 -6.99 8.79 -14.10
C GLY D 204 -5.56 8.71 -13.65
N ALA D 205 -4.72 9.71 -13.96
CA ALA D 205 -3.34 9.72 -13.49
C ALA D 205 -3.23 10.03 -11.96
N ALA D 206 -4.31 10.52 -11.33
CA ALA D 206 -4.36 10.67 -9.89
C ALA D 206 -4.38 9.25 -9.28
N ASP D 207 -5.09 8.27 -9.94
CA ASP D 207 -5.13 6.89 -9.51
C ASP D 207 -3.73 6.31 -9.62
N THR D 208 -3.03 6.56 -10.74
CA THR D 208 -1.67 6.08 -10.98
C THR D 208 -0.71 6.57 -9.91
N LEU D 209 -0.76 7.87 -9.55
CA LEU D 209 0.12 8.42 -8.52
C LEU D 209 -0.08 7.71 -7.19
N VAL D 210 -1.33 7.55 -6.77
CA VAL D 210 -1.70 6.89 -5.53
C VAL D 210 -1.32 5.41 -5.55
N GLU D 211 -1.47 4.73 -6.70
CA GLU D 211 -1.10 3.32 -6.86
C GLU D 211 0.41 3.15 -6.82
N LEU D 212 1.19 4.15 -7.25
CA LEU D 212 2.65 4.11 -7.16
C LEU D 212 3.18 4.43 -5.73
N GLY D 213 2.29 4.75 -4.79
CA GLY D 213 2.62 5.05 -3.41
C GLY D 213 2.76 6.51 -3.08
N TYR D 214 2.31 7.41 -3.97
CA TYR D 214 2.41 8.84 -3.75
C TYR D 214 1.15 9.43 -3.14
N LYS D 215 1.30 10.59 -2.51
CA LYS D 215 0.20 11.32 -1.92
C LYS D 215 0.17 12.65 -2.64
N PRO D 216 -0.54 12.75 -3.78
CA PRO D 216 -0.59 14.02 -4.51
C PRO D 216 -1.21 15.14 -3.66
N ALA D 217 -0.68 16.36 -3.78
CA ALA D 217 -1.24 17.49 -3.04
C ALA D 217 -2.60 17.90 -3.63
N LEU D 218 -2.73 17.83 -4.95
CA LEU D 218 -3.93 18.22 -5.67
C LEU D 218 -4.34 17.18 -6.66
N ILE D 219 -5.65 17.05 -6.86
CA ILE D 219 -6.23 16.18 -7.87
C ILE D 219 -7.14 17.06 -8.71
N VAL D 220 -6.96 17.09 -10.04
CA VAL D 220 -7.80 17.91 -10.91
C VAL D 220 -8.59 17.04 -11.90
N GLY D 221 -9.90 17.25 -11.95
CA GLY D 221 -10.73 16.53 -12.90
C GLY D 221 -12.10 16.14 -12.40
N ASN D 222 -12.90 15.64 -13.34
CA ASN D 222 -14.26 15.15 -13.09
C ASN D 222 -14.13 13.91 -12.21
N PRO D 223 -14.66 13.98 -10.97
CA PRO D 223 -14.52 12.82 -10.05
C PRO D 223 -15.15 11.54 -10.56
N THR D 224 -16.05 11.62 -11.55
CA THR D 224 -16.67 10.44 -12.18
C THR D 224 -15.60 9.50 -12.77
N GLY D 225 -14.48 10.07 -13.26
CA GLY D 225 -13.42 9.28 -13.85
C GLY D 225 -12.21 9.07 -12.96
N ILE D 226 -12.34 9.32 -11.65
CA ILE D 226 -11.23 9.16 -10.71
C ILE D 226 -11.66 8.16 -9.62
N GLY D 227 -10.75 7.30 -9.21
CA GLY D 227 -11.02 6.29 -8.19
C GLY D 227 -11.24 6.88 -6.81
N ALA D 228 -11.98 6.17 -5.96
CA ALA D 228 -12.30 6.58 -4.60
C ALA D 228 -11.06 6.65 -3.73
N ASP D 229 -10.10 5.73 -3.91
CA ASP D 229 -8.85 5.76 -3.17
C ASP D 229 -8.05 7.02 -3.42
N ALA D 230 -7.97 7.48 -4.68
CA ALA D 230 -7.27 8.73 -5.01
C ALA D 230 -8.06 9.91 -4.43
N LEU D 231 -9.40 9.94 -4.59
CA LEU D 231 -10.22 11.05 -4.10
C LEU D 231 -10.16 11.19 -2.58
N ARG D 232 -10.01 10.09 -1.84
CA ARG D 232 -9.95 10.13 -0.38
C ARG D 232 -8.51 10.10 0.18
N SER D 233 -7.49 10.22 -0.67
CA SER D 233 -6.10 10.14 -0.25
C SER D 233 -5.59 11.30 0.61
N GLY D 234 -6.36 12.38 0.70
CA GLY D 234 -5.90 13.56 1.43
C GLY D 234 -5.63 14.76 0.54
N ALA D 235 -5.64 14.56 -0.80
CA ALA D 235 -5.43 15.62 -1.77
C ALA D 235 -6.61 16.58 -1.79
N ASN D 236 -6.34 17.83 -2.16
CA ASN D 236 -7.40 18.80 -2.35
C ASN D 236 -7.94 18.51 -3.77
N VAL D 237 -9.25 18.26 -3.89
CA VAL D 237 -9.84 17.94 -5.20
C VAL D 237 -10.35 19.19 -5.89
N ILE D 238 -9.90 19.41 -7.13
CA ILE D 238 -10.33 20.56 -7.95
C ILE D 238 -11.27 20.08 -9.04
N LEU D 239 -12.53 20.47 -8.92
CA LEU D 239 -13.58 20.12 -9.87
C LEU D 239 -13.71 21.14 -10.99
N PRO D 240 -13.59 20.72 -12.27
CA PRO D 240 -13.86 21.64 -13.37
C PRO D 240 -15.34 22.07 -13.34
N ALA D 241 -15.60 23.33 -13.69
CA ALA D 241 -16.95 23.87 -13.65
C ALA D 241 -17.20 24.77 -14.84
N ASP D 242 -18.46 24.97 -15.21
CA ASP D 242 -18.86 25.90 -16.26
C ASP D 242 -18.45 27.35 -15.84
N PRO D 243 -18.41 28.31 -16.77
CA PRO D 243 -18.16 29.71 -16.37
C PRO D 243 -19.13 30.25 -15.31
N ASP D 244 -20.35 29.69 -15.24
CA ASP D 244 -21.35 30.10 -14.24
C ASP D 244 -21.12 29.50 -12.82
N GLY D 245 -20.19 28.54 -12.71
CA GLY D 245 -19.83 27.88 -11.47
C GLY D 245 -20.38 26.46 -11.31
N HIS D 246 -21.01 25.91 -12.35
CA HIS D 246 -21.59 24.57 -12.28
C HIS D 246 -20.57 23.48 -12.45
N ALA D 247 -20.19 22.84 -11.35
CA ALA D 247 -19.22 21.76 -11.38
C ALA D 247 -19.89 20.44 -11.62
N VAL D 248 -19.17 19.57 -12.30
CA VAL D 248 -19.65 18.23 -12.57
C VAL D 248 -19.04 17.27 -11.53
N GLY D 249 -19.76 16.20 -11.21
CA GLY D 249 -19.31 15.22 -10.24
C GLY D 249 -19.51 15.61 -8.79
N LEU D 250 -20.43 16.56 -8.54
CA LEU D 250 -20.72 17.03 -7.18
C LEU D 250 -21.37 15.93 -6.33
N GLU D 251 -22.31 15.18 -6.91
CA GLU D 251 -22.97 14.07 -6.20
C GLU D 251 -21.96 13.03 -5.74
N ARG D 252 -20.98 12.70 -6.59
CA ARG D 252 -19.93 11.76 -6.22
C ARG D 252 -19.08 12.26 -5.05
N ILE D 253 -18.71 13.55 -5.07
CA ILE D 253 -17.94 14.19 -4.00
C ILE D 253 -18.71 14.09 -2.68
N GLN D 254 -20.02 14.37 -2.73
CA GLN D 254 -20.88 14.32 -1.57
C GLN D 254 -21.07 12.90 -1.04
N ASP D 255 -21.11 11.89 -1.93
CA ASP D 255 -21.23 10.49 -1.55
C ASP D 255 -19.95 10.04 -0.81
N LEU D 256 -18.79 10.51 -1.28
CA LEU D 256 -17.51 10.18 -0.67
C LEU D 256 -17.20 10.93 0.63
N GLY D 257 -17.94 12.02 0.89
CA GLY D 257 -17.76 12.84 2.08
C GLY D 257 -16.44 13.61 2.10
N ILE D 258 -15.98 14.05 0.95
CA ILE D 258 -14.71 14.78 0.85
C ILE D 258 -14.89 16.27 0.48
N GLY D 259 -13.86 17.07 0.72
CA GLY D 259 -13.87 18.48 0.36
C GLY D 259 -13.34 18.71 -1.03
N ALA D 260 -13.92 19.68 -1.72
CA ALA D 260 -13.50 20.02 -3.07
C ALA D 260 -13.65 21.52 -3.36
N MET D 261 -12.81 22.06 -4.27
CA MET D 261 -12.89 23.42 -4.78
C MET D 261 -13.27 23.35 -6.26
N THR D 262 -13.88 24.39 -6.81
CA THR D 262 -14.26 24.43 -8.23
C THR D 262 -13.40 25.43 -9.00
N PHE D 263 -13.19 25.16 -10.29
CA PHE D 263 -12.40 26.01 -11.17
C PHE D 263 -13.31 26.31 -12.35
N PRO D 264 -14.11 27.38 -12.25
CA PRO D 264 -15.02 27.70 -13.36
C PRO D 264 -14.26 28.32 -14.53
N SER D 265 -14.46 27.76 -15.71
CA SER D 265 -13.80 28.26 -16.90
C SER D 265 -14.45 27.69 -18.18
N SER D 266 -13.97 28.15 -19.34
CA SER D 266 -14.39 27.65 -20.64
C SER D 266 -13.32 26.67 -21.22
N VAL D 267 -12.31 26.26 -20.41
CA VAL D 267 -11.28 25.34 -20.83
C VAL D 267 -11.81 23.93 -20.57
N ASN D 268 -11.79 23.07 -21.60
CA ASN D 268 -12.33 21.71 -21.46
C ASN D 268 -11.34 20.72 -20.88
N SER D 269 -10.05 20.89 -21.18
CA SER D 269 -9.03 19.97 -20.68
C SER D 269 -8.65 20.18 -19.22
N SER D 270 -8.71 19.12 -18.41
CA SER D 270 -8.28 19.17 -17.01
C SER D 270 -6.77 19.28 -16.90
N THR D 271 -6.01 18.86 -17.94
CA THR D 271 -4.56 19.01 -17.96
C THR D 271 -4.23 20.50 -18.07
N ASP D 272 -4.95 21.23 -18.95
CA ASP D 272 -4.75 22.67 -19.12
C ASP D 272 -5.15 23.42 -17.85
N LEU D 273 -6.22 22.98 -17.18
CA LEU D 273 -6.64 23.59 -15.92
C LEU D 273 -5.56 23.42 -14.85
N ALA D 274 -5.01 22.21 -14.73
CA ALA D 274 -3.95 21.91 -13.76
C ALA D 274 -2.69 22.74 -14.04
N LEU D 275 -2.33 22.89 -15.33
CA LEU D 275 -1.17 23.69 -15.74
C LEU D 275 -1.37 25.19 -15.43
N LEU D 276 -2.58 25.72 -15.68
CA LEU D 276 -2.89 27.12 -15.39
C LEU D 276 -2.94 27.38 -13.89
N LEU D 277 -3.47 26.42 -13.12
CA LEU D 277 -3.54 26.52 -11.67
C LEU D 277 -2.12 26.54 -11.10
N ALA D 278 -1.26 25.59 -11.48
CA ALA D 278 0.10 25.52 -10.98
C ALA D 278 0.89 26.80 -11.31
N ASP D 279 0.77 27.30 -12.54
CA ASP D 279 1.45 28.49 -12.99
C ASP D 279 1.05 29.72 -12.17
N PHE D 280 -0.26 29.83 -11.87
CA PHE D 280 -0.78 30.95 -11.09
C PHE D 280 -0.20 31.00 -9.69
N HIS D 281 0.17 29.84 -9.10
CA HIS D 281 0.73 29.82 -7.78
C HIS D 281 2.25 30.07 -7.75
N ASN D 282 2.85 30.53 -8.87
CA ASN D 282 4.25 30.91 -8.99
C ASN D 282 5.26 29.82 -8.57
N PRO D 283 5.33 28.69 -9.31
CA PRO D 283 6.30 27.66 -8.95
C PRO D 283 7.69 27.93 -9.56
N GLN D 284 8.70 27.19 -9.12
CA GLN D 284 10.03 27.29 -9.70
C GLN D 284 10.04 26.68 -11.11
N MET D 285 9.34 25.56 -11.28
CA MET D 285 9.23 24.85 -12.55
C MET D 285 7.99 23.94 -12.54
N ILE D 286 7.49 23.54 -13.73
CA ILE D 286 6.38 22.64 -13.85
C ILE D 286 6.78 21.53 -14.80
N VAL D 287 6.87 20.28 -14.32
CA VAL D 287 7.20 19.12 -15.13
C VAL D 287 5.89 18.51 -15.59
N ASN D 288 5.64 18.55 -16.88
CA ASN D 288 4.41 18.05 -17.45
C ASN D 288 4.60 16.60 -17.92
N VAL D 289 3.98 15.62 -17.24
CA VAL D 289 4.11 14.20 -17.57
C VAL D 289 2.77 13.66 -18.14
N GLY D 290 2.81 13.07 -19.31
CA GLY D 290 1.62 12.45 -19.90
C GLY D 290 0.65 13.38 -20.60
N GLY D 291 1.05 14.63 -20.87
CA GLY D 291 0.18 15.58 -21.56
C GLY D 291 0.87 16.44 -22.61
N PRO D 292 1.49 15.83 -23.63
CA PRO D 292 2.22 16.65 -24.62
C PRO D 292 1.31 17.27 -25.67
N VAL D 293 1.59 18.53 -26.02
CA VAL D 293 0.85 19.26 -27.05
C VAL D 293 1.90 20.03 -27.83
N THR D 294 1.99 19.80 -29.14
CA THR D 294 2.99 20.48 -29.97
C THR D 294 2.37 21.15 -31.21
N LEU D 295 3.13 22.03 -31.89
CA LEU D 295 2.65 22.69 -33.10
C LEU D 295 2.48 21.68 -34.21
N ASP D 296 3.40 20.70 -34.33
CA ASP D 296 3.31 19.67 -35.34
C ASP D 296 2.03 18.83 -35.17
N GLY D 297 1.61 18.61 -33.93
CA GLY D 297 0.35 17.93 -33.65
C GLY D 297 -0.83 18.71 -34.17
N VAL D 298 -0.80 20.05 -34.07
CA VAL D 298 -1.86 20.94 -34.56
C VAL D 298 -1.90 20.90 -36.10
N PHE D 299 -0.72 20.98 -36.73
CA PHE D 299 -0.60 20.93 -38.19
C PHE D 299 -1.06 19.61 -38.77
N GLU D 300 -0.76 18.49 -38.08
CA GLU D 300 -1.11 17.17 -38.59
C GLU D 300 -2.53 16.70 -38.19
N ASN D 301 -3.18 17.37 -37.22
CA ASN D 301 -4.54 17.02 -36.81
C ASN D 301 -5.55 17.37 -37.90
N ARG D 302 -6.03 16.38 -38.64
CA ARG D 302 -7.03 16.61 -39.70
C ARG D 302 -8.38 17.12 -39.11
N GLU D 303 -8.56 17.04 -37.76
CA GLU D 303 -9.74 17.49 -37.02
C GLU D 303 -9.36 18.65 -36.06
N ASP D 304 -10.32 19.57 -35.79
CA ASP D 304 -10.14 20.78 -34.98
C ASP D 304 -9.42 20.59 -33.65
N SER D 305 -8.29 21.29 -33.49
CA SER D 305 -7.51 21.24 -32.23
C SER D 305 -7.99 22.35 -31.29
N ASP D 306 -7.86 22.12 -29.98
CA ASP D 306 -8.24 23.14 -29.00
C ASP D 306 -7.12 24.18 -28.84
N PRO D 307 -7.42 25.46 -29.20
CA PRO D 307 -6.42 26.53 -29.03
C PRO D 307 -5.95 26.75 -27.61
N ALA D 308 -6.77 26.38 -26.62
CA ALA D 308 -6.42 26.57 -25.22
C ALA D 308 -5.25 25.68 -24.77
N ALA D 309 -5.04 24.52 -25.44
CA ALA D 309 -3.94 23.60 -25.12
C ALA D 309 -2.59 24.26 -25.41
N LEU D 310 -2.39 24.82 -26.62
CA LEU D 310 -1.16 25.47 -27.00
C LEU D 310 -0.99 26.85 -26.34
N LEU D 311 -2.10 27.58 -26.09
CA LEU D 311 -2.01 28.86 -25.38
C LEU D 311 -1.54 28.63 -23.94
N THR D 312 -2.00 27.52 -23.30
CA THR D 312 -1.59 27.17 -21.94
C THR D 312 -0.10 26.89 -21.89
N ARG D 313 0.44 26.15 -22.88
CA ARG D 313 1.87 25.86 -22.93
C ARG D 313 2.69 27.14 -23.07
N ALA D 314 2.21 28.09 -23.89
CA ALA D 314 2.86 29.37 -24.13
C ALA D 314 2.77 30.28 -22.89
N LYS D 315 1.65 30.21 -22.16
CA LYS D 315 1.38 30.97 -20.95
C LYS D 315 2.38 30.59 -19.87
N LEU D 316 2.61 29.30 -19.70
CA LEU D 316 3.58 28.78 -18.71
C LEU D 316 5.03 29.19 -19.05
N GLY D 317 5.29 29.42 -20.33
CA GLY D 317 6.57 29.94 -20.82
C GLY D 317 7.75 29.09 -20.45
N THR D 318 8.78 29.75 -19.91
CA THR D 318 10.05 29.15 -19.52
C THR D 318 9.97 28.21 -18.34
N LYS D 319 8.86 28.18 -17.59
CA LYS D 319 8.73 27.26 -16.45
C LYS D 319 8.34 25.85 -16.82
N LEU D 320 7.83 25.64 -18.03
CA LEU D 320 7.38 24.33 -18.49
C LEU D 320 8.50 23.43 -19.03
N VAL D 321 8.52 22.18 -18.59
CA VAL D 321 9.44 21.17 -19.09
C VAL D 321 8.67 19.84 -19.23
N ASP D 322 8.83 19.15 -20.36
CA ASP D 322 8.20 17.87 -20.54
C ASP D 322 8.91 16.82 -19.68
N GLY D 323 8.15 15.83 -19.17
CA GLY D 323 8.70 14.76 -18.34
C GLY D 323 9.78 13.98 -19.06
N SER D 324 9.70 13.89 -20.40
CA SER D 324 10.71 13.18 -21.17
C SER D 324 12.06 13.89 -21.13
N VAL D 325 12.08 15.24 -21.02
CA VAL D 325 13.35 15.96 -20.94
C VAL D 325 14.00 15.64 -19.60
N ILE D 326 13.23 15.68 -18.50
CA ILE D 326 13.75 15.34 -17.18
C ILE D 326 14.23 13.89 -17.12
N ALA D 327 13.44 12.93 -17.68
CA ALA D 327 13.82 11.53 -17.68
C ALA D 327 15.11 11.27 -18.44
N SER D 328 15.38 12.03 -19.52
CA SER D 328 16.64 11.91 -20.30
C SER D 328 17.90 12.28 -19.49
N LEU D 329 17.74 13.04 -18.39
CA LEU D 329 18.86 13.35 -17.51
C LEU D 329 19.26 12.14 -16.65
N TYR D 330 18.39 11.11 -16.54
CA TYR D 330 18.64 9.93 -15.75
C TYR D 330 19.06 8.71 -16.58
N THR D 331 18.84 8.73 -17.90
CA THR D 331 19.18 7.65 -18.82
C THR D 331 20.67 7.26 -18.78
N LEU E 5 -1.16 63.02 3.12
CA LEU E 5 -1.10 61.71 3.76
C LEU E 5 0.29 61.50 4.34
N GLN E 6 0.41 61.27 5.66
CA GLN E 6 1.70 61.02 6.26
C GLN E 6 1.86 59.58 6.73
N GLY E 7 2.97 58.97 6.35
CA GLY E 7 3.27 57.59 6.73
C GLY E 7 4.67 57.18 6.36
N ALA E 8 5.15 56.07 6.93
CA ALA E 8 6.50 55.59 6.64
C ALA E 8 6.61 55.09 5.20
N THR E 9 7.64 55.53 4.47
CA THR E 9 7.82 55.10 3.09
C THR E 9 8.59 53.78 3.04
N ARG E 10 7.96 52.71 2.56
CA ARG E 10 8.59 51.38 2.48
C ARG E 10 8.71 50.90 1.03
N ILE E 11 9.90 50.48 0.61
CA ILE E 11 10.11 49.95 -0.74
C ILE E 11 9.61 48.51 -0.80
N CYS E 12 8.69 48.20 -1.73
CA CYS E 12 8.12 46.86 -1.86
C CYS E 12 8.35 46.23 -3.22
N THR E 13 8.68 44.94 -3.24
CA THR E 13 8.86 44.18 -4.48
C THR E 13 7.89 42.97 -4.47
N PRO E 14 7.44 42.49 -5.65
CA PRO E 14 6.51 41.33 -5.65
C PRO E 14 7.08 40.05 -5.02
N GLN E 15 8.42 39.96 -4.93
CA GLN E 15 9.14 38.81 -4.37
C GLN E 15 9.17 38.78 -2.83
N GLY E 16 8.89 39.91 -2.19
CA GLY E 16 8.92 40.00 -0.75
C GLY E 16 10.21 40.60 -0.23
N LYS E 17 10.15 41.86 0.19
CA LYS E 17 11.29 42.59 0.73
C LYS E 17 10.75 43.52 1.82
N GLY E 18 9.81 44.36 1.42
CA GLY E 18 9.15 45.29 2.32
C GLY E 18 7.72 44.92 2.65
N LEU E 19 7.14 43.92 1.93
CA LEU E 19 5.77 43.49 2.20
C LEU E 19 5.59 42.94 3.61
N LYS E 20 6.66 42.40 4.23
CA LYS E 20 6.59 41.89 5.59
C LYS E 20 6.63 43.02 6.64
N ARG E 21 7.27 44.15 6.31
CA ARG E 21 7.33 45.30 7.21
C ARG E 21 6.25 46.37 6.93
N LEU E 22 5.48 46.22 5.81
CA LEU E 22 4.43 47.15 5.39
C LEU E 22 3.27 47.13 6.38
N SER E 23 3.13 48.23 7.12
CA SER E 23 2.07 48.37 8.12
C SER E 23 0.91 49.26 7.64
N GLU E 24 -0.19 49.28 8.40
CA GLU E 24 -1.39 50.05 8.08
C GLU E 24 -1.11 51.55 8.12
N GLY E 25 -1.34 52.23 7.00
CA GLY E 25 -1.12 53.66 6.91
C GLY E 25 0.20 54.08 6.29
N ASP E 26 1.05 53.12 5.91
CA ASP E 26 2.34 53.39 5.29
C ASP E 26 2.20 53.87 3.84
N LEU E 27 3.27 54.47 3.28
CA LEU E 27 3.29 54.94 1.89
C LEU E 27 4.17 53.95 1.10
N ALA E 28 3.57 52.91 0.50
CA ALA E 28 4.30 51.86 -0.23
C ALA E 28 4.93 52.38 -1.53
N ILE E 29 6.24 52.21 -1.73
CA ILE E 29 6.91 52.65 -2.95
C ILE E 29 7.22 51.39 -3.78
N ILE E 30 6.61 51.25 -4.96
CA ILE E 30 6.79 50.08 -5.83
C ILE E 30 7.25 50.49 -7.25
N ASP E 31 7.78 49.52 -8.02
CA ASP E 31 8.12 49.70 -9.42
C ASP E 31 7.45 48.52 -10.09
N ALA E 32 6.15 48.64 -10.34
CA ALA E 32 5.38 47.55 -10.91
C ALA E 32 4.49 47.98 -12.07
N PRO E 33 5.05 48.05 -13.29
CA PRO E 33 4.20 48.33 -14.46
C PRO E 33 3.25 47.15 -14.69
N ASP E 34 1.97 47.44 -15.00
CA ASP E 34 0.96 46.39 -15.20
C ASP E 34 0.83 45.50 -13.97
N LEU E 35 0.64 46.14 -12.81
CA LEU E 35 0.50 45.53 -11.48
C LEU E 35 -0.31 44.23 -11.50
N SER E 36 0.31 43.13 -11.05
CA SER E 36 -0.36 41.83 -11.02
C SER E 36 -1.40 41.75 -9.90
N ARG E 37 -2.40 40.87 -10.07
CA ARG E 37 -3.47 40.70 -9.10
C ARG E 37 -2.91 40.17 -7.78
N THR E 38 -1.93 39.27 -7.84
CA THR E 38 -1.28 38.70 -6.66
C THR E 38 -0.56 39.77 -5.84
N PHE E 39 0.22 40.66 -6.49
CA PHE E 39 0.93 41.73 -5.79
C PHE E 39 -0.08 42.76 -5.26
N ALA E 40 -1.15 43.05 -6.02
CA ALA E 40 -2.20 43.97 -5.57
C ALA E 40 -2.92 43.43 -4.34
N GLN E 41 -3.11 42.11 -4.27
CA GLN E 41 -3.77 41.44 -3.15
C GLN E 41 -2.90 41.52 -1.88
N ARG E 42 -1.58 41.36 -2.03
CA ARG E 42 -0.64 41.43 -0.92
C ARG E 42 -0.52 42.86 -0.41
N LEU E 43 -0.54 43.85 -1.33
CA LEU E 43 -0.49 45.26 -0.96
C LEU E 43 -1.77 45.63 -0.22
N LEU E 44 -2.93 45.19 -0.75
CA LEU E 44 -4.24 45.44 -0.16
C LEU E 44 -4.35 44.89 1.27
N ALA E 45 -3.82 43.68 1.52
CA ALA E 45 -3.86 43.06 2.84
C ALA E 45 -3.08 43.85 3.88
N ALA E 46 -2.00 44.53 3.46
CA ALA E 46 -1.18 45.33 4.37
C ALA E 46 -1.85 46.65 4.81
N LYS E 47 -2.90 47.08 4.08
CA LYS E 47 -3.65 48.31 4.32
C LYS E 47 -2.78 49.59 4.29
N PRO E 48 -1.95 49.81 3.24
CA PRO E 48 -1.21 51.07 3.18
C PRO E 48 -2.13 52.25 2.84
N ALA E 49 -1.74 53.46 3.24
CA ALA E 49 -2.54 54.66 2.92
C ALA E 49 -2.43 54.98 1.42
N ALA E 50 -1.27 54.68 0.81
CA ALA E 50 -1.03 54.96 -0.60
C ALA E 50 -0.01 54.00 -1.20
N VAL E 51 -0.09 53.81 -2.52
CA VAL E 51 0.86 53.00 -3.27
C VAL E 51 1.41 53.93 -4.36
N LEU E 52 2.73 54.14 -4.36
CA LEU E 52 3.46 55.03 -5.27
C LEU E 52 4.27 54.22 -6.30
N ASN E 53 3.82 54.23 -7.54
CA ASN E 53 4.45 53.49 -8.63
C ASN E 53 5.48 54.32 -9.39
N VAL E 54 6.67 53.75 -9.58
CA VAL E 54 7.73 54.35 -10.38
C VAL E 54 7.24 54.38 -11.86
N SER E 55 6.53 53.30 -12.29
CA SER E 55 5.96 53.12 -13.62
C SER E 55 4.42 53.41 -13.60
N ARG E 56 3.68 52.95 -14.61
CA ARG E 56 2.24 53.11 -14.66
C ARG E 56 1.56 51.81 -14.19
N PHE E 57 0.46 51.91 -13.43
CA PHE E 57 -0.28 50.76 -12.92
C PHE E 57 -0.86 49.91 -14.05
N THR E 58 -1.35 50.57 -15.11
CA THR E 58 -1.88 49.97 -16.32
C THR E 58 -1.20 50.67 -17.48
N THR E 59 -0.26 50.01 -18.14
CA THR E 59 0.47 50.62 -19.25
C THR E 59 -0.36 50.73 -20.54
N GLY E 60 -1.43 49.95 -20.65
CA GLY E 60 -2.28 49.97 -21.82
C GLY E 60 -2.25 48.70 -22.64
N SER E 61 -1.31 47.78 -22.36
CA SER E 61 -1.21 46.55 -23.13
C SER E 61 -2.21 45.49 -22.68
N VAL E 62 -2.42 45.34 -21.38
CA VAL E 62 -3.32 44.31 -20.86
C VAL E 62 -4.32 44.84 -19.86
N PRO E 63 -5.54 44.27 -19.84
CA PRO E 63 -6.51 44.68 -18.81
C PRO E 63 -6.22 44.03 -17.44
N ASN E 64 -5.50 44.73 -16.56
CA ASN E 64 -5.17 44.21 -15.23
C ASN E 64 -6.05 44.90 -14.17
N PHE E 65 -6.78 44.10 -13.38
CA PHE E 65 -7.73 44.57 -12.38
C PHE E 65 -7.09 45.06 -11.05
N GLY E 66 -5.85 44.63 -10.79
CA GLY E 66 -5.06 45.00 -9.62
C GLY E 66 -5.20 46.43 -9.12
N PRO E 67 -4.94 47.45 -9.97
CA PRO E 67 -5.09 48.85 -9.51
C PRO E 67 -6.49 49.19 -9.02
N GLN E 68 -7.56 48.64 -9.65
CA GLN E 68 -8.93 48.90 -9.21
C GLN E 68 -9.23 48.23 -7.86
N MET E 69 -8.56 47.11 -7.54
CA MET E 69 -8.73 46.46 -6.24
C MET E 69 -8.21 47.36 -5.13
N LEU E 70 -7.05 48.02 -5.38
CA LEU E 70 -6.42 48.93 -4.43
C LEU E 70 -7.29 50.15 -4.20
N ILE E 71 -7.82 50.76 -5.27
CA ILE E 71 -8.70 51.93 -5.19
C ILE E 71 -9.99 51.57 -4.46
N ASP E 72 -10.56 50.37 -4.72
CA ASP E 72 -11.76 49.90 -4.01
C ASP E 72 -11.52 49.72 -2.51
N GLY E 73 -10.27 49.45 -2.13
CA GLY E 73 -9.86 49.30 -0.73
C GLY E 73 -9.54 50.60 -0.02
N GLY E 74 -9.71 51.73 -0.70
CA GLY E 74 -9.49 53.06 -0.15
C GLY E 74 -8.04 53.51 -0.15
N ILE E 75 -7.23 52.93 -1.04
CA ILE E 75 -5.80 53.26 -1.13
C ILE E 75 -5.57 54.33 -2.22
N GLN E 76 -4.77 55.36 -1.92
CA GLN E 76 -4.46 56.41 -2.90
C GLN E 76 -3.41 55.88 -3.87
N LEU E 77 -3.63 56.05 -5.17
CA LEU E 77 -2.69 55.56 -6.18
C LEU E 77 -2.03 56.71 -6.92
N VAL E 78 -0.70 56.74 -6.93
CA VAL E 78 0.07 57.79 -7.61
C VAL E 78 1.13 57.06 -8.44
N GLU E 79 1.28 57.41 -9.73
CA GLU E 79 2.16 56.68 -10.64
C GLU E 79 3.09 57.56 -11.51
N GLY E 80 4.04 56.92 -12.17
CA GLY E 80 4.96 57.59 -13.09
C GLY E 80 5.93 58.55 -12.45
N PHE E 81 6.37 58.26 -11.23
CA PHE E 81 7.35 59.10 -10.53
C PHE E 81 8.73 59.03 -11.17
N GLY E 82 9.07 57.87 -11.74
CA GLY E 82 10.37 57.66 -12.35
C GLY E 82 11.40 57.15 -11.35
N GLN E 83 12.62 56.90 -11.82
CA GLN E 83 13.72 56.39 -11.00
C GLN E 83 14.06 57.28 -9.78
N GLU E 84 13.81 58.61 -9.86
CA GLU E 84 14.10 59.50 -8.73
C GLU E 84 13.32 59.13 -7.45
N LEU E 85 12.20 58.39 -7.58
CA LEU E 85 11.43 57.96 -6.42
C LEU E 85 12.23 56.89 -5.66
N LEU E 86 12.84 55.94 -6.37
CA LEU E 86 13.65 54.90 -5.74
C LEU E 86 14.99 55.45 -5.24
N ASP E 87 15.56 56.40 -6.00
CA ASP E 87 16.83 57.03 -5.67
C ASP E 87 16.75 58.00 -4.48
N GLY E 88 15.56 58.51 -4.17
CA GLY E 88 15.37 59.45 -3.08
C GLY E 88 14.63 58.92 -1.87
N THR E 89 14.26 57.63 -1.89
CA THR E 89 13.52 57.01 -0.79
C THR E 89 14.44 56.51 0.33
N LYS E 90 14.01 56.70 1.59
CA LYS E 90 14.70 56.21 2.78
C LYS E 90 13.68 55.30 3.48
N ASP E 91 13.98 53.99 3.56
CA ASP E 91 13.07 53.01 4.16
C ASP E 91 12.71 53.30 5.62
N GLY E 92 11.41 53.44 5.87
CA GLY E 92 10.90 53.71 7.20
C GLY E 92 10.77 55.17 7.56
N LYS E 93 11.27 56.07 6.70
CA LYS E 93 11.20 57.50 6.98
C LYS E 93 9.80 58.04 6.69
N LYS E 94 9.27 58.87 7.61
CA LYS E 94 7.94 59.44 7.49
C LYS E 94 7.84 60.45 6.34
N GLY E 95 7.16 60.04 5.29
CA GLY E 95 6.93 60.87 4.11
C GLY E 95 5.59 61.56 4.13
N ARG E 96 5.37 62.46 3.18
CA ARG E 96 4.12 63.22 3.07
C ARG E 96 3.70 63.30 1.61
N LEU E 97 2.54 62.74 1.29
CA LEU E 97 2.03 62.71 -0.08
C LEU E 97 0.82 63.63 -0.24
N THR E 98 0.94 64.68 -1.04
CA THR E 98 -0.17 65.63 -1.25
C THR E 98 -1.23 65.07 -2.22
N GLU E 99 -2.42 65.70 -2.26
CA GLU E 99 -3.48 65.26 -3.18
C GLU E 99 -3.11 65.45 -4.65
N ASP E 100 -2.11 66.31 -4.95
CA ASP E 100 -1.57 66.55 -6.28
C ASP E 100 -0.49 65.52 -6.71
N GLY E 101 -0.14 64.59 -5.82
CA GLY E 101 0.83 63.55 -6.12
C GLY E 101 2.29 63.87 -5.82
N GLN E 102 2.56 64.85 -4.95
CA GLN E 102 3.93 65.21 -4.61
C GLN E 102 4.39 64.51 -3.34
N LEU E 103 5.61 63.96 -3.33
CA LEU E 103 6.14 63.29 -2.15
C LEU E 103 7.20 64.16 -1.49
N PHE E 104 7.06 64.41 -0.18
CA PHE E 104 7.98 65.26 0.57
C PHE E 104 8.52 64.57 1.81
N TYR E 105 9.70 64.98 2.27
CA TYR E 105 10.27 64.53 3.53
C TYR E 105 10.33 65.81 4.34
N GLY E 106 9.18 66.22 4.85
CA GLY E 106 9.05 67.49 5.56
C GLY E 106 8.68 68.52 4.53
N GLU E 107 9.54 69.52 4.35
CA GLU E 107 9.31 70.56 3.33
C GLU E 107 10.19 70.36 2.08
N ARG E 108 10.87 69.19 1.95
CA ARG E 108 11.78 68.92 0.85
C ARG E 108 11.14 67.99 -0.18
N LEU E 109 11.00 68.46 -1.43
CA LEU E 109 10.37 67.69 -2.50
C LEU E 109 11.28 66.58 -3.01
N ILE E 110 10.76 65.35 -3.09
CA ILE E 110 11.49 64.18 -3.56
C ILE E 110 11.10 63.86 -5.01
N SER E 111 9.80 63.70 -5.28
CA SER E 111 9.34 63.37 -6.62
C SER E 111 7.88 63.77 -6.86
N ASN E 112 7.55 64.03 -8.12
CA ASN E 112 6.21 64.39 -8.56
C ASN E 112 5.63 63.21 -9.33
N GLY E 113 4.43 62.78 -8.92
CA GLY E 113 3.73 61.68 -9.55
C GLY E 113 2.37 62.09 -10.07
N SER E 114 1.72 61.20 -10.82
CA SER E 114 0.41 61.45 -11.39
C SER E 114 -0.65 60.63 -10.66
N VAL E 115 -1.63 61.29 -10.03
CA VAL E 115 -2.68 60.60 -9.29
C VAL E 115 -3.61 59.80 -10.20
N LEU E 116 -3.75 58.51 -9.91
CA LEU E 116 -4.64 57.63 -10.66
C LEU E 116 -5.96 57.46 -9.91
N SER E 117 -7.02 58.14 -10.38
CA SER E 117 -8.33 58.04 -9.75
C SER E 117 -9.03 56.73 -10.16
N GLY E 118 -10.11 56.38 -9.46
CA GLY E 118 -10.94 55.22 -9.76
C GLY E 118 -11.49 55.25 -11.18
N PRO E 119 -12.18 56.34 -11.60
CA PRO E 119 -12.68 56.39 -12.98
C PRO E 119 -11.57 56.33 -14.03
N ALA E 120 -10.41 56.95 -13.77
CA ALA E 120 -9.30 56.92 -14.73
C ALA E 120 -8.69 55.53 -14.85
N ALA E 121 -8.67 54.76 -13.74
CA ALA E 121 -8.19 53.39 -13.70
C ALA E 121 -9.16 52.47 -14.46
N GLU E 122 -10.48 52.72 -14.35
CA GLU E 122 -11.51 51.94 -15.06
C GLU E 122 -11.38 52.18 -16.57
N ASN E 123 -11.15 53.45 -16.97
CA ASN E 123 -10.97 53.80 -18.37
C ASN E 123 -9.71 53.19 -18.94
N ALA E 124 -8.62 53.16 -18.17
CA ALA E 124 -7.36 52.58 -18.62
C ALA E 124 -7.54 51.07 -18.82
N PHE E 125 -8.31 50.40 -17.94
CA PHE E 125 -8.62 48.98 -18.03
C PHE E 125 -9.43 48.69 -19.31
N ALA E 126 -10.48 49.47 -19.57
CA ALA E 126 -11.34 49.29 -20.75
C ALA E 126 -10.57 49.53 -22.06
N ASP E 127 -9.64 50.50 -22.05
CA ASP E 127 -8.82 50.80 -23.21
C ASP E 127 -7.84 49.67 -23.47
N ALA E 128 -7.25 49.11 -22.40
CA ALA E 128 -6.32 47.99 -22.44
C ALA E 128 -7.00 46.73 -22.93
N GLN E 129 -8.25 46.54 -22.55
CA GLN E 129 -9.12 45.43 -22.96
C GLN E 129 -9.31 45.46 -24.50
N GLN E 130 -9.59 46.66 -25.04
CA GLN E 130 -9.75 46.85 -26.47
C GLN E 130 -8.38 46.80 -27.21
N SER E 131 -7.32 47.26 -26.55
CA SER E 131 -5.96 47.27 -27.08
C SER E 131 -5.40 45.87 -27.23
N LEU E 132 -5.62 45.01 -26.23
CA LEU E 132 -5.15 43.63 -26.30
C LEU E 132 -5.90 42.89 -27.40
N LEU E 133 -7.21 43.15 -27.58
CA LEU E 133 -7.96 42.52 -28.67
C LEU E 133 -7.43 42.94 -30.05
N ASP E 134 -7.25 44.25 -30.26
CA ASP E 134 -6.74 44.79 -31.52
C ASP E 134 -5.37 44.20 -31.87
N ARG E 135 -4.44 44.18 -30.88
CA ARG E 135 -3.09 43.66 -31.09
C ARG E 135 -3.06 42.16 -31.28
N MET E 136 -3.93 41.41 -30.59
CA MET E 136 -3.96 39.95 -30.78
C MET E 136 -4.60 39.57 -32.10
N GLU E 137 -5.55 40.39 -32.62
CA GLU E 137 -6.13 40.16 -33.93
C GLU E 137 -5.01 40.33 -34.99
N ALA E 138 -4.19 41.38 -34.84
CA ALA E 138 -3.09 41.65 -35.75
C ALA E 138 -1.99 40.56 -35.60
N TYR E 139 -1.64 40.19 -34.36
CA TYR E 139 -0.60 39.19 -34.07
C TYR E 139 -0.93 37.81 -34.63
N PHE E 140 -2.11 37.26 -34.32
CA PHE E 140 -2.49 35.95 -34.83
C PHE E 140 -2.87 35.97 -36.32
N GLY E 141 -3.17 37.14 -36.87
CA GLY E 141 -3.37 37.29 -38.31
C GLY E 141 -2.03 37.12 -39.01
N ASN E 142 -0.96 37.68 -38.42
CA ASN E 142 0.41 37.56 -38.91
C ASN E 142 0.98 36.15 -38.69
N THR E 143 0.47 35.41 -37.68
CA THR E 143 0.87 34.03 -37.41
C THR E 143 0.36 33.14 -38.54
N ILE E 144 -0.90 33.34 -38.96
CA ILE E 144 -1.50 32.59 -40.06
C ILE E 144 -0.75 32.90 -41.34
N GLN E 145 -0.43 34.17 -41.59
CA GLN E 145 0.32 34.56 -42.79
C GLN E 145 1.71 33.96 -42.79
N PHE E 146 2.38 33.93 -41.63
CA PHE E 146 3.71 33.36 -41.50
C PHE E 146 3.69 31.87 -41.83
N ILE E 147 2.74 31.10 -41.27
CA ILE E 147 2.64 29.67 -41.55
C ILE E 147 2.40 29.42 -43.03
N HIS E 148 1.54 30.23 -43.64
CA HIS E 148 1.22 30.07 -45.05
C HIS E 148 2.40 30.37 -45.98
N SER E 149 3.06 31.52 -45.79
CA SER E 149 4.18 31.89 -46.66
C SER E 149 5.50 31.20 -46.28
N GLU E 150 5.62 30.67 -45.03
CA GLU E 150 6.83 29.96 -44.58
C GLU E 150 6.63 28.47 -44.27
N ALA E 151 5.62 27.84 -44.88
CA ALA E 151 5.38 26.40 -44.71
C ALA E 151 6.56 25.55 -45.23
N PRO E 152 7.28 25.86 -46.36
CA PRO E 152 8.43 25.01 -46.73
C PRO E 152 9.52 24.93 -45.65
N LEU E 153 9.66 25.98 -44.82
CA LEU E 153 10.60 25.98 -43.69
C LEU E 153 10.03 25.18 -42.51
N LEU E 154 8.80 25.50 -42.08
CA LEU E 154 8.15 24.84 -40.95
C LEU E 154 7.84 23.36 -41.16
N ILE E 155 7.49 22.96 -42.38
CA ILE E 155 7.11 21.60 -42.73
C ILE E 155 8.31 20.82 -43.25
N ASP E 156 9.01 21.34 -44.27
CA ASP E 156 10.11 20.60 -44.89
C ASP E 156 11.51 20.97 -44.46
N GLY E 157 11.67 22.02 -43.69
CA GLY E 157 12.99 22.49 -43.29
C GLY E 157 13.77 23.06 -44.45
N LEU E 158 13.09 23.61 -45.47
CA LEU E 158 13.74 24.21 -46.63
C LEU E 158 14.57 25.43 -46.24
N GLY E 159 15.81 25.48 -46.71
CA GLY E 159 16.71 26.56 -46.38
C GLY E 159 17.64 26.24 -45.22
N ILE E 160 17.26 25.30 -44.35
CA ILE E 160 18.09 24.90 -43.21
C ILE E 160 19.33 24.18 -43.71
N PRO E 161 20.54 24.70 -43.40
CA PRO E 161 21.76 24.03 -43.87
C PRO E 161 22.04 22.71 -43.16
N ASP E 162 22.71 21.79 -43.88
CA ASP E 162 23.07 20.49 -43.31
C ASP E 162 24.41 20.65 -42.59
N THR E 163 24.40 20.57 -41.27
CA THR E 163 25.62 20.71 -40.50
C THR E 163 26.31 19.36 -40.14
N GLY E 164 25.81 18.25 -40.67
CA GLY E 164 26.38 16.94 -40.39
C GLY E 164 25.59 16.15 -39.37
N ASN E 165 26.13 15.00 -38.91
CA ASN E 165 25.44 14.12 -37.97
C ASN E 165 25.75 14.35 -36.47
N ALA E 166 26.38 15.48 -36.12
CA ALA E 166 26.72 15.74 -34.72
C ALA E 166 25.53 15.99 -33.76
N ILE E 167 24.45 16.63 -34.23
CA ILE E 167 23.30 16.94 -33.38
C ILE E 167 22.37 15.75 -33.11
N GLU E 168 22.08 14.91 -34.13
CA GLU E 168 21.11 13.83 -34.02
C GLU E 168 21.33 12.91 -32.81
N GLY E 169 20.28 12.81 -31.97
CA GLY E 169 20.25 12.02 -30.74
C GLY E 169 20.96 12.64 -29.55
N ARG E 170 21.63 13.79 -29.74
CA ARG E 170 22.38 14.44 -28.67
C ARG E 170 21.63 15.57 -27.97
N LYS E 171 22.08 15.94 -26.77
CA LYS E 171 21.55 17.11 -26.09
C LYS E 171 22.22 18.32 -26.75
N VAL E 172 21.45 19.40 -26.93
CA VAL E 172 21.97 20.63 -27.55
C VAL E 172 21.77 21.80 -26.57
N LEU E 173 22.73 22.70 -26.48
CA LEU E 173 22.58 23.90 -25.67
C LEU E 173 22.83 25.10 -26.57
N ILE E 174 21.82 25.99 -26.70
CA ILE E 174 21.93 27.19 -27.53
C ILE E 174 22.04 28.39 -26.62
N ALA E 175 23.09 29.18 -26.78
CA ALA E 175 23.30 30.38 -25.98
C ALA E 175 23.07 31.62 -26.85
N SER E 176 22.18 32.52 -26.40
CA SER E 176 21.85 33.79 -27.03
C SER E 176 22.23 34.91 -26.08
N PRO E 177 22.54 36.11 -26.58
CA PRO E 177 23.00 37.19 -25.68
C PRO E 177 21.94 37.94 -24.88
N GLY E 178 20.89 37.27 -24.41
CA GLY E 178 19.88 37.92 -23.58
C GLY E 178 20.42 38.31 -22.23
N ASP E 179 19.62 39.06 -21.42
CA ASP E 179 20.03 39.52 -20.09
C ASP E 179 20.48 38.35 -19.22
N ASN E 180 21.64 38.49 -18.57
CA ASN E 180 22.26 37.53 -17.65
C ASN E 180 22.61 36.17 -18.26
N HIS E 181 22.84 36.06 -19.58
CA HIS E 181 23.16 34.78 -20.20
C HIS E 181 24.53 34.25 -19.73
N ARG E 182 25.51 35.14 -19.43
CA ARG E 182 26.84 34.70 -18.98
C ARG E 182 26.77 34.05 -17.61
N SER E 183 26.05 34.68 -16.66
CA SER E 183 25.91 34.07 -15.35
C SER E 183 25.07 32.79 -15.39
N ARG E 184 24.13 32.68 -16.37
CA ARG E 184 23.37 31.45 -16.53
C ARG E 184 24.26 30.35 -17.07
N LEU E 185 25.15 30.68 -18.01
CA LEU E 185 26.07 29.71 -18.57
C LEU E 185 27.03 29.19 -17.49
N LYS E 186 27.43 30.06 -16.54
CA LYS E 186 28.29 29.68 -15.45
C LYS E 186 27.55 28.76 -14.47
N GLU E 187 26.25 28.96 -14.26
CA GLU E 187 25.45 28.07 -13.39
C GLU E 187 25.32 26.68 -14.01
N LEU E 188 25.34 26.60 -15.37
CA LEU E 188 25.25 25.38 -16.16
C LEU E 188 26.59 24.69 -16.42
N ARG E 189 27.65 25.06 -15.72
CA ARG E 189 28.95 24.45 -15.88
C ARG E 189 28.96 22.95 -15.62
N SER E 190 28.33 22.47 -14.52
CA SER E 190 28.25 21.05 -14.20
C SER E 190 27.41 20.31 -15.23
N PHE E 191 26.32 20.92 -15.71
CA PHE E 191 25.49 20.33 -16.72
C PHE E 191 26.29 20.08 -18.01
N ILE E 192 27.03 21.09 -18.48
CA ILE E 192 27.83 20.99 -19.68
C ILE E 192 28.95 19.93 -19.53
N ARG E 193 29.59 19.88 -18.37
CA ARG E 193 30.64 18.90 -18.12
C ARG E 193 30.10 17.47 -18.03
N GLU E 194 28.97 17.31 -17.37
CA GLU E 194 28.37 16.00 -17.14
C GLU E 194 27.67 15.42 -18.38
N TYR E 195 27.03 16.26 -19.20
CA TYR E 195 26.26 15.79 -20.35
C TYR E 195 26.91 16.04 -21.70
N ASP E 196 27.97 16.86 -21.76
CA ASP E 196 28.67 17.21 -22.99
C ASP E 196 27.74 17.58 -24.15
N PRO E 197 26.83 18.57 -23.99
CA PRO E 197 25.92 18.90 -25.09
C PRO E 197 26.61 19.57 -26.28
N VAL E 198 25.98 19.54 -27.46
CA VAL E 198 26.50 20.24 -28.63
C VAL E 198 26.20 21.71 -28.37
N LEU E 199 27.23 22.56 -28.39
CA LEU E 199 27.05 23.98 -28.09
C LEU E 199 26.86 24.82 -29.34
N ILE E 200 25.85 25.70 -29.33
CA ILE E 200 25.59 26.62 -30.43
C ILE E 200 25.62 28.03 -29.85
N GLY E 201 26.49 28.87 -30.37
CA GLY E 201 26.59 30.25 -29.91
C GLY E 201 25.88 31.16 -30.88
N VAL E 202 24.96 32.00 -30.42
CA VAL E 202 24.22 32.92 -31.29
C VAL E 202 24.69 34.34 -31.06
N ASP E 203 25.05 35.07 -32.14
CA ASP E 203 25.47 36.46 -32.04
C ASP E 203 26.62 36.65 -30.98
N GLY E 204 26.52 37.64 -30.11
CA GLY E 204 27.52 37.91 -29.08
C GLY E 204 27.70 36.80 -28.06
N ALA E 205 26.73 35.88 -27.92
CA ALA E 205 26.89 34.77 -26.98
C ALA E 205 27.91 33.71 -27.48
N ALA E 206 28.29 33.75 -28.77
CA ALA E 206 29.36 32.91 -29.28
C ALA E 206 30.69 33.40 -28.63
N ASP E 207 30.85 34.73 -28.46
CA ASP E 207 31.99 35.34 -27.77
C ASP E 207 32.00 34.87 -26.33
N THR E 208 30.85 34.92 -25.64
CA THR E 208 30.71 34.48 -24.26
C THR E 208 31.14 33.03 -24.07
N LEU E 209 30.70 32.13 -24.95
CA LEU E 209 31.05 30.70 -24.88
C LEU E 209 32.57 30.53 -24.98
N VAL E 210 33.19 31.19 -25.96
CA VAL E 210 34.63 31.14 -26.17
C VAL E 210 35.42 31.76 -25.01
N GLU E 211 34.91 32.88 -24.41
CA GLU E 211 35.52 33.54 -23.25
C GLU E 211 35.42 32.64 -22.00
N LEU E 212 34.39 31.78 -21.91
CA LEU E 212 34.25 30.83 -20.80
C LEU E 212 35.12 29.56 -20.97
N GLY E 213 35.82 29.43 -22.09
CA GLY E 213 36.70 28.32 -22.40
C GLY E 213 36.06 27.22 -23.25
N TYR E 214 34.90 27.49 -23.85
CA TYR E 214 34.22 26.50 -24.67
C TYR E 214 34.56 26.60 -26.15
N LYS E 215 34.35 25.51 -26.87
CA LYS E 215 34.56 25.42 -28.30
C LYS E 215 33.20 25.07 -28.90
N PRO E 216 32.34 26.08 -29.19
CA PRO E 216 31.03 25.76 -29.77
C PRO E 216 31.14 25.04 -31.10
N ALA E 217 30.25 24.08 -31.36
CA ALA E 217 30.26 23.36 -32.63
C ALA E 217 29.75 24.27 -33.76
N LEU E 218 28.75 25.12 -33.45
CA LEU E 218 28.13 26.02 -34.42
C LEU E 218 28.04 27.42 -33.86
N ILE E 219 28.12 28.40 -34.75
CA ILE E 219 27.94 29.79 -34.43
C ILE E 219 26.91 30.31 -35.41
N VAL E 220 25.82 30.93 -34.92
CA VAL E 220 24.78 31.44 -35.79
C VAL E 220 24.66 32.97 -35.64
N GLY E 221 24.70 33.69 -36.76
CA GLY E 221 24.51 35.12 -36.73
C GLY E 221 25.35 35.90 -37.72
N ASN E 222 25.04 37.19 -37.82
CA ASN E 222 25.76 38.15 -38.63
C ASN E 222 27.16 38.29 -38.05
N PRO E 223 28.20 37.89 -38.82
CA PRO E 223 29.57 37.97 -38.29
C PRO E 223 30.04 39.38 -37.91
N THR E 224 29.34 40.42 -38.39
CA THR E 224 29.65 41.82 -38.05
C THR E 224 29.57 42.05 -36.54
N GLY E 225 28.68 41.32 -35.85
CA GLY E 225 28.55 41.47 -34.41
C GLY E 225 29.14 40.35 -33.58
N ILE E 226 30.03 39.56 -34.16
CA ILE E 226 30.69 38.44 -33.49
C ILE E 226 32.22 38.68 -33.53
N GLY E 227 32.92 38.37 -32.44
CA GLY E 227 34.35 38.55 -32.34
C GLY E 227 35.15 37.59 -33.20
N ALA E 228 36.35 37.99 -33.58
CA ALA E 228 37.24 37.21 -34.44
C ALA E 228 37.69 35.93 -33.77
N ASP E 229 37.95 35.96 -32.46
CA ASP E 229 38.31 34.74 -31.72
C ASP E 229 37.21 33.68 -31.75
N ALA E 230 35.94 34.07 -31.61
CA ALA E 230 34.83 33.13 -31.69
C ALA E 230 34.69 32.62 -33.12
N LEU E 231 34.76 33.50 -34.14
CA LEU E 231 34.62 33.11 -35.54
C LEU E 231 35.74 32.17 -36.00
N ARG E 232 36.97 32.30 -35.45
CA ARG E 232 38.07 31.44 -35.82
C ARG E 232 38.29 30.27 -34.86
N SER E 233 37.39 30.03 -33.92
CA SER E 233 37.55 28.98 -32.92
C SER E 233 37.46 27.54 -33.44
N GLY E 234 36.98 27.36 -34.67
CA GLY E 234 36.81 26.03 -35.24
C GLY E 234 35.37 25.66 -35.47
N ALA E 235 34.42 26.49 -35.00
CA ALA E 235 32.99 26.28 -35.18
C ALA E 235 32.60 26.45 -36.63
N ASN E 236 31.51 25.81 -37.03
CA ASN E 236 30.94 26.00 -38.35
C ASN E 236 30.09 27.26 -38.20
N VAL E 237 30.32 28.28 -39.05
CA VAL E 237 29.61 29.55 -38.94
C VAL E 237 28.40 29.54 -39.87
N ILE E 238 27.21 29.83 -39.33
CA ILE E 238 25.95 29.86 -40.07
C ILE E 238 25.51 31.29 -40.21
N LEU E 239 25.46 31.77 -41.44
CA LEU E 239 25.09 33.15 -41.73
C LEU E 239 23.64 33.27 -42.13
N PRO E 240 22.89 34.15 -41.45
CA PRO E 240 21.51 34.41 -41.89
C PRO E 240 21.53 35.05 -43.29
N ALA E 241 20.60 34.68 -44.15
CA ALA E 241 20.55 35.22 -45.50
C ALA E 241 19.12 35.57 -45.87
N ASP E 242 18.94 36.45 -46.84
CA ASP E 242 17.61 36.80 -47.38
C ASP E 242 17.04 35.56 -48.07
N PRO E 243 15.72 35.45 -48.33
CA PRO E 243 15.21 34.26 -49.06
C PRO E 243 15.91 34.03 -50.41
N ASP E 244 16.50 35.09 -51.01
CA ASP E 244 17.22 34.96 -52.28
C ASP E 244 18.65 34.37 -52.14
N GLY E 245 19.15 34.27 -50.91
CA GLY E 245 20.48 33.73 -50.65
C GLY E 245 21.54 34.75 -50.27
N HIS E 246 21.22 36.06 -50.30
CA HIS E 246 22.21 37.09 -49.94
C HIS E 246 22.49 37.13 -48.44
N ALA E 247 23.74 36.86 -48.05
CA ALA E 247 24.16 36.86 -46.66
C ALA E 247 25.03 38.06 -46.28
N VAL E 248 24.57 38.85 -45.30
CA VAL E 248 25.34 39.99 -44.79
C VAL E 248 26.46 39.46 -43.89
N GLY E 249 27.65 40.03 -44.01
CA GLY E 249 28.81 39.59 -43.25
C GLY E 249 29.76 38.73 -44.07
N LEU E 250 29.48 38.58 -45.36
CA LEU E 250 30.32 37.77 -46.24
C LEU E 250 31.75 38.30 -46.36
N GLU E 251 31.92 39.61 -46.55
CA GLU E 251 33.25 40.25 -46.65
C GLU E 251 34.07 39.97 -45.38
N ARG E 252 33.44 40.07 -44.19
CA ARG E 252 34.13 39.79 -42.93
C ARG E 252 34.61 38.32 -42.86
N ILE E 253 33.76 37.36 -43.28
CA ILE E 253 34.10 35.94 -43.32
C ILE E 253 35.31 35.71 -44.24
N GLN E 254 35.32 36.37 -45.39
CA GLN E 254 36.39 36.27 -46.36
C GLN E 254 37.69 36.90 -45.84
N ASP E 255 37.59 37.99 -45.08
CA ASP E 255 38.76 38.65 -44.47
C ASP E 255 39.40 37.74 -43.41
N LEU E 256 38.57 37.02 -42.65
CA LEU E 256 39.03 36.11 -41.62
C LEU E 256 39.56 34.76 -42.16
N GLY E 257 39.23 34.44 -43.40
CA GLY E 257 39.66 33.20 -44.05
C GLY E 257 39.02 31.95 -43.47
N ILE E 258 37.75 32.08 -43.06
CA ILE E 258 37.04 30.95 -42.45
C ILE E 258 35.89 30.41 -43.34
N GLY E 259 35.45 29.19 -43.04
CA GLY E 259 34.35 28.57 -43.77
C GLY E 259 33.00 28.94 -43.16
N ALA E 260 31.98 29.09 -44.00
CA ALA E 260 30.65 29.42 -43.55
C ALA E 260 29.54 28.83 -44.42
N MET E 261 28.38 28.51 -43.83
CA MET E 261 27.17 28.08 -44.54
C MET E 261 26.10 29.19 -44.40
N THR E 262 25.16 29.28 -45.34
CA THR E 262 24.10 30.29 -45.24
C THR E 262 22.76 29.66 -44.89
N PHE E 263 21.89 30.43 -44.24
CA PHE E 263 20.57 29.98 -43.88
C PHE E 263 19.60 31.01 -44.46
N PRO E 264 19.19 30.85 -45.73
CA PRO E 264 18.23 31.80 -46.31
C PRO E 264 16.84 31.64 -45.71
N SER E 265 16.23 32.75 -45.28
CA SER E 265 14.89 32.72 -44.70
C SER E 265 14.29 34.13 -44.52
N SER E 266 13.03 34.21 -44.09
CA SER E 266 12.40 35.47 -43.76
C SER E 266 12.33 35.66 -42.22
N VAL E 267 13.04 34.83 -41.43
CA VAL E 267 13.05 34.94 -39.97
C VAL E 267 14.17 35.91 -39.61
N ASN E 268 13.86 36.95 -38.83
CA ASN E 268 14.84 37.98 -38.49
C ASN E 268 15.77 37.60 -37.35
N SER E 269 15.26 36.85 -36.37
CA SER E 269 16.06 36.46 -35.21
C SER E 269 17.01 35.30 -35.46
N SER E 270 18.29 35.48 -35.12
CA SER E 270 19.29 34.41 -35.22
C SER E 270 19.07 33.35 -34.14
N THR E 271 18.41 33.69 -33.03
CA THR E 271 18.07 32.72 -32.00
C THR E 271 17.03 31.76 -32.56
N ASP E 272 16.01 32.27 -33.27
CA ASP E 272 14.98 31.44 -33.89
C ASP E 272 15.58 30.56 -34.98
N LEU E 273 16.55 31.10 -35.75
CA LEU E 273 17.24 30.32 -36.78
C LEU E 273 18.01 29.17 -36.15
N ALA E 274 18.75 29.44 -35.05
CA ALA E 274 19.52 28.41 -34.33
C ALA E 274 18.61 27.33 -33.75
N LEU E 275 17.43 27.74 -33.20
CA LEU E 275 16.45 26.80 -32.64
C LEU E 275 15.85 25.92 -33.73
N LEU E 276 15.51 26.52 -34.89
CA LEU E 276 14.94 25.76 -36.01
C LEU E 276 15.97 24.83 -36.63
N LEU E 277 17.24 25.26 -36.69
CA LEU E 277 18.33 24.45 -37.21
C LEU E 277 18.55 23.24 -36.31
N ALA E 278 18.66 23.45 -34.98
CA ALA E 278 18.89 22.36 -34.05
C ALA E 278 17.74 21.35 -34.09
N ASP E 279 16.48 21.83 -34.12
CA ASP E 279 15.31 20.97 -34.15
C ASP E 279 15.28 20.09 -35.41
N PHE E 280 15.65 20.67 -36.56
CA PHE E 280 15.68 19.97 -37.83
C PHE E 280 16.66 18.79 -37.82
N HIS E 281 17.74 18.88 -37.03
CA HIS E 281 18.73 17.81 -36.96
C HIS E 281 18.36 16.71 -35.93
N ASN E 282 17.11 16.70 -35.44
CA ASN E 282 16.59 15.69 -34.52
C ASN E 282 17.42 15.45 -33.25
N PRO E 283 17.55 16.45 -32.36
CA PRO E 283 18.29 16.23 -31.11
C PRO E 283 17.44 15.50 -30.05
N GLN E 284 18.04 15.11 -28.94
CA GLN E 284 17.32 14.52 -27.82
C GLN E 284 16.57 15.65 -27.06
N MET E 285 17.24 16.79 -26.88
CA MET E 285 16.68 17.95 -26.19
C MET E 285 17.44 19.22 -26.62
N ILE E 286 16.81 20.38 -26.42
CA ILE E 286 17.38 21.69 -26.72
C ILE E 286 17.24 22.57 -25.50
N VAL E 287 18.39 22.91 -24.87
CA VAL E 287 18.45 23.81 -23.72
C VAL E 287 18.65 25.22 -24.25
N ASN E 288 17.64 26.06 -24.09
CA ASN E 288 17.66 27.42 -24.62
C ASN E 288 18.11 28.39 -23.53
N VAL E 289 19.31 28.96 -23.67
CA VAL E 289 19.88 29.87 -22.69
C VAL E 289 19.93 31.30 -23.25
N GLY E 290 19.35 32.27 -22.54
CA GLY E 290 19.41 33.66 -22.96
C GLY E 290 18.48 34.11 -24.05
N GLY E 291 17.47 33.31 -24.36
CA GLY E 291 16.50 33.66 -25.38
C GLY E 291 15.06 33.33 -25.03
N PRO E 292 14.51 33.87 -23.91
CA PRO E 292 13.13 33.52 -23.56
C PRO E 292 12.08 34.29 -24.35
N VAL E 293 11.05 33.60 -24.85
CA VAL E 293 9.92 34.22 -25.55
C VAL E 293 8.68 33.56 -24.96
N THR E 294 7.80 34.32 -24.31
CA THR E 294 6.62 33.77 -23.65
C THR E 294 5.33 34.49 -24.10
N LEU E 295 4.15 33.94 -23.79
CA LEU E 295 2.87 34.55 -24.16
C LEU E 295 2.68 35.86 -23.42
N ASP E 296 3.09 35.91 -22.14
CA ASP E 296 2.98 37.13 -21.35
C ASP E 296 3.84 38.25 -21.95
N GLY E 297 5.00 37.90 -22.52
CA GLY E 297 5.85 38.85 -23.22
C GLY E 297 5.16 39.44 -24.45
N VAL E 298 4.37 38.63 -25.17
CA VAL E 298 3.61 39.08 -26.34
C VAL E 298 2.48 40.01 -25.90
N PHE E 299 1.76 39.62 -24.84
CA PHE E 299 0.67 40.43 -24.31
C PHE E 299 1.16 41.77 -23.79
N GLU E 300 2.33 41.81 -23.13
CA GLU E 300 2.87 43.02 -22.54
C GLU E 300 3.66 43.91 -23.50
N ASN E 301 3.99 43.42 -24.71
CA ASN E 301 4.68 44.24 -25.69
C ASN E 301 3.63 45.14 -26.40
N ARG E 302 3.61 46.47 -26.09
CA ARG E 302 2.67 47.44 -26.71
C ARG E 302 2.87 47.61 -28.24
N GLU E 303 4.03 47.17 -28.77
CA GLU E 303 4.32 47.25 -30.21
C GLU E 303 4.20 45.84 -30.92
N ASP E 304 4.63 45.70 -32.20
CA ASP E 304 4.45 44.45 -32.93
C ASP E 304 5.49 43.35 -32.62
N SER E 305 5.01 42.22 -32.06
CA SER E 305 5.86 41.07 -31.75
C SER E 305 5.95 40.15 -32.98
N ASP E 306 7.11 39.52 -33.22
CA ASP E 306 7.27 38.64 -34.37
C ASP E 306 6.69 37.27 -34.06
N PRO E 307 5.63 36.87 -34.79
CA PRO E 307 5.05 35.55 -34.57
C PRO E 307 6.03 34.39 -34.76
N ALA E 308 7.14 34.61 -35.47
CA ALA E 308 8.16 33.62 -35.73
C ALA E 308 8.81 33.14 -34.43
N ALA E 309 8.99 34.03 -33.45
CA ALA E 309 9.59 33.68 -32.16
C ALA E 309 8.75 32.68 -31.35
N LEU E 310 7.45 32.95 -31.13
CA LEU E 310 6.54 32.05 -30.42
C LEU E 310 6.21 30.79 -31.24
N LEU E 311 6.13 30.91 -32.60
CA LEU E 311 5.89 29.73 -33.44
C LEU E 311 7.09 28.80 -33.36
N THR E 312 8.33 29.34 -33.26
CA THR E 312 9.54 28.54 -33.15
C THR E 312 9.52 27.73 -31.86
N ARG E 313 9.11 28.36 -30.74
CA ARG E 313 9.02 27.67 -29.46
C ARG E 313 8.01 26.54 -29.52
N ALA E 314 6.87 26.77 -30.17
CA ALA E 314 5.81 25.77 -30.34
C ALA E 314 6.23 24.63 -31.28
N LYS E 315 7.02 24.97 -32.32
CA LYS E 315 7.57 24.04 -33.30
C LYS E 315 8.50 23.04 -32.61
N LEU E 316 9.38 23.50 -31.74
CA LEU E 316 10.30 22.66 -30.98
C LEU E 316 9.56 21.73 -30.00
N GLY E 317 8.38 22.16 -29.54
CA GLY E 317 7.52 21.38 -28.68
C GLY E 317 8.16 20.90 -27.40
N THR E 318 8.03 19.60 -27.15
CA THR E 318 8.48 18.93 -25.93
C THR E 318 10.00 18.80 -25.81
N LYS E 319 10.78 19.06 -26.86
CA LYS E 319 12.24 18.98 -26.78
C LYS E 319 12.90 20.23 -26.15
N LEU E 320 12.15 21.34 -26.06
CA LEU E 320 12.63 22.59 -25.54
C LEU E 320 12.55 22.71 -24.01
N VAL E 321 13.67 23.13 -23.41
CA VAL E 321 13.77 23.40 -22.00
C VAL E 321 14.60 24.69 -21.81
N ASP E 322 14.12 25.59 -20.96
CA ASP E 322 14.84 26.82 -20.69
C ASP E 322 16.04 26.51 -19.80
N GLY E 323 17.12 27.25 -19.98
CA GLY E 323 18.33 27.11 -19.16
C GLY E 323 18.06 27.28 -17.68
N SER E 324 17.06 28.11 -17.31
CA SER E 324 16.70 28.30 -15.90
C SER E 324 16.16 27.04 -15.27
N VAL E 325 15.41 26.21 -16.05
CA VAL E 325 14.88 24.97 -15.51
C VAL E 325 16.04 24.01 -15.19
N ILE E 326 16.98 23.87 -16.14
CA ILE E 326 18.12 23.00 -15.97
C ILE E 326 19.01 23.47 -14.81
N ALA E 327 19.28 24.81 -14.69
CA ALA E 327 20.09 25.34 -13.61
C ALA E 327 19.45 25.10 -12.24
N SER E 328 18.12 25.15 -12.14
CA SER E 328 17.41 24.92 -10.87
C SER E 328 17.62 23.48 -10.33
N LEU E 329 18.00 22.53 -11.17
CA LEU E 329 18.33 21.17 -10.73
C LEU E 329 19.69 21.13 -9.99
N TYR E 330 20.53 22.16 -10.13
CA TYR E 330 21.85 22.24 -9.52
C TYR E 330 21.91 23.16 -8.30
N THR E 331 20.90 24.03 -8.10
CA THR E 331 20.83 24.97 -6.98
C THR E 331 20.87 24.28 -5.61
N ASP F 1 -24.98 28.32 18.39
CA ASP F 1 -24.14 29.27 19.14
C ASP F 1 -23.53 28.56 20.34
N LEU F 2 -22.23 28.27 20.30
CA LEU F 2 -21.56 27.60 21.41
C LEU F 2 -20.92 28.67 22.31
N PRO F 3 -20.88 28.47 23.63
CA PRO F 3 -20.34 29.52 24.51
C PRO F 3 -18.84 29.80 24.40
N GLY F 4 -18.44 31.01 24.74
CA GLY F 4 -17.04 31.40 24.74
C GLY F 4 -16.64 32.53 23.83
N LEU F 5 -15.37 32.91 23.89
CA LEU F 5 -14.78 33.96 23.06
C LEU F 5 -14.34 33.35 21.75
N GLN F 6 -14.83 33.88 20.63
CA GLN F 6 -14.43 33.37 19.32
C GLN F 6 -13.59 34.37 18.55
N GLY F 7 -12.44 33.91 18.09
CA GLY F 7 -11.48 34.73 17.35
C GLY F 7 -10.40 33.88 16.69
N ALA F 8 -9.60 34.48 15.78
CA ALA F 8 -8.54 33.73 15.09
C ALA F 8 -7.34 33.45 16.00
N THR F 9 -6.85 32.20 16.05
CA THR F 9 -5.72 31.82 16.89
C THR F 9 -4.38 32.18 16.23
N ARG F 10 -3.67 33.15 16.81
CA ARG F 10 -2.39 33.59 16.25
C ARG F 10 -1.22 33.36 17.18
N ILE F 11 -0.19 32.66 16.70
CA ILE F 11 1.02 32.41 17.48
C ILE F 11 1.89 33.67 17.54
N CYS F 12 2.20 34.14 18.74
CA CYS F 12 2.99 35.34 18.95
C CYS F 12 4.24 35.09 19.77
N THR F 13 5.35 35.66 19.33
CA THR F 13 6.62 35.60 20.05
C THR F 13 7.07 37.04 20.39
N PRO F 14 7.84 37.26 21.47
CA PRO F 14 8.29 38.64 21.77
C PRO F 14 9.14 39.30 20.67
N GLN F 15 9.72 38.48 19.78
CA GLN F 15 10.54 38.92 18.66
C GLN F 15 9.74 39.47 17.45
N GLY F 16 8.41 39.30 17.47
CA GLY F 16 7.51 39.79 16.43
C GLY F 16 6.98 38.76 15.46
N LYS F 17 6.60 37.57 15.96
CA LYS F 17 6.12 36.50 15.06
C LYS F 17 4.75 36.80 14.43
N GLY F 18 3.70 36.97 15.24
CA GLY F 18 2.36 37.23 14.71
C GLY F 18 1.73 38.54 15.14
N LEU F 19 2.50 39.40 15.83
CA LEU F 19 2.06 40.69 16.34
C LEU F 19 1.46 41.65 15.29
N LYS F 20 2.03 41.66 14.07
CA LYS F 20 1.51 42.49 12.99
C LYS F 20 0.18 41.97 12.44
N ARG F 21 -0.02 40.63 12.46
CA ARG F 21 -1.28 40.06 12.00
C ARG F 21 -2.32 39.92 13.15
N LEU F 22 -1.91 40.23 14.40
CA LEU F 22 -2.78 40.16 15.57
C LEU F 22 -3.79 41.30 15.50
N SER F 23 -5.05 40.94 15.26
CA SER F 23 -6.16 41.89 15.13
C SER F 23 -7.02 41.94 16.42
N GLU F 24 -7.91 42.94 16.51
CA GLU F 24 -8.81 43.12 17.65
C GLU F 24 -9.79 41.98 17.76
N GLY F 25 -9.76 41.29 18.89
CA GLY F 25 -10.66 40.17 19.13
C GLY F 25 -10.07 38.78 18.90
N ASP F 26 -8.81 38.71 18.47
CA ASP F 26 -8.11 37.45 18.21
C ASP F 26 -7.72 36.74 19.50
N LEU F 27 -7.38 35.45 19.41
CA LEU F 27 -6.94 34.69 20.56
C LEU F 27 -5.44 34.52 20.37
N ALA F 28 -4.63 35.34 21.07
CA ALA F 28 -3.17 35.29 20.95
C ALA F 28 -2.60 34.08 21.68
N ILE F 29 -1.77 33.27 21.01
CA ILE F 29 -1.13 32.09 21.61
C ILE F 29 0.34 32.42 21.87
N ILE F 30 0.76 32.42 23.14
CA ILE F 30 2.15 32.73 23.48
C ILE F 30 2.81 31.66 24.38
N ASP F 31 4.14 31.68 24.47
CA ASP F 31 4.91 30.84 25.37
C ASP F 31 5.84 31.83 26.05
N ALA F 32 5.33 32.53 27.06
CA ALA F 32 6.10 33.57 27.73
C ALA F 32 6.05 33.47 29.24
N PRO F 33 6.91 32.64 29.85
CA PRO F 33 6.98 32.62 31.31
C PRO F 33 7.54 33.95 31.82
N ASP F 34 6.95 34.51 32.89
CA ASP F 34 7.38 35.82 33.42
C ASP F 34 7.31 36.91 32.35
N LEU F 35 6.12 37.01 31.71
CA LEU F 35 5.78 37.95 30.64
C LEU F 35 6.37 39.36 30.88
N SER F 36 7.18 39.83 29.92
CA SER F 36 7.81 41.14 30.03
C SER F 36 6.83 42.28 29.77
N ARG F 37 7.13 43.48 30.30
CA ARG F 37 6.28 44.64 30.14
C ARG F 37 6.21 45.05 28.66
N THR F 38 7.33 44.95 27.94
CA THR F 38 7.40 45.27 26.52
C THR F 38 6.47 44.37 25.69
N PHE F 39 6.51 43.04 25.93
CA PHE F 39 5.65 42.11 25.22
C PHE F 39 4.19 42.32 25.61
N ALA F 40 3.92 42.57 26.89
CA ALA F 40 2.56 42.84 27.36
C ALA F 40 1.99 44.12 26.74
N GLN F 41 2.83 45.13 26.50
CA GLN F 41 2.44 46.40 25.89
C GLN F 41 2.08 46.19 24.42
N ARG F 42 2.84 45.34 23.72
CA ARG F 42 2.57 45.06 22.31
C ARG F 42 1.28 44.26 22.16
N LEU F 43 1.02 43.31 23.06
CA LEU F 43 -0.22 42.54 23.01
C LEU F 43 -1.39 43.46 23.34
N LEU F 44 -1.25 44.28 24.38
CA LEU F 44 -2.30 45.22 24.79
C LEU F 44 -2.70 46.19 23.67
N ALA F 45 -1.70 46.83 23.01
CA ALA F 45 -1.92 47.78 21.92
C ALA F 45 -2.58 47.15 20.68
N ALA F 46 -2.68 45.82 20.61
CA ALA F 46 -3.29 45.10 19.50
C ALA F 46 -4.73 44.63 19.79
N LYS F 47 -5.18 44.76 21.06
CA LYS F 47 -6.51 44.48 21.56
C LYS F 47 -7.03 43.05 21.29
N PRO F 48 -6.26 41.99 21.63
CA PRO F 48 -6.81 40.63 21.48
C PRO F 48 -7.88 40.38 22.55
N ALA F 49 -8.81 39.45 22.27
CA ALA F 49 -9.84 39.10 23.24
C ALA F 49 -9.23 38.28 24.38
N ALA F 50 -8.18 37.49 24.09
CA ALA F 50 -7.55 36.66 25.08
C ALA F 50 -6.10 36.39 24.76
N VAL F 51 -5.28 36.13 25.77
CA VAL F 51 -3.89 35.75 25.61
C VAL F 51 -3.73 34.38 26.29
N LEU F 52 -3.27 33.38 25.55
CA LEU F 52 -3.15 32.01 26.04
C LEU F 52 -1.69 31.60 26.18
N ASN F 53 -1.27 31.33 27.40
CA ASN F 53 0.12 31.05 27.70
C ASN F 53 0.40 29.56 27.88
N VAL F 54 1.44 29.09 27.20
CA VAL F 54 1.91 27.71 27.33
C VAL F 54 2.52 27.54 28.75
N SER F 55 3.24 28.55 29.23
CA SER F 55 3.85 28.60 30.58
C SER F 55 2.96 29.46 31.56
N ARG F 56 3.49 29.85 32.74
CA ARG F 56 2.76 30.70 33.68
C ARG F 56 3.17 32.17 33.45
N PHE F 57 2.21 33.09 33.53
CA PHE F 57 2.43 34.53 33.35
C PHE F 57 3.41 35.11 34.40
N THR F 58 3.33 34.59 35.62
CA THR F 58 4.20 34.96 36.73
C THR F 58 4.63 33.63 37.37
N THR F 59 5.88 33.24 37.20
CA THR F 59 6.37 31.99 37.74
C THR F 59 6.66 32.04 39.26
N GLY F 60 6.79 33.23 39.81
CA GLY F 60 7.03 33.39 41.24
C GLY F 60 8.37 33.97 41.66
N SER F 61 9.35 34.04 40.73
CA SER F 61 10.67 34.58 41.10
C SER F 61 10.71 36.10 41.10
N VAL F 62 10.04 36.74 40.13
CA VAL F 62 10.10 38.19 40.02
C VAL F 62 8.72 38.83 39.90
N PRO F 63 8.54 40.02 40.51
CA PRO F 63 7.25 40.72 40.35
C PRO F 63 7.13 41.43 38.98
N ASN F 64 6.50 40.77 38.00
CA ASN F 64 6.29 41.32 36.66
C ASN F 64 4.82 41.82 36.49
N PHE F 65 4.65 43.12 36.16
CA PHE F 65 3.35 43.77 36.03
C PHE F 65 2.60 43.49 34.72
N GLY F 66 3.30 43.01 33.70
CA GLY F 66 2.73 42.64 32.41
C GLY F 66 1.37 41.96 32.41
N PRO F 67 1.20 40.83 33.14
CA PRO F 67 -0.13 40.18 33.16
C PRO F 67 -1.28 41.05 33.68
N GLN F 68 -1.05 41.84 34.75
CA GLN F 68 -2.08 42.75 35.27
C GLN F 68 -2.42 43.86 34.26
N MET F 69 -1.44 44.27 33.43
CA MET F 69 -1.66 45.26 32.39
C MET F 69 -2.68 44.75 31.37
N LEU F 70 -2.63 43.45 31.04
CA LEU F 70 -3.53 42.84 30.08
C LEU F 70 -4.92 42.69 30.66
N ILE F 71 -5.01 42.29 31.94
CA ILE F 71 -6.27 42.14 32.64
C ILE F 71 -6.99 43.49 32.80
N ASP F 72 -6.25 44.57 33.15
CA ASP F 72 -6.88 45.90 33.23
C ASP F 72 -7.42 46.35 31.85
N GLY F 73 -6.75 45.92 30.78
CA GLY F 73 -7.15 46.21 29.41
C GLY F 73 -8.35 45.41 28.90
N GLY F 74 -8.91 44.55 29.75
CA GLY F 74 -10.08 43.74 29.41
C GLY F 74 -9.77 42.50 28.62
N ILE F 75 -8.55 41.98 28.73
CA ILE F 75 -8.12 40.78 28.00
C ILE F 75 -8.20 39.57 28.92
N GLN F 76 -8.77 38.46 28.43
CA GLN F 76 -8.86 37.24 29.23
C GLN F 76 -7.51 36.53 29.22
N LEU F 77 -7.05 36.09 30.40
CA LEU F 77 -5.74 35.44 30.50
C LEU F 77 -5.90 34.00 30.90
N VAL F 78 -5.34 33.08 30.11
CA VAL F 78 -5.42 31.65 30.42
C VAL F 78 -3.98 31.11 30.29
N GLU F 79 -3.50 30.34 31.28
CA GLU F 79 -2.10 29.90 31.29
C GLU F 79 -1.89 28.41 31.59
N GLY F 80 -0.66 27.94 31.44
CA GLY F 80 -0.29 26.57 31.75
C GLY F 80 -0.91 25.53 30.85
N PHE F 81 -1.13 25.86 29.58
CA PHE F 81 -1.69 24.91 28.62
C PHE F 81 -0.69 23.81 28.27
N GLY F 82 0.60 24.15 28.27
CA GLY F 82 1.65 23.21 27.92
C GLY F 82 1.92 23.20 26.43
N GLN F 83 2.88 22.37 26.02
CA GLN F 83 3.30 22.26 24.63
C GLN F 83 2.15 21.90 23.66
N GLU F 84 1.12 21.16 24.13
CA GLU F 84 -0.01 20.78 23.27
C GLU F 84 -0.76 21.98 22.67
N LEU F 85 -0.65 23.17 23.29
CA LEU F 85 -1.27 24.38 22.76
C LEU F 85 -0.56 24.81 21.48
N LEU F 86 0.79 24.77 21.47
CA LEU F 86 1.56 25.13 20.29
C LEU F 86 1.45 24.05 19.21
N ASP F 87 1.42 22.78 19.63
CA ASP F 87 1.34 21.66 18.71
C ASP F 87 -0.05 21.51 18.03
N GLY F 88 -1.09 22.02 18.68
CA GLY F 88 -2.45 21.92 18.16
C GLY F 88 -3.02 23.18 17.55
N THR F 89 -2.23 24.26 17.50
CA THR F 89 -2.67 25.54 16.95
C THR F 89 -2.51 25.63 15.43
N LYS F 90 -3.48 26.26 14.76
CA LYS F 90 -3.46 26.52 13.33
C LYS F 90 -3.60 28.05 13.21
N ASP F 91 -2.57 28.74 12.69
CA ASP F 91 -2.56 30.20 12.58
C ASP F 91 -3.72 30.77 11.74
N GLY F 92 -4.50 31.64 12.36
CA GLY F 92 -5.64 32.29 11.74
C GLY F 92 -6.95 31.52 11.77
N LYS F 93 -6.92 30.31 12.35
CA LYS F 93 -8.12 29.48 12.42
C LYS F 93 -9.00 29.96 13.58
N LYS F 94 -10.31 30.08 13.33
CA LYS F 94 -11.24 30.57 14.33
C LYS F 94 -11.41 29.59 15.50
N GLY F 95 -10.85 29.94 16.64
CA GLY F 95 -10.93 29.16 17.85
C GLY F 95 -12.01 29.65 18.80
N ARG F 96 -12.27 28.87 19.84
CA ARG F 96 -13.29 29.20 20.82
C ARG F 96 -12.75 28.93 22.22
N LEU F 97 -12.68 29.96 23.06
CA LEU F 97 -12.16 29.83 24.41
C LEU F 97 -13.26 30.01 25.44
N THR F 98 -13.55 28.96 26.22
CA THR F 98 -14.63 29.03 27.23
C THR F 98 -14.18 29.76 28.49
N GLU F 99 -15.15 30.14 29.37
CA GLU F 99 -14.80 30.82 30.62
C GLU F 99 -14.00 29.92 31.59
N ASP F 100 -14.04 28.59 31.39
CA ASP F 100 -13.29 27.61 32.16
C ASP F 100 -11.84 27.38 31.63
N GLY F 101 -11.45 28.06 30.56
CA GLY F 101 -10.11 27.97 30.00
C GLY F 101 -9.88 26.88 28.96
N GLN F 102 -10.94 26.37 28.34
CA GLN F 102 -10.78 25.33 27.31
C GLN F 102 -10.73 25.93 25.91
N LEU F 103 -9.79 25.46 25.07
CA LEU F 103 -9.69 25.94 23.70
C LEU F 103 -10.24 24.91 22.73
N PHE F 104 -11.17 25.31 21.87
CA PHE F 104 -11.80 24.40 20.91
C PHE F 104 -11.72 24.92 19.49
N TYR F 105 -11.74 24.00 18.51
CA TYR F 105 -11.84 24.35 17.09
C TYR F 105 -13.19 23.77 16.71
N GLY F 106 -14.24 24.48 17.09
CA GLY F 106 -15.60 24.02 16.90
C GLY F 106 -16.00 23.26 18.14
N GLU F 107 -16.28 21.96 17.99
CA GLU F 107 -16.60 21.11 19.14
C GLU F 107 -15.43 20.18 19.53
N ARG F 108 -14.22 20.41 18.97
CA ARG F 108 -13.05 19.56 19.21
C ARG F 108 -12.08 20.22 20.19
N LEU F 109 -11.83 19.58 21.33
CA LEU F 109 -10.95 20.12 22.37
C LEU F 109 -9.47 20.03 21.97
N ILE F 110 -8.76 21.16 22.10
CA ILE F 110 -7.33 21.25 21.79
C ILE F 110 -6.49 21.21 23.06
N SER F 111 -6.80 22.09 24.03
CA SER F 111 -6.05 22.13 25.27
C SER F 111 -6.85 22.78 26.40
N ASN F 112 -6.52 22.41 27.64
CA ASN F 112 -7.14 22.93 28.85
C ASN F 112 -6.11 23.82 29.55
N GLY F 113 -6.51 25.04 29.85
CA GLY F 113 -5.67 25.99 30.55
C GLY F 113 -6.28 26.46 31.85
N SER F 114 -5.51 27.21 32.63
CA SER F 114 -5.96 27.75 33.91
C SER F 114 -6.20 29.24 33.78
N VAL F 115 -7.43 29.69 34.01
CA VAL F 115 -7.77 31.10 33.92
C VAL F 115 -7.09 31.91 35.02
N LEU F 116 -6.38 32.95 34.61
CA LEU F 116 -5.72 33.83 35.54
C LEU F 116 -6.58 35.07 35.72
N SER F 117 -7.30 35.17 36.83
CA SER F 117 -8.14 36.33 37.14
C SER F 117 -7.28 37.51 37.62
N GLY F 118 -7.85 38.70 37.66
CA GLY F 118 -7.20 39.91 38.16
C GLY F 118 -6.70 39.75 39.59
N PRO F 119 -7.57 39.34 40.56
CA PRO F 119 -7.08 39.13 41.93
C PRO F 119 -6.01 38.05 42.04
N ALA F 120 -6.09 36.96 41.25
CA ALA F 120 -5.07 35.91 41.30
C ALA F 120 -3.74 36.38 40.72
N ALA F 121 -3.78 37.26 39.72
CA ALA F 121 -2.59 37.85 39.12
C ALA F 121 -1.94 38.84 40.10
N GLU F 122 -2.74 39.58 40.88
CA GLU F 122 -2.24 40.51 41.89
C GLU F 122 -1.55 39.72 43.00
N ASN F 123 -2.17 38.58 43.42
CA ASN F 123 -1.59 37.72 44.44
C ASN F 123 -0.29 37.09 43.99
N ALA F 124 -0.20 36.67 42.72
CA ALA F 124 1.02 36.07 42.21
C ALA F 124 2.15 37.11 42.18
N PHE F 125 1.82 38.37 41.84
CA PHE F 125 2.76 39.48 41.80
C PHE F 125 3.25 39.79 43.22
N ALA F 126 2.34 39.89 44.21
CA ALA F 126 2.68 40.18 45.61
C ALA F 126 3.52 39.09 46.24
N ASP F 127 3.28 37.83 45.85
CA ASP F 127 4.06 36.71 46.35
C ASP F 127 5.46 36.75 45.79
N ALA F 128 5.59 37.07 44.49
CA ALA F 128 6.87 37.16 43.78
C ALA F 128 7.69 38.34 44.32
N GLN F 129 7.01 39.44 44.69
CA GLN F 129 7.57 40.64 45.30
C GLN F 129 8.22 40.28 46.65
N GLN F 130 7.53 39.48 47.46
CA GLN F 130 8.01 39.05 48.76
C GLN F 130 9.14 38.01 48.61
N SER F 131 9.05 37.14 47.59
CA SER F 131 10.03 36.13 47.32
C SER F 131 11.36 36.77 46.92
N LEU F 132 11.32 37.79 46.06
CA LEU F 132 12.52 38.50 45.63
C LEU F 132 13.18 39.20 46.82
N LEU F 133 12.39 39.85 47.69
CA LEU F 133 12.92 40.54 48.87
C LEU F 133 13.61 39.55 49.82
N ASP F 134 12.98 38.39 50.09
CA ASP F 134 13.56 37.36 50.96
C ASP F 134 14.86 36.81 50.38
N ARG F 135 14.87 36.53 49.07
CA ARG F 135 16.05 35.99 48.41
C ARG F 135 17.19 37.00 48.37
N MET F 136 16.88 38.29 48.16
CA MET F 136 17.89 39.33 48.12
C MET F 136 18.41 39.67 49.50
N GLU F 137 17.58 39.54 50.54
CA GLU F 137 18.04 39.74 51.93
C GLU F 137 19.06 38.66 52.26
N ALA F 138 18.78 37.41 51.87
CA ALA F 138 19.70 36.31 52.11
C ALA F 138 20.98 36.47 51.25
N TYR F 139 20.84 36.81 49.97
CA TYR F 139 21.95 36.98 49.04
C TYR F 139 22.93 38.09 49.44
N PHE F 140 22.42 39.31 49.70
CA PHE F 140 23.28 40.42 50.10
C PHE F 140 23.76 40.30 51.57
N GLY F 141 23.11 39.47 52.37
CA GLY F 141 23.58 39.15 53.71
C GLY F 141 24.83 38.28 53.60
N ASN F 142 24.83 37.33 52.63
CA ASN F 142 25.95 36.47 52.33
C ASN F 142 27.09 37.24 51.65
N THR F 143 26.78 38.33 50.93
CA THR F 143 27.77 39.18 50.27
C THR F 143 28.57 39.92 51.33
N ILE F 144 27.90 40.45 52.36
CA ILE F 144 28.55 41.14 53.47
C ILE F 144 29.44 40.15 54.23
N GLN F 145 28.93 38.93 54.49
CA GLN F 145 29.71 37.91 55.18
C GLN F 145 30.94 37.50 54.37
N PHE F 146 30.77 37.37 53.05
CA PHE F 146 31.87 37.01 52.16
C PHE F 146 32.96 38.09 52.19
N ILE F 147 32.60 39.37 52.08
CA ILE F 147 33.58 40.46 52.11
C ILE F 147 34.33 40.49 53.42
N HIS F 148 33.62 40.26 54.53
CA HIS F 148 34.24 40.24 55.83
C HIS F 148 35.25 39.11 56.01
N SER F 149 34.86 37.87 55.69
CA SER F 149 35.76 36.74 55.89
C SER F 149 36.82 36.62 54.78
N GLU F 150 36.56 37.13 53.58
CA GLU F 150 37.51 37.06 52.47
C GLU F 150 38.17 38.41 52.11
N ALA F 151 38.17 39.39 53.02
CA ALA F 151 38.84 40.67 52.78
C ALA F 151 40.33 40.48 52.46
N PRO F 152 41.11 39.57 53.13
CA PRO F 152 42.52 39.40 52.71
C PRO F 152 42.69 39.09 51.22
N LEU F 153 41.76 38.34 50.64
CA LEU F 153 41.80 38.01 49.21
C LEU F 153 41.34 39.19 48.36
N LEU F 154 40.19 39.80 48.67
CA LEU F 154 39.63 40.91 47.92
C LEU F 154 40.43 42.19 47.98
N ILE F 155 41.07 42.48 49.12
CA ILE F 155 41.85 43.68 49.33
C ILE F 155 43.33 43.44 49.03
N ASP F 156 43.93 42.41 49.64
CA ASP F 156 45.36 42.18 49.49
C ASP F 156 45.79 41.14 48.50
N GLY F 157 44.87 40.33 48.01
CA GLY F 157 45.23 39.23 47.12
C GLY F 157 45.93 38.11 47.87
N LEU F 158 45.68 37.96 49.17
CA LEU F 158 46.30 36.91 49.96
C LEU F 158 45.84 35.52 49.49
N GLY F 159 46.79 34.62 49.30
CA GLY F 159 46.51 33.29 48.79
C GLY F 159 46.72 33.16 47.29
N ILE F 160 46.67 34.29 46.55
CA ILE F 160 46.87 34.26 45.09
C ILE F 160 48.31 33.94 44.76
N PRO F 161 48.57 32.84 44.02
CA PRO F 161 49.97 32.50 43.69
C PRO F 161 50.64 33.46 42.72
N ASP F 162 51.97 33.58 42.82
CA ASP F 162 52.77 34.41 41.93
C ASP F 162 53.14 33.58 40.70
N THR F 163 52.55 33.90 39.55
CA THR F 163 52.82 33.19 38.31
C THR F 163 53.92 33.87 37.43
N GLY F 164 54.53 34.94 37.92
CA GLY F 164 55.54 35.66 37.17
C GLY F 164 55.03 36.95 36.54
N ASN F 165 55.84 37.55 35.67
CA ASN F 165 55.55 38.83 35.04
C ASN F 165 54.87 38.76 33.66
N ALA F 166 54.39 37.59 33.24
CA ALA F 166 53.75 37.44 31.94
C ALA F 166 52.38 38.15 31.78
N ILE F 167 51.58 38.27 32.86
CA ILE F 167 50.26 38.85 32.76
C ILE F 167 50.26 40.40 32.72
N GLU F 168 51.13 41.05 33.51
CA GLU F 168 51.15 42.51 33.65
C GLU F 168 51.26 43.28 32.33
N GLY F 169 50.26 44.15 32.09
CA GLY F 169 50.16 44.96 30.89
C GLY F 169 49.61 44.25 29.67
N ARG F 170 49.38 42.94 29.75
CA ARG F 170 48.90 42.17 28.60
C ARG F 170 47.39 41.93 28.59
N LYS F 171 46.84 41.61 27.42
CA LYS F 171 45.44 41.21 27.31
C LYS F 171 45.41 39.74 27.78
N VAL F 172 44.39 39.38 28.54
CA VAL F 172 44.22 38.02 29.03
C VAL F 172 42.89 37.45 28.54
N LEU F 173 42.86 36.16 28.17
CA LEU F 173 41.62 35.50 27.77
C LEU F 173 41.45 34.27 28.66
N ILE F 174 40.36 34.21 29.42
CA ILE F 174 40.09 33.07 30.30
C ILE F 174 38.97 32.24 29.71
N ALA F 175 39.21 30.94 29.50
CA ALA F 175 38.19 30.07 28.95
C ALA F 175 37.69 29.10 30.01
N SER F 176 36.38 29.07 30.23
CA SER F 176 35.69 28.21 31.17
C SER F 176 34.73 27.30 30.42
N PRO F 177 34.40 26.09 30.95
CA PRO F 177 33.59 25.16 30.16
C PRO F 177 32.07 25.41 30.17
N GLY F 178 31.65 26.66 30.01
CA GLY F 178 30.23 26.99 29.95
C GLY F 178 29.63 26.51 28.63
N ASP F 179 28.30 26.60 28.50
CA ASP F 179 27.62 26.20 27.28
C ASP F 179 28.15 26.96 26.06
N ASN F 180 28.44 26.22 24.99
CA ASN F 180 28.96 26.74 23.72
C ASN F 180 30.31 27.45 23.82
N HIS F 181 31.15 27.12 24.82
CA HIS F 181 32.45 27.79 24.96
C HIS F 181 33.38 27.49 23.79
N ARG F 182 33.32 26.28 23.24
CA ARG F 182 34.16 25.87 22.13
C ARG F 182 33.87 26.65 20.85
N SER F 183 32.57 26.81 20.45
CA SER F 183 32.27 27.60 19.25
C SER F 183 32.61 29.08 19.48
N ARG F 184 32.50 29.58 20.73
CA ARG F 184 32.85 30.94 21.08
C ARG F 184 34.35 31.13 20.94
N LEU F 185 35.17 30.13 21.36
CA LEU F 185 36.62 30.20 21.18
C LEU F 185 36.99 30.20 19.69
N LYS F 186 36.23 29.46 18.86
CA LYS F 186 36.46 29.42 17.43
C LYS F 186 36.11 30.77 16.77
N GLU F 187 35.08 31.48 17.26
CA GLU F 187 34.73 32.80 16.76
C GLU F 187 35.83 33.82 17.08
N LEU F 188 36.56 33.61 18.18
CA LEU F 188 37.64 34.44 18.67
C LEU F 188 39.02 34.07 18.09
N ARG F 189 39.08 33.24 17.05
CA ARG F 189 40.34 32.84 16.44
C ARG F 189 41.17 34.03 15.91
N SER F 190 40.53 34.98 15.18
CA SER F 190 41.21 36.16 14.67
C SER F 190 41.68 37.05 15.80
N PHE F 191 40.87 37.19 16.88
CA PHE F 191 41.22 38.00 18.03
C PHE F 191 42.50 37.45 18.68
N ILE F 192 42.55 36.14 18.91
CA ILE F 192 43.70 35.50 19.55
C ILE F 192 44.95 35.61 18.69
N ARG F 193 44.82 35.44 17.38
CA ARG F 193 45.94 35.54 16.47
C ARG F 193 46.48 36.97 16.38
N GLU F 194 45.57 37.94 16.29
CA GLU F 194 45.92 39.34 16.12
C GLU F 194 46.45 40.01 17.41
N TYR F 195 45.91 39.64 18.57
CA TYR F 195 46.31 40.29 19.82
C TYR F 195 47.20 39.45 20.74
N ASP F 196 47.38 38.16 20.43
CA ASP F 196 48.21 37.24 21.24
C ASP F 196 47.97 37.34 22.75
N PRO F 197 46.73 37.19 23.23
CA PRO F 197 46.48 37.29 24.68
C PRO F 197 47.08 36.13 25.48
N VAL F 198 47.28 36.33 26.79
CA VAL F 198 47.73 35.26 27.68
C VAL F 198 46.49 34.38 27.87
N LEU F 199 46.60 33.07 27.56
CA LEU F 199 45.46 32.17 27.67
C LEU F 199 45.45 31.42 28.99
N ILE F 200 44.29 31.39 29.64
CA ILE F 200 44.11 30.67 30.90
C ILE F 200 42.96 29.68 30.67
N GLY F 201 43.23 28.39 30.85
CA GLY F 201 42.19 27.39 30.69
C GLY F 201 41.67 26.96 32.05
N VAL F 202 40.36 26.98 32.24
CA VAL F 202 39.75 26.58 33.52
C VAL F 202 39.02 25.24 33.36
N ASP F 203 39.32 24.25 34.24
CA ASP F 203 38.70 22.94 34.21
C ASP F 203 38.77 22.30 32.79
N GLY F 204 37.67 21.76 32.28
CA GLY F 204 37.62 21.12 30.97
C GLY F 204 37.89 22.04 29.80
N ALA F 205 37.79 23.37 29.98
CA ALA F 205 38.12 24.30 28.90
C ALA F 205 39.66 24.39 28.64
N ALA F 206 40.49 23.87 29.56
CA ALA F 206 41.92 23.77 29.32
C ALA F 206 42.13 22.67 28.21
N ASP F 207 41.32 21.60 28.23
CA ASP F 207 41.32 20.57 27.22
C ASP F 207 40.90 21.17 25.89
N THR F 208 39.82 21.98 25.87
CA THR F 208 39.32 22.64 24.66
C THR F 208 40.40 23.51 24.03
N LEU F 209 41.13 24.32 24.82
CA LEU F 209 42.19 25.18 24.31
C LEU F 209 43.27 24.36 23.63
N VAL F 210 43.73 23.30 24.28
CA VAL F 210 44.76 22.39 23.75
C VAL F 210 44.26 21.63 22.50
N GLU F 211 42.98 21.22 22.46
CA GLU F 211 42.37 20.54 21.31
C GLU F 211 42.24 21.49 20.12
N LEU F 212 42.07 22.81 20.37
CA LEU F 212 42.03 23.84 19.32
C LEU F 212 43.43 24.24 18.79
N GLY F 213 44.50 23.69 19.37
CA GLY F 213 45.87 23.94 18.97
C GLY F 213 46.58 25.01 19.80
N TYR F 214 46.01 25.41 20.93
CA TYR F 214 46.62 26.45 21.77
C TYR F 214 47.50 25.88 22.87
N LYS F 215 48.40 26.70 23.38
CA LYS F 215 49.28 26.37 24.48
C LYS F 215 48.96 27.37 25.58
N PRO F 216 47.96 27.07 26.44
CA PRO F 216 47.63 28.02 27.51
C PRO F 216 48.79 28.25 28.47
N ALA F 217 48.99 29.48 28.93
CA ALA F 217 50.07 29.79 29.87
C ALA F 217 49.75 29.22 31.26
N LEU F 218 48.46 29.24 31.64
CA LEU F 218 48.00 28.76 32.93
C LEU F 218 46.79 27.86 32.77
N ILE F 219 46.68 26.89 33.67
CA ILE F 219 45.53 26.02 33.77
C ILE F 219 45.06 26.09 35.23
N VAL F 220 43.76 26.38 35.45
CA VAL F 220 43.21 26.49 36.81
C VAL F 220 42.11 25.46 37.03
N GLY F 221 42.25 24.67 38.08
CA GLY F 221 41.23 23.71 38.43
C GLY F 221 41.74 22.41 38.99
N ASN F 222 40.80 21.60 39.46
CA ASN F 222 41.04 20.27 40.00
C ASN F 222 41.55 19.40 38.85
N PRO F 223 42.81 18.92 38.94
CA PRO F 223 43.36 18.10 37.86
C PRO F 223 42.58 16.83 37.55
N THR F 224 41.72 16.37 38.49
CA THR F 224 40.88 15.18 38.30
C THR F 224 39.97 15.36 37.08
N GLY F 225 39.53 16.58 36.80
CA GLY F 225 38.65 16.85 35.67
C GLY F 225 39.33 17.46 34.46
N ILE F 226 40.66 17.41 34.39
CA ILE F 226 41.43 17.96 33.28
C ILE F 226 42.23 16.82 32.62
N GLY F 227 42.30 16.81 31.30
CA GLY F 227 43.02 15.78 30.56
C GLY F 227 44.53 15.86 30.73
N ALA F 228 45.22 14.72 30.55
CA ALA F 228 46.66 14.62 30.69
C ALA F 228 47.39 15.46 29.64
N ASP F 229 46.86 15.52 28.41
CA ASP F 229 47.48 16.34 27.37
C ASP F 229 47.50 17.81 27.74
N ALA F 230 46.42 18.33 28.33
CA ALA F 230 46.37 19.72 28.76
C ALA F 230 47.33 19.93 29.96
N LEU F 231 47.30 19.02 30.94
CA LEU F 231 48.17 19.12 32.12
C LEU F 231 49.68 19.05 31.79
N ARG F 232 50.05 18.30 30.74
CA ARG F 232 51.44 18.19 30.34
C ARG F 232 51.82 19.14 29.18
N SER F 233 50.96 20.07 28.80
CA SER F 233 51.20 20.95 27.65
C SER F 233 52.28 22.01 27.86
N GLY F 234 52.73 22.21 29.09
CA GLY F 234 53.72 23.25 29.37
C GLY F 234 53.16 24.39 30.20
N ALA F 235 51.84 24.41 30.44
CA ALA F 235 51.17 25.40 31.25
C ALA F 235 51.56 25.26 32.72
N ASN F 236 51.49 26.35 33.47
CA ASN F 236 51.66 26.31 34.90
C ASN F 236 50.28 25.90 35.43
N VAL F 237 50.24 24.85 36.23
CA VAL F 237 48.98 24.32 36.76
C VAL F 237 48.66 24.87 38.15
N ILE F 238 47.47 25.49 38.31
CA ILE F 238 47.05 26.09 39.57
C ILE F 238 45.95 25.23 40.18
N LEU F 239 46.20 24.67 41.37
CA LEU F 239 45.21 23.84 42.05
C LEU F 239 44.45 24.62 43.09
N PRO F 240 43.12 24.59 43.05
CA PRO F 240 42.33 25.17 44.14
C PRO F 240 42.63 24.40 45.45
N ALA F 241 42.74 25.10 46.56
CA ALA F 241 43.03 24.47 47.84
C ALA F 241 42.11 25.00 48.92
N ASP F 242 41.95 24.26 50.01
CA ASP F 242 41.17 24.71 51.18
C ASP F 242 41.95 25.89 51.81
N PRO F 243 41.33 26.74 52.67
CA PRO F 243 42.11 27.81 53.32
C PRO F 243 43.36 27.32 54.06
N ASP F 244 43.36 26.05 54.49
CA ASP F 244 44.49 25.41 55.19
C ASP F 244 45.67 25.01 54.25
N GLY F 245 45.43 25.02 52.94
CA GLY F 245 46.44 24.67 51.95
C GLY F 245 46.29 23.31 51.30
N HIS F 246 45.31 22.50 51.74
CA HIS F 246 45.09 21.16 51.15
C HIS F 246 44.49 21.24 49.75
N ALA F 247 45.23 20.74 48.74
CA ALA F 247 44.80 20.74 47.35
C ALA F 247 44.39 19.35 46.84
N VAL F 248 43.13 19.22 46.40
CA VAL F 248 42.62 17.99 45.80
C VAL F 248 43.20 17.84 44.39
N GLY F 249 43.60 16.63 44.06
CA GLY F 249 44.18 16.35 42.76
C GLY F 249 45.70 16.27 42.77
N LEU F 250 46.33 16.38 43.97
CA LEU F 250 47.78 16.32 44.15
C LEU F 250 48.37 14.99 43.66
N GLU F 251 47.73 13.86 43.99
CA GLU F 251 48.19 12.54 43.56
C GLU F 251 48.27 12.46 42.02
N ARG F 252 47.27 13.01 41.34
CA ARG F 252 47.27 13.04 39.88
C ARG F 252 48.46 13.84 39.31
N ILE F 253 48.75 15.01 39.90
CA ILE F 253 49.88 15.88 39.51
C ILE F 253 51.20 15.11 39.68
N GLN F 254 51.34 14.38 40.79
CA GLN F 254 52.53 13.59 41.09
C GLN F 254 52.67 12.40 40.14
N ASP F 255 51.55 11.78 39.72
CA ASP F 255 51.55 10.67 38.77
C ASP F 255 52.02 11.16 37.38
N LEU F 256 51.60 12.37 37.00
CA LEU F 256 51.95 12.98 35.71
C LEU F 256 53.37 13.55 35.66
N GLY F 257 54.00 13.74 36.83
CA GLY F 257 55.35 14.28 36.96
C GLY F 257 55.47 15.72 36.53
N ILE F 258 54.37 16.49 36.64
CA ILE F 258 54.39 17.89 36.25
C ILE F 258 54.47 18.83 37.50
N GLY F 259 54.65 20.12 37.27
CA GLY F 259 54.73 21.14 38.31
C GLY F 259 53.40 21.85 38.54
N ALA F 260 53.15 22.23 39.80
CA ALA F 260 51.91 22.90 40.14
C ALA F 260 52.08 23.88 41.31
N MET F 261 51.23 24.90 41.34
CA MET F 261 51.10 25.89 42.40
C MET F 261 49.70 25.71 43.01
N THR F 262 49.48 26.15 44.25
CA THR F 262 48.18 26.05 44.89
C THR F 262 47.56 27.43 45.20
N PHE F 263 46.23 27.51 45.20
CA PHE F 263 45.51 28.75 45.47
C PHE F 263 44.54 28.45 46.62
N PRO F 264 45.01 28.60 47.87
CA PRO F 264 44.13 28.36 49.02
C PRO F 264 43.09 29.45 49.17
N SER F 265 41.81 29.06 49.30
CA SER F 265 40.72 30.02 49.45
C SER F 265 39.38 29.34 49.86
N SER F 266 38.35 30.14 50.10
CA SER F 266 37.00 29.67 50.37
C SER F 266 36.10 29.89 49.11
N VAL F 267 36.68 30.23 47.95
CA VAL F 267 35.94 30.43 46.71
C VAL F 267 35.80 29.05 46.04
N ASN F 268 34.57 28.64 45.72
CA ASN F 268 34.35 27.32 45.14
C ASN F 268 34.59 27.24 43.65
N SER F 269 34.28 28.30 42.92
CA SER F 269 34.44 28.29 41.47
C SER F 269 35.88 28.51 41.00
N SER F 270 36.39 27.63 40.12
CA SER F 270 37.71 27.79 39.53
C SER F 270 37.73 28.94 38.49
N THR F 271 36.56 29.32 37.94
CA THR F 271 36.45 30.45 37.03
C THR F 271 36.71 31.73 37.83
N ASP F 272 36.12 31.85 39.04
CA ASP F 272 36.31 33.01 39.91
C ASP F 272 37.76 33.08 40.37
N LEU F 273 38.37 31.92 40.66
CA LEU F 273 39.78 31.90 41.06
C LEU F 273 40.66 32.42 39.92
N ALA F 274 40.42 31.95 38.68
CA ALA F 274 41.18 32.37 37.51
C ALA F 274 41.03 33.87 37.25
N LEU F 275 39.80 34.41 37.42
CA LEU F 275 39.51 35.82 37.23
C LEU F 275 40.23 36.67 38.28
N LEU F 276 40.23 36.21 39.56
CA LEU F 276 40.91 36.93 40.65
C LEU F 276 42.42 36.87 40.48
N LEU F 277 42.95 35.73 40.01
CA LEU F 277 44.38 35.56 39.77
C LEU F 277 44.83 36.50 38.64
N ALA F 278 44.11 36.51 37.50
CA ALA F 278 44.47 37.38 36.38
C ALA F 278 44.45 38.87 36.78
N ASP F 279 43.38 39.29 37.50
CA ASP F 279 43.23 40.66 37.94
C ASP F 279 44.37 41.11 38.85
N PHE F 280 44.81 40.22 39.75
CA PHE F 280 45.88 40.51 40.69
C PHE F 280 47.20 40.79 39.99
N HIS F 281 47.41 40.21 38.81
CA HIS F 281 48.64 40.44 38.06
C HIS F 281 48.58 41.67 37.16
N ASN F 282 47.60 42.58 37.35
CA ASN F 282 47.47 43.84 36.64
C ASN F 282 47.50 43.74 35.09
N PRO F 283 46.52 43.06 34.48
CA PRO F 283 46.51 42.98 33.01
C PRO F 283 45.92 44.25 32.38
N GLN F 284 45.99 44.38 31.07
CA GLN F 284 45.37 45.49 30.33
C GLN F 284 43.86 45.23 30.27
N MET F 285 43.45 43.97 30.00
CA MET F 285 42.07 43.58 29.90
C MET F 285 41.91 42.07 30.19
N ILE F 286 40.71 41.65 30.56
CA ILE F 286 40.38 40.25 30.79
C ILE F 286 39.14 39.90 29.97
N VAL F 287 39.30 39.03 28.96
CA VAL F 287 38.22 38.53 28.11
C VAL F 287 37.71 37.23 28.76
N ASN F 288 36.51 37.26 29.29
CA ASN F 288 35.93 36.13 29.97
C ASN F 288 35.06 35.33 28.99
N VAL F 289 35.51 34.12 28.63
CA VAL F 289 34.81 33.24 27.69
C VAL F 289 34.24 32.01 28.40
N GLY F 290 32.92 31.78 28.28
CA GLY F 290 32.30 30.61 28.87
C GLY F 290 31.98 30.67 30.35
N GLY F 291 32.01 31.84 30.94
CA GLY F 291 31.66 31.98 32.36
C GLY F 291 30.81 33.20 32.67
N PRO F 292 29.63 33.36 32.06
CA PRO F 292 28.83 34.58 32.32
C PRO F 292 28.04 34.53 33.61
N VAL F 293 28.03 35.64 34.35
CA VAL F 293 27.30 35.78 35.60
C VAL F 293 26.66 37.17 35.57
N THR F 294 25.34 37.25 35.67
CA THR F 294 24.63 38.52 35.60
C THR F 294 23.67 38.74 36.81
N LEU F 295 23.24 39.99 37.06
CA LEU F 295 22.32 40.29 38.16
C LEU F 295 20.93 39.69 37.88
N ASP F 296 20.52 39.68 36.60
CA ASP F 296 19.26 39.09 36.21
C ASP F 296 19.26 37.57 36.53
N GLY F 297 20.41 36.89 36.44
CA GLY F 297 20.53 35.48 36.82
C GLY F 297 20.24 35.27 38.30
N VAL F 298 20.79 36.13 39.18
CA VAL F 298 20.56 36.10 40.63
C VAL F 298 19.08 36.38 40.93
N PHE F 299 18.48 37.35 40.24
CA PHE F 299 17.05 37.65 40.44
C PHE F 299 16.17 36.48 40.00
N GLU F 300 16.56 35.79 38.92
CA GLU F 300 15.74 34.71 38.37
C GLU F 300 16.02 33.33 38.98
N ASN F 301 17.14 33.16 39.72
CA ASN F 301 17.56 31.88 40.27
C ASN F 301 16.52 31.17 41.15
N ARG F 302 15.99 31.75 42.25
CA ARG F 302 15.03 31.03 43.11
C ARG F 302 15.71 30.07 44.10
N GLU F 303 16.87 29.54 43.71
CA GLU F 303 17.81 28.74 44.50
C GLU F 303 18.94 29.72 44.90
N ASP F 304 19.79 29.35 45.89
CA ASP F 304 20.85 30.23 46.37
C ASP F 304 22.00 30.46 45.37
N SER F 305 22.25 31.74 45.01
CA SER F 305 23.37 32.09 44.13
C SER F 305 24.62 32.40 44.99
N ASP F 306 25.80 32.11 44.47
CA ASP F 306 27.04 32.38 45.20
C ASP F 306 27.46 33.85 44.99
N PRO F 307 27.53 34.63 46.10
CA PRO F 307 27.97 36.03 45.99
C PRO F 307 29.38 36.18 45.47
N ALA F 308 30.26 35.17 45.65
CA ALA F 308 31.63 35.20 45.12
C ALA F 308 31.68 35.50 43.62
N ALA F 309 30.75 34.90 42.82
CA ALA F 309 30.67 35.11 41.39
C ALA F 309 30.46 36.58 40.98
N LEU F 310 29.40 37.24 41.48
CA LEU F 310 29.12 38.63 41.16
C LEU F 310 30.13 39.58 41.78
N LEU F 311 30.66 39.25 42.98
CA LEU F 311 31.69 40.11 43.60
C LEU F 311 32.98 40.06 42.78
N THR F 312 33.31 38.91 42.20
CA THR F 312 34.52 38.76 41.37
C THR F 312 34.38 39.60 40.11
N ARG F 313 33.20 39.61 39.47
CA ARG F 313 32.97 40.43 38.28
C ARG F 313 33.11 41.90 38.61
N ALA F 314 32.58 42.34 39.78
CA ALA F 314 32.66 43.73 40.24
C ALA F 314 34.09 44.12 40.62
N LYS F 315 34.85 43.17 41.18
CA LYS F 315 36.26 43.35 41.57
C LYS F 315 37.10 43.67 40.35
N LEU F 316 36.90 42.93 39.26
CA LEU F 316 37.64 43.15 38.01
C LEU F 316 37.30 44.51 37.37
N GLY F 317 36.09 45.03 37.65
CA GLY F 317 35.64 46.34 37.21
C GLY F 317 35.67 46.56 35.72
N THR F 318 36.33 47.67 35.31
CA THR F 318 36.45 48.09 33.93
C THR F 318 37.35 47.21 33.07
N LYS F 319 38.13 46.29 33.65
CA LYS F 319 39.00 45.41 32.86
C LYS F 319 38.29 44.21 32.26
N LEU F 320 37.10 43.87 32.77
CA LEU F 320 36.34 42.73 32.33
C LEU F 320 35.50 42.98 31.04
N VAL F 321 35.59 42.06 30.09
CA VAL F 321 34.79 42.09 28.87
C VAL F 321 34.39 40.64 28.57
N ASP F 322 33.11 40.43 28.24
CA ASP F 322 32.63 39.09 27.91
C ASP F 322 33.09 38.74 26.50
N GLY F 323 33.36 37.46 26.26
CA GLY F 323 33.79 36.98 24.95
C GLY F 323 32.79 37.30 23.85
N SER F 324 31.49 37.37 24.20
CA SER F 324 30.44 37.68 23.24
C SER F 324 30.54 39.12 22.71
N VAL F 325 31.01 40.07 23.56
CA VAL F 325 31.19 41.44 23.14
C VAL F 325 32.33 41.51 22.10
N ILE F 326 33.45 40.84 22.38
CA ILE F 326 34.59 40.80 21.47
C ILE F 326 34.21 40.10 20.17
N ALA F 327 33.49 38.97 20.24
CA ALA F 327 33.11 38.22 19.03
C ALA F 327 32.17 39.04 18.11
N SER F 328 31.31 39.91 18.70
CA SER F 328 30.44 40.81 17.92
C SER F 328 31.23 41.81 17.06
N LEU F 329 32.50 42.09 17.40
CA LEU F 329 33.33 42.98 16.59
C LEU F 329 33.81 42.30 15.29
N TYR F 330 33.72 40.95 15.21
CA TYR F 330 34.16 40.16 14.06
C TYR F 330 33.00 39.67 13.18
N THR F 331 31.74 39.74 13.67
CA THR F 331 30.54 39.32 12.93
C THR F 331 30.36 40.11 11.63
N LEU G 2 -1.73 -63.58 -9.45
CA LEU G 2 -2.23 -63.32 -10.82
C LEU G 2 -1.74 -61.98 -11.39
N PRO G 3 -1.26 -62.00 -12.65
CA PRO G 3 -0.71 -60.76 -13.24
C PRO G 3 -1.67 -59.62 -13.48
N GLY G 4 -1.11 -58.41 -13.48
CA GLY G 4 -1.89 -57.22 -13.78
C GLY G 4 -1.94 -56.16 -12.71
N LEU G 5 -2.57 -55.03 -13.03
CA LEU G 5 -2.77 -53.92 -12.14
C LEU G 5 -4.01 -54.20 -11.30
N GLN G 6 -3.87 -54.18 -9.97
CA GLN G 6 -5.03 -54.41 -9.11
C GLN G 6 -5.46 -53.14 -8.38
N GLY G 7 -6.74 -52.81 -8.51
CA GLY G 7 -7.30 -51.64 -7.88
C GLY G 7 -8.82 -51.67 -7.88
N ALA G 8 -9.44 -50.76 -7.14
CA ALA G 8 -10.90 -50.69 -7.07
C ALA G 8 -11.48 -50.13 -8.37
N THR G 9 -12.52 -50.74 -8.92
CA THR G 9 -13.13 -50.28 -10.16
C THR G 9 -14.18 -49.21 -9.87
N ARG G 10 -13.93 -47.95 -10.28
CA ARG G 10 -14.86 -46.85 -9.99
C ARG G 10 -15.39 -46.21 -11.26
N ILE G 11 -16.72 -46.18 -11.41
CA ILE G 11 -17.36 -45.54 -12.57
C ILE G 11 -17.31 -44.01 -12.42
N CYS G 12 -16.70 -43.33 -13.40
CA CYS G 12 -16.53 -41.89 -13.41
C CYS G 12 -17.22 -41.22 -14.59
N THR G 13 -17.98 -40.17 -14.31
CA THR G 13 -18.64 -39.36 -15.33
C THR G 13 -18.03 -37.94 -15.25
N PRO G 14 -18.00 -37.17 -16.36
CA PRO G 14 -17.44 -35.81 -16.28
C PRO G 14 -18.18 -34.88 -15.32
N GLN G 15 -19.44 -35.22 -14.99
CA GLN G 15 -20.32 -34.46 -14.11
C GLN G 15 -19.99 -34.58 -12.61
N GLY G 16 -19.05 -35.45 -12.24
CA GLY G 16 -18.64 -35.56 -10.85
C GLY G 16 -18.90 -36.88 -10.18
N LYS G 17 -19.66 -37.77 -10.84
CA LYS G 17 -19.95 -39.09 -10.30
C LYS G 17 -18.64 -39.89 -10.29
N GLY G 18 -18.29 -40.42 -9.11
CA GLY G 18 -17.09 -41.23 -8.91
C GLY G 18 -15.79 -40.50 -8.73
N LEU G 19 -15.65 -39.31 -9.33
CA LEU G 19 -14.41 -38.54 -9.27
C LEU G 19 -14.03 -38.11 -7.86
N LYS G 20 -15.01 -37.92 -6.99
CA LYS G 20 -14.75 -37.53 -5.61
C LYS G 20 -14.14 -38.69 -4.82
N ARG G 21 -14.58 -39.93 -5.10
CA ARG G 21 -14.07 -41.09 -4.38
C ARG G 21 -12.87 -41.75 -5.05
N LEU G 22 -12.58 -41.43 -6.33
CA LEU G 22 -11.45 -41.96 -7.09
C LEU G 22 -10.13 -41.75 -6.34
N SER G 23 -9.53 -42.84 -5.88
CA SER G 23 -8.30 -42.85 -5.10
C SER G 23 -7.07 -43.29 -5.93
N GLU G 24 -5.86 -43.08 -5.38
CA GLU G 24 -4.60 -43.43 -6.05
C GLU G 24 -4.48 -44.95 -6.20
N GLY G 25 -4.33 -45.43 -7.43
CA GLY G 25 -4.21 -46.86 -7.68
C GLY G 25 -5.48 -47.53 -8.16
N ASP G 26 -6.61 -46.81 -8.16
CA ASP G 26 -7.88 -47.34 -8.61
C ASP G 26 -7.92 -47.48 -10.14
N LEU G 27 -8.89 -48.26 -10.62
CA LEU G 27 -9.09 -48.45 -12.04
C LEU G 27 -10.33 -47.67 -12.38
N ALA G 28 -10.16 -46.51 -13.02
CA ALA G 28 -11.29 -45.64 -13.37
C ALA G 28 -12.02 -46.16 -14.60
N ILE G 29 -13.34 -46.26 -14.52
CA ILE G 29 -14.21 -46.76 -15.58
C ILE G 29 -14.97 -45.58 -16.16
N ILE G 30 -14.70 -45.22 -17.41
CA ILE G 30 -15.36 -44.10 -18.05
C ILE G 30 -16.02 -44.47 -19.40
N ASP G 31 -16.93 -43.61 -19.87
CA ASP G 31 -17.53 -43.73 -21.19
C ASP G 31 -17.37 -42.34 -21.76
N ALA G 32 -16.18 -42.03 -22.26
CA ALA G 32 -15.85 -40.72 -22.76
C ALA G 32 -15.19 -40.75 -24.13
N PRO G 33 -15.98 -40.80 -25.21
CA PRO G 33 -15.38 -40.66 -26.55
C PRO G 33 -14.83 -39.24 -26.72
N ASP G 34 -13.64 -39.07 -27.32
CA ASP G 34 -13.04 -37.75 -27.49
C ASP G 34 -12.86 -37.03 -26.14
N LEU G 35 -12.18 -37.71 -25.19
CA LEU G 35 -11.92 -37.28 -23.81
C LEU G 35 -11.55 -35.80 -23.71
N SER G 36 -12.32 -35.03 -22.94
CA SER G 36 -12.04 -33.60 -22.79
C SER G 36 -10.85 -33.34 -21.87
N ARG G 37 -10.20 -32.18 -22.04
CA ARG G 37 -9.04 -31.79 -21.25
C ARG G 37 -9.44 -31.63 -19.77
N THR G 38 -10.64 -31.08 -19.51
CA THR G 38 -11.13 -30.90 -18.16
C THR G 38 -11.31 -32.25 -17.45
N PHE G 39 -11.94 -33.23 -18.10
CA PHE G 39 -12.14 -34.54 -17.51
C PHE G 39 -10.79 -35.27 -17.35
N ALA G 40 -9.89 -35.13 -18.33
CA ALA G 40 -8.55 -35.72 -18.25
C ALA G 40 -7.74 -35.14 -17.09
N GLN G 41 -7.90 -33.85 -16.81
CA GLN G 41 -7.22 -33.16 -15.72
C GLN G 41 -7.72 -33.65 -14.36
N ARG G 42 -9.05 -33.88 -14.24
CA ARG G 42 -9.65 -34.37 -13.00
C ARG G 42 -9.23 -35.82 -12.77
N LEU G 43 -9.17 -36.63 -13.83
CA LEU G 43 -8.76 -38.02 -13.71
C LEU G 43 -7.27 -38.07 -13.32
N LEU G 44 -6.44 -37.24 -13.95
CA LEU G 44 -5.00 -37.16 -13.67
C LEU G 44 -4.71 -36.78 -12.21
N ALA G 45 -5.48 -35.83 -11.65
CA ALA G 45 -5.28 -35.39 -10.27
C ALA G 45 -5.57 -36.50 -9.25
N ALA G 46 -6.51 -37.40 -9.58
CA ALA G 46 -6.86 -38.52 -8.71
C ALA G 46 -5.79 -39.63 -8.65
N LYS G 47 -4.87 -39.64 -9.64
CA LYS G 47 -3.79 -40.62 -9.75
C LYS G 47 -4.28 -42.07 -9.86
N PRO G 48 -5.22 -42.40 -10.76
CA PRO G 48 -5.61 -43.80 -10.92
C PRO G 48 -4.48 -44.59 -11.61
N ALA G 49 -4.46 -45.90 -11.41
CA ALA G 49 -3.46 -46.76 -12.07
C ALA G 49 -3.80 -46.90 -13.57
N ALA G 50 -5.10 -46.89 -13.90
CA ALA G 50 -5.57 -47.04 -15.26
C ALA G 50 -6.91 -46.34 -15.50
N VAL G 51 -7.17 -45.95 -16.74
CA VAL G 51 -8.46 -45.39 -17.15
C VAL G 51 -8.98 -46.31 -18.27
N LEU G 52 -10.15 -46.89 -18.07
CA LEU G 52 -10.78 -47.85 -18.98
C LEU G 52 -11.98 -47.22 -19.64
N ASN G 53 -11.96 -47.12 -20.97
CA ASN G 53 -12.99 -46.41 -21.70
C ASN G 53 -13.91 -47.33 -22.48
N VAL G 54 -15.23 -47.11 -22.36
CA VAL G 54 -16.22 -47.85 -23.13
C VAL G 54 -16.04 -47.53 -24.63
N SER G 55 -15.75 -46.25 -24.94
CA SER G 55 -15.53 -45.75 -26.30
C SER G 55 -14.00 -45.52 -26.58
N ARG G 56 -13.66 -44.82 -27.66
CA ARG G 56 -12.28 -44.53 -27.99
C ARG G 56 -11.90 -43.16 -27.43
N PHE G 57 -10.68 -43.02 -26.90
CA PHE G 57 -10.18 -41.76 -26.34
C PHE G 57 -10.12 -40.64 -27.39
N THR G 58 -9.74 -41.00 -28.62
CA THR G 58 -9.69 -40.09 -29.77
C THR G 58 -10.41 -40.82 -30.90
N THR G 59 -11.61 -40.36 -31.25
CA THR G 59 -12.40 -40.98 -32.33
C THR G 59 -11.88 -40.61 -33.73
N GLY G 60 -11.10 -39.54 -33.85
CA GLY G 60 -10.54 -39.14 -35.13
C GLY G 60 -11.05 -37.84 -35.70
N SER G 61 -12.15 -37.29 -35.16
CA SER G 61 -12.70 -36.06 -35.72
C SER G 61 -12.02 -34.79 -35.18
N VAL G 62 -11.53 -34.80 -33.91
CA VAL G 62 -10.87 -33.62 -33.36
C VAL G 62 -9.58 -33.96 -32.63
N PRO G 63 -8.55 -33.08 -32.73
CA PRO G 63 -7.31 -33.34 -31.97
C PRO G 63 -7.46 -33.00 -30.47
N ASN G 64 -7.74 -34.01 -29.64
CA ASN G 64 -7.89 -33.83 -28.19
C ASN G 64 -6.65 -34.34 -27.43
N PHE G 65 -6.01 -33.46 -26.65
CA PHE G 65 -4.76 -33.77 -25.93
C PHE G 65 -4.93 -34.56 -24.64
N GLY G 66 -6.15 -34.56 -24.08
CA GLY G 66 -6.49 -35.30 -22.87
C GLY G 66 -5.89 -36.68 -22.70
N PRO G 67 -6.07 -37.62 -23.66
CA PRO G 67 -5.46 -38.95 -23.51
C PRO G 67 -3.93 -38.92 -23.34
N GLN G 68 -3.24 -38.03 -24.06
CA GLN G 68 -1.78 -37.90 -23.91
C GLN G 68 -1.39 -37.36 -22.53
N MET G 69 -2.22 -36.51 -21.91
CA MET G 69 -1.94 -36.01 -20.56
C MET G 69 -1.92 -37.16 -19.56
N LEU G 70 -2.89 -38.09 -19.71
CA LEU G 70 -3.02 -39.26 -18.85
C LEU G 70 -1.82 -40.18 -18.99
N ILE G 71 -1.40 -40.46 -20.23
CA ILE G 71 -0.25 -41.30 -20.53
C ILE G 71 1.04 -40.66 -20.00
N ASP G 72 1.20 -39.34 -20.15
CA ASP G 72 2.36 -38.60 -19.60
C ASP G 72 2.41 -38.69 -18.07
N GLY G 73 1.26 -38.83 -17.43
CA GLY G 73 1.14 -38.97 -15.99
C GLY G 73 1.37 -40.38 -15.46
N GLY G 74 1.67 -41.32 -16.36
CA GLY G 74 1.95 -42.71 -16.01
C GLY G 74 0.72 -43.57 -15.79
N ILE G 75 -0.39 -43.19 -16.42
CA ILE G 75 -1.63 -43.93 -16.29
C ILE G 75 -1.82 -44.87 -17.50
N GLN G 76 -2.23 -46.12 -17.26
CA GLN G 76 -2.47 -47.06 -18.34
C GLN G 76 -3.82 -46.76 -19.00
N LEU G 77 -3.87 -46.69 -20.33
CA LEU G 77 -5.10 -46.38 -21.05
C LEU G 77 -5.58 -47.59 -21.85
N VAL G 78 -6.82 -48.02 -21.63
CA VAL G 78 -7.40 -49.15 -22.34
C VAL G 78 -8.79 -48.68 -22.84
N GLU G 79 -9.10 -48.89 -24.11
CA GLU G 79 -10.32 -48.36 -24.71
C GLU G 79 -11.15 -49.36 -25.53
N GLY G 80 -12.36 -48.95 -25.90
CA GLY G 80 -13.24 -49.76 -26.74
C GLY G 80 -13.78 -51.01 -26.10
N PHE G 81 -13.98 -51.00 -24.78
CA PHE G 81 -14.53 -52.17 -24.09
C PHE G 81 -16.00 -52.39 -24.44
N GLY G 82 -16.74 -51.33 -24.70
CA GLY G 82 -18.16 -51.43 -25.02
C GLY G 82 -19.03 -51.41 -23.78
N GLN G 83 -20.34 -51.48 -23.98
CA GLN G 83 -21.33 -51.44 -22.90
C GLN G 83 -21.14 -52.54 -21.83
N GLU G 84 -20.57 -53.71 -22.18
CA GLU G 84 -20.34 -54.78 -21.21
C GLU G 84 -19.43 -54.36 -20.05
N LEU G 85 -18.60 -53.32 -20.23
CA LEU G 85 -17.74 -52.81 -19.17
C LEU G 85 -18.60 -52.14 -18.10
N LEU G 86 -19.60 -51.34 -18.51
CA LEU G 86 -20.49 -50.68 -17.56
C LEU G 86 -21.47 -51.67 -16.93
N ASP G 87 -21.93 -52.65 -17.72
CA ASP G 87 -22.88 -53.65 -17.24
C ASP G 87 -22.27 -54.67 -16.27
N GLY G 88 -20.96 -54.88 -16.35
CA GLY G 88 -20.28 -55.84 -15.49
C GLY G 88 -19.45 -55.26 -14.37
N THR G 89 -19.44 -53.92 -14.23
CA THR G 89 -18.67 -53.26 -13.19
C THR G 89 -19.42 -53.18 -11.85
N LYS G 90 -18.69 -53.34 -10.74
CA LYS G 90 -19.21 -53.21 -9.39
C LYS G 90 -18.34 -52.13 -8.74
N ASP G 91 -18.94 -50.97 -8.39
CA ASP G 91 -18.21 -49.83 -7.81
C ASP G 91 -17.45 -50.16 -6.52
N GLY G 92 -16.14 -49.96 -6.55
CA GLY G 92 -15.28 -50.20 -5.40
C GLY G 92 -14.75 -51.62 -5.28
N LYS G 93 -15.19 -52.54 -6.17
CA LYS G 93 -14.72 -53.93 -6.12
C LYS G 93 -13.32 -54.01 -6.73
N LYS G 94 -12.41 -54.75 -6.08
CA LYS G 94 -11.03 -54.89 -6.53
C LYS G 94 -10.93 -55.70 -7.83
N GLY G 95 -10.63 -55.00 -8.92
CA GLY G 95 -10.46 -55.59 -10.23
C GLY G 95 -9.01 -55.80 -10.59
N ARG G 96 -8.78 -56.46 -11.73
CA ARG G 96 -7.44 -56.81 -12.21
C ARG G 96 -7.32 -56.55 -13.71
N LEU G 97 -6.45 -55.63 -14.12
CA LEU G 97 -6.27 -55.30 -15.52
C LEU G 97 -4.93 -55.79 -16.06
N THR G 98 -4.94 -56.74 -17.02
CA THR G 98 -3.71 -57.27 -17.57
C THR G 98 -3.06 -56.32 -18.59
N GLU G 99 -1.78 -56.57 -18.96
CA GLU G 99 -1.08 -55.75 -19.94
C GLU G 99 -1.73 -55.84 -21.34
N ASP G 100 -2.50 -56.90 -21.61
CA ASP G 100 -3.24 -57.13 -22.85
C ASP G 100 -4.61 -56.41 -22.90
N GLY G 101 -5.00 -55.73 -21.82
CA GLY G 101 -6.25 -55.01 -21.76
C GLY G 101 -7.47 -55.78 -21.26
N GLN G 102 -7.27 -56.89 -20.55
CA GLN G 102 -8.39 -57.66 -20.04
C GLN G 102 -8.73 -57.30 -18.60
N LEU G 103 -10.03 -57.14 -18.29
CA LEU G 103 -10.45 -56.80 -16.93
C LEU G 103 -11.06 -58.02 -16.25
N PHE G 104 -10.56 -58.37 -15.06
CA PHE G 104 -11.01 -59.53 -14.31
C PHE G 104 -11.44 -59.19 -12.89
N TYR G 105 -12.33 -59.99 -12.31
CA TYR G 105 -12.71 -59.90 -10.91
C TYR G 105 -12.24 -61.21 -10.34
N GLY G 106 -10.93 -61.29 -10.12
CA GLY G 106 -10.29 -62.52 -9.68
C GLY G 106 -9.90 -63.28 -10.93
N GLU G 107 -10.47 -64.47 -11.13
CA GLU G 107 -10.20 -65.26 -12.33
C GLU G 107 -11.37 -65.19 -13.35
N ARG G 108 -12.35 -64.30 -13.14
CA ARG G 108 -13.52 -64.17 -14.01
C ARG G 108 -13.39 -62.99 -14.96
N LEU G 109 -13.42 -63.26 -16.28
CA LEU G 109 -13.30 -62.21 -17.29
C LEU G 109 -14.56 -61.37 -17.43
N ILE G 110 -14.42 -60.05 -17.39
CA ILE G 110 -15.53 -59.11 -17.51
C ILE G 110 -15.57 -58.51 -18.93
N SER G 111 -14.45 -57.92 -19.38
CA SER G 111 -14.40 -57.31 -20.71
C SER G 111 -12.97 -57.21 -21.25
N ASN G 112 -12.88 -57.20 -22.58
CA ASN G 112 -11.62 -57.10 -23.31
C ASN G 112 -11.55 -55.72 -23.94
N GLY G 113 -10.46 -55.02 -23.70
CA GLY G 113 -10.23 -53.69 -24.24
C GLY G 113 -8.96 -53.62 -25.07
N SER G 114 -8.77 -52.50 -25.76
CA SER G 114 -7.59 -52.28 -26.58
C SER G 114 -6.65 -51.25 -25.91
N VAL G 115 -5.42 -51.66 -25.60
CA VAL G 115 -4.45 -50.78 -24.95
C VAL G 115 -4.03 -49.61 -25.87
N LEU G 116 -4.15 -48.40 -25.38
CA LEU G 116 -3.74 -47.21 -26.11
C LEU G 116 -2.38 -46.74 -25.60
N SER G 117 -1.32 -47.02 -26.35
CA SER G 117 0.03 -46.60 -25.96
C SER G 117 0.25 -45.09 -26.24
N GLY G 118 1.32 -44.54 -25.69
CA GLY G 118 1.71 -43.15 -25.93
C GLY G 118 1.91 -42.83 -27.40
N PRO G 119 2.75 -43.60 -28.12
CA PRO G 119 2.93 -43.34 -29.56
C PRO G 119 1.63 -43.49 -30.36
N ALA G 120 0.76 -44.45 -30.02
CA ALA G 120 -0.50 -44.63 -30.75
C ALA G 120 -1.47 -43.48 -30.49
N ALA G 121 -1.44 -42.91 -29.27
CA ALA G 121 -2.26 -41.76 -28.90
C ALA G 121 -1.76 -40.50 -29.63
N GLU G 122 -0.42 -40.35 -29.81
CA GLU G 122 0.17 -39.23 -30.55
C GLU G 122 -0.21 -39.31 -32.02
N ASN G 123 -0.21 -40.53 -32.59
CA ASN G 123 -0.58 -40.74 -33.97
C ASN G 123 -2.05 -40.45 -34.20
N ALA G 124 -2.90 -40.85 -33.26
CA ALA G 124 -4.33 -40.61 -33.39
C ALA G 124 -4.61 -39.11 -33.33
N PHE G 125 -3.87 -38.35 -32.49
CA PHE G 125 -3.98 -36.91 -32.36
C PHE G 125 -3.57 -36.22 -33.66
N ALA G 126 -2.42 -36.61 -34.24
CA ALA G 126 -1.89 -36.04 -35.48
C ALA G 126 -2.80 -36.30 -36.67
N ASP G 127 -3.44 -37.49 -36.68
CA ASP G 127 -4.38 -37.84 -37.75
C ASP G 127 -5.66 -37.04 -37.62
N ALA G 128 -6.14 -36.82 -36.40
CA ALA G 128 -7.34 -36.04 -36.11
C ALA G 128 -7.12 -34.56 -36.46
N GLN G 129 -5.90 -34.06 -36.21
CA GLN G 129 -5.46 -32.72 -36.52
C GLN G 129 -5.55 -32.48 -38.05
N GLN G 130 -5.09 -33.46 -38.83
CA GLN G 130 -5.10 -33.39 -40.29
C GLN G 130 -6.53 -33.56 -40.83
N SER G 131 -7.33 -34.41 -40.19
CA SER G 131 -8.71 -34.66 -40.56
C SER G 131 -9.55 -33.40 -40.39
N LEU G 132 -9.37 -32.70 -39.26
CA LEU G 132 -10.11 -31.47 -38.99
C LEU G 132 -9.74 -30.38 -40.02
N LEU G 133 -8.46 -30.25 -40.37
CA LEU G 133 -8.01 -29.27 -41.37
C LEU G 133 -8.62 -29.57 -42.74
N ASP G 134 -8.62 -30.83 -43.16
CA ASP G 134 -9.17 -31.23 -44.44
C ASP G 134 -10.68 -30.97 -44.49
N ARG G 135 -11.38 -31.30 -43.40
CA ARG G 135 -12.83 -31.12 -43.34
C ARG G 135 -13.21 -29.66 -43.32
N MET G 136 -12.42 -28.82 -42.63
CA MET G 136 -12.68 -27.40 -42.56
C MET G 136 -12.30 -26.68 -43.85
N GLU G 137 -11.29 -27.17 -44.58
CA GLU G 137 -10.95 -26.63 -45.89
C GLU G 137 -12.12 -26.86 -46.86
N ALA G 138 -12.70 -28.07 -46.83
CA ALA G 138 -13.84 -28.39 -47.66
C ALA G 138 -15.10 -27.59 -47.24
N TYR G 139 -15.37 -27.52 -45.93
CA TYR G 139 -16.52 -26.84 -45.37
C TYR G 139 -16.53 -25.34 -45.66
N PHE G 140 -15.43 -24.62 -45.35
CA PHE G 140 -15.38 -23.19 -45.59
C PHE G 140 -15.19 -22.85 -47.07
N GLY G 141 -14.73 -23.81 -47.89
CA GLY G 141 -14.69 -23.64 -49.33
C GLY G 141 -16.11 -23.60 -49.88
N ASN G 142 -16.98 -24.46 -49.33
CA ASN G 142 -18.40 -24.52 -49.66
C ASN G 142 -19.17 -23.32 -49.14
N THR G 143 -18.73 -22.73 -48.00
CA THR G 143 -19.34 -21.53 -47.41
C THR G 143 -19.13 -20.33 -48.34
N ILE G 144 -17.91 -20.17 -48.89
CA ILE G 144 -17.58 -19.12 -49.83
C ILE G 144 -18.43 -19.29 -51.09
N GLN G 145 -18.53 -20.54 -51.60
CA GLN G 145 -19.31 -20.81 -52.80
C GLN G 145 -20.80 -20.53 -52.56
N PHE G 146 -21.30 -20.87 -51.36
CA PHE G 146 -22.68 -20.63 -51.01
C PHE G 146 -22.99 -19.14 -50.99
N ILE G 147 -22.14 -18.33 -50.34
CA ILE G 147 -22.37 -16.88 -50.27
C ILE G 147 -22.35 -16.27 -51.65
N HIS G 148 -21.44 -16.73 -52.51
CA HIS G 148 -21.33 -16.20 -53.86
C HIS G 148 -22.57 -16.50 -54.70
N SER G 149 -23.03 -17.76 -54.71
CA SER G 149 -24.19 -18.12 -55.53
C SER G 149 -25.53 -17.75 -54.89
N GLU G 150 -25.60 -17.64 -53.55
CA GLU G 150 -26.83 -17.28 -52.87
C GLU G 150 -26.84 -15.87 -52.29
N ALA G 151 -25.96 -14.97 -52.76
CA ALA G 151 -25.97 -13.58 -52.32
C ALA G 151 -27.33 -12.89 -52.58
N PRO G 152 -28.07 -13.12 -53.71
CA PRO G 152 -29.39 -12.49 -53.84
C PRO G 152 -30.34 -12.80 -52.67
N LEU G 153 -30.25 -14.01 -52.10
CA LEU G 153 -31.08 -14.38 -50.96
C LEU G 153 -30.52 -13.75 -49.67
N LEU G 154 -29.22 -13.93 -49.39
CA LEU G 154 -28.59 -13.43 -48.18
C LEU G 154 -28.56 -11.93 -48.04
N ILE G 155 -28.38 -11.20 -49.16
CA ILE G 155 -28.30 -9.75 -49.20
C ILE G 155 -29.66 -9.11 -49.50
N ASP G 156 -30.32 -9.53 -50.59
CA ASP G 156 -31.56 -8.89 -50.99
C ASP G 156 -32.86 -9.55 -50.56
N GLY G 157 -32.80 -10.74 -50.01
CA GLY G 157 -34.02 -11.46 -49.68
C GLY G 157 -34.77 -11.87 -50.93
N LEU G 158 -34.05 -12.16 -52.04
CA LEU G 158 -34.69 -12.59 -53.29
C LEU G 158 -35.38 -13.92 -53.03
N GLY G 159 -36.65 -13.99 -53.42
CA GLY G 159 -37.44 -15.20 -53.24
C GLY G 159 -38.23 -15.31 -51.95
N ILE G 160 -37.90 -14.49 -50.93
CA ILE G 160 -38.60 -14.56 -49.65
C ILE G 160 -40.01 -14.04 -49.81
N PRO G 161 -41.05 -14.83 -49.49
CA PRO G 161 -42.42 -14.32 -49.63
C PRO G 161 -42.80 -13.28 -48.58
N ASP G 162 -43.77 -12.43 -48.91
CA ASP G 162 -44.22 -11.39 -48.01
C ASP G 162 -45.25 -11.92 -46.99
N THR G 163 -44.79 -12.07 -45.75
CA THR G 163 -45.57 -12.43 -44.54
C THR G 163 -45.19 -11.40 -43.42
N GLY G 164 -45.01 -10.14 -43.80
CA GLY G 164 -44.60 -9.06 -42.93
C GLY G 164 -45.60 -8.73 -41.84
N ASN G 165 -46.92 -8.77 -42.15
CA ASN G 165 -47.95 -8.46 -41.14
C ASN G 165 -47.92 -9.51 -40.00
N ALA G 166 -47.65 -10.77 -40.35
CA ALA G 166 -47.54 -11.84 -39.38
C ALA G 166 -46.29 -11.74 -38.48
N ILE G 167 -45.15 -11.20 -38.96
CA ILE G 167 -43.91 -11.29 -38.20
C ILE G 167 -43.32 -9.95 -37.63
N GLU G 168 -43.38 -8.85 -38.39
CA GLU G 168 -42.76 -7.58 -38.03
C GLU G 168 -43.08 -7.03 -36.61
N GLY G 169 -42.04 -6.79 -35.81
CA GLY G 169 -42.16 -6.24 -34.46
C GLY G 169 -42.57 -7.24 -33.37
N ARG G 170 -42.83 -8.50 -33.76
CA ARG G 170 -43.30 -9.53 -32.83
C ARG G 170 -42.23 -10.56 -32.44
N LYS G 171 -42.49 -11.27 -31.33
CA LYS G 171 -41.68 -12.41 -30.92
C LYS G 171 -42.13 -13.60 -31.83
N VAL G 172 -41.18 -14.34 -32.37
CA VAL G 172 -41.45 -15.48 -33.23
C VAL G 172 -40.90 -16.74 -32.57
N LEU G 173 -41.62 -17.86 -32.66
CA LEU G 173 -41.12 -19.15 -32.17
C LEU G 173 -41.24 -20.10 -33.36
N ILE G 174 -40.11 -20.62 -33.83
CA ILE G 174 -40.03 -21.58 -34.94
C ILE G 174 -39.78 -22.99 -34.33
N ALA G 175 -40.69 -23.97 -34.61
CA ALA G 175 -40.55 -25.34 -34.14
C ALA G 175 -40.19 -26.24 -35.33
N SER G 176 -39.10 -27.00 -35.20
CA SER G 176 -38.61 -27.97 -36.19
C SER G 176 -38.64 -29.36 -35.55
N PRO G 177 -38.77 -30.42 -36.37
CA PRO G 177 -38.89 -31.77 -35.79
C PRO G 177 -37.59 -32.43 -35.33
N GLY G 178 -36.75 -31.70 -34.61
CA GLY G 178 -35.52 -32.24 -34.05
C GLY G 178 -35.80 -33.20 -32.91
N ASP G 179 -34.76 -33.85 -32.40
CA ASP G 179 -34.88 -34.79 -31.29
C ASP G 179 -35.44 -34.09 -30.05
N ASN G 180 -36.49 -34.69 -29.45
CA ASN G 180 -37.16 -34.18 -28.25
C ASN G 180 -37.79 -32.79 -28.41
N HIS G 181 -38.21 -32.41 -29.62
CA HIS G 181 -38.83 -31.10 -29.86
C HIS G 181 -40.16 -30.94 -29.13
N ARG G 182 -40.93 -32.04 -28.99
CA ARG G 182 -42.23 -32.01 -28.34
C ARG G 182 -42.09 -31.68 -26.86
N SER G 183 -41.13 -32.31 -26.17
CA SER G 183 -40.92 -32.02 -24.76
C SER G 183 -40.35 -30.61 -24.57
N ARG G 184 -39.57 -30.07 -25.55
CA ARG G 184 -39.10 -28.69 -25.43
C ARG G 184 -40.27 -27.72 -25.62
N LEU G 185 -41.23 -28.04 -26.50
CA LEU G 185 -42.41 -27.19 -26.70
C LEU G 185 -43.29 -27.18 -25.44
N LYS G 186 -43.37 -28.32 -24.73
CA LYS G 186 -44.13 -28.42 -23.49
C LYS G 186 -43.47 -27.60 -22.38
N GLU G 187 -42.12 -27.55 -22.32
CA GLU G 187 -41.43 -26.72 -21.31
C GLU G 187 -41.66 -25.20 -21.55
N LEU G 188 -41.92 -24.84 -22.83
CA LEU G 188 -42.19 -23.48 -23.27
C LEU G 188 -43.66 -23.08 -23.20
N ARG G 189 -44.51 -23.89 -22.55
CA ARG G 189 -45.95 -23.60 -22.43
C ARG G 189 -46.23 -22.25 -21.78
N SER G 190 -45.60 -21.95 -20.63
CA SER G 190 -45.78 -20.66 -19.95
C SER G 190 -45.29 -19.50 -20.80
N PHE G 191 -44.15 -19.69 -21.52
CA PHE G 191 -43.61 -18.67 -22.40
C PHE G 191 -44.62 -18.33 -23.51
N ILE G 192 -45.19 -19.35 -24.15
CA ILE G 192 -46.13 -19.16 -25.24
C ILE G 192 -47.42 -18.48 -24.75
N ARG G 193 -47.90 -18.87 -23.57
CA ARG G 193 -49.10 -18.28 -22.99
C ARG G 193 -48.89 -16.82 -22.58
N GLU G 194 -47.75 -16.54 -21.98
CA GLU G 194 -47.42 -15.20 -21.49
C GLU G 194 -47.04 -14.21 -22.59
N TYR G 195 -46.33 -14.66 -23.63
CA TYR G 195 -45.85 -13.75 -24.66
C TYR G 195 -46.60 -13.82 -25.99
N ASP G 196 -47.48 -14.80 -26.17
CA ASP G 196 -48.23 -15.00 -27.41
C ASP G 196 -47.37 -14.84 -28.69
N PRO G 197 -46.20 -15.53 -28.78
CA PRO G 197 -45.36 -15.37 -29.96
C PRO G 197 -46.00 -15.97 -31.21
N VAL G 198 -45.57 -15.50 -32.38
CA VAL G 198 -46.03 -16.02 -33.66
C VAL G 198 -45.43 -17.37 -33.80
N LEU G 199 -46.27 -18.39 -34.02
CA LEU G 199 -45.79 -19.74 -34.15
C LEU G 199 -45.62 -20.12 -35.59
N ILE G 200 -44.45 -20.70 -35.90
CA ILE G 200 -44.11 -21.21 -37.22
C ILE G 200 -43.77 -22.69 -37.05
N GLY G 201 -44.58 -23.56 -37.65
CA GLY G 201 -44.31 -24.99 -37.59
C GLY G 201 -43.58 -25.42 -38.84
N VAL G 202 -42.46 -26.14 -38.70
CA VAL G 202 -41.68 -26.59 -39.85
C VAL G 202 -41.84 -28.09 -40.01
N ASP G 203 -42.22 -28.55 -41.23
CA ASP G 203 -42.37 -29.98 -41.52
C ASP G 203 -43.28 -30.70 -40.47
N GLY G 204 -42.87 -31.86 -39.93
CA GLY G 204 -43.59 -32.61 -38.94
C GLY G 204 -43.83 -31.91 -37.61
N ALA G 205 -43.07 -30.84 -37.28
CA ALA G 205 -43.32 -30.07 -36.06
C ALA G 205 -44.59 -29.20 -36.15
N ALA G 206 -45.11 -28.96 -37.34
CA ALA G 206 -46.39 -28.29 -37.52
C ALA G 206 -47.49 -29.24 -36.96
N ASP G 207 -47.33 -30.59 -37.12
CA ASP G 207 -48.24 -31.60 -36.58
C ASP G 207 -48.18 -31.55 -35.08
N THR G 208 -46.97 -31.48 -34.50
CA THR G 208 -46.75 -31.40 -33.05
C THR G 208 -47.45 -30.17 -32.46
N LEU G 209 -47.28 -28.97 -33.08
CA LEU G 209 -47.91 -27.74 -32.60
C LEU G 209 -49.43 -27.89 -32.53
N VAL G 210 -50.03 -28.42 -33.60
CA VAL G 210 -51.46 -28.63 -33.69
C VAL G 210 -51.95 -29.73 -32.71
N GLU G 211 -51.16 -30.80 -32.48
CA GLU G 211 -51.49 -31.86 -31.50
C GLU G 211 -51.42 -31.29 -30.06
N LEU G 212 -50.54 -30.30 -29.81
CA LEU G 212 -50.47 -29.64 -28.50
C LEU G 212 -51.62 -28.60 -28.25
N GLY G 213 -52.46 -28.38 -29.26
CA GLY G 213 -53.56 -27.45 -29.17
C GLY G 213 -53.28 -26.07 -29.74
N TYR G 214 -52.16 -25.90 -30.46
CA TYR G 214 -51.83 -24.58 -31.02
C TYR G 214 -52.33 -24.37 -32.43
N LYS G 215 -52.44 -23.10 -32.83
CA LYS G 215 -52.85 -22.72 -34.17
C LYS G 215 -51.69 -21.92 -34.72
N PRO G 216 -50.70 -22.59 -35.36
CA PRO G 216 -49.57 -21.84 -35.92
C PRO G 216 -50.01 -20.83 -36.98
N ALA G 217 -49.40 -19.66 -37.00
CA ALA G 217 -49.73 -18.64 -37.99
C ALA G 217 -49.16 -19.03 -39.36
N LEU G 218 -47.98 -19.68 -39.37
CA LEU G 218 -47.30 -20.13 -40.57
C LEU G 218 -46.87 -21.57 -40.44
N ILE G 219 -46.81 -22.25 -41.56
CA ILE G 219 -46.31 -23.62 -41.67
C ILE G 219 -45.32 -23.59 -42.83
N VAL G 220 -44.09 -24.08 -42.61
CA VAL G 220 -43.08 -24.08 -43.65
C VAL G 220 -42.68 -25.51 -43.99
N GLY G 221 -42.74 -25.88 -45.27
CA GLY G 221 -42.34 -27.21 -45.68
C GLY G 221 -43.14 -27.82 -46.79
N ASN G 222 -42.66 -28.93 -47.32
CA ASN G 222 -43.31 -29.70 -48.36
C ASN G 222 -44.58 -30.29 -47.76
N PRO G 223 -45.78 -29.88 -48.27
CA PRO G 223 -47.05 -30.40 -47.70
C PRO G 223 -47.19 -31.91 -47.75
N THR G 224 -46.43 -32.60 -48.61
CA THR G 224 -46.46 -34.06 -48.70
C THR G 224 -46.11 -34.72 -47.35
N GLY G 225 -45.23 -34.08 -46.56
CA GLY G 225 -44.79 -34.60 -45.27
C GLY G 225 -45.39 -33.93 -44.05
N ILE G 226 -46.47 -33.18 -44.25
CA ILE G 226 -47.18 -32.51 -43.17
C ILE G 226 -48.58 -33.13 -43.07
N GLY G 227 -49.06 -33.32 -41.85
CA GLY G 227 -50.36 -33.93 -41.62
C GLY G 227 -51.51 -33.04 -42.03
N ALA G 228 -52.63 -33.68 -42.32
CA ALA G 228 -53.85 -33.04 -42.79
C ALA G 228 -54.41 -32.10 -41.75
N ASP G 229 -54.38 -32.50 -40.45
CA ASP G 229 -54.86 -31.62 -39.39
C ASP G 229 -54.08 -30.33 -39.30
N ALA G 230 -52.76 -30.38 -39.47
CA ALA G 230 -51.94 -29.16 -39.44
C ALA G 230 -52.20 -28.31 -40.68
N LEU G 231 -52.29 -28.92 -41.87
CA LEU G 231 -52.55 -28.20 -43.11
C LEU G 231 -53.94 -27.55 -43.16
N ARG G 232 -54.92 -28.10 -42.43
CA ARG G 232 -56.24 -27.49 -42.37
C ARG G 232 -56.42 -26.56 -41.14
N SER G 233 -55.39 -26.33 -40.33
CA SER G 233 -55.51 -25.52 -39.10
C SER G 233 -55.70 -24.02 -39.28
N GLY G 234 -55.56 -23.52 -40.50
CA GLY G 234 -55.73 -22.11 -40.81
C GLY G 234 -54.46 -21.35 -41.06
N ALA G 235 -53.32 -22.02 -40.94
CA ALA G 235 -52.00 -21.41 -41.11
C ALA G 235 -51.76 -21.05 -42.55
N ASN G 236 -50.91 -20.05 -42.80
CA ASN G 236 -50.49 -19.72 -44.15
C ASN G 236 -49.36 -20.73 -44.42
N VAL G 237 -49.48 -21.52 -45.50
CA VAL G 237 -48.49 -22.53 -45.83
C VAL G 237 -47.46 -21.98 -46.79
N ILE G 238 -46.18 -22.09 -46.43
CA ILE G 238 -45.10 -21.60 -47.26
C ILE G 238 -44.40 -22.83 -47.81
N LEU G 239 -44.46 -22.98 -49.13
CA LEU G 239 -43.87 -24.11 -49.82
C LEU G 239 -42.49 -23.83 -50.35
N PRO G 240 -41.51 -24.69 -50.03
CA PRO G 240 -40.20 -24.58 -50.66
C PRO G 240 -40.34 -24.86 -52.16
N ALA G 241 -39.64 -24.08 -52.97
CA ALA G 241 -39.70 -24.24 -54.41
C ALA G 241 -38.26 -24.22 -55.00
N ASP G 242 -38.08 -24.80 -56.19
CA ASP G 242 -36.81 -24.75 -56.89
C ASP G 242 -36.52 -23.28 -57.27
N PRO G 243 -35.28 -22.87 -57.62
CA PRO G 243 -35.07 -21.47 -58.04
C PRO G 243 -35.99 -21.02 -59.19
N ASP G 244 -36.46 -21.97 -60.02
CA ASP G 244 -37.36 -21.67 -61.14
C ASP G 244 -38.84 -21.44 -60.73
N GLY G 245 -39.18 -21.75 -59.48
CA GLY G 245 -40.53 -21.55 -58.97
C GLY G 245 -41.35 -22.81 -58.78
N HIS G 246 -40.85 -23.97 -59.23
CA HIS G 246 -41.58 -25.24 -59.08
C HIS G 246 -41.66 -25.70 -57.62
N ALA G 247 -42.87 -25.79 -57.08
CA ALA G 247 -43.12 -26.19 -55.71
C ALA G 247 -43.74 -27.58 -55.63
N VAL G 248 -43.04 -28.53 -54.98
CA VAL G 248 -43.58 -29.87 -54.79
C VAL G 248 -44.62 -29.77 -53.68
N GLY G 249 -45.77 -30.44 -53.88
CA GLY G 249 -46.87 -30.46 -52.93
C GLY G 249 -47.96 -29.45 -53.20
N LEU G 250 -47.86 -28.68 -54.29
CA LEU G 250 -48.84 -27.64 -54.65
C LEU G 250 -50.19 -28.28 -54.96
N GLU G 251 -50.20 -29.45 -55.59
CA GLU G 251 -51.43 -30.19 -55.91
C GLU G 251 -52.20 -30.50 -54.61
N ARG G 252 -51.50 -30.90 -53.53
CA ARG G 252 -52.14 -31.17 -52.25
C ARG G 252 -52.83 -29.89 -51.70
N ILE G 253 -52.15 -28.73 -51.77
CA ILE G 253 -52.67 -27.44 -51.33
C ILE G 253 -53.95 -27.09 -52.10
N GLN G 254 -53.94 -27.30 -53.42
CA GLN G 254 -55.07 -27.07 -54.30
C GLN G 254 -56.23 -28.03 -54.04
N ASP G 255 -55.95 -29.29 -53.66
CA ASP G 255 -56.96 -30.29 -53.31
C ASP G 255 -57.67 -29.88 -52.00
N LEU G 256 -56.92 -29.34 -51.06
CA LEU G 256 -57.44 -28.89 -49.77
C LEU G 256 -58.22 -27.56 -49.86
N GLY G 257 -58.00 -26.79 -50.94
CA GLY G 257 -58.62 -25.49 -51.12
C GLY G 257 -58.13 -24.44 -50.13
N ILE G 258 -56.83 -24.48 -49.77
CA ILE G 258 -56.25 -23.53 -48.81
C ILE G 258 -55.26 -22.56 -49.47
N GLY G 259 -54.95 -21.46 -48.78
CA GLY G 259 -54.01 -20.47 -49.28
C GLY G 259 -52.57 -20.83 -48.99
N ALA G 260 -51.70 -20.55 -49.98
CA ALA G 260 -50.27 -20.84 -49.85
C ALA G 260 -49.38 -19.86 -50.59
N MET G 261 -48.12 -19.76 -50.17
CA MET G 261 -47.11 -18.95 -50.83
C MET G 261 -45.94 -19.87 -51.15
N THR G 262 -45.09 -19.49 -52.12
CA THR G 262 -43.91 -20.31 -52.43
C THR G 262 -42.64 -19.55 -52.06
N PHE G 263 -41.58 -20.29 -51.72
CA PHE G 263 -40.29 -19.72 -51.39
C PHE G 263 -39.26 -20.37 -52.31
N PRO G 264 -39.07 -19.84 -53.53
CA PRO G 264 -38.05 -20.40 -54.43
C PRO G 264 -36.63 -20.15 -53.95
N SER G 265 -35.78 -21.18 -53.91
CA SER G 265 -34.40 -21.04 -53.46
C SER G 265 -33.55 -22.33 -53.72
N SER G 266 -32.25 -22.27 -53.42
CA SER G 266 -31.39 -23.45 -53.48
C SER G 266 -31.04 -23.92 -52.03
N VAL G 267 -31.79 -23.48 -51.00
CA VAL G 267 -31.56 -23.90 -49.63
C VAL G 267 -32.40 -25.17 -49.43
N ASN G 268 -31.79 -26.26 -48.95
CA ASN G 268 -32.50 -27.53 -48.81
C ASN G 268 -33.33 -27.64 -47.55
N SER G 269 -32.84 -27.09 -46.45
CA SER G 269 -33.54 -27.19 -45.18
C SER G 269 -34.72 -26.23 -45.04
N SER G 270 -35.88 -26.76 -44.66
CA SER G 270 -37.06 -25.94 -44.39
C SER G 270 -36.92 -25.17 -43.08
N THR G 271 -36.06 -25.63 -42.15
CA THR G 271 -35.77 -24.91 -40.90
C THR G 271 -35.02 -23.63 -41.26
N ASP G 272 -34.01 -23.72 -42.17
CA ASP G 272 -33.24 -22.57 -42.60
C ASP G 272 -34.12 -21.60 -43.37
N LEU G 273 -35.05 -22.11 -44.20
CA LEU G 273 -35.99 -21.25 -44.93
C LEU G 273 -36.87 -20.49 -43.96
N ALA G 274 -37.42 -21.18 -42.93
CA ALA G 274 -38.27 -20.53 -41.92
C ALA G 274 -37.49 -19.45 -41.14
N LEU G 275 -36.21 -19.73 -40.77
CA LEU G 275 -35.35 -18.76 -40.05
C LEU G 275 -35.02 -17.57 -40.95
N LEU G 276 -34.75 -17.82 -42.23
CA LEU G 276 -34.47 -16.73 -43.18
C LEU G 276 -35.74 -15.88 -43.44
N LEU G 277 -36.91 -16.50 -43.60
CA LEU G 277 -38.18 -15.82 -43.78
C LEU G 277 -38.50 -14.91 -42.57
N ALA G 278 -38.40 -15.45 -41.34
CA ALA G 278 -38.72 -14.70 -40.13
C ALA G 278 -37.75 -13.54 -39.97
N ASP G 279 -36.44 -13.80 -40.22
CA ASP G 279 -35.42 -12.79 -40.14
C ASP G 279 -35.70 -11.61 -41.08
N PHE G 280 -36.06 -11.91 -42.33
CA PHE G 280 -36.31 -10.90 -43.34
C PHE G 280 -37.41 -9.90 -42.94
N HIS G 281 -38.38 -10.34 -42.14
CA HIS G 281 -39.50 -9.52 -41.77
C HIS G 281 -39.36 -8.77 -40.44
N ASN G 282 -38.14 -8.64 -39.95
CA ASN G 282 -37.75 -7.87 -38.78
C ASN G 282 -38.55 -8.16 -37.50
N PRO G 283 -38.41 -9.39 -36.95
CA PRO G 283 -39.09 -9.68 -35.68
C PRO G 283 -38.34 -9.06 -34.50
N GLN G 284 -38.96 -9.09 -33.35
CA GLN G 284 -38.34 -8.62 -32.11
C GLN G 284 -37.30 -9.70 -31.69
N MET G 285 -37.61 -10.99 -31.85
CA MET G 285 -36.71 -12.10 -31.55
C MET G 285 -37.18 -13.39 -32.26
N ILE G 286 -36.26 -14.34 -32.47
CA ILE G 286 -36.59 -15.62 -33.07
C ILE G 286 -36.17 -16.75 -32.10
N VAL G 287 -37.16 -17.42 -31.46
CA VAL G 287 -36.91 -18.56 -30.58
C VAL G 287 -36.87 -19.82 -31.45
N ASN G 288 -35.69 -20.42 -31.57
CA ASN G 288 -35.48 -21.58 -32.38
C ASN G 288 -35.60 -22.88 -31.53
N VAL G 289 -36.68 -23.66 -31.76
CA VAL G 289 -36.94 -24.90 -31.03
C VAL G 289 -36.79 -26.12 -31.97
N GLY G 290 -36.01 -27.10 -31.56
CA GLY G 290 -35.82 -28.33 -32.34
C GLY G 290 -34.91 -28.24 -33.56
N GLY G 291 -34.12 -27.17 -33.67
CA GLY G 291 -33.19 -27.04 -34.78
C GLY G 291 -31.85 -26.46 -34.38
N PRO G 292 -31.11 -27.08 -33.42
CA PRO G 292 -29.80 -26.50 -33.03
C PRO G 292 -28.67 -26.82 -33.98
N VAL G 293 -27.84 -25.84 -34.30
CA VAL G 293 -26.70 -26.03 -35.18
C VAL G 293 -25.56 -25.25 -34.51
N THR G 294 -24.47 -25.95 -34.16
CA THR G 294 -23.36 -25.32 -33.48
C THR G 294 -22.02 -25.60 -34.18
N LEU G 295 -20.94 -24.83 -33.81
CA LEU G 295 -19.62 -25.05 -34.40
C LEU G 295 -19.07 -26.41 -33.98
N ASP G 296 -19.29 -26.80 -32.71
CA ASP G 296 -18.85 -28.11 -32.23
C ASP G 296 -19.51 -29.23 -33.00
N GLY G 297 -20.76 -29.05 -33.42
CA GLY G 297 -21.45 -30.03 -34.25
C GLY G 297 -20.79 -30.16 -35.62
N VAL G 298 -20.28 -29.06 -36.19
CA VAL G 298 -19.58 -29.07 -37.48
C VAL G 298 -18.23 -29.78 -37.32
N PHE G 299 -17.49 -29.46 -36.24
CA PHE G 299 -16.20 -30.06 -35.96
C PHE G 299 -16.32 -31.56 -35.69
N GLU G 300 -17.39 -32.00 -35.02
CA GLU G 300 -17.55 -33.41 -34.68
C GLU G 300 -18.25 -34.24 -35.77
N ASN G 301 -18.88 -33.60 -36.77
CA ASN G 301 -19.52 -34.30 -37.87
C ASN G 301 -18.50 -34.92 -38.82
N ARG G 302 -18.31 -36.25 -38.79
CA ARG G 302 -17.38 -36.91 -39.74
C ARG G 302 -17.92 -36.85 -41.21
N GLU G 303 -19.23 -36.62 -41.38
CA GLU G 303 -19.88 -36.42 -42.66
C GLU G 303 -19.93 -34.90 -43.00
N ASP G 304 -20.19 -34.57 -44.28
CA ASP G 304 -20.25 -33.18 -44.74
C ASP G 304 -21.44 -32.41 -44.17
N SER G 305 -21.16 -31.30 -43.49
CA SER G 305 -22.20 -30.43 -42.92
C SER G 305 -22.61 -29.38 -43.94
N ASP G 306 -23.87 -28.93 -43.89
CA ASP G 306 -24.37 -27.91 -44.82
C ASP G 306 -24.01 -26.52 -44.28
N PRO G 307 -23.20 -25.74 -45.05
CA PRO G 307 -22.87 -24.36 -44.61
C PRO G 307 -24.07 -23.42 -44.53
N ALA G 308 -25.19 -23.78 -45.18
CA ALA G 308 -26.41 -22.99 -45.14
C ALA G 308 -26.92 -22.86 -43.71
N ALA G 309 -26.77 -23.93 -42.91
CA ALA G 309 -27.26 -23.98 -41.52
C ALA G 309 -26.50 -23.02 -40.60
N LEU G 310 -25.17 -23.03 -40.59
CA LEU G 310 -24.40 -22.11 -39.76
C LEU G 310 -24.47 -20.68 -40.29
N LEU G 311 -24.53 -20.49 -41.64
CA LEU G 311 -24.64 -19.15 -42.20
C LEU G 311 -25.99 -18.54 -41.84
N THR G 312 -27.06 -19.36 -41.80
CA THR G 312 -28.39 -18.88 -41.45
C THR G 312 -28.42 -18.40 -40.01
N ARG G 313 -27.78 -19.13 -39.09
CA ARG G 313 -27.70 -18.74 -37.68
C ARG G 313 -26.98 -17.43 -37.53
N ALA G 314 -25.88 -17.24 -38.28
CA ALA G 314 -25.07 -16.03 -38.24
C ALA G 314 -25.83 -14.85 -38.85
N LYS G 315 -26.61 -15.10 -39.91
CA LYS G 315 -27.42 -14.10 -40.62
C LYS G 315 -28.47 -13.51 -39.66
N LEU G 316 -29.09 -14.38 -38.86
CA LEU G 316 -30.10 -13.98 -37.86
C LEU G 316 -29.49 -13.10 -36.75
N GLY G 317 -28.19 -13.27 -36.52
CA GLY G 317 -27.41 -12.49 -35.57
C GLY G 317 -27.94 -12.50 -34.16
N THR G 318 -28.06 -11.31 -33.59
CA THR G 318 -28.52 -11.07 -32.24
C THR G 318 -29.96 -11.42 -31.99
N LYS G 319 -30.80 -11.58 -33.05
CA LYS G 319 -32.22 -11.93 -32.89
C LYS G 319 -32.46 -13.38 -32.44
N LEU G 320 -31.54 -14.27 -32.77
CA LEU G 320 -31.66 -15.69 -32.50
C LEU G 320 -31.47 -16.11 -31.05
N VAL G 321 -32.39 -16.92 -30.52
CA VAL G 321 -32.26 -17.47 -29.17
C VAL G 321 -32.78 -18.91 -29.23
N ASP G 322 -32.03 -19.85 -28.64
CA ASP G 322 -32.42 -21.23 -28.62
C ASP G 322 -33.52 -21.41 -27.61
N GLY G 323 -34.41 -22.37 -27.87
CA GLY G 323 -35.52 -22.69 -26.98
C GLY G 323 -35.07 -23.12 -25.60
N SER G 324 -33.88 -23.72 -25.50
CA SER G 324 -33.34 -24.13 -24.20
C SER G 324 -33.00 -22.93 -23.30
N VAL G 325 -32.58 -21.80 -23.88
CA VAL G 325 -32.27 -20.60 -23.10
C VAL G 325 -33.57 -20.00 -22.52
N ILE G 326 -34.62 -19.92 -23.34
CA ILE G 326 -35.90 -19.42 -22.87
C ILE G 326 -36.48 -20.37 -21.81
N ALA G 327 -36.38 -21.71 -22.02
CA ALA G 327 -36.87 -22.70 -21.05
C ALA G 327 -36.12 -22.61 -19.72
N SER G 328 -34.83 -22.25 -19.75
CA SER G 328 -34.04 -22.05 -18.53
C SER G 328 -34.51 -20.89 -17.68
N LEU G 329 -35.27 -19.95 -18.25
CA LEU G 329 -35.82 -18.84 -17.47
C LEU G 329 -36.99 -19.28 -16.60
N TYR G 330 -37.52 -20.50 -16.82
CA TYR G 330 -38.66 -21.08 -16.12
C TYR G 330 -38.29 -22.21 -15.15
N THR G 331 -37.07 -22.79 -15.25
CA THR G 331 -36.67 -23.95 -14.43
C THR G 331 -36.44 -23.67 -12.92
N LEU H 5 0.29 7.00 76.90
CA LEU H 5 0.72 5.61 76.77
C LEU H 5 2.17 5.46 77.24
N GLN H 6 2.43 4.61 78.23
CA GLN H 6 3.80 4.41 78.72
C GLN H 6 4.35 3.04 78.36
N GLY H 7 5.54 3.03 77.81
CA GLY H 7 6.20 1.79 77.42
C GLY H 7 7.63 2.00 76.97
N ALA H 8 8.38 0.90 76.83
CA ALA H 8 9.77 0.93 76.41
C ALA H 8 9.92 1.50 75.02
N THR H 9 10.93 2.34 74.82
CA THR H 9 11.16 2.99 73.54
C THR H 9 12.10 2.10 72.73
N ARG H 10 11.57 1.33 71.77
CA ARG H 10 12.42 0.40 71.02
C ARG H 10 12.57 0.78 69.56
N ILE H 11 13.82 0.96 69.10
CA ILE H 11 14.09 1.27 67.70
C ILE H 11 13.95 -0.01 66.84
N CYS H 12 13.09 0.04 65.84
CA CYS H 12 12.84 -1.10 64.97
C CYS H 12 13.13 -0.78 63.50
N THR H 13 13.81 -1.71 62.82
CA THR H 13 14.09 -1.61 61.39
C THR H 13 13.46 -2.83 60.69
N PRO H 14 13.07 -2.73 59.40
CA PRO H 14 12.47 -3.90 58.73
C PRO H 14 13.39 -5.13 58.63
N GLN H 15 14.71 -4.92 58.79
CA GLN H 15 15.73 -5.96 58.75
C GLN H 15 15.83 -6.82 60.04
N GLY H 16 15.12 -6.41 61.10
CA GLY H 16 15.09 -7.12 62.37
C GLY H 16 15.93 -6.52 63.47
N LYS H 17 15.89 -5.19 63.64
CA LYS H 17 16.68 -4.54 64.69
C LYS H 17 16.14 -4.86 66.11
N GLY H 18 14.99 -4.31 66.45
CA GLY H 18 14.37 -4.48 67.75
C GLY H 18 13.09 -5.29 67.73
N LEU H 19 12.79 -5.97 66.60
CA LEU H 19 11.55 -6.77 66.46
C LEU H 19 11.51 -7.98 67.40
N LYS H 20 12.67 -8.51 67.76
CA LYS H 20 12.75 -9.66 68.64
C LYS H 20 12.54 -9.27 70.12
N ARG H 21 12.93 -8.03 70.48
CA ARG H 21 12.76 -7.52 71.84
C ARG H 21 11.41 -6.81 72.03
N LEU H 22 10.79 -6.31 70.94
CA LEU H 22 9.50 -5.61 70.99
C LEU H 22 8.44 -6.45 71.70
N SER H 23 8.03 -6.01 72.89
CA SER H 23 7.04 -6.67 73.72
C SER H 23 5.63 -6.04 73.64
N GLU H 24 4.65 -6.66 74.30
CA GLU H 24 3.27 -6.19 74.29
C GLU H 24 3.11 -4.92 75.13
N GLY H 25 2.66 -3.85 74.51
CA GLY H 25 2.40 -2.60 75.20
C GLY H 25 3.48 -1.53 75.16
N ASP H 26 4.56 -1.73 74.36
CA ASP H 26 5.61 -0.70 74.32
C ASP H 26 5.54 0.19 73.07
N LEU H 27 6.34 1.26 73.06
CA LEU H 27 6.37 2.25 72.01
C LEU H 27 7.46 1.92 70.98
N ALA H 28 7.06 1.48 69.76
CA ALA H 28 7.99 1.16 68.68
C ALA H 28 8.38 2.41 67.89
N ILE H 29 9.69 2.65 67.73
CA ILE H 29 10.23 3.81 66.99
C ILE H 29 10.75 3.31 65.64
N ILE H 30 10.12 3.75 64.54
CA ILE H 30 10.51 3.33 63.20
C ILE H 30 10.78 4.53 62.26
N ASP H 31 11.46 4.27 61.15
CA ASP H 31 11.70 5.24 60.08
C ASP H 31 11.28 4.48 58.83
N ALA H 32 9.98 4.42 58.58
CA ALA H 32 9.47 3.63 57.48
C ALA H 32 8.45 4.37 56.63
N PRO H 33 8.92 5.17 55.66
CA PRO H 33 7.96 5.80 54.73
C PRO H 33 7.32 4.72 53.85
N ASP H 34 6.01 4.79 53.61
CA ASP H 34 5.31 3.77 52.81
C ASP H 34 5.49 2.37 53.41
N LEU H 35 5.19 2.26 54.72
CA LEU H 35 5.30 1.04 55.52
C LEU H 35 4.84 -0.23 54.78
N SER H 36 5.76 -1.21 54.65
CA SER H 36 5.44 -2.44 53.94
C SER H 36 4.52 -3.36 54.74
N ARG H 37 3.80 -4.25 54.05
CA ARG H 37 2.87 -5.18 54.69
C ARG H 37 3.65 -6.15 55.58
N THR H 38 4.84 -6.59 55.14
CA THR H 38 5.68 -7.49 55.91
C THR H 38 6.12 -6.86 57.22
N PHE H 39 6.59 -5.61 57.19
CA PHE H 39 7.01 -4.92 58.41
C PHE H 39 5.81 -4.64 59.31
N ALA H 40 4.67 -4.26 58.73
CA ALA H 40 3.44 -4.03 59.50
C ALA H 40 2.95 -5.32 60.19
N GLN H 41 3.14 -6.48 59.53
CA GLN H 41 2.74 -7.77 60.07
C GLN H 41 3.62 -8.16 61.26
N ARG H 42 4.93 -7.86 61.17
CA ARG H 42 5.88 -8.15 62.24
C ARG H 42 5.63 -7.25 63.43
N LEU H 43 5.31 -5.98 63.18
CA LEU H 43 4.99 -5.02 64.24
C LEU H 43 3.69 -5.44 64.91
N LEU H 44 2.67 -5.81 64.12
CA LEU H 44 1.36 -6.25 64.63
C LEU H 44 1.46 -7.49 65.53
N ALA H 45 2.32 -8.46 65.16
CA ALA H 45 2.51 -9.68 65.95
C ALA H 45 3.11 -9.39 67.34
N ALA H 46 3.93 -8.34 67.44
CA ALA H 46 4.55 -7.95 68.71
C ALA H 46 3.57 -7.29 69.70
N LYS H 47 2.41 -6.81 69.20
CA LYS H 47 1.36 -6.15 69.96
C LYS H 47 1.84 -4.88 70.70
N PRO H 48 2.51 -3.94 70.00
CA PRO H 48 2.94 -2.71 70.68
C PRO H 48 1.77 -1.75 70.90
N ALA H 49 1.87 -0.89 71.91
CA ALA H 49 0.81 0.07 72.17
C ALA H 49 0.75 1.14 71.07
N ALA H 50 1.92 1.55 70.54
CA ALA H 50 1.99 2.59 69.54
C ALA H 50 3.21 2.45 68.63
N VAL H 51 3.07 2.85 67.36
CA VAL H 51 4.16 2.84 66.42
C VAL H 51 4.39 4.30 66.04
N LEU H 52 5.57 4.82 66.40
CA LEU H 52 6.00 6.19 66.15
C LEU H 52 6.92 6.17 64.91
N ASN H 53 6.50 6.83 63.82
CA ASN H 53 7.26 6.86 62.57
C ASN H 53 7.92 8.23 62.37
N VAL H 54 9.21 8.21 61.99
CA VAL H 54 10.00 9.41 61.69
C VAL H 54 9.44 10.08 60.42
N SER H 55 9.04 9.25 59.41
CA SER H 55 8.47 9.63 58.12
C SER H 55 6.92 9.40 58.09
N ARG H 56 6.25 9.54 56.91
CA ARG H 56 4.82 9.32 56.81
C ARG H 56 4.52 7.85 56.49
N PHE H 57 3.49 7.27 57.10
CA PHE H 57 3.12 5.86 56.87
C PHE H 57 2.69 5.62 55.40
N THR H 58 2.00 6.58 54.80
CA THR H 58 1.58 6.56 53.40
C THR H 58 2.00 7.91 52.83
N THR H 59 3.02 7.92 51.97
CA THR H 59 3.50 9.17 51.36
C THR H 59 2.58 9.67 50.21
N GLY H 60 1.76 8.80 49.64
CA GLY H 60 0.82 9.20 48.60
C GLY H 60 1.07 8.62 47.22
N SER H 61 2.22 7.96 47.02
CA SER H 61 2.53 7.41 45.69
C SER H 61 1.89 6.03 45.47
N VAL H 62 1.94 5.15 46.47
CA VAL H 62 1.36 3.81 46.31
C VAL H 62 0.36 3.46 47.44
N PRO H 63 -0.73 2.73 47.10
CA PRO H 63 -1.69 2.31 48.14
C PRO H 63 -1.14 1.17 49.02
N ASN H 64 -0.58 1.49 50.19
CA ASN H 64 -0.03 0.50 51.11
C ASN H 64 -0.99 0.25 52.31
N PHE H 65 -1.44 -1.00 52.50
CA PHE H 65 -2.40 -1.39 53.52
C PHE H 65 -1.81 -1.52 54.95
N GLY H 66 -0.51 -1.68 55.06
CA GLY H 66 0.20 -1.79 56.32
C GLY H 66 -0.27 -0.89 57.47
N PRO H 67 -0.33 0.45 57.30
CA PRO H 67 -0.81 1.32 58.39
C PRO H 67 -2.21 1.00 58.86
N GLN H 68 -3.13 0.64 57.94
CA GLN H 68 -4.50 0.24 58.32
C GLN H 68 -4.53 -1.06 59.10
N MET H 69 -3.61 -1.99 58.82
CA MET H 69 -3.53 -3.25 59.55
C MET H 69 -3.19 -2.98 61.04
N LEU H 70 -2.28 -2.03 61.27
CA LEU H 70 -1.85 -1.65 62.61
C LEU H 70 -3.00 -1.01 63.37
N ILE H 71 -3.72 -0.08 62.72
CA ILE H 71 -4.87 0.60 63.32
C ILE H 71 -6.00 -0.38 63.64
N ASP H 72 -6.25 -1.36 62.74
CA ASP H 72 -7.25 -2.41 62.99
C ASP H 72 -6.89 -3.30 64.20
N GLY H 73 -5.59 -3.42 64.48
CA GLY H 73 -5.08 -4.17 65.62
C GLY H 73 -5.09 -3.40 66.94
N GLY H 74 -5.58 -2.17 66.92
CA GLY H 74 -5.67 -1.31 68.10
C GLY H 74 -4.39 -0.61 68.48
N ILE H 75 -3.50 -0.40 67.50
CA ILE H 75 -2.22 0.26 67.72
C ILE H 75 -2.33 1.75 67.38
N GLN H 76 -1.81 2.64 68.25
CA GLN H 76 -1.83 4.07 67.99
C GLN H 76 -0.74 4.41 66.98
N LEU H 77 -1.07 5.20 65.94
CA LEU H 77 -0.08 5.54 64.92
C LEU H 77 0.22 7.04 64.95
N VAL H 78 1.50 7.40 65.08
CA VAL H 78 1.93 8.80 65.12
C VAL H 78 3.09 8.92 64.12
N GLU H 79 3.06 9.93 63.23
CA GLU H 79 4.04 10.04 62.15
C GLU H 79 4.67 11.43 61.97
N GLY H 80 5.70 11.49 61.13
CA GLY H 80 6.37 12.75 60.80
C GLY H 80 7.11 13.39 61.94
N PHE H 81 7.65 12.59 62.86
CA PHE H 81 8.41 13.12 63.99
C PHE H 81 9.71 13.81 63.57
N GLY H 82 10.34 13.29 62.51
CA GLY H 82 11.61 13.81 62.03
C GLY H 82 12.81 13.19 62.72
N GLN H 83 14.02 13.43 62.18
CA GLN H 83 15.28 12.87 62.68
C GLN H 83 15.48 13.03 64.20
N GLU H 84 14.91 14.09 64.83
CA GLU H 84 15.05 14.29 66.28
C GLU H 84 14.46 13.13 67.11
N LEU H 85 13.56 12.31 66.51
CA LEU H 85 12.99 11.13 67.18
C LEU H 85 14.07 10.06 67.32
N LEU H 86 14.90 9.86 66.30
CA LEU H 86 15.97 8.87 66.36
C LEU H 86 17.15 9.39 67.19
N ASP H 87 17.44 10.69 67.09
CA ASP H 87 18.55 11.31 67.81
C ASP H 87 18.28 11.45 69.33
N GLY H 88 17.02 11.47 69.74
CA GLY H 88 16.67 11.61 71.14
C GLY H 88 16.13 10.36 71.81
N THR H 89 16.26 9.21 71.13
CA THR H 89 15.77 7.94 71.64
C THR H 89 16.81 7.16 72.44
N LYS H 90 16.43 6.71 73.63
CA LYS H 90 17.26 5.83 74.45
C LYS H 90 16.55 4.47 74.38
N ASP H 91 17.16 3.49 73.69
CA ASP H 91 16.56 2.19 73.46
C ASP H 91 16.30 1.37 74.73
N GLY H 92 15.03 1.18 75.04
CA GLY H 92 14.59 0.44 76.21
C GLY H 92 14.00 1.32 77.30
N LYS H 93 14.36 2.61 77.29
CA LYS H 93 13.90 3.58 78.28
C LYS H 93 12.39 3.80 78.19
N LYS H 94 11.73 3.85 79.34
CA LYS H 94 10.28 4.05 79.44
C LYS H 94 9.86 5.45 79.01
N GLY H 95 9.23 5.52 77.84
CA GLY H 95 8.73 6.77 77.29
C GLY H 95 7.25 6.97 77.53
N ARG H 96 6.74 8.16 77.17
CA ARG H 96 5.34 8.50 77.37
C ARG H 96 4.79 9.22 76.14
N LEU H 97 3.79 8.64 75.47
CA LEU H 97 3.20 9.22 74.27
C LEU H 97 1.80 9.74 74.54
N THR H 98 1.59 11.07 74.42
CA THR H 98 0.28 11.67 74.65
C THR H 98 -0.68 11.46 73.47
N GLU H 99 -2.00 11.70 73.69
CA GLU H 99 -3.01 11.60 72.63
C GLU H 99 -2.78 12.59 71.49
N ASP H 100 -2.05 13.70 71.76
CA ASP H 100 -1.68 14.72 70.79
C ASP H 100 -0.42 14.39 69.95
N GLY H 101 0.22 13.24 70.23
CA GLY H 101 1.39 12.80 69.50
C GLY H 101 2.74 13.26 70.02
N GLN H 102 2.82 13.67 71.29
CA GLN H 102 4.09 14.11 71.87
C GLN H 102 4.80 12.99 72.63
N LEU H 103 6.13 12.86 72.46
CA LEU H 103 6.88 11.82 73.17
C LEU H 103 7.76 12.41 74.27
N PHE H 104 7.64 11.88 75.49
CA PHE H 104 8.38 12.38 76.63
C PHE H 104 9.21 11.30 77.33
N TYR H 105 10.21 11.72 78.09
CA TYR H 105 10.98 10.86 78.98
C TYR H 105 10.75 11.49 80.34
N GLY H 106 9.56 11.25 80.89
CA GLY H 106 9.13 11.85 82.13
C GLY H 106 8.43 13.14 81.77
N GLU H 107 8.97 14.27 82.24
CA GLU H 107 8.41 15.58 81.92
C GLU H 107 9.24 16.32 80.83
N ARG H 108 10.17 15.63 80.15
CA ARG H 108 11.05 16.22 79.15
C ARG H 108 10.60 15.87 77.74
N LEU H 109 10.25 16.89 76.94
CA LEU H 109 9.79 16.68 75.56
C LEU H 109 10.92 16.28 74.61
N ILE H 110 10.74 15.16 73.90
CA ILE H 110 11.74 14.71 72.94
C ILE H 110 11.28 15.10 71.52
N SER H 111 10.06 14.69 71.11
CA SER H 111 9.59 14.99 69.76
C SER H 111 8.08 15.13 69.60
N ASN H 112 7.64 15.93 68.61
CA ASN H 112 6.22 16.16 68.30
C ASN H 112 5.88 15.48 66.99
N GLY H 113 4.86 14.62 67.02
CA GLY H 113 4.40 13.90 65.84
C GLY H 113 2.94 14.16 65.52
N SER H 114 2.49 13.68 64.37
CA SER H 114 1.12 13.86 63.91
C SER H 114 0.35 12.54 64.00
N VAL H 115 -0.72 12.49 64.80
CA VAL H 115 -1.52 11.28 64.96
C VAL H 115 -2.26 10.88 63.66
N LEU H 116 -2.07 9.65 63.22
CA LEU H 116 -2.74 9.13 62.03
C LEU H 116 -3.92 8.27 62.45
N SER H 117 -5.15 8.80 62.32
CA SER H 117 -6.35 8.05 62.67
C SER H 117 -6.71 7.02 61.58
N GLY H 118 -7.62 6.10 61.92
CA GLY H 118 -8.13 5.10 60.98
C GLY H 118 -8.74 5.71 59.73
N PRO H 119 -9.71 6.62 59.88
CA PRO H 119 -10.30 7.27 58.68
C PRO H 119 -9.28 8.04 57.85
N ALA H 120 -8.30 8.72 58.49
CA ALA H 120 -7.28 9.47 57.75
C ALA H 120 -6.34 8.54 56.99
N ALA H 121 -6.06 7.36 57.55
CA ALA H 121 -5.22 6.36 56.90
C ALA H 121 -5.97 5.74 55.71
N GLU H 122 -7.30 5.55 55.81
CA GLU H 122 -8.13 5.03 54.71
C GLU H 122 -8.17 6.05 53.57
N ASN H 123 -8.28 7.35 53.91
CA ASN H 123 -8.31 8.41 52.91
C ASN H 123 -6.99 8.52 52.19
N ALA H 124 -5.87 8.37 52.93
CA ALA H 124 -4.55 8.45 52.32
C ALA H 124 -4.34 7.28 51.36
N PHE H 125 -4.85 6.09 51.71
CA PHE H 125 -4.76 4.89 50.88
C PHE H 125 -5.58 5.08 49.59
N ALA H 126 -6.82 5.57 49.70
CA ALA H 126 -7.71 5.81 48.55
C ALA H 126 -7.16 6.87 47.60
N ASP H 127 -6.48 7.89 48.17
CA ASP H 127 -5.86 8.94 47.36
C ASP H 127 -4.66 8.41 46.60
N ALA H 128 -3.86 7.56 47.27
CA ALA H 128 -2.68 6.94 46.67
C ALA H 128 -3.08 5.96 45.57
N GLN H 129 -4.20 5.26 45.76
CA GLN H 129 -4.80 4.32 44.82
C GLN H 129 -5.18 5.06 43.53
N GLN H 130 -5.77 6.25 43.66
CA GLN H 130 -6.17 7.07 42.52
C GLN H 130 -4.95 7.70 41.84
N SER H 131 -3.96 8.12 42.63
CA SER H 131 -2.72 8.69 42.14
C SER H 131 -1.95 7.68 41.29
N LEU H 132 -1.84 6.42 41.75
CA LEU H 132 -1.15 5.37 41.01
C LEU H 132 -1.86 5.08 39.68
N LEU H 133 -3.20 5.03 39.67
CA LEU H 133 -3.97 4.80 38.47
C LEU H 133 -3.76 5.92 37.44
N ASP H 134 -3.79 7.18 37.90
CA ASP H 134 -3.59 8.32 37.02
C ASP H 134 -2.18 8.31 36.42
N ARG H 135 -1.17 8.03 37.25
CA ARG H 135 0.21 8.01 36.78
C ARG H 135 0.46 6.85 35.82
N MET H 136 -0.16 5.69 36.06
CA MET H 136 0.00 4.53 35.18
C MET H 136 -0.78 4.67 33.87
N GLU H 137 -1.90 5.42 33.90
CA GLU H 137 -2.66 5.71 32.68
C GLU H 137 -1.78 6.60 31.77
N ALA H 138 -1.14 7.60 32.37
CA ALA H 138 -0.26 8.49 31.63
C ALA H 138 0.98 7.72 31.12
N TYR H 139 1.61 6.90 31.99
CA TYR H 139 2.83 6.16 31.69
C TYR H 139 2.64 5.14 30.56
N PHE H 140 1.63 4.26 30.67
CA PHE H 140 1.39 3.28 29.63
C PHE H 140 0.75 3.87 28.36
N GLY H 141 0.16 5.07 28.46
CA GLY H 141 -0.31 5.79 27.28
C GLY H 141 0.88 6.28 26.48
N ASN H 142 1.93 6.75 27.19
CA ASN H 142 3.20 7.18 26.60
C ASN H 142 4.02 6.01 26.06
N THR H 143 3.86 4.80 26.64
CA THR H 143 4.54 3.59 26.20
C THR H 143 3.99 3.20 24.81
N ILE H 144 2.66 3.27 24.63
CA ILE H 144 2.02 2.96 23.36
C ILE H 144 2.48 3.98 22.31
N GLN H 145 2.53 5.29 22.67
CA GLN H 145 2.98 6.32 21.75
C GLN H 145 4.44 6.10 21.36
N PHE H 146 5.28 5.73 22.34
CA PHE H 146 6.69 5.48 22.09
C PHE H 146 6.89 4.32 21.12
N ILE H 147 6.20 3.19 21.34
CA ILE H 147 6.35 2.04 20.45
C ILE H 147 5.90 2.38 19.04
N HIS H 148 4.82 3.14 18.90
CA HIS H 148 4.30 3.51 17.61
C HIS H 148 5.27 4.43 16.83
N SER H 149 5.79 5.47 17.47
CA SER H 149 6.68 6.40 16.78
C SER H 149 8.12 5.89 16.66
N GLU H 150 8.56 5.02 17.59
CA GLU H 150 9.92 4.47 17.57
C GLU H 150 10.01 3.01 17.18
N ALA H 151 8.98 2.45 16.51
CA ALA H 151 9.04 1.09 15.99
C ALA H 151 10.23 0.88 15.05
N PRO H 152 10.62 1.82 14.13
CA PRO H 152 11.83 1.57 13.31
C PRO H 152 13.08 1.22 14.12
N LEU H 153 13.23 1.83 15.30
CA LEU H 153 14.36 1.55 16.15
C LEU H 153 14.16 0.22 16.91
N LEU H 154 13.02 0.03 17.59
CA LEU H 154 12.74 -1.18 18.37
C LEU H 154 12.63 -2.43 17.55
N ILE H 155 12.08 -2.36 16.32
CA ILE H 155 11.89 -3.50 15.45
C ILE H 155 13.05 -3.68 14.50
N ASP H 156 13.43 -2.61 13.74
CA ASP H 156 14.48 -2.75 12.74
C ASP H 156 15.86 -2.33 13.13
N GLY H 157 16.01 -1.65 14.25
CA GLY H 157 17.32 -1.14 14.62
C GLY H 157 17.74 0.01 13.73
N LEU H 158 16.76 0.78 13.18
CA LEU H 158 17.04 1.95 12.35
C LEU H 158 17.81 2.97 13.15
N GLY H 159 18.91 3.45 12.56
CA GLY H 159 19.76 4.43 13.20
C GLY H 159 20.92 3.83 13.96
N ILE H 160 20.82 2.56 14.39
CA ILE H 160 21.90 1.94 15.15
C ILE H 160 23.13 1.78 14.28
N PRO H 161 24.28 2.35 14.69
CA PRO H 161 25.48 2.23 13.84
C PRO H 161 26.12 0.85 13.87
N ASP H 162 26.79 0.48 12.79
CA ASP H 162 27.51 -0.80 12.73
C ASP H 162 28.92 -0.60 13.30
N THR H 163 29.17 -1.14 14.50
CA THR H 163 30.48 -0.97 15.14
C THR H 163 31.49 -2.10 14.81
N GLY H 164 31.13 -2.99 13.90
CA GLY H 164 32.01 -4.09 13.52
C GLY H 164 31.62 -5.40 14.20
N ASN H 165 32.53 -6.40 14.08
CA ASN H 165 32.27 -7.73 14.61
C ASN H 165 32.76 -8.00 16.05
N ALA H 166 33.17 -6.97 16.79
CA ALA H 166 33.67 -7.15 18.15
C ALA H 166 32.64 -7.62 19.20
N ILE H 167 31.38 -7.14 19.13
CA ILE H 167 30.37 -7.52 20.12
C ILE H 167 29.76 -8.92 19.91
N GLU H 168 29.46 -9.31 18.65
CA GLU H 168 28.78 -10.57 18.36
C GLU H 168 29.40 -11.79 19.03
N GLY H 169 28.60 -12.48 19.82
CA GLY H 169 28.99 -13.69 20.55
C GLY H 169 29.79 -13.45 21.83
N ARG H 170 30.11 -12.17 22.14
CA ARG H 170 30.91 -11.87 23.33
C ARG H 170 30.07 -11.36 24.50
N LYS H 171 30.61 -11.43 25.71
CA LYS H 171 29.99 -10.83 26.88
C LYS H 171 30.26 -9.32 26.79
N VAL H 172 29.26 -8.50 27.13
CA VAL H 172 29.39 -7.05 27.07
C VAL H 172 29.13 -6.47 28.46
N LEU H 173 29.88 -5.45 28.88
CA LEU H 173 29.63 -4.78 30.14
C LEU H 173 29.46 -3.28 29.83
N ILE H 174 28.29 -2.72 30.17
CA ILE H 174 28.01 -1.30 29.95
C ILE H 174 28.05 -0.58 31.29
N ALA H 175 28.87 0.48 31.39
CA ALA H 175 28.97 1.26 32.62
C ALA H 175 28.35 2.64 32.40
N SER H 176 27.40 3.02 33.26
CA SER H 176 26.72 4.32 33.26
C SER H 176 27.02 5.03 34.58
N PRO H 177 27.01 6.39 34.58
CA PRO H 177 27.40 7.10 35.80
C PRO H 177 26.33 7.20 36.90
N GLY H 178 25.69 6.08 37.23
CA GLY H 178 24.72 6.05 38.30
C GLY H 178 25.40 6.09 39.65
N ASP H 179 24.60 6.18 40.72
CA ASP H 179 25.11 6.22 42.10
C ASP H 179 25.94 4.96 42.39
N ASN H 180 27.17 5.16 42.90
CA ASN H 180 28.10 4.08 43.26
C ASN H 180 28.55 3.19 42.09
N HIS H 181 28.56 3.73 40.86
CA HIS H 181 29.00 2.94 39.70
C HIS H 181 30.50 2.54 39.81
N ARG H 182 31.34 3.44 40.37
CA ARG H 182 32.76 3.20 40.52
C ARG H 182 33.08 2.04 41.47
N SER H 183 32.39 1.99 42.61
CA SER H 183 32.57 0.91 43.55
C SER H 183 32.00 -0.39 43.01
N ARG H 184 30.96 -0.34 42.16
CA ARG H 184 30.45 -1.57 41.54
C ARG H 184 31.45 -2.07 40.50
N LEU H 185 32.08 -1.18 39.75
CA LEU H 185 33.08 -1.57 38.77
C LEU H 185 34.28 -2.22 39.47
N LYS H 186 34.66 -1.72 40.65
CA LYS H 186 35.76 -2.31 41.42
C LYS H 186 35.38 -3.72 41.94
N GLU H 187 34.11 -3.95 42.33
CA GLU H 187 33.67 -5.27 42.77
C GLU H 187 33.70 -6.29 41.59
N LEU H 188 33.55 -5.80 40.35
CA LEU H 188 33.57 -6.58 39.12
C LEU H 188 34.97 -6.75 38.52
N ARG H 189 36.05 -6.41 39.27
CA ARG H 189 37.41 -6.54 38.77
C ARG H 189 37.79 -7.97 38.35
N SER H 190 37.46 -8.97 39.19
CA SER H 190 37.74 -10.37 38.86
C SER H 190 36.93 -10.83 37.67
N PHE H 191 35.67 -10.38 37.56
CA PHE H 191 34.81 -10.72 36.43
C PHE H 191 35.41 -10.21 35.11
N ILE H 192 35.79 -8.93 35.06
CA ILE H 192 36.40 -8.33 33.86
C ILE H 192 37.72 -9.02 33.48
N ARG H 193 38.55 -9.34 34.48
CA ARG H 193 39.83 -10.00 34.21
C ARG H 193 39.62 -11.44 33.69
N GLU H 194 38.71 -12.18 34.30
CA GLU H 194 38.43 -13.56 33.96
C GLU H 194 37.67 -13.74 32.64
N TYR H 195 36.72 -12.87 32.34
CA TYR H 195 35.89 -13.01 31.16
C TYR H 195 36.20 -12.07 30.00
N ASP H 196 37.04 -11.06 30.22
CA ASP H 196 37.40 -10.06 29.20
C ASP H 196 36.18 -9.55 28.38
N PRO H 197 35.13 -9.00 29.04
CA PRO H 197 33.97 -8.53 28.28
C PRO H 197 34.28 -7.26 27.47
N VAL H 198 33.49 -7.00 26.42
CA VAL H 198 33.64 -5.78 25.64
C VAL H 198 33.10 -4.68 26.53
N LEU H 199 33.94 -3.63 26.84
CA LEU H 199 33.52 -2.57 27.73
C LEU H 199 32.95 -1.39 26.99
N ILE H 200 31.81 -0.89 27.42
CA ILE H 200 31.17 0.28 26.82
C ILE H 200 31.01 1.30 27.94
N GLY H 201 31.61 2.47 27.78
CA GLY H 201 31.49 3.53 28.77
C GLY H 201 30.45 4.53 28.34
N VAL H 202 29.49 4.86 29.19
CA VAL H 202 28.44 5.83 28.84
C VAL H 202 28.65 7.13 29.60
N ASP H 203 28.67 8.27 28.89
CA ASP H 203 28.85 9.60 29.51
C ASP H 203 30.09 9.63 30.44
N GLY H 204 29.95 10.17 31.66
CA GLY H 204 31.04 10.25 32.63
C GLY H 204 31.59 8.92 33.12
N ALA H 205 30.87 7.80 32.93
CA ALA H 205 31.40 6.49 33.31
C ALA H 205 32.50 6.00 32.36
N ALA H 206 32.64 6.61 31.18
CA ALA H 206 33.75 6.34 30.28
C ALA H 206 35.05 6.88 30.97
N ASP H 207 34.96 8.02 31.71
CA ASP H 207 36.07 8.59 32.47
C ASP H 207 36.45 7.63 33.57
N THR H 208 35.46 7.10 34.32
CA THR H 208 35.67 6.15 35.40
C THR H 208 36.40 4.90 34.90
N LEU H 209 35.97 4.31 33.75
CA LEU H 209 36.61 3.13 33.18
C LEU H 209 38.10 3.38 32.89
N VAL H 210 38.40 4.51 32.26
CA VAL H 210 39.75 4.90 31.92
C VAL H 210 40.60 5.22 33.17
N GLU H 211 39.99 5.83 34.21
CA GLU H 211 40.67 6.11 35.48
C GLU H 211 40.98 4.81 36.24
N LEU H 212 40.16 3.77 36.07
CA LEU H 212 40.40 2.45 36.68
C LEU H 212 41.47 1.61 35.92
N GLY H 213 41.99 2.12 34.81
CA GLY H 213 42.99 1.44 34.01
C GLY H 213 42.44 0.66 32.83
N TYR H 214 41.17 0.85 32.48
CA TYR H 214 40.57 0.12 31.35
C TYR H 214 40.62 0.88 30.04
N LYS H 215 40.50 0.15 28.95
CA LYS H 215 40.47 0.68 27.61
C LYS H 215 39.12 0.25 27.03
N PRO H 216 38.04 1.04 27.26
CA PRO H 216 36.74 0.65 26.69
C PRO H 216 36.77 0.57 25.17
N ALA H 217 36.07 -0.41 24.58
CA ALA H 217 36.01 -0.54 23.13
C ALA H 217 35.12 0.57 22.55
N LEU H 218 34.04 0.94 23.25
CA LEU H 218 33.09 1.95 22.80
C LEU H 218 32.81 2.94 23.90
N ILE H 219 32.53 4.17 23.49
CA ILE H 219 32.11 5.23 24.38
C ILE H 219 30.83 5.78 23.79
N VAL H 220 29.75 5.87 24.58
CA VAL H 220 28.48 6.38 24.10
C VAL H 220 28.10 7.64 24.88
N GLY H 221 27.82 8.72 24.16
CA GLY H 221 27.35 9.94 24.78
C GLY H 221 27.83 11.18 24.07
N ASN H 222 27.28 12.31 24.51
CA ASN H 222 27.66 13.64 24.02
C ASN H 222 29.11 13.87 24.47
N PRO H 223 30.07 14.00 23.51
CA PRO H 223 31.49 14.23 23.89
C PRO H 223 31.73 15.48 24.73
N THR H 224 30.80 16.43 24.73
CA THR H 224 30.91 17.64 25.56
C THR H 224 31.01 17.30 27.06
N GLY H 225 30.38 16.20 27.49
CA GLY H 225 30.40 15.80 28.89
C GLY H 225 31.31 14.63 29.22
N ILE H 226 32.21 14.27 28.29
CA ILE H 226 33.16 13.18 28.48
C ILE H 226 34.55 13.77 28.50
N GLY H 227 35.40 13.24 29.38
CA GLY H 227 36.76 13.74 29.57
C GLY H 227 37.65 13.44 28.40
N ALA H 228 38.70 14.28 28.23
CA ALA H 228 39.66 14.19 27.14
C ALA H 228 40.42 12.88 27.18
N ASP H 229 40.80 12.41 28.38
CA ASP H 229 41.52 11.15 28.50
C ASP H 229 40.68 9.96 27.99
N ALA H 230 39.37 9.95 28.27
CA ALA H 230 38.51 8.88 27.78
C ALA H 230 38.32 9.00 26.26
N LEU H 231 38.11 10.22 25.77
CA LEU H 231 37.93 10.45 24.32
C LEU H 231 39.19 10.12 23.49
N ARG H 232 40.37 10.25 24.06
CA ARG H 232 41.61 9.92 23.37
C ARG H 232 42.11 8.50 23.65
N SER H 233 41.38 7.69 24.41
CA SER H 233 41.82 6.36 24.81
C SER H 233 41.90 5.29 23.71
N GLY H 234 41.27 5.53 22.57
CA GLY H 234 41.28 4.57 21.47
C GLY H 234 39.92 3.97 21.19
N ALA H 235 38.92 4.24 22.03
CA ALA H 235 37.56 3.75 21.87
C ALA H 235 36.89 4.36 20.65
N ASN H 236 35.90 3.67 20.10
CA ASN H 236 35.08 4.20 19.03
C ASN H 236 34.00 5.02 19.75
N VAL H 237 33.84 6.31 19.38
CA VAL H 237 32.87 7.18 20.01
C VAL H 237 31.53 7.17 19.26
N ILE H 238 30.45 6.88 19.98
CA ILE H 238 29.12 6.87 19.43
C ILE H 238 28.40 8.09 19.93
N LEU H 239 28.05 8.96 19.01
CA LEU H 239 27.37 10.20 19.35
C LEU H 239 25.90 10.13 19.17
N PRO H 240 25.12 10.45 20.21
CA PRO H 240 23.67 10.58 20.03
C PRO H 240 23.37 11.74 19.06
N ALA H 241 22.44 11.53 18.15
CA ALA H 241 22.05 12.54 17.18
C ALA H 241 20.53 12.69 17.13
N ASP H 242 20.04 13.83 16.66
CA ASP H 242 18.61 14.05 16.46
C ASP H 242 18.14 13.09 15.35
N PRO H 243 16.83 12.81 15.18
CA PRO H 243 16.41 11.91 14.07
C PRO H 243 16.89 12.42 12.68
N ASP H 244 17.16 13.73 12.55
CA ASP H 244 17.65 14.30 11.30
C ASP H 244 19.15 14.07 11.04
N GLY H 245 19.88 13.57 12.05
CA GLY H 245 21.30 13.29 11.94
C GLY H 245 22.23 14.27 12.61
N HIS H 246 21.69 15.41 13.15
CA HIS H 246 22.54 16.40 13.84
C HIS H 246 23.05 15.90 15.18
N ALA H 247 24.38 15.76 15.30
CA ALA H 247 25.04 15.27 16.51
C ALA H 247 25.76 16.39 17.23
N VAL H 248 25.34 16.70 18.47
CA VAL H 248 26.02 17.71 19.29
C VAL H 248 27.36 17.10 19.77
N GLY H 249 28.43 17.87 19.71
CA GLY H 249 29.75 17.41 20.11
C GLY H 249 30.64 16.92 18.98
N LEU H 250 30.13 16.94 17.73
CA LEU H 250 30.87 16.48 16.55
C LEU H 250 32.09 17.37 16.31
N GLU H 251 32.00 18.69 16.57
CA GLU H 251 33.13 19.60 16.42
C GLU H 251 34.28 19.17 17.34
N ARG H 252 33.99 18.75 18.57
CA ARG H 252 35.01 18.26 19.50
C ARG H 252 35.72 17.03 18.93
N ILE H 253 34.96 16.07 18.38
CA ILE H 253 35.47 14.83 17.77
C ILE H 253 36.40 15.17 16.60
N GLN H 254 36.00 16.14 15.77
CA GLN H 254 36.77 16.61 14.63
C GLN H 254 38.05 17.33 15.04
N ASP H 255 38.02 18.08 16.16
CA ASP H 255 39.19 18.75 16.71
C ASP H 255 40.21 17.71 17.20
N LEU H 256 39.74 16.65 17.82
CA LEU H 256 40.58 15.57 18.34
C LEU H 256 41.14 14.64 17.23
N GLY H 257 40.51 14.64 16.06
CA GLY H 257 40.92 13.80 14.94
C GLY H 257 40.68 12.32 15.19
N ILE H 258 39.62 11.99 15.95
CA ILE H 258 39.30 10.60 16.25
C ILE H 258 38.10 10.08 15.45
N GLY H 259 38.02 8.76 15.32
CA GLY H 259 36.92 8.11 14.63
C GLY H 259 35.66 8.07 15.46
N ALA H 260 34.52 8.38 14.83
CA ALA H 260 33.25 8.41 15.52
C ALA H 260 32.08 8.02 14.61
N MET H 261 31.00 7.58 15.22
CA MET H 261 29.78 7.23 14.50
C MET H 261 28.64 7.95 15.18
N THR H 262 27.55 8.17 14.45
CA THR H 262 26.38 8.83 15.05
C THR H 262 25.23 7.84 15.21
N PHE H 263 24.38 8.07 16.18
CA PHE H 263 23.23 7.24 16.45
C PHE H 263 22.02 8.17 16.45
N PRO H 264 21.43 8.44 15.28
CA PRO H 264 20.23 9.31 15.23
C PRO H 264 19.02 8.63 15.85
N SER H 265 18.33 9.30 16.77
CA SER H 265 17.14 8.75 17.42
C SER H 265 16.35 9.79 18.23
N SER H 266 15.19 9.40 18.77
CA SER H 266 14.44 10.25 19.68
C SER H 266 14.57 9.73 21.13
N VAL H 267 15.53 8.83 21.43
CA VAL H 267 15.77 8.32 22.78
C VAL H 267 16.73 9.31 23.46
N ASN H 268 16.36 9.83 24.63
CA ASN H 268 17.17 10.83 25.32
C ASN H 268 18.31 10.25 26.12
N SER H 269 18.14 9.08 26.72
CA SER H 269 19.16 8.46 27.54
C SER H 269 20.27 7.78 26.73
N SER H 270 21.53 8.12 27.02
CA SER H 270 22.67 7.47 26.37
C SER H 270 22.86 6.05 26.90
N THR H 271 22.34 5.74 28.11
CA THR H 271 22.39 4.39 28.67
C THR H 271 21.48 3.48 27.84
N ASP H 272 20.27 3.96 27.49
CA ASP H 272 19.33 3.20 26.65
C ASP H 272 19.89 3.04 25.26
N LEU H 273 20.57 4.07 24.71
CA LEU H 273 21.20 3.96 23.39
C LEU H 273 22.28 2.87 23.41
N ALA H 274 23.14 2.86 24.45
CA ALA H 274 24.21 1.87 24.57
C ALA H 274 23.65 0.47 24.69
N LEU H 275 22.55 0.30 25.44
CA LEU H 275 21.89 -1.00 25.64
C LEU H 275 21.28 -1.51 24.33
N LEU H 276 20.64 -0.60 23.56
CA LEU H 276 20.05 -0.94 22.27
C LEU H 276 21.12 -1.26 21.24
N LEU H 277 22.25 -0.53 21.27
CA LEU H 277 23.36 -0.77 20.35
C LEU H 277 23.97 -2.14 20.63
N ALA H 278 24.28 -2.45 21.90
CA ALA H 278 24.87 -3.74 22.27
C ALA H 278 23.97 -4.89 21.88
N ASP H 279 22.67 -4.80 22.16
CA ASP H 279 21.69 -5.82 21.83
C ASP H 279 21.62 -6.09 20.32
N PHE H 280 21.64 -5.02 19.53
CA PHE H 280 21.55 -5.13 18.07
C PHE H 280 22.72 -5.90 17.46
N HIS H 281 23.88 -5.89 18.12
CA HIS H 281 25.06 -6.61 17.66
C HIS H 281 25.14 -8.05 18.13
N ASN H 282 24.05 -8.60 18.68
CA ASN H 282 23.93 -9.99 19.08
C ASN H 282 25.03 -10.48 20.05
N PRO H 283 25.12 -9.91 21.27
CA PRO H 283 26.12 -10.39 22.23
C PRO H 283 25.67 -11.68 22.93
N GLN H 284 26.55 -12.30 23.71
CA GLN H 284 26.20 -13.48 24.50
C GLN H 284 25.37 -13.01 25.71
N MET H 285 25.78 -11.92 26.34
CA MET H 285 25.11 -11.34 27.49
C MET H 285 25.49 -9.84 27.61
N ILE H 286 24.67 -9.07 28.33
CA ILE H 286 24.91 -7.67 28.60
C ILE H 286 24.82 -7.42 30.11
N VAL H 287 25.95 -7.05 30.74
CA VAL H 287 26.04 -6.72 32.16
C VAL H 287 25.84 -5.22 32.28
N ASN H 288 24.74 -4.80 32.87
CA ASN H 288 24.40 -3.40 33.01
C ASN H 288 24.84 -2.87 34.39
N VAL H 289 25.86 -2.00 34.40
CA VAL H 289 26.39 -1.43 35.64
C VAL H 289 26.06 0.09 35.74
N GLY H 290 25.50 0.52 36.85
CA GLY H 290 25.18 1.92 37.07
C GLY H 290 23.98 2.48 36.35
N GLY H 291 23.12 1.62 35.83
CA GLY H 291 21.90 2.07 35.15
C GLY H 291 20.68 1.23 35.47
N PRO H 292 20.29 1.08 36.75
CA PRO H 292 19.14 0.21 37.07
C PRO H 292 17.80 0.88 36.86
N VAL H 293 16.85 0.16 36.27
CA VAL H 293 15.51 0.67 36.05
C VAL H 293 14.57 -0.47 36.42
N THR H 294 13.66 -0.23 37.40
CA THR H 294 12.72 -1.22 37.89
C THR H 294 11.25 -0.74 37.84
N LEU H 295 10.28 -1.69 37.89
CA LEU H 295 8.86 -1.34 37.93
C LEU H 295 8.53 -0.58 39.22
N ASP H 296 9.13 -0.99 40.35
CA ASP H 296 8.92 -0.33 41.62
C ASP H 296 9.40 1.13 41.57
N GLY H 297 10.45 1.40 40.82
CA GLY H 297 10.93 2.76 40.59
C GLY H 297 9.92 3.59 39.84
N VAL H 298 9.21 3.00 38.87
CA VAL H 298 8.14 3.66 38.10
C VAL H 298 6.94 3.96 39.01
N PHE H 299 6.54 2.98 39.83
CA PHE H 299 5.42 3.13 40.76
C PHE H 299 5.71 4.20 41.83
N GLU H 300 6.96 4.28 42.29
CA GLU H 300 7.32 5.19 43.36
C GLU H 300 7.71 6.61 42.88
N ASN H 301 7.97 6.76 41.57
CA ASN H 301 8.33 8.06 41.01
C ASN H 301 7.11 8.99 40.97
N ARG H 302 7.05 10.01 41.86
CA ARG H 302 5.95 10.98 41.80
C ARG H 302 5.99 11.87 40.51
N GLU H 303 7.13 11.87 39.79
CA GLU H 303 7.32 12.55 38.51
C GLU H 303 7.07 11.56 37.32
N ASP H 304 7.01 12.08 36.07
CA ASP H 304 6.85 11.24 34.88
C ASP H 304 8.12 10.44 34.56
N SER H 305 7.98 9.11 34.47
CA SER H 305 9.10 8.23 34.13
C SER H 305 9.16 8.02 32.62
N ASP H 306 10.36 7.79 32.08
CA ASP H 306 10.54 7.61 30.64
C ASP H 306 10.27 6.17 30.26
N PRO H 307 9.23 5.91 29.43
CA PRO H 307 8.92 4.53 29.01
C PRO H 307 10.05 3.87 28.20
N ALA H 308 10.91 4.67 27.56
CA ALA H 308 12.02 4.16 26.77
C ALA H 308 12.98 3.31 27.63
N ALA H 309 13.12 3.64 28.93
CA ALA H 309 14.01 2.92 29.84
C ALA H 309 13.53 1.51 30.17
N LEU H 310 12.26 1.35 30.54
CA LEU H 310 11.71 0.04 30.84
C LEU H 310 11.53 -0.77 29.56
N LEU H 311 11.19 -0.10 28.43
CA LEU H 311 11.02 -0.81 27.16
C LEU H 311 12.36 -1.35 26.67
N THR H 312 13.45 -0.60 26.89
CA THR H 312 14.80 -1.02 26.51
C THR H 312 15.21 -2.25 27.31
N ARG H 313 14.90 -2.29 28.61
CA ARG H 313 15.24 -3.45 29.45
C ARG H 313 14.48 -4.68 28.97
N ALA H 314 13.20 -4.51 28.60
CA ALA H 314 12.35 -5.60 28.12
C ALA H 314 12.81 -6.08 26.73
N LYS H 315 13.28 -5.16 25.87
CA LYS H 315 13.79 -5.43 24.54
C LYS H 315 15.02 -6.34 24.62
N LEU H 316 15.94 -6.05 25.55
CA LEU H 316 17.14 -6.87 25.76
C LEU H 316 16.80 -8.27 26.27
N GLY H 317 15.65 -8.42 26.92
CA GLY H 317 15.13 -9.69 27.38
C GLY H 317 16.05 -10.48 28.27
N THR H 318 16.26 -11.75 27.92
CA THR H 318 17.07 -12.69 28.68
C THR H 318 18.56 -12.40 28.66
N LYS H 319 19.05 -11.54 27.75
CA LYS H 319 20.49 -11.23 27.70
C LYS H 319 20.95 -10.25 28.78
N LEU H 320 20.03 -9.50 29.37
CA LEU H 320 20.33 -8.51 30.37
C LEU H 320 20.54 -9.07 31.80
N VAL H 321 21.64 -8.68 32.45
CA VAL H 321 21.92 -9.01 33.83
C VAL H 321 22.50 -7.75 34.52
N ASP H 322 22.01 -7.44 35.72
CA ASP H 322 22.48 -6.28 36.46
C ASP H 322 23.86 -6.61 37.04
N GLY H 323 24.72 -5.59 37.14
CA GLY H 323 26.05 -5.75 37.70
C GLY H 323 26.04 -6.29 39.12
N SER H 324 24.97 -5.98 39.88
CA SER H 324 24.85 -6.47 41.26
C SER H 324 24.66 -7.98 41.31
N VAL H 325 24.00 -8.59 40.30
CA VAL H 325 23.82 -10.03 40.28
C VAL H 325 25.18 -10.69 40.05
N ILE H 326 25.93 -10.20 39.07
CA ILE H 326 27.27 -10.73 38.79
C ILE H 326 28.20 -10.56 40.00
N ALA H 327 28.19 -9.38 40.66
CA ALA H 327 29.05 -9.12 41.83
C ALA H 327 28.74 -10.07 43.00
N SER H 328 27.47 -10.47 43.15
CA SER H 328 27.04 -11.44 44.19
C SER H 328 27.65 -12.84 44.00
N LEU H 329 28.10 -13.16 42.79
CA LEU H 329 28.78 -14.44 42.55
C LEU H 329 30.22 -14.45 43.09
N TYR H 330 30.78 -13.27 43.43
CA TYR H 330 32.13 -13.11 43.96
C TYR H 330 32.17 -12.81 45.47
N THR H 331 31.02 -12.51 46.09
CA THR H 331 30.92 -12.22 47.52
C THR H 331 31.29 -13.45 48.38
#